data_8SZJ
#
_entry.id   8SZJ
#
_cell.length_a   1.00
_cell.length_b   1.00
_cell.length_c   1.00
_cell.angle_alpha   90.00
_cell.angle_beta   90.00
_cell.angle_gamma   90.00
#
_symmetry.space_group_name_H-M   'P 1'
#
loop_
_entity.id
_entity.type
_entity.pdbx_description
1 polymer 'Glutaminase kidney isoform, mitochondrial'
2 non-polymer 'PHOSPHATE ION'
3 non-polymer GLUTAMINE
#
_entity_poly.entity_id   1
_entity_poly.type   'polypeptide(L)'
_entity_poly.pdbx_seq_one_letter_code
;MMRLRGSGMLRDLLLRSPAGVSATLRRAQPLVTLCRRPRGGGRPAAGPAAAARLHPWWGGGGWPAEPLARGLSSSPSEIL
QELGKGSTHPQPGVSPPAAPAAPGPKDGPGETDAFGNSEGKELVASGENKIKQGLLPSLEDLLFYTIAEGQEKIPVHKFI
TALKSTGLRTSDPRLKECMDMLRLTLQTTSDGVMLDKDLFKKCVQSNIVLLTQAFRRKFVIPDFMSFTSHIDELYESAKK
QSGGKVADYIPQLAKFSPDLWGVSVCTVDGQRHSTGDTKVPFCLQSCVKPLKYAIAVNDLGTEYVHRYVGKEPSGLRFNK
LFLNEDDKPHNPMVNAGAIVVTSLIKQGVNNAEKFDYVMQFLNKMAGNEYVGFSNATFQSERESGDRNFAIGYYLKEKKC
FPEGTDMVGILDFYFQLCSIEVTCESASVMAATLANGGFCPITGERVLSPEAVRNTLSLMHSCGMWDFSGQFAFHVGLPA
KSGVAGGILLVVPNVMGMMCWSPPLDKMGNSVKGIHFCHDLVSLCNFHNYDNLRHFAKKLDPRREGGDQRHSFGPLDYES
LQQELALKETVWKKVSPESNEDISTTVVYRMESLGEKS
;
_entity_poly.pdbx_strand_id   A,B,C,D,E,G,I,K,F,H,J,L
#
loop_
_chem_comp.id
_chem_comp.type
_chem_comp.name
_chem_comp.formula
PO4 non-polymer 'PHOSPHATE ION' 'O4 P -3'
#
# COMPACT_ATOMS: atom_id res chain seq x y z
N LEU A 139 10.40 68.58 -19.80
CA LEU A 139 11.06 67.43 -20.41
C LEU A 139 10.10 66.69 -21.34
N GLU A 140 8.80 66.99 -21.18
CA GLU A 140 7.78 66.31 -21.96
C GLU A 140 7.70 66.77 -23.40
N ASP A 141 8.34 67.90 -23.74
CA ASP A 141 8.34 68.36 -25.13
C ASP A 141 9.09 67.40 -26.04
N LEU A 142 10.28 66.95 -25.61
CA LEU A 142 11.02 65.98 -26.41
C LEU A 142 10.34 64.61 -26.37
N LEU A 143 9.62 64.29 -25.29
CA LEU A 143 8.87 63.05 -25.24
C LEU A 143 7.74 63.05 -26.27
N PHE A 144 7.02 64.16 -26.39
CA PHE A 144 5.98 64.23 -27.42
C PHE A 144 6.57 64.32 -28.82
N TYR A 145 7.75 64.94 -28.96
CA TYR A 145 8.42 64.96 -30.25
C TYR A 145 8.86 63.56 -30.68
N THR A 146 9.23 62.72 -29.72
CA THR A 146 9.49 61.32 -30.01
C THR A 146 8.20 60.58 -30.33
N ILE A 147 7.12 60.88 -29.61
CA ILE A 147 5.83 60.26 -29.87
C ILE A 147 5.31 60.68 -31.24
N ALA A 148 5.32 61.98 -31.52
CA ALA A 148 4.88 62.49 -32.81
C ALA A 148 6.04 62.41 -33.81
N GLU A 149 5.86 63.04 -34.97
CA GLU A 149 6.89 63.09 -36.00
C GLU A 149 7.05 64.52 -36.52
N GLY A 150 7.05 65.49 -35.61
CA GLY A 150 7.18 66.88 -35.96
C GLY A 150 5.88 67.60 -36.22
N GLN A 151 4.75 66.90 -36.22
CA GLN A 151 3.46 67.53 -36.45
C GLN A 151 3.05 68.36 -35.23
N GLU A 152 2.46 69.52 -35.50
CA GLU A 152 2.02 70.41 -34.42
C GLU A 152 0.79 69.85 -33.72
N LYS A 153 -0.19 69.36 -34.48
CA LYS A 153 -1.46 68.91 -33.94
C LYS A 153 -1.79 67.52 -34.46
N ILE A 154 -2.48 66.75 -33.64
CA ILE A 154 -2.88 65.38 -33.99
C ILE A 154 -4.27 65.11 -33.42
N PRO A 155 -5.17 64.51 -34.19
CA PRO A 155 -6.50 64.19 -33.66
C PRO A 155 -6.43 63.10 -32.58
N VAL A 156 -7.36 63.17 -31.64
CA VAL A 156 -7.42 62.21 -30.55
C VAL A 156 -7.84 60.83 -31.07
N HIS A 157 -8.75 60.80 -32.04
CA HIS A 157 -9.19 59.53 -32.63
C HIS A 157 -8.06 58.82 -33.37
N LYS A 158 -7.02 59.55 -33.78
CA LYS A 158 -5.80 58.91 -34.26
C LYS A 158 -4.72 58.82 -33.19
N PHE A 159 -4.84 59.59 -32.10
CA PHE A 159 -3.91 59.46 -30.99
C PHE A 159 -4.14 58.16 -30.23
N ILE A 160 -5.38 57.70 -30.13
CA ILE A 160 -5.66 56.43 -29.46
C ILE A 160 -5.05 55.27 -30.24
N THR A 161 -5.04 55.36 -31.58
CA THR A 161 -4.25 54.43 -32.37
C THR A 161 -2.77 54.68 -32.11
N ALA A 162 -2.00 53.59 -32.08
CA ALA A 162 -0.58 53.49 -31.71
C ALA A 162 -0.33 53.81 -30.24
N LEU A 163 -1.37 54.14 -29.47
CA LEU A 163 -1.26 54.24 -28.01
C LEU A 163 -1.49 52.87 -27.36
N LYS A 164 -2.41 52.08 -27.92
CA LYS A 164 -2.60 50.70 -27.50
C LYS A 164 -1.60 49.75 -28.15
N SER A 165 -0.78 50.24 -29.09
CA SER A 165 0.20 49.38 -29.74
C SER A 165 1.32 48.98 -28.78
N THR A 166 1.53 49.75 -27.72
CA THR A 166 2.47 49.37 -26.68
C THR A 166 1.91 48.31 -25.74
N GLY A 167 0.64 47.95 -25.88
CA GLY A 167 0.02 46.91 -25.10
C GLY A 167 -0.69 47.37 -23.85
N LEU A 168 -0.48 48.63 -23.44
CA LEU A 168 -1.14 49.16 -22.25
C LEU A 168 -2.58 49.53 -22.60
N ARG A 169 -3.54 48.93 -21.90
CA ARG A 169 -4.94 49.15 -22.21
C ARG A 169 -5.41 50.50 -21.69
N THR A 170 -6.58 50.93 -22.18
CA THR A 170 -7.18 52.20 -21.79
C THR A 170 -8.10 52.07 -20.58
N SER A 171 -7.92 51.04 -19.77
CA SER A 171 -8.71 50.84 -18.56
C SER A 171 -7.80 50.69 -17.33
N ASP A 172 -6.62 51.31 -17.38
CA ASP A 172 -5.65 51.18 -16.31
C ASP A 172 -5.98 52.18 -15.20
N PRO A 173 -6.19 51.72 -13.96
CA PRO A 173 -6.37 52.67 -12.84
C PRO A 173 -5.14 53.52 -12.55
N ARG A 174 -3.95 53.13 -13.03
CA ARG A 174 -2.78 53.98 -12.89
C ARG A 174 -2.96 55.29 -13.64
N LEU A 175 -3.54 55.24 -14.83
CA LEU A 175 -3.79 56.41 -15.67
C LEU A 175 -5.25 56.83 -15.62
N LYS A 176 -5.90 56.60 -14.47
CA LYS A 176 -7.31 56.98 -14.30
C LYS A 176 -7.47 58.50 -14.41
N GLU A 177 -6.59 59.27 -13.78
CA GLU A 177 -6.62 60.71 -13.96
C GLU A 177 -6.29 61.09 -15.39
N CYS A 178 -5.39 60.35 -16.04
CA CYS A 178 -5.09 60.59 -17.45
C CYS A 178 -6.32 60.33 -18.32
N MET A 179 -7.05 59.24 -18.06
CA MET A 179 -8.18 58.94 -18.94
C MET A 179 -9.34 59.89 -18.70
N ASP A 180 -9.59 60.31 -17.44
CA ASP A 180 -10.69 61.25 -17.24
C ASP A 180 -10.33 62.63 -17.75
N MET A 181 -9.05 63.02 -17.67
CA MET A 181 -8.62 64.26 -18.30
C MET A 181 -8.72 64.19 -19.82
N LEU A 182 -8.42 63.03 -20.41
CA LEU A 182 -8.59 62.84 -21.84
C LEU A 182 -10.06 62.96 -22.25
N ARG A 183 -10.96 62.36 -21.45
CA ARG A 183 -12.39 62.54 -21.71
C ARG A 183 -12.81 64.00 -21.61
N LEU A 184 -12.34 64.69 -20.57
CA LEU A 184 -12.70 66.09 -20.36
C LEU A 184 -12.19 66.96 -21.51
N THR A 185 -11.02 66.63 -22.07
CA THR A 185 -10.57 67.33 -23.26
C THR A 185 -11.38 66.94 -24.48
N LEU A 186 -11.91 65.71 -24.51
CA LEU A 186 -12.70 65.28 -25.66
C LEU A 186 -14.04 66.01 -25.73
N GLN A 187 -14.78 66.07 -24.62
CA GLN A 187 -16.10 66.72 -24.72
C GLN A 187 -16.01 68.24 -24.64
N THR A 188 -15.37 68.78 -23.61
CA THR A 188 -15.47 70.21 -23.31
C THR A 188 -14.12 70.90 -23.51
N THR A 189 -13.81 71.26 -24.76
CA THR A 189 -12.75 72.20 -25.08
C THR A 189 -13.14 73.21 -26.16
N SER A 190 -14.31 73.04 -26.79
CA SER A 190 -14.78 73.87 -27.91
C SER A 190 -13.79 73.86 -29.07
N ASP A 191 -13.08 72.75 -29.25
CA ASP A 191 -12.14 72.58 -30.36
C ASP A 191 -12.55 71.43 -31.28
N GLY A 192 -12.78 70.24 -30.73
CA GLY A 192 -13.20 69.10 -31.52
C GLY A 192 -12.05 68.25 -32.01
N VAL A 193 -11.97 67.02 -31.46
CA VAL A 193 -10.95 65.99 -31.71
C VAL A 193 -9.55 66.60 -31.89
N MET A 194 -9.03 67.22 -30.83
CA MET A 194 -7.74 67.86 -30.88
C MET A 194 -6.99 67.60 -29.57
N LEU A 195 -5.67 67.50 -29.67
CA LEU A 195 -4.81 67.24 -28.52
C LEU A 195 -3.95 68.45 -28.14
N ASP A 196 -3.26 69.04 -29.13
CA ASP A 196 -2.39 70.23 -29.01
C ASP A 196 -1.12 69.91 -28.23
N LYS A 197 -0.01 70.58 -28.61
CA LYS A 197 1.27 70.31 -27.97
C LYS A 197 1.29 70.81 -26.53
N ASP A 198 0.86 72.06 -26.32
CA ASP A 198 0.98 72.68 -24.99
C ASP A 198 0.01 72.06 -23.99
N LEU A 199 -1.19 71.68 -24.46
CA LEU A 199 -2.17 71.06 -23.56
C LEU A 199 -1.68 69.70 -23.07
N PHE A 200 -1.09 68.90 -23.96
CA PHE A 200 -0.51 67.63 -23.55
C PHE A 200 0.73 67.84 -22.69
N LYS A 201 1.50 68.90 -22.97
CA LYS A 201 2.69 69.18 -22.17
C LYS A 201 2.33 69.53 -20.73
N LYS A 202 1.30 70.34 -20.54
CA LYS A 202 0.92 70.81 -19.21
C LYS A 202 -0.21 70.00 -18.59
N CYS A 203 -0.68 68.94 -19.25
CA CYS A 203 -1.80 68.16 -18.72
C CYS A 203 -1.33 67.05 -17.76
N VAL A 204 -0.51 66.13 -18.25
CA VAL A 204 -0.03 65.03 -17.42
C VAL A 204 1.13 65.52 -16.56
N GLN A 205 1.02 65.31 -15.25
CA GLN A 205 2.04 65.81 -14.32
C GLN A 205 2.52 64.71 -13.37
N SER A 206 1.68 63.69 -13.14
CA SER A 206 2.00 62.66 -12.16
C SER A 206 2.32 61.30 -12.77
N ASN A 207 1.89 61.03 -13.99
CA ASN A 207 2.08 59.73 -14.62
C ASN A 207 3.08 59.80 -15.77
N ILE A 208 4.07 60.70 -15.67
CA ILE A 208 5.04 60.87 -16.75
C ILE A 208 5.96 59.66 -16.86
N VAL A 209 6.29 59.02 -15.73
CA VAL A 209 7.24 57.93 -15.74
C VAL A 209 6.68 56.71 -16.47
N LEU A 210 5.38 56.45 -16.31
CA LEU A 210 4.76 55.34 -17.01
C LEU A 210 4.76 55.56 -18.52
N LEU A 211 4.49 56.80 -18.95
CA LEU A 211 4.51 57.12 -20.38
C LEU A 211 5.92 57.02 -20.94
N THR A 212 6.94 57.45 -20.18
CA THR A 212 8.32 57.31 -20.64
C THR A 212 8.71 55.85 -20.76
N GLN A 213 8.30 55.02 -19.80
CA GLN A 213 8.64 53.59 -19.87
C GLN A 213 7.90 52.91 -21.03
N ALA A 214 6.65 53.31 -21.28
CA ALA A 214 5.86 52.65 -22.32
C ALA A 214 6.32 53.05 -23.71
N PHE A 215 6.51 54.36 -23.94
CA PHE A 215 6.71 54.86 -25.30
C PHE A 215 8.17 54.82 -25.75
N ARG A 216 9.11 54.54 -24.85
CA ARG A 216 10.51 54.42 -25.24
C ARG A 216 10.98 52.98 -25.32
N ARG A 217 10.03 52.02 -25.37
CA ARG A 217 10.33 50.58 -25.40
C ARG A 217 11.17 50.15 -24.21
N LYS A 218 10.89 50.73 -23.05
CA LYS A 218 11.61 50.41 -21.82
C LYS A 218 10.99 49.26 -21.05
N PHE A 219 9.92 48.66 -21.58
CA PHE A 219 9.27 47.54 -20.91
C PHE A 219 10.09 46.27 -21.09
N VAL A 220 9.67 45.21 -20.38
CA VAL A 220 10.41 43.96 -20.41
C VAL A 220 10.26 43.27 -21.75
N ILE A 221 9.13 43.42 -22.42
CA ILE A 221 8.85 42.76 -23.68
C ILE A 221 8.64 43.83 -24.75
N PRO A 222 9.63 44.09 -25.60
CA PRO A 222 9.39 44.97 -26.77
C PRO A 222 8.69 44.20 -27.89
N ASP A 223 8.50 44.88 -29.02
CA ASP A 223 7.84 44.37 -30.25
C ASP A 223 6.62 43.51 -29.93
N PHE A 224 5.68 44.11 -29.21
CA PHE A 224 4.53 43.39 -28.69
C PHE A 224 3.62 42.85 -29.79
N MET A 225 3.64 43.47 -30.97
CA MET A 225 2.90 42.92 -32.10
C MET A 225 3.45 41.56 -32.50
N SER A 226 4.78 41.42 -32.51
CA SER A 226 5.38 40.12 -32.80
C SER A 226 5.06 39.09 -31.72
N PHE A 227 5.04 39.53 -30.46
CA PHE A 227 4.69 38.62 -29.36
C PHE A 227 3.25 38.14 -29.50
N THR A 228 2.32 39.05 -29.84
CA THR A 228 0.94 38.63 -30.06
C THR A 228 0.81 37.74 -31.28
N SER A 229 1.65 37.96 -32.30
CA SER A 229 1.64 37.06 -33.47
C SER A 229 2.09 35.66 -33.09
N HIS A 230 3.14 35.55 -32.27
CA HIS A 230 3.58 34.25 -31.77
C HIS A 230 2.50 33.59 -30.93
N ILE A 231 1.84 34.37 -30.07
CA ILE A 231 0.78 33.83 -29.20
C ILE A 231 -0.39 33.33 -30.05
N ASP A 232 -0.78 34.08 -31.08
CA ASP A 232 -1.86 33.66 -31.95
C ASP A 232 -1.49 32.42 -32.76
N GLU A 233 -0.23 32.34 -33.21
CA GLU A 233 0.21 31.15 -33.94
C GLU A 233 0.17 29.92 -33.06
N LEU A 234 0.63 30.04 -31.81
CA LEU A 234 0.54 28.91 -30.88
C LEU A 234 -0.90 28.56 -30.54
N TYR A 235 -1.76 29.58 -30.46
CA TYR A 235 -3.18 29.37 -30.24
C TYR A 235 -3.80 28.54 -31.36
N GLU A 236 -3.52 28.92 -32.61
CA GLU A 236 -4.07 28.20 -33.75
C GLU A 236 -3.46 26.81 -33.88
N SER A 237 -2.19 26.64 -33.49
CA SER A 237 -1.59 25.31 -33.51
C SER A 237 -2.22 24.40 -32.46
N ALA A 238 -2.46 24.93 -31.26
CA ALA A 238 -3.04 24.13 -30.19
C ALA A 238 -4.54 23.91 -30.37
N LYS A 239 -5.20 24.70 -31.21
CA LYS A 239 -6.62 24.51 -31.47
C LYS A 239 -6.92 23.19 -32.18
N LYS A 240 -5.93 22.58 -32.82
CA LYS A 240 -6.16 21.34 -33.57
C LYS A 240 -6.33 20.12 -32.69
N GLN A 241 -5.89 20.17 -31.43
CA GLN A 241 -6.01 19.03 -30.54
C GLN A 241 -7.47 18.85 -30.12
N SER A 242 -7.82 17.62 -29.74
CA SER A 242 -9.18 17.28 -29.36
C SER A 242 -9.30 16.93 -27.89
N GLY A 243 -8.53 15.96 -27.41
CA GLY A 243 -8.61 15.56 -26.01
C GLY A 243 -9.93 14.89 -25.70
N GLY A 244 -10.56 15.32 -24.63
CA GLY A 244 -11.83 14.78 -24.20
C GLY A 244 -11.87 14.66 -22.68
N LYS A 245 -12.91 13.98 -22.20
CA LYS A 245 -13.10 13.65 -20.78
C LYS A 245 -13.09 14.92 -19.91
N VAL A 246 -14.15 15.72 -20.09
CA VAL A 246 -14.26 17.01 -19.45
C VAL A 246 -14.37 16.88 -17.93
N ALA A 247 -15.46 16.29 -17.46
CA ALA A 247 -15.68 16.13 -16.02
C ALA A 247 -16.78 15.10 -15.81
N ASP A 248 -16.48 14.04 -15.06
CA ASP A 248 -17.51 13.07 -14.70
C ASP A 248 -18.22 13.48 -13.42
N TYR A 249 -17.47 13.60 -12.33
CA TYR A 249 -18.01 14.12 -11.08
C TYR A 249 -18.12 15.64 -11.15
N ILE A 250 -18.80 16.22 -10.16
CA ILE A 250 -19.25 17.61 -10.15
C ILE A 250 -20.04 17.86 -11.43
N PRO A 251 -21.28 17.39 -11.53
CA PRO A 251 -22.01 17.46 -12.81
C PRO A 251 -22.29 18.87 -13.28
N GLN A 252 -22.18 19.88 -12.42
CA GLN A 252 -22.29 21.26 -12.87
C GLN A 252 -21.12 21.64 -13.78
N LEU A 253 -19.95 21.04 -13.56
CA LEU A 253 -18.81 21.30 -14.42
C LEU A 253 -18.93 20.62 -15.78
N ALA A 254 -19.73 19.57 -15.89
CA ALA A 254 -19.85 18.83 -17.14
C ALA A 254 -20.70 19.53 -18.18
N LYS A 255 -21.37 20.63 -17.83
CA LYS A 255 -22.24 21.32 -18.77
C LYS A 255 -21.49 22.19 -19.76
N PHE A 256 -20.19 22.39 -19.57
CA PHE A 256 -19.41 23.19 -20.49
C PHE A 256 -19.12 22.42 -21.77
N SER A 257 -19.18 23.11 -22.90
CA SER A 257 -18.90 22.49 -24.18
C SER A 257 -17.39 22.21 -24.31
N PRO A 258 -17.02 21.09 -24.94
CA PRO A 258 -15.59 20.71 -25.00
C PRO A 258 -14.74 21.60 -25.90
N ASP A 259 -15.34 22.40 -26.78
CA ASP A 259 -14.58 23.20 -27.73
C ASP A 259 -14.26 24.60 -27.20
N LEU A 260 -14.59 24.90 -25.94
CA LEU A 260 -14.21 26.17 -25.35
C LEU A 260 -12.70 26.24 -25.18
N TRP A 261 -12.12 27.38 -25.53
CA TRP A 261 -10.66 27.52 -25.55
C TRP A 261 -10.31 29.00 -25.55
N GLY A 262 -9.53 29.43 -24.56
CA GLY A 262 -9.13 30.83 -24.48
C GLY A 262 -7.84 30.96 -23.71
N VAL A 263 -7.05 31.97 -24.08
CA VAL A 263 -5.74 32.21 -23.49
C VAL A 263 -5.59 33.70 -23.21
N SER A 264 -5.19 34.05 -21.99
CA SER A 264 -4.96 35.44 -21.61
C SER A 264 -3.52 35.62 -21.16
N VAL A 265 -2.97 36.80 -21.46
CA VAL A 265 -1.58 37.14 -21.19
C VAL A 265 -1.54 38.49 -20.48
N CYS A 266 -0.76 38.57 -19.40
CA CYS A 266 -0.52 39.83 -18.72
C CYS A 266 0.91 39.81 -18.17
N THR A 267 1.65 40.90 -18.42
CA THR A 267 3.03 40.99 -18.00
C THR A 267 3.14 41.72 -16.66
N VAL A 268 4.38 41.90 -16.20
CA VAL A 268 4.64 42.58 -14.94
C VAL A 268 4.32 44.07 -15.05
N ASP A 269 4.74 44.69 -16.16
CA ASP A 269 4.56 46.14 -16.32
C ASP A 269 3.10 46.51 -16.48
N GLY A 270 2.32 45.68 -17.19
CA GLY A 270 0.93 45.97 -17.43
C GLY A 270 0.51 45.66 -18.85
N GLN A 271 1.46 45.23 -19.67
CA GLN A 271 1.18 44.84 -21.05
C GLN A 271 0.33 43.58 -21.06
N ARG A 272 -0.89 43.69 -21.58
CA ARG A 272 -1.81 42.56 -21.55
C ARG A 272 -2.48 42.38 -22.89
N HIS A 273 -2.87 41.14 -23.17
CA HIS A 273 -3.50 40.75 -24.44
C HIS A 273 -4.17 39.41 -24.24
N SER A 274 -5.34 39.23 -24.84
CA SER A 274 -6.11 38.01 -24.68
C SER A 274 -6.82 37.65 -25.98
N THR A 275 -7.02 36.36 -26.20
CA THR A 275 -7.74 35.84 -27.35
C THR A 275 -8.72 34.77 -26.89
N GLY A 276 -9.52 34.28 -27.83
CA GLY A 276 -10.38 33.14 -27.55
C GLY A 276 -11.60 33.52 -26.73
N ASP A 277 -11.93 32.65 -25.76
CA ASP A 277 -13.12 32.78 -24.93
C ASP A 277 -12.80 33.40 -23.58
N THR A 278 -11.89 34.37 -23.57
CA THR A 278 -11.36 34.93 -22.33
C THR A 278 -12.40 35.65 -21.49
N LYS A 279 -13.54 36.05 -22.06
CA LYS A 279 -14.56 36.77 -21.31
C LYS A 279 -15.54 35.85 -20.59
N VAL A 280 -15.48 34.54 -20.86
CA VAL A 280 -16.42 33.59 -20.25
C VAL A 280 -15.94 33.24 -18.85
N PRO A 281 -16.76 33.45 -17.82
CA PRO A 281 -16.36 33.07 -16.47
C PRO A 281 -16.25 31.56 -16.30
N PHE A 282 -15.33 31.15 -15.44
CA PHE A 282 -15.13 29.73 -15.14
C PHE A 282 -14.60 29.62 -13.71
N CYS A 283 -14.81 28.45 -13.12
CA CYS A 283 -14.47 28.24 -11.72
C CYS A 283 -12.95 28.15 -11.53
N LEU A 284 -12.53 28.31 -10.28
CA LEU A 284 -11.12 28.31 -9.91
C LEU A 284 -10.80 27.10 -9.03
N GLN A 285 -11.30 25.93 -9.43
CA GLN A 285 -11.04 24.70 -8.70
C GLN A 285 -9.55 24.37 -8.73
N SER A 286 -8.96 24.25 -7.54
CA SER A 286 -7.56 23.87 -7.27
C SER A 286 -6.55 24.90 -7.75
N CYS A 287 -6.97 25.98 -8.41
CA CYS A 287 -6.06 27.04 -8.79
C CYS A 287 -5.92 28.11 -7.72
N VAL A 288 -6.81 28.11 -6.72
CA VAL A 288 -6.74 29.07 -5.63
C VAL A 288 -5.86 28.58 -4.49
N LYS A 289 -5.46 27.30 -4.52
CA LYS A 289 -4.64 26.73 -3.46
C LYS A 289 -3.29 27.42 -3.28
N PRO A 290 -2.50 27.72 -4.33
CA PRO A 290 -1.30 28.54 -4.09
C PRO A 290 -1.63 29.93 -3.57
N LEU A 291 -2.73 30.53 -4.01
CA LEU A 291 -3.11 31.85 -3.52
C LEU A 291 -3.45 31.81 -2.03
N LYS A 292 -4.26 30.84 -1.61
CA LYS A 292 -4.62 30.74 -0.20
C LYS A 292 -3.42 30.32 0.64
N TYR A 293 -2.48 29.55 0.08
CA TYR A 293 -1.24 29.26 0.80
C TYR A 293 -0.43 30.52 1.00
N ALA A 294 -0.38 31.39 -0.02
CA ALA A 294 0.31 32.67 0.13
C ALA A 294 -0.36 33.54 1.17
N ILE A 295 -1.70 33.54 1.22
CA ILE A 295 -2.42 34.30 2.24
C ILE A 295 -2.07 33.80 3.63
N ALA A 296 -2.09 32.47 3.80
CA ALA A 296 -1.78 31.89 5.11
C ALA A 296 -0.36 32.18 5.54
N VAL A 297 0.59 32.10 4.61
CA VAL A 297 1.99 32.40 4.94
C VAL A 297 2.15 33.86 5.32
N ASN A 298 1.61 34.77 4.48
CA ASN A 298 1.75 36.19 4.73
C ASN A 298 1.04 36.62 6.01
N ASP A 299 0.05 35.85 6.45
CA ASP A 299 -0.63 36.19 7.69
C ASP A 299 0.01 35.57 8.93
N LEU A 300 0.60 34.38 8.82
CA LEU A 300 0.98 33.65 10.02
C LEU A 300 2.45 33.22 10.11
N GLY A 301 3.29 33.57 9.14
CA GLY A 301 4.67 33.12 9.21
C GLY A 301 4.84 31.72 8.65
N THR A 302 5.93 31.51 7.91
CA THR A 302 6.11 30.23 7.22
C THR A 302 6.38 29.08 8.19
N GLU A 303 7.02 29.34 9.33
CA GLU A 303 7.24 28.29 10.31
C GLU A 303 5.94 27.81 10.93
N TYR A 304 5.06 28.75 11.29
CA TYR A 304 3.76 28.37 11.84
C TYR A 304 2.88 27.73 10.78
N VAL A 305 3.01 28.13 9.52
CA VAL A 305 2.23 27.50 8.46
C VAL A 305 2.70 26.06 8.24
N HIS A 306 4.01 25.84 8.18
CA HIS A 306 4.55 24.51 7.93
C HIS A 306 4.68 23.68 9.20
N ARG A 307 4.23 24.19 10.34
CA ARG A 307 4.10 23.35 11.53
C ARG A 307 3.08 22.24 11.31
N TYR A 308 2.10 22.45 10.43
CA TYR A 308 1.02 21.49 10.23
C TYR A 308 1.04 20.82 8.87
N VAL A 309 1.80 21.34 7.90
CA VAL A 309 1.88 20.75 6.58
C VAL A 309 3.34 20.55 6.19
N GLY A 310 3.56 19.60 5.29
CA GLY A 310 4.88 19.34 4.73
C GLY A 310 5.16 20.21 3.53
N LYS A 311 6.30 19.94 2.89
CA LYS A 311 6.72 20.67 1.71
C LYS A 311 7.30 19.72 0.68
N GLU A 312 6.72 18.53 0.56
CA GLU A 312 7.22 17.50 -0.34
C GLU A 312 6.11 17.01 -1.25
N PRO A 313 6.43 16.59 -2.47
CA PRO A 313 5.41 16.04 -3.35
C PRO A 313 4.90 14.70 -2.86
N SER A 314 3.61 14.45 -3.08
CA SER A 314 3.00 13.21 -2.63
C SER A 314 3.39 12.04 -3.53
N GLY A 315 3.48 12.27 -4.84
CA GLY A 315 3.78 11.21 -5.77
C GLY A 315 2.58 10.43 -6.27
N LEU A 316 1.38 10.76 -5.81
CA LEU A 316 0.16 10.09 -6.23
C LEU A 316 -0.89 11.15 -6.59
N ARG A 317 -2.10 10.68 -6.89
CA ARG A 317 -3.20 11.58 -7.22
C ARG A 317 -3.60 12.40 -6.01
N PHE A 318 -4.19 13.58 -6.29
CA PHE A 318 -4.64 14.45 -5.21
C PHE A 318 -5.84 13.88 -4.47
N ASN A 319 -6.64 13.03 -5.12
CA ASN A 319 -7.77 12.40 -4.45
C ASN A 319 -7.36 11.28 -3.51
N LYS A 320 -6.15 10.74 -3.67
CA LYS A 320 -5.70 9.65 -2.82
C LYS A 320 -5.43 10.17 -1.42
N LEU A 321 -5.96 9.48 -0.41
CA LEU A 321 -5.88 9.93 0.97
C LEU A 321 -4.84 9.06 1.71
N PHE A 322 -3.74 9.71 2.10
CA PHE A 322 -2.68 9.13 2.91
C PHE A 322 -1.75 10.25 3.35
N LEU A 323 -1.06 10.04 4.46
CA LEU A 323 -0.16 11.02 5.02
C LEU A 323 1.26 10.48 5.00
N ASN A 324 2.20 11.31 5.42
CA ASN A 324 3.61 10.94 5.44
C ASN A 324 3.92 10.12 6.68
N GLU A 325 5.22 9.93 6.97
CA GLU A 325 5.62 9.19 8.16
C GLU A 325 5.28 9.92 9.44
N ASP A 326 5.07 11.23 9.40
CA ASP A 326 4.74 12.03 10.56
C ASP A 326 3.24 12.30 10.67
N ASP A 327 2.42 11.61 9.88
CA ASP A 327 0.96 11.76 9.87
C ASP A 327 0.56 13.21 9.58
N LYS A 328 1.12 13.76 8.51
CA LYS A 328 0.82 15.10 8.06
C LYS A 328 0.59 15.09 6.56
N PRO A 329 -0.21 16.04 6.05
CA PRO A 329 -0.33 16.18 4.60
C PRO A 329 0.99 16.53 3.95
N HIS A 330 1.19 16.04 2.73
CA HIS A 330 2.50 16.14 2.09
C HIS A 330 2.81 17.56 1.64
N ASN A 331 1.81 18.27 1.10
CA ASN A 331 2.02 19.61 0.58
C ASN A 331 0.69 20.33 0.57
N PRO A 332 0.70 21.67 0.58
CA PRO A 332 -0.58 22.41 0.49
C PRO A 332 -1.31 22.23 -0.82
N MET A 333 -0.65 21.73 -1.87
CA MET A 333 -1.31 21.64 -3.18
C MET A 333 -2.37 20.55 -3.20
N VAL A 334 -2.12 19.42 -2.52
CA VAL A 334 -3.10 18.33 -2.51
C VAL A 334 -4.25 18.69 -1.60
N ASN A 335 -5.32 17.88 -1.64
CA ASN A 335 -6.56 18.23 -0.96
C ASN A 335 -6.40 18.33 0.56
N ALA A 336 -5.64 17.40 1.14
CA ALA A 336 -5.44 17.42 2.59
C ALA A 336 -4.69 18.67 3.03
N GLY A 337 -3.63 19.02 2.31
CA GLY A 337 -2.90 20.24 2.63
C GLY A 337 -3.75 21.49 2.42
N ALA A 338 -4.61 21.47 1.39
CA ALA A 338 -5.52 22.60 1.17
C ALA A 338 -6.50 22.74 2.32
N ILE A 339 -7.02 21.63 2.83
CA ILE A 339 -7.95 21.69 3.96
C ILE A 339 -7.24 22.22 5.20
N VAL A 340 -6.01 21.74 5.45
CA VAL A 340 -5.27 22.20 6.62
C VAL A 340 -4.94 23.69 6.53
N VAL A 341 -4.54 24.17 5.34
CA VAL A 341 -4.23 25.60 5.23
C VAL A 341 -5.49 26.46 5.20
N THR A 342 -6.65 25.90 4.85
CA THR A 342 -7.88 26.65 5.08
C THR A 342 -8.21 26.73 6.56
N SER A 343 -7.80 25.71 7.33
CA SER A 343 -8.04 25.75 8.77
C SER A 343 -7.23 26.86 9.46
N LEU A 344 -6.10 27.25 8.88
CA LEU A 344 -5.21 28.19 9.55
C LEU A 344 -5.70 29.64 9.49
N ILE A 345 -6.40 30.02 8.42
CA ILE A 345 -6.71 31.42 8.16
C ILE A 345 -7.81 31.87 9.11
N LYS A 346 -7.47 32.77 10.03
CA LYS A 346 -8.43 33.46 10.91
C LYS A 346 -9.25 32.46 11.73
N GLN A 347 -8.55 31.75 12.63
CA GLN A 347 -9.14 30.61 13.33
C GLN A 347 -10.27 31.02 14.26
N GLY A 348 -10.17 32.19 14.89
CA GLY A 348 -11.16 32.63 15.84
C GLY A 348 -12.33 33.41 15.27
N VAL A 349 -12.47 33.46 13.95
CA VAL A 349 -13.46 34.28 13.28
C VAL A 349 -14.38 33.35 12.49
N ASN A 350 -15.67 33.70 12.42
CA ASN A 350 -16.66 32.90 11.74
C ASN A 350 -16.44 32.90 10.22
N ASN A 351 -17.25 32.11 9.52
CA ASN A 351 -17.03 31.86 8.09
C ASN A 351 -17.31 33.08 7.24
N ALA A 352 -18.33 33.88 7.59
CA ALA A 352 -18.72 35.00 6.75
C ALA A 352 -17.63 36.07 6.68
N GLU A 353 -17.10 36.46 7.84
CA GLU A 353 -16.04 37.46 7.85
C GLU A 353 -14.74 36.91 7.29
N LYS A 354 -14.50 35.60 7.43
CA LYS A 354 -13.33 34.97 6.81
C LYS A 354 -13.41 35.08 5.29
N PHE A 355 -14.57 34.74 4.73
CA PHE A 355 -14.75 34.84 3.29
C PHE A 355 -14.68 36.29 2.82
N ASP A 356 -15.23 37.21 3.62
CA ASP A 356 -15.13 38.63 3.27
C ASP A 356 -13.68 39.10 3.25
N TYR A 357 -12.88 38.66 4.23
CA TYR A 357 -11.49 39.07 4.29
C TYR A 357 -10.69 38.51 3.12
N VAL A 358 -10.87 37.21 2.83
CA VAL A 358 -10.10 36.63 1.73
C VAL A 358 -10.55 37.18 0.38
N MET A 359 -11.85 37.49 0.24
CA MET A 359 -12.34 38.08 -1.01
C MET A 359 -11.82 39.50 -1.18
N GLN A 360 -11.77 40.28 -0.09
CA GLN A 360 -11.21 41.63 -0.17
C GLN A 360 -9.73 41.59 -0.52
N PHE A 361 -9.00 40.65 0.08
CA PHE A 361 -7.56 40.55 -0.22
C PHE A 361 -7.33 40.11 -1.66
N LEU A 362 -8.13 39.17 -2.16
CA LEU A 362 -7.97 38.72 -3.54
C LEU A 362 -8.41 39.79 -4.52
N ASN A 363 -9.39 40.61 -4.16
CA ASN A 363 -9.78 41.72 -5.02
C ASN A 363 -8.69 42.79 -5.05
N LYS A 364 -8.03 43.03 -3.92
CA LYS A 364 -6.87 43.92 -3.90
C LYS A 364 -5.75 43.36 -4.76
N MET A 365 -5.57 42.05 -4.74
CA MET A 365 -4.56 41.41 -5.59
C MET A 365 -4.93 41.53 -7.06
N ALA A 366 -6.22 41.46 -7.38
CA ALA A 366 -6.67 41.45 -8.76
C ALA A 366 -6.82 42.83 -9.37
N GLY A 367 -6.55 43.89 -8.61
CA GLY A 367 -6.76 45.24 -9.12
C GLY A 367 -8.21 45.58 -9.36
N ASN A 368 -9.10 45.09 -8.49
CA ASN A 368 -10.55 45.34 -8.58
C ASN A 368 -11.13 44.87 -9.91
N GLU A 369 -10.66 43.70 -10.37
CA GLU A 369 -11.20 43.10 -11.59
C GLU A 369 -12.44 42.27 -11.24
N TYR A 370 -12.93 41.48 -12.19
CA TYR A 370 -14.14 40.69 -11.98
C TYR A 370 -13.78 39.41 -11.25
N VAL A 371 -14.25 39.29 -10.01
CA VAL A 371 -14.11 38.06 -9.22
C VAL A 371 -15.50 37.72 -8.69
N GLY A 372 -16.12 36.70 -9.28
CA GLY A 372 -17.46 36.30 -8.93
C GLY A 372 -17.50 35.10 -8.01
N PHE A 373 -18.66 34.46 -7.96
CA PHE A 373 -18.86 33.27 -7.14
C PHE A 373 -19.94 32.43 -7.78
N SER A 374 -19.57 31.28 -8.35
CA SER A 374 -20.52 30.40 -9.01
C SER A 374 -21.20 29.54 -7.96
N ASN A 375 -22.39 29.98 -7.51
CA ASN A 375 -23.13 29.23 -6.52
C ASN A 375 -23.69 27.93 -7.10
N ALA A 376 -23.88 27.87 -8.41
CA ALA A 376 -24.33 26.64 -9.05
C ALA A 376 -23.30 25.54 -8.89
N THR A 377 -22.02 25.86 -9.00
CA THR A 377 -20.96 24.89 -8.77
C THR A 377 -20.58 24.77 -7.30
N PHE A 378 -21.22 25.54 -6.42
CA PHE A 378 -21.06 25.35 -4.98
C PHE A 378 -22.13 24.45 -4.40
N GLN A 379 -23.34 24.47 -4.96
CA GLN A 379 -24.34 23.49 -4.57
C GLN A 379 -23.93 22.09 -5.04
N SER A 380 -23.46 21.97 -6.28
CA SER A 380 -22.69 20.81 -6.65
C SER A 380 -21.33 20.85 -5.97
N GLU A 381 -20.67 19.70 -5.89
CA GLU A 381 -19.41 19.43 -5.19
C GLU A 381 -19.59 19.45 -3.67
N ARG A 382 -20.75 19.88 -3.18
CA ARG A 382 -21.10 19.79 -1.77
C ARG A 382 -22.02 18.62 -1.48
N GLU A 383 -23.00 18.38 -2.34
CA GLU A 383 -23.87 17.22 -2.25
C GLU A 383 -23.35 16.03 -3.04
N SER A 384 -22.26 16.21 -3.80
CA SER A 384 -21.71 15.15 -4.63
C SER A 384 -20.24 14.87 -4.38
N GLY A 385 -19.52 15.77 -3.70
CA GLY A 385 -18.12 15.53 -3.41
C GLY A 385 -17.94 14.75 -2.13
N ASP A 386 -17.73 13.44 -2.25
CA ASP A 386 -17.63 12.57 -1.09
C ASP A 386 -16.19 12.24 -0.69
N ARG A 387 -15.26 12.28 -1.65
CA ARG A 387 -13.87 11.98 -1.33
C ARG A 387 -13.27 13.04 -0.42
N ASN A 388 -13.62 14.31 -0.65
CA ASN A 388 -13.12 15.39 0.20
C ASN A 388 -13.63 15.25 1.63
N PHE A 389 -14.87 14.80 1.79
CA PHE A 389 -15.40 14.56 3.13
C PHE A 389 -14.63 13.45 3.83
N ALA A 390 -14.30 12.38 3.10
CA ALA A 390 -13.51 11.30 3.67
C ALA A 390 -12.12 11.78 4.07
N ILE A 391 -11.51 12.63 3.23
CA ILE A 391 -10.19 13.18 3.56
C ILE A 391 -10.26 14.05 4.80
N GLY A 392 -11.30 14.88 4.91
CA GLY A 392 -11.45 15.73 6.07
C GLY A 392 -11.68 14.95 7.35
N TYR A 393 -12.51 13.89 7.28
CA TYR A 393 -12.72 13.05 8.45
C TYR A 393 -11.46 12.27 8.83
N TYR A 394 -10.68 11.85 7.84
CA TYR A 394 -9.41 11.19 8.12
C TYR A 394 -8.43 12.14 8.80
N LEU A 395 -8.37 13.38 8.35
CA LEU A 395 -7.51 14.38 8.98
C LEU A 395 -7.96 14.68 10.40
N LYS A 396 -9.28 14.74 10.62
CA LYS A 396 -9.79 14.96 11.97
C LYS A 396 -9.47 13.77 12.87
N GLU A 397 -9.54 12.56 12.34
CA GLU A 397 -9.20 11.37 13.12
C GLU A 397 -7.72 11.31 13.44
N LYS A 398 -6.86 11.78 12.54
CA LYS A 398 -5.42 11.77 12.78
C LYS A 398 -4.96 12.93 13.66
N LYS A 399 -5.87 13.83 14.04
CA LYS A 399 -5.58 14.95 14.95
C LYS A 399 -4.48 15.86 14.40
N CYS A 400 -4.52 16.11 13.10
CA CYS A 400 -3.59 17.04 12.47
C CYS A 400 -4.15 18.46 12.39
N PHE A 401 -5.37 18.68 12.83
CA PHE A 401 -6.00 19.99 12.80
C PHE A 401 -5.52 20.85 13.97
N PRO A 402 -5.57 22.18 13.82
CA PRO A 402 -5.36 23.04 14.97
C PRO A 402 -6.48 22.88 15.99
N GLU A 403 -6.15 23.15 17.25
CA GLU A 403 -7.09 22.95 18.34
C GLU A 403 -8.26 23.93 18.24
N GLY A 404 -9.43 23.46 18.67
CA GLY A 404 -10.62 24.28 18.64
C GLY A 404 -11.11 24.63 17.24
N THR A 405 -11.10 23.67 16.32
CA THR A 405 -11.50 23.90 14.95
C THR A 405 -12.56 22.89 14.55
N ASP A 406 -13.65 23.38 13.95
CA ASP A 406 -14.71 22.52 13.46
C ASP A 406 -14.39 22.04 12.05
N MET A 407 -14.46 20.72 11.84
CA MET A 407 -14.05 20.16 10.56
C MET A 407 -15.06 20.46 9.46
N VAL A 408 -16.36 20.39 9.79
CA VAL A 408 -17.40 20.55 8.77
C VAL A 408 -17.41 21.98 8.23
N GLY A 409 -17.31 22.97 9.12
CA GLY A 409 -17.30 24.35 8.68
C GLY A 409 -16.06 24.68 7.87
N ILE A 410 -14.91 24.12 8.26
CA ILE A 410 -13.67 24.35 7.51
C ILE A 410 -13.75 23.70 6.13
N LEU A 411 -14.34 22.51 6.05
CA LEU A 411 -14.53 21.86 4.75
C LEU A 411 -15.48 22.65 3.87
N ASP A 412 -16.55 23.20 4.45
CA ASP A 412 -17.46 24.05 3.68
C ASP A 412 -16.77 25.32 3.20
N PHE A 413 -15.91 25.89 4.05
CA PHE A 413 -15.13 27.06 3.66
C PHE A 413 -14.18 26.73 2.51
N TYR A 414 -13.57 25.54 2.55
CA TYR A 414 -12.69 25.11 1.47
C TYR A 414 -13.48 24.94 0.17
N PHE A 415 -14.70 24.39 0.26
CA PHE A 415 -15.56 24.30 -0.91
C PHE A 415 -15.89 25.68 -1.46
N GLN A 416 -16.15 26.64 -0.57
CA GLN A 416 -16.44 28.00 -1.00
C GLN A 416 -15.24 28.64 -1.70
N LEU A 417 -14.04 28.42 -1.17
CA LEU A 417 -12.84 28.93 -1.84
C LEU A 417 -12.64 28.26 -3.19
N CYS A 418 -12.94 26.97 -3.30
CA CYS A 418 -12.84 26.30 -4.59
C CYS A 418 -13.93 26.74 -5.56
N SER A 419 -15.03 27.30 -5.06
CA SER A 419 -16.15 27.68 -5.90
C SER A 419 -16.05 29.09 -6.47
N ILE A 420 -14.94 29.80 -6.21
CA ILE A 420 -14.76 31.13 -6.76
C ILE A 420 -14.57 31.04 -8.27
N GLU A 421 -15.20 31.96 -9.00
CA GLU A 421 -15.10 31.99 -10.45
C GLU A 421 -14.48 33.30 -10.92
N VAL A 422 -13.57 33.21 -11.88
CA VAL A 422 -12.96 34.35 -12.53
C VAL A 422 -12.90 34.10 -14.03
N THR A 423 -12.75 35.17 -14.79
CA THR A 423 -12.51 35.05 -16.22
C THR A 423 -11.02 34.93 -16.50
N CYS A 424 -10.70 34.59 -17.75
CA CYS A 424 -9.29 34.47 -18.14
C CYS A 424 -8.57 35.81 -18.06
N GLU A 425 -9.24 36.90 -18.48
CA GLU A 425 -8.66 38.23 -18.36
C GLU A 425 -8.46 38.62 -16.89
N SER A 426 -9.42 38.26 -16.04
CA SER A 426 -9.28 38.55 -14.62
C SER A 426 -8.20 37.68 -13.98
N ALA A 427 -8.06 36.43 -14.45
CA ALA A 427 -7.01 35.55 -13.96
C ALA A 427 -5.65 35.86 -14.58
N SER A 428 -5.60 36.74 -15.57
CA SER A 428 -4.31 37.19 -16.08
C SER A 428 -3.63 38.13 -15.08
N VAL A 429 -4.42 38.87 -14.30
CA VAL A 429 -3.86 39.64 -13.19
C VAL A 429 -3.35 38.69 -12.12
N MET A 430 -4.04 37.58 -11.89
CA MET A 430 -3.47 36.47 -11.16
C MET A 430 -2.27 35.92 -11.90
N ALA A 431 -1.36 35.31 -11.15
CA ALA A 431 -0.06 34.83 -11.64
C ALA A 431 0.80 35.93 -12.24
N ALA A 432 0.49 37.19 -11.91
CA ALA A 432 1.28 38.33 -12.35
C ALA A 432 1.65 39.16 -11.14
N THR A 433 0.75 39.19 -10.14
CA THR A 433 1.10 39.78 -8.85
C THR A 433 2.21 38.99 -8.18
N LEU A 434 2.12 37.66 -8.21
CA LEU A 434 3.17 36.81 -7.68
C LEU A 434 4.28 36.56 -8.69
N ALA A 435 4.09 36.91 -9.96
CA ALA A 435 5.22 36.96 -10.88
C ALA A 435 6.11 38.16 -10.58
N ASN A 436 5.52 39.22 -10.02
CA ASN A 436 6.28 40.37 -9.54
C ASN A 436 6.80 40.05 -8.14
N GLY A 437 7.30 41.07 -7.44
CA GLY A 437 7.76 40.88 -6.07
C GLY A 437 6.64 41.06 -5.06
N GLY A 438 5.50 40.43 -5.31
CA GLY A 438 4.33 40.57 -4.46
C GLY A 438 3.50 41.80 -4.72
N PHE A 439 3.88 42.64 -5.67
CA PHE A 439 3.13 43.85 -6.00
C PHE A 439 2.18 43.58 -7.15
N CYS A 440 1.06 44.29 -7.14
CA CYS A 440 0.09 44.17 -8.21
C CYS A 440 0.67 44.74 -9.50
N PRO A 441 0.59 44.03 -10.62
CA PRO A 441 1.15 44.55 -11.87
C PRO A 441 0.42 45.75 -12.42
N ILE A 442 -0.82 45.98 -12.00
CA ILE A 442 -1.64 47.08 -12.52
C ILE A 442 -1.64 48.27 -11.58
N THR A 443 -1.96 48.06 -10.31
CA THR A 443 -2.04 49.16 -9.35
C THR A 443 -0.74 49.45 -8.63
N GLY A 444 0.18 48.49 -8.60
CA GLY A 444 1.44 48.72 -7.92
C GLY A 444 1.36 48.72 -6.41
N GLU A 445 0.28 48.19 -5.85
CA GLU A 445 0.10 48.19 -4.41
C GLU A 445 0.86 47.04 -3.77
N ARG A 446 1.12 47.18 -2.48
CA ARG A 446 1.76 46.12 -1.69
C ARG A 446 0.70 45.10 -1.31
N VAL A 447 0.83 43.88 -1.83
CA VAL A 447 -0.16 42.82 -1.61
C VAL A 447 0.44 41.69 -0.77
N LEU A 448 1.50 41.06 -1.26
CA LEU A 448 2.07 39.90 -0.60
C LEU A 448 3.53 40.17 -0.23
N SER A 449 3.94 39.57 0.89
CA SER A 449 5.35 39.62 1.27
C SER A 449 6.18 38.80 0.28
N PRO A 450 7.43 39.23 0.00
CA PRO A 450 8.28 38.46 -0.92
C PRO A 450 8.57 37.05 -0.47
N GLU A 451 8.60 36.81 0.85
CA GLU A 451 8.80 35.45 1.35
C GLU A 451 7.65 34.53 0.94
N ALA A 452 6.41 35.01 1.07
CA ALA A 452 5.27 34.20 0.68
C ALA A 452 5.26 33.92 -0.82
N VAL A 453 5.62 34.92 -1.63
CA VAL A 453 5.67 34.74 -3.08
C VAL A 453 6.75 33.73 -3.46
N ARG A 454 7.92 33.83 -2.83
CA ARG A 454 8.99 32.88 -3.10
C ARG A 454 8.59 31.46 -2.69
N ASN A 455 7.96 31.32 -1.53
CA ASN A 455 7.53 30.00 -1.07
C ASN A 455 6.48 29.38 -1.98
N THR A 456 5.47 30.17 -2.38
CA THR A 456 4.44 29.60 -3.25
C THR A 456 4.96 29.33 -4.65
N LEU A 457 5.94 30.12 -5.12
CA LEU A 457 6.56 29.82 -6.41
C LEU A 457 7.36 28.52 -6.35
N SER A 458 8.10 28.31 -5.26
CA SER A 458 8.83 27.06 -5.10
C SER A 458 7.88 25.87 -5.00
N LEU A 459 6.77 26.03 -4.29
CA LEU A 459 5.82 24.93 -4.16
C LEU A 459 5.13 24.61 -5.47
N MET A 460 4.78 25.64 -6.25
CA MET A 460 4.19 25.41 -7.56
C MET A 460 5.20 24.75 -8.50
N HIS A 461 6.46 25.14 -8.42
CA HIS A 461 7.49 24.50 -9.22
C HIS A 461 7.70 23.04 -8.82
N SER A 462 7.58 22.75 -7.53
CA SER A 462 7.82 21.39 -7.05
C SER A 462 6.65 20.46 -7.37
N CYS A 463 5.47 20.77 -6.86
CA CYS A 463 4.32 19.87 -6.95
C CYS A 463 3.07 20.60 -7.37
N GLY A 464 3.18 21.49 -8.37
CA GLY A 464 2.04 22.22 -8.88
C GLY A 464 1.30 21.56 -10.02
N MET A 465 1.66 20.32 -10.38
CA MET A 465 1.03 19.64 -11.51
C MET A 465 0.70 18.19 -11.17
N TRP A 466 0.52 17.88 -9.88
CA TRP A 466 0.21 16.53 -9.36
C TRP A 466 1.31 15.58 -9.81
N ASP A 467 0.99 14.42 -10.38
CA ASP A 467 2.00 13.48 -10.82
C ASP A 467 2.72 13.90 -12.09
N PHE A 468 2.22 14.92 -12.78
CA PHE A 468 2.83 15.39 -14.01
C PHE A 468 3.86 16.48 -13.75
N SER A 469 4.12 16.80 -12.48
CA SER A 469 5.02 17.89 -12.12
C SER A 469 6.45 17.62 -12.57
N GLY A 470 6.91 16.37 -12.42
CA GLY A 470 8.25 16.02 -12.87
C GLY A 470 8.43 16.20 -14.36
N GLN A 471 7.46 15.73 -15.15
CA GLN A 471 7.52 15.89 -16.60
C GLN A 471 7.41 17.36 -16.99
N PHE A 472 6.61 18.14 -16.27
CA PHE A 472 6.47 19.56 -16.57
C PHE A 472 7.75 20.31 -16.29
N ALA A 473 8.43 19.98 -15.18
CA ALA A 473 9.72 20.60 -14.90
C ALA A 473 10.79 20.11 -15.88
N PHE A 474 10.65 18.88 -16.38
CA PHE A 474 11.60 18.36 -17.35
C PHE A 474 11.48 19.06 -18.69
N HIS A 475 10.25 19.27 -19.16
CA HIS A 475 10.03 19.85 -20.49
C HIS A 475 9.88 21.38 -20.42
N VAL A 476 8.88 21.85 -19.68
CA VAL A 476 8.61 23.29 -19.61
C VAL A 476 9.56 23.97 -18.64
N GLY A 477 9.65 23.43 -17.42
CA GLY A 477 10.51 24.02 -16.41
C GLY A 477 10.06 25.38 -15.92
N LEU A 478 8.76 25.58 -15.77
CA LEU A 478 8.21 26.84 -15.28
C LEU A 478 7.21 26.56 -14.16
N PRO A 479 7.11 27.45 -13.18
CA PRO A 479 6.14 27.26 -12.11
C PRO A 479 4.72 27.45 -12.63
N ALA A 480 3.87 26.45 -12.41
CA ALA A 480 2.50 26.50 -12.88
C ALA A 480 1.62 25.66 -11.96
N LYS A 481 0.33 25.99 -11.93
CA LYS A 481 -0.66 25.27 -11.14
C LYS A 481 -1.90 25.04 -12.00
N SER A 482 -2.46 23.84 -11.89
CA SER A 482 -3.64 23.47 -12.66
C SER A 482 -4.77 23.09 -11.72
N GLY A 483 -5.87 22.66 -12.32
CA GLY A 483 -7.04 22.26 -11.55
C GLY A 483 -8.04 21.54 -12.45
N VAL A 484 -9.03 20.92 -11.80
CA VAL A 484 -10.03 20.15 -12.52
C VAL A 484 -11.02 21.03 -13.28
N ALA A 485 -11.03 22.33 -13.02
CA ALA A 485 -11.89 23.22 -13.80
C ALA A 485 -11.41 23.31 -15.24
N GLY A 486 -10.10 23.33 -15.45
CA GLY A 486 -9.55 23.43 -16.79
C GLY A 486 -8.59 24.59 -16.94
N GLY A 487 -8.24 25.22 -15.83
CA GLY A 487 -7.34 26.36 -15.85
C GLY A 487 -5.92 25.97 -15.53
N ILE A 488 -4.97 26.71 -16.10
CA ILE A 488 -3.55 26.53 -15.85
C ILE A 488 -2.97 27.88 -15.45
N LEU A 489 -2.40 27.95 -14.26
CA LEU A 489 -1.85 29.19 -13.72
C LEU A 489 -0.34 29.24 -13.98
N LEU A 490 -0.01 29.39 -15.27
CA LEU A 490 1.39 29.42 -15.68
C LEU A 490 2.05 30.73 -15.26
N VAL A 491 3.20 30.62 -14.59
CA VAL A 491 3.92 31.77 -14.05
C VAL A 491 5.32 31.79 -14.62
N VAL A 492 5.72 32.94 -15.15
CA VAL A 492 7.11 33.21 -15.51
C VAL A 492 7.65 34.21 -14.51
N PRO A 493 8.67 33.88 -13.72
CA PRO A 493 9.10 34.77 -12.63
C PRO A 493 9.78 36.02 -13.17
N ASN A 494 9.36 37.17 -12.64
CA ASN A 494 9.88 38.50 -12.94
C ASN A 494 9.72 38.90 -14.41
N VAL A 495 8.89 38.20 -15.18
CA VAL A 495 8.71 38.53 -16.58
C VAL A 495 7.24 38.81 -16.89
N MET A 496 6.39 37.80 -16.74
CA MET A 496 5.01 37.90 -17.19
C MET A 496 4.19 36.78 -16.58
N GLY A 497 2.86 36.91 -16.69
CA GLY A 497 1.94 35.89 -16.25
C GLY A 497 1.07 35.42 -17.41
N MET A 498 0.37 34.30 -17.19
CA MET A 498 -0.41 33.68 -18.25
C MET A 498 -1.47 32.78 -17.64
N MET A 499 -2.63 32.70 -18.30
CA MET A 499 -3.71 31.82 -17.90
C MET A 499 -4.30 31.15 -19.14
N CYS A 500 -4.43 29.82 -19.08
CA CYS A 500 -5.04 29.05 -20.15
C CYS A 500 -6.29 28.35 -19.61
N TRP A 501 -7.28 28.17 -20.47
CA TRP A 501 -8.59 27.67 -20.05
C TRP A 501 -9.11 26.70 -21.09
N SER A 502 -9.31 25.44 -20.69
CA SER A 502 -9.82 24.41 -21.59
C SER A 502 -10.54 23.33 -20.78
N PRO A 503 -11.84 23.18 -20.97
CA PRO A 503 -12.63 22.21 -20.18
C PRO A 503 -12.21 20.75 -20.35
N PRO A 504 -11.77 20.28 -21.54
CA PRO A 504 -11.25 18.90 -21.59
C PRO A 504 -10.01 18.70 -20.75
N LEU A 505 -9.89 17.50 -20.20
CA LEU A 505 -8.85 17.17 -19.23
C LEU A 505 -8.20 15.84 -19.58
N ASP A 506 -6.96 15.69 -19.15
CA ASP A 506 -6.30 14.39 -19.23
C ASP A 506 -6.81 13.48 -18.12
N LYS A 507 -6.45 12.20 -18.20
CA LYS A 507 -6.83 11.25 -17.17
C LYS A 507 -6.15 11.53 -15.83
N MET A 508 -5.03 12.25 -15.85
CA MET A 508 -4.31 12.56 -14.61
C MET A 508 -4.89 13.78 -13.91
N GLY A 509 -5.55 14.68 -14.63
CA GLY A 509 -6.18 15.83 -14.02
C GLY A 509 -5.66 17.17 -14.52
N ASN A 510 -5.19 17.21 -15.77
CA ASN A 510 -4.71 18.45 -16.38
C ASN A 510 -5.30 18.60 -17.77
N SER A 511 -5.39 19.84 -18.22
CA SER A 511 -5.94 20.12 -19.54
C SER A 511 -4.92 19.77 -20.62
N VAL A 512 -5.36 19.02 -21.63
CA VAL A 512 -4.46 18.59 -22.70
C VAL A 512 -4.06 19.78 -23.56
N LYS A 513 -5.01 20.65 -23.90
CA LYS A 513 -4.72 21.78 -24.76
C LYS A 513 -3.74 22.74 -24.10
N GLY A 514 -3.92 23.00 -22.80
CA GLY A 514 -2.98 23.86 -22.09
C GLY A 514 -1.60 23.28 -22.01
N ILE A 515 -1.50 21.97 -21.80
CA ILE A 515 -0.19 21.30 -21.75
C ILE A 515 0.51 21.39 -23.10
N HIS A 516 -0.23 21.13 -24.19
CA HIS A 516 0.36 21.23 -25.52
C HIS A 516 0.77 22.66 -25.84
N PHE A 517 -0.05 23.63 -25.41
CA PHE A 517 0.29 25.04 -25.61
C PHE A 517 1.56 25.42 -24.85
N CYS A 518 1.70 24.94 -23.61
CA CYS A 518 2.90 25.22 -22.84
C CYS A 518 4.13 24.58 -23.46
N HIS A 519 3.99 23.35 -23.96
CA HIS A 519 5.10 22.69 -24.64
C HIS A 519 5.52 23.45 -25.89
N ASP A 520 4.55 23.90 -26.69
CA ASP A 520 4.88 24.67 -27.89
C ASP A 520 5.52 26.00 -27.53
N LEU A 521 5.03 26.66 -26.47
CA LEU A 521 5.59 27.95 -26.07
C LEU A 521 7.03 27.79 -25.59
N VAL A 522 7.31 26.77 -24.78
CA VAL A 522 8.68 26.58 -24.30
C VAL A 522 9.58 26.05 -25.40
N SER A 523 9.04 25.40 -26.43
CA SER A 523 9.85 24.96 -27.56
C SER A 523 10.14 26.08 -28.55
N LEU A 524 9.26 27.08 -28.67
CA LEU A 524 9.44 28.14 -29.66
C LEU A 524 10.21 29.32 -29.06
N CYS A 525 9.69 29.92 -27.99
CA CYS A 525 10.37 31.03 -27.35
C CYS A 525 11.34 30.55 -26.28
N LEU B 139 49.91 43.53 -26.71
CA LEU B 139 49.07 43.71 -25.54
C LEU B 139 49.65 42.96 -24.34
N GLU B 140 50.53 42.01 -24.62
CA GLU B 140 51.18 41.26 -23.54
C GLU B 140 52.14 42.13 -22.75
N ASP B 141 52.73 43.14 -23.39
CA ASP B 141 53.50 44.13 -22.64
C ASP B 141 52.61 44.93 -21.70
N LEU B 142 51.39 45.27 -22.15
CA LEU B 142 50.43 45.92 -21.27
C LEU B 142 50.00 44.99 -20.14
N LEU B 143 49.91 43.69 -20.43
CA LEU B 143 49.61 42.71 -19.38
C LEU B 143 50.72 42.66 -18.35
N PHE B 144 51.98 42.70 -18.80
CA PHE B 144 53.11 42.74 -17.86
C PHE B 144 53.09 44.01 -17.04
N TYR B 145 52.78 45.15 -17.67
CA TYR B 145 52.69 46.42 -16.95
C TYR B 145 51.54 46.41 -15.94
N THR B 146 50.47 45.70 -16.24
CA THR B 146 49.39 45.54 -15.27
C THR B 146 49.82 44.64 -14.10
N ILE B 147 50.53 43.56 -14.41
CA ILE B 147 51.01 42.66 -13.35
C ILE B 147 52.08 43.35 -12.51
N ALA B 148 53.05 43.98 -13.16
CA ALA B 148 54.10 44.69 -12.46
C ALA B 148 53.60 46.01 -11.89
N GLU B 149 54.40 46.59 -11.01
CA GLU B 149 54.11 47.89 -10.42
C GLU B 149 54.95 49.00 -11.05
N GLY B 150 55.65 48.71 -12.15
CA GLY B 150 56.46 49.71 -12.82
C GLY B 150 57.86 49.23 -13.14
N GLN B 151 58.39 48.34 -12.30
CA GLN B 151 59.74 47.84 -12.48
C GLN B 151 59.81 46.87 -13.66
N GLU B 152 60.91 46.96 -14.42
CA GLU B 152 61.13 46.04 -15.52
C GLU B 152 61.39 44.62 -15.02
N LYS B 153 62.14 44.50 -13.93
CA LYS B 153 62.50 43.20 -13.38
C LYS B 153 61.42 42.74 -12.39
N ILE B 154 60.82 41.58 -12.67
CA ILE B 154 59.80 41.00 -11.81
C ILE B 154 60.28 39.63 -11.36
N PRO B 155 60.37 39.37 -10.06
CA PRO B 155 60.79 38.04 -9.60
C PRO B 155 59.75 36.97 -9.90
N VAL B 156 60.24 35.74 -10.09
CA VAL B 156 59.36 34.60 -10.31
C VAL B 156 58.56 34.30 -9.06
N HIS B 157 59.14 34.58 -7.88
CA HIS B 157 58.40 34.43 -6.63
C HIS B 157 57.21 35.39 -6.57
N LYS B 158 57.30 36.53 -7.24
CA LYS B 158 56.15 37.42 -7.37
C LYS B 158 55.23 36.98 -8.51
N PHE B 159 55.77 36.26 -9.49
CA PHE B 159 54.92 35.76 -10.57
C PHE B 159 53.99 34.66 -10.08
N ILE B 160 54.51 33.73 -9.28
CA ILE B 160 53.65 32.73 -8.65
C ILE B 160 52.76 33.35 -7.59
N THR B 161 53.19 34.46 -7.00
CA THR B 161 52.33 35.23 -6.12
C THR B 161 51.20 35.87 -6.94
N ALA B 162 50.02 35.93 -6.34
CA ALA B 162 48.75 36.45 -6.88
C ALA B 162 48.19 35.59 -8.01
N LEU B 163 48.90 34.54 -8.44
CA LEU B 163 48.28 33.54 -9.32
C LEU B 163 47.27 32.70 -8.53
N LYS B 164 47.60 32.40 -7.26
CA LYS B 164 46.64 31.73 -6.38
C LYS B 164 45.55 32.68 -5.93
N SER B 165 45.78 33.99 -5.97
CA SER B 165 44.73 34.96 -5.66
C SER B 165 43.63 34.92 -6.71
N THR B 166 43.98 34.57 -7.95
CA THR B 166 42.98 34.32 -8.99
C THR B 166 42.39 32.92 -8.90
N GLY B 167 42.87 32.09 -7.97
CA GLY B 167 42.34 30.76 -7.78
C GLY B 167 42.81 29.73 -8.77
N LEU B 168 43.69 30.10 -9.70
CA LEU B 168 44.11 29.23 -10.78
C LEU B 168 45.35 28.45 -10.35
N ARG B 169 45.22 27.14 -10.22
CA ARG B 169 46.30 26.31 -9.71
C ARG B 169 47.37 26.12 -10.77
N THR B 170 48.59 25.81 -10.30
CA THR B 170 49.74 25.66 -11.17
C THR B 170 49.76 24.35 -11.94
N SER B 171 48.89 23.40 -11.59
CA SER B 171 48.85 22.09 -12.23
C SER B 171 47.69 21.98 -13.21
N ASP B 172 47.39 23.06 -13.93
CA ASP B 172 46.24 23.08 -14.83
C ASP B 172 46.69 22.68 -16.24
N PRO B 173 46.14 21.61 -16.83
CA PRO B 173 46.55 21.21 -18.17
C PRO B 173 46.21 22.21 -19.28
N ARG B 174 45.30 23.16 -19.03
CA ARG B 174 45.07 24.20 -20.04
C ARG B 174 46.28 25.11 -20.19
N LEU B 175 47.02 25.33 -19.10
CA LEU B 175 48.26 26.09 -19.11
C LEU B 175 49.49 25.19 -19.02
N LYS B 176 49.34 23.93 -19.47
CA LYS B 176 50.44 22.98 -19.42
C LYS B 176 51.62 23.43 -20.26
N GLU B 177 51.35 24.07 -21.40
CA GLU B 177 52.44 24.64 -22.20
C GLU B 177 53.18 25.74 -21.44
N CYS B 178 52.42 26.68 -20.85
CA CYS B 178 53.05 27.78 -20.11
C CYS B 178 53.75 27.28 -18.85
N MET B 179 53.14 26.33 -18.15
CA MET B 179 53.76 25.79 -16.94
C MET B 179 55.04 25.02 -17.27
N ASP B 180 55.00 24.22 -18.34
CA ASP B 180 56.19 23.49 -18.76
C ASP B 180 57.29 24.46 -19.22
N MET B 181 56.90 25.54 -19.89
CA MET B 181 57.85 26.59 -20.24
C MET B 181 58.48 27.19 -19.00
N LEU B 182 57.68 27.46 -17.97
CA LEU B 182 58.20 28.03 -16.73
C LEU B 182 59.17 27.06 -16.06
N ARG B 183 58.84 25.76 -16.04
CA ARG B 183 59.73 24.77 -15.45
C ARG B 183 61.04 24.67 -16.22
N LEU B 184 60.99 24.70 -17.56
CA LEU B 184 62.23 24.54 -18.32
C LEU B 184 63.06 25.82 -18.33
N THR B 185 62.43 26.98 -18.14
CA THR B 185 63.17 28.24 -18.09
C THR B 185 63.61 28.63 -16.68
N LEU B 186 63.07 27.98 -15.65
CA LEU B 186 63.59 28.21 -14.31
C LEU B 186 64.99 27.61 -14.15
N GLN B 187 65.26 26.51 -14.85
CA GLN B 187 66.60 25.94 -14.84
C GLN B 187 67.58 26.76 -15.68
N THR B 188 67.09 27.39 -16.74
CA THR B 188 67.92 28.17 -17.67
C THR B 188 67.30 29.55 -17.83
N THR B 189 67.72 30.49 -16.98
CA THR B 189 67.27 31.88 -17.07
C THR B 189 68.40 32.89 -17.13
N SER B 190 69.62 32.52 -16.73
CA SER B 190 70.85 33.33 -16.86
C SER B 190 70.81 34.64 -16.07
N ASP B 191 69.77 34.86 -15.28
CA ASP B 191 69.67 36.05 -14.44
C ASP B 191 69.36 35.72 -12.99
N GLY B 192 68.55 34.70 -12.74
CA GLY B 192 68.17 34.35 -11.38
C GLY B 192 66.92 35.09 -10.94
N VAL B 193 65.87 34.32 -10.60
CA VAL B 193 64.52 34.76 -10.23
C VAL B 193 64.08 35.97 -11.07
N MET B 194 63.96 35.73 -12.38
CA MET B 194 63.71 36.79 -13.35
C MET B 194 62.59 36.38 -14.30
N LEU B 195 61.75 37.34 -14.67
CA LEU B 195 60.63 37.09 -15.58
C LEU B 195 60.76 37.83 -16.90
N ASP B 196 61.00 39.16 -16.84
CA ASP B 196 61.31 40.04 -17.97
C ASP B 196 60.13 40.27 -18.91
N LYS B 197 60.05 41.47 -19.50
CA LYS B 197 59.00 41.77 -20.46
C LYS B 197 59.17 40.96 -21.74
N ASP B 198 60.38 40.93 -22.29
CA ASP B 198 60.62 40.29 -23.59
C ASP B 198 60.41 38.78 -23.51
N LEU B 199 60.84 38.15 -22.41
CA LEU B 199 60.60 36.73 -22.22
C LEU B 199 59.10 36.44 -22.09
N PHE B 200 58.36 37.33 -21.44
CA PHE B 200 56.91 37.18 -21.33
C PHE B 200 56.24 37.31 -22.70
N LYS B 201 56.72 38.23 -23.53
CA LYS B 201 56.20 38.35 -24.90
C LYS B 201 56.51 37.10 -25.72
N LYS B 202 57.72 36.56 -25.56
CA LYS B 202 58.14 35.42 -26.37
C LYS B 202 57.42 34.14 -25.97
N CYS B 203 57.25 33.92 -24.66
CA CYS B 203 56.80 32.62 -24.19
C CYS B 203 55.32 32.37 -24.49
N VAL B 204 54.47 33.36 -24.26
CA VAL B 204 53.03 33.19 -24.48
C VAL B 204 52.77 33.24 -25.98
N GLN B 205 52.40 32.10 -26.55
CA GLN B 205 52.14 31.99 -27.99
C GLN B 205 50.72 31.56 -28.32
N SER B 206 50.06 30.78 -27.46
CA SER B 206 48.70 30.35 -27.71
C SER B 206 47.77 30.56 -26.53
N ASN B 207 48.28 30.96 -25.37
CA ASN B 207 47.49 31.18 -24.17
C ASN B 207 47.37 32.66 -23.82
N ILE B 208 47.28 33.52 -24.84
CA ILE B 208 47.12 34.96 -24.59
C ILE B 208 45.77 35.24 -23.97
N VAL B 209 44.70 34.68 -24.53
CA VAL B 209 43.35 35.03 -24.12
C VAL B 209 43.07 34.56 -22.70
N LEU B 210 43.53 33.36 -22.33
CA LEU B 210 43.27 32.82 -21.00
C LEU B 210 43.98 33.62 -19.93
N LEU B 211 45.26 33.94 -20.15
CA LEU B 211 46.03 34.70 -19.17
C LEU B 211 45.49 36.14 -19.05
N THR B 212 45.13 36.76 -20.18
CA THR B 212 44.57 38.10 -20.13
C THR B 212 43.24 38.13 -19.40
N GLN B 213 42.38 37.13 -19.65
CA GLN B 213 41.11 37.06 -18.93
C GLN B 213 41.32 36.76 -17.45
N ALA B 214 42.39 36.04 -17.11
CA ALA B 214 42.66 35.73 -15.71
C ALA B 214 43.15 36.96 -14.94
N PHE B 215 44.07 37.72 -15.53
CA PHE B 215 44.71 38.80 -14.77
C PHE B 215 44.00 40.14 -14.83
N ARG B 216 42.89 40.27 -15.56
CA ARG B 216 42.09 41.48 -15.48
C ARG B 216 40.80 41.27 -14.70
N ARG B 217 40.71 40.17 -13.95
CA ARG B 217 39.52 39.83 -13.15
C ARG B 217 38.26 39.77 -14.00
N LYS B 218 38.38 39.14 -15.18
CA LYS B 218 37.23 38.93 -16.05
C LYS B 218 36.51 37.62 -15.76
N PHE B 219 36.92 36.91 -14.70
CA PHE B 219 36.29 35.66 -14.34
C PHE B 219 34.90 35.91 -13.75
N VAL B 220 34.12 34.83 -13.64
CA VAL B 220 32.75 34.95 -13.14
C VAL B 220 32.73 35.31 -11.66
N ILE B 221 33.76 34.92 -10.91
CA ILE B 221 33.81 35.21 -9.48
C ILE B 221 35.02 36.11 -9.19
N PRO B 222 34.81 37.39 -8.89
CA PRO B 222 35.91 38.23 -8.42
C PRO B 222 36.25 37.96 -6.96
N ASP B 223 37.16 38.76 -6.40
CA ASP B 223 37.59 38.82 -4.99
C ASP B 223 37.60 37.45 -4.31
N PHE B 224 38.40 36.56 -4.89
CA PHE B 224 38.41 35.15 -4.50
C PHE B 224 38.84 34.94 -3.06
N MET B 225 39.63 35.86 -2.51
CA MET B 225 40.02 35.74 -1.10
C MET B 225 38.83 35.88 -0.17
N SER B 226 37.92 36.82 -0.48
CA SER B 226 36.71 36.95 0.32
C SER B 226 35.82 35.71 0.18
N PHE B 227 35.78 35.12 -1.01
CA PHE B 227 35.01 33.88 -1.20
C PHE B 227 35.60 32.73 -0.39
N THR B 228 36.92 32.62 -0.35
CA THR B 228 37.56 31.58 0.46
C THR B 228 37.33 31.83 1.95
N SER B 229 37.33 33.10 2.36
CA SER B 229 37.03 33.43 3.76
C SER B 229 35.60 33.04 4.10
N HIS B 230 34.64 33.31 3.19
CA HIS B 230 33.26 32.91 3.40
C HIS B 230 33.13 31.39 3.50
N ILE B 231 33.83 30.67 2.62
CA ILE B 231 33.76 29.21 2.64
C ILE B 231 34.36 28.66 3.94
N ASP B 232 35.46 29.25 4.40
CA ASP B 232 36.08 28.82 5.65
C ASP B 232 35.18 29.11 6.85
N GLU B 233 34.51 30.26 6.84
CA GLU B 233 33.56 30.58 7.92
C GLU B 233 32.40 29.60 7.94
N LEU B 234 31.88 29.25 6.75
CA LEU B 234 30.82 28.25 6.68
C LEU B 234 31.30 26.88 7.13
N TYR B 235 32.56 26.54 6.82
CA TYR B 235 33.15 25.29 7.28
C TYR B 235 33.22 25.25 8.80
N GLU B 236 33.67 26.35 9.42
CA GLU B 236 33.76 26.42 10.87
C GLU B 236 32.38 26.36 11.51
N SER B 237 31.39 27.00 10.89
CA SER B 237 30.02 26.95 11.41
C SER B 237 29.44 25.54 11.31
N ALA B 238 29.68 24.86 10.19
CA ALA B 238 29.12 23.52 10.00
C ALA B 238 29.87 22.46 10.80
N LYS B 239 31.09 22.74 11.24
CA LYS B 239 31.81 21.77 12.06
C LYS B 239 31.20 21.57 13.45
N LYS B 240 30.27 22.43 13.87
CA LYS B 240 29.70 22.34 15.21
C LYS B 240 28.70 21.20 15.34
N GLN B 241 28.04 20.82 14.24
CA GLN B 241 27.02 19.78 14.30
C GLN B 241 27.64 18.40 14.51
N SER B 242 26.82 17.47 14.99
CA SER B 242 27.25 16.12 15.29
C SER B 242 26.62 15.09 14.37
N GLY B 243 25.29 15.05 14.29
CA GLY B 243 24.64 14.07 13.44
C GLY B 243 24.68 12.69 14.06
N GLY B 244 25.19 11.72 13.30
CA GLY B 244 25.29 10.35 13.73
C GLY B 244 24.79 9.42 12.64
N LYS B 245 24.75 8.12 12.96
CA LYS B 245 24.21 7.09 12.09
C LYS B 245 24.92 7.06 10.73
N VAL B 246 26.19 6.66 10.79
CA VAL B 246 27.05 6.71 9.60
C VAL B 246 26.57 5.73 8.55
N ALA B 247 26.61 4.44 8.85
CA ALA B 247 26.23 3.42 7.88
C ALA B 247 25.95 2.12 8.61
N ASP B 248 24.77 1.55 8.39
CA ASP B 248 24.43 0.26 8.99
C ASP B 248 24.81 -0.88 8.06
N TYR B 249 24.24 -0.91 6.87
CA TYR B 249 24.60 -1.89 5.87
C TYR B 249 25.89 -1.46 5.17
N ILE B 250 26.40 -2.32 4.28
CA ILE B 250 27.72 -2.20 3.66
C ILE B 250 28.76 -2.02 4.74
N PRO B 251 29.13 -3.09 5.46
CA PRO B 251 30.01 -2.93 6.64
C PRO B 251 31.39 -2.38 6.32
N GLN B 252 31.83 -2.44 5.07
CA GLN B 252 33.07 -1.75 4.68
C GLN B 252 32.91 -0.23 4.79
N LEU B 253 31.70 0.28 4.50
CA LEU B 253 31.47 1.72 4.60
C LEU B 253 31.40 2.21 6.04
N ALA B 254 31.23 1.30 7.01
CA ALA B 254 31.09 1.70 8.40
C ALA B 254 32.42 1.98 9.07
N LYS B 255 33.55 1.73 8.40
CA LYS B 255 34.86 1.94 8.99
C LYS B 255 35.33 3.39 8.95
N PHE B 256 34.58 4.26 8.28
CA PHE B 256 34.98 5.67 8.21
C PHE B 256 34.73 6.38 9.53
N SER B 257 35.60 7.35 9.83
CA SER B 257 35.48 8.08 11.08
C SER B 257 34.29 9.04 11.02
N PRO B 258 33.52 9.17 12.10
CA PRO B 258 32.35 10.06 12.07
C PRO B 258 32.67 11.54 12.01
N ASP B 259 33.89 11.95 12.39
CA ASP B 259 34.27 13.36 12.36
C ASP B 259 34.96 13.76 11.06
N LEU B 260 34.99 12.86 10.08
CA LEU B 260 35.61 13.15 8.79
C LEU B 260 34.73 14.14 8.03
N TRP B 261 35.32 15.23 7.56
CA TRP B 261 34.53 16.33 7.00
C TRP B 261 35.40 17.23 6.14
N GLY B 262 35.02 17.40 4.88
CA GLY B 262 35.77 18.27 3.97
C GLY B 262 34.91 18.72 2.81
N VAL B 263 35.28 19.85 2.23
CA VAL B 263 34.52 20.50 1.15
C VAL B 263 35.47 21.01 0.09
N SER B 264 35.17 20.74 -1.18
CA SER B 264 35.93 21.23 -2.31
C SER B 264 35.04 22.05 -3.24
N VAL B 265 35.61 23.08 -3.86
CA VAL B 265 34.87 24.00 -4.71
C VAL B 265 35.66 24.20 -6.00
N CYS B 266 34.99 24.06 -7.15
CA CYS B 266 35.56 24.37 -8.44
C CYS B 266 34.54 25.11 -9.29
N THR B 267 35.01 26.10 -10.05
CA THR B 267 34.14 26.97 -10.82
C THR B 267 34.18 26.60 -12.29
N VAL B 268 33.35 27.29 -13.08
CA VAL B 268 33.27 27.05 -14.52
C VAL B 268 34.52 27.55 -15.22
N ASP B 269 35.03 28.72 -14.81
CA ASP B 269 36.17 29.32 -15.49
C ASP B 269 37.45 28.52 -15.27
N GLY B 270 37.61 27.92 -14.09
CA GLY B 270 38.78 27.10 -13.84
C GLY B 270 39.37 27.26 -12.46
N GLN B 271 39.10 28.37 -11.79
CA GLN B 271 39.61 28.59 -10.44
C GLN B 271 38.95 27.62 -9.48
N ARG B 272 39.72 27.18 -8.47
CA ARG B 272 39.23 26.17 -7.54
C ARG B 272 39.86 26.39 -6.18
N HIS B 273 39.19 25.86 -5.16
CA HIS B 273 39.64 26.02 -3.78
C HIS B 273 39.01 24.92 -2.94
N SER B 274 39.79 24.40 -1.99
CA SER B 274 39.30 23.34 -1.12
C SER B 274 39.90 23.53 0.27
N THR B 275 39.20 22.99 1.27
CA THR B 275 39.62 23.07 2.66
C THR B 275 39.55 21.70 3.31
N GLY B 276 40.29 21.55 4.40
CA GLY B 276 40.17 20.34 5.21
C GLY B 276 40.92 19.16 4.60
N ASP B 277 40.25 18.02 4.63
CA ASP B 277 40.83 16.71 4.28
C ASP B 277 40.38 16.23 2.90
N THR B 278 40.35 17.16 1.94
CA THR B 278 39.83 16.89 0.60
C THR B 278 40.58 15.80 -0.15
N LYS B 279 41.82 15.49 0.26
CA LYS B 279 42.62 14.49 -0.46
C LYS B 279 42.20 13.06 -0.17
N VAL B 280 41.33 12.83 0.81
CA VAL B 280 40.94 11.47 1.20
C VAL B 280 39.96 10.91 0.18
N PRO B 281 40.25 9.76 -0.43
CA PRO B 281 39.29 9.16 -1.37
C PRO B 281 38.07 8.62 -0.65
N PHE B 282 36.95 8.61 -1.38
CA PHE B 282 35.69 8.07 -0.86
C PHE B 282 34.86 7.58 -2.03
N CYS B 283 33.94 6.67 -1.74
CA CYS B 283 33.13 6.06 -2.78
C CYS B 283 32.06 7.01 -3.28
N LEU B 284 31.66 6.82 -4.53
CA LEU B 284 30.65 7.63 -5.20
C LEU B 284 29.31 6.92 -5.27
N GLN B 285 28.95 6.21 -4.20
CA GLN B 285 27.66 5.51 -4.15
C GLN B 285 26.51 6.51 -4.26
N SER B 286 25.58 6.21 -5.16
CA SER B 286 24.35 6.96 -5.44
C SER B 286 24.60 8.34 -6.01
N CYS B 287 25.85 8.76 -6.19
CA CYS B 287 26.17 10.04 -6.80
C CYS B 287 26.54 9.92 -8.27
N VAL B 288 26.89 8.72 -8.73
CA VAL B 288 27.24 8.51 -10.13
C VAL B 288 26.02 8.39 -11.02
N LYS B 289 24.83 8.25 -10.43
CA LYS B 289 23.61 8.09 -11.21
C LYS B 289 23.29 9.25 -12.14
N PRO B 290 23.40 10.54 -11.75
CA PRO B 290 23.28 11.59 -12.77
C PRO B 290 24.33 11.51 -13.87
N LEU B 291 25.55 11.10 -13.53
CA LEU B 291 26.61 10.99 -14.54
C LEU B 291 26.31 9.88 -15.53
N LYS B 292 25.90 8.71 -15.03
CA LYS B 292 25.57 7.61 -15.94
C LYS B 292 24.31 7.92 -16.74
N TYR B 293 23.36 8.67 -16.16
CA TYR B 293 22.20 9.11 -16.91
C TYR B 293 22.60 10.04 -18.04
N ALA B 294 23.53 10.97 -17.77
CA ALA B 294 24.01 11.87 -18.80
C ALA B 294 24.73 11.10 -19.91
N ILE B 295 25.53 10.09 -19.54
CA ILE B 295 26.22 9.28 -20.53
C ILE B 295 25.22 8.54 -21.41
N ALA B 296 24.21 7.92 -20.78
CA ALA B 296 23.21 7.16 -21.52
C ALA B 296 22.40 8.05 -22.45
N VAL B 297 22.02 9.24 -21.99
CA VAL B 297 21.26 10.16 -22.83
C VAL B 297 22.12 10.64 -24.00
N ASN B 298 23.36 11.05 -23.71
CA ASN B 298 24.25 11.54 -24.76
C ASN B 298 24.57 10.47 -25.80
N ASP B 299 24.53 9.19 -25.40
CA ASP B 299 24.82 8.13 -26.36
C ASP B 299 23.59 7.57 -27.05
N LEU B 300 22.38 7.75 -26.50
CA LEU B 300 21.22 7.06 -27.04
C LEU B 300 20.02 7.93 -27.38
N GLY B 301 20.04 9.23 -27.10
CA GLY B 301 18.86 10.04 -27.35
C GLY B 301 17.87 9.96 -26.20
N THR B 302 17.28 11.11 -25.85
CA THR B 302 16.43 11.16 -24.66
C THR B 302 15.12 10.39 -24.85
N GLU B 303 14.60 10.32 -26.08
CA GLU B 303 13.39 9.54 -26.32
C GLU B 303 13.63 8.05 -26.11
N TYR B 304 14.74 7.53 -26.64
CA TYR B 304 15.07 6.14 -26.43
C TYR B 304 15.43 5.85 -24.98
N VAL B 305 16.03 6.82 -24.29
CA VAL B 305 16.36 6.63 -22.88
C VAL B 305 15.09 6.55 -22.04
N HIS B 306 14.15 7.46 -22.27
CA HIS B 306 12.92 7.53 -21.49
C HIS B 306 11.82 6.63 -22.04
N ARG B 307 12.11 5.84 -23.07
CA ARG B 307 11.19 4.79 -23.48
C ARG B 307 10.99 3.76 -22.37
N TYR B 308 11.99 3.56 -21.53
CA TYR B 308 11.93 2.57 -20.45
C TYR B 308 11.82 3.18 -19.07
N VAL B 309 12.23 4.43 -18.87
CA VAL B 309 12.28 5.06 -17.56
C VAL B 309 11.41 6.30 -17.59
N GLY B 310 10.60 6.48 -16.54
CA GLY B 310 9.82 7.69 -16.38
C GLY B 310 10.66 8.83 -15.88
N LYS B 311 10.01 9.97 -15.69
CA LYS B 311 10.68 11.21 -15.25
C LYS B 311 9.87 11.89 -14.15
N GLU B 312 9.46 11.12 -13.15
CA GLU B 312 8.65 11.63 -12.06
C GLU B 312 9.27 11.25 -10.73
N PRO B 313 9.11 12.08 -9.71
CA PRO B 313 9.57 11.70 -8.37
C PRO B 313 8.73 10.57 -7.79
N SER B 314 9.35 9.77 -6.93
CA SER B 314 8.68 8.62 -6.34
C SER B 314 7.95 8.97 -5.05
N GLY B 315 8.52 9.84 -4.23
CA GLY B 315 7.93 10.18 -2.95
C GLY B 315 8.22 9.21 -1.83
N LEU B 316 9.06 8.20 -2.07
CA LEU B 316 9.43 7.22 -1.07
C LEU B 316 10.94 7.02 -1.12
N ARG B 317 11.44 6.15 -0.24
CA ARG B 317 12.86 5.89 -0.16
C ARG B 317 13.37 5.21 -1.42
N PHE B 318 14.67 5.36 -1.67
CA PHE B 318 15.28 4.74 -2.84
C PHE B 318 15.35 3.22 -2.73
N ASN B 319 15.25 2.67 -1.52
CA ASN B 319 15.23 1.23 -1.33
C ASN B 319 13.84 0.64 -1.48
N LYS B 320 12.80 1.47 -1.64
CA LYS B 320 11.44 0.96 -1.74
C LYS B 320 11.24 0.26 -3.08
N LEU B 321 10.46 -0.82 -3.04
CA LEU B 321 10.28 -1.70 -4.19
C LEU B 321 8.87 -1.52 -4.74
N PHE B 322 8.73 -0.55 -5.64
CA PHE B 322 7.46 -0.29 -6.30
C PHE B 322 7.72 0.48 -7.59
N LEU B 323 6.75 0.41 -8.49
CA LEU B 323 6.81 1.07 -9.80
C LEU B 323 5.63 2.01 -9.95
N ASN B 324 5.54 2.64 -11.11
CA ASN B 324 4.46 3.56 -11.43
C ASN B 324 3.26 2.79 -11.96
N GLU B 325 2.29 3.51 -12.54
CA GLU B 325 1.13 2.87 -13.13
C GLU B 325 1.51 2.05 -14.37
N ASP B 326 2.56 2.48 -15.09
CA ASP B 326 2.97 1.84 -16.32
C ASP B 326 4.04 0.76 -16.11
N ASP B 327 4.21 0.30 -14.87
CA ASP B 327 5.18 -0.74 -14.50
C ASP B 327 6.60 -0.36 -14.93
N LYS B 328 6.97 0.88 -14.63
CA LYS B 328 8.29 1.40 -14.93
C LYS B 328 8.86 2.08 -13.70
N PRO B 329 10.19 2.17 -13.60
CA PRO B 329 10.79 2.98 -12.53
C PRO B 329 10.41 4.45 -12.68
N HIS B 330 10.27 5.13 -11.54
CA HIS B 330 9.75 6.49 -11.55
C HIS B 330 10.76 7.48 -12.13
N ASN B 331 12.04 7.30 -11.83
CA ASN B 331 13.07 8.23 -12.27
C ASN B 331 14.41 7.50 -12.23
N PRO B 332 15.40 7.95 -13.00
CA PRO B 332 16.72 7.31 -12.96
C PRO B 332 17.46 7.49 -11.64
N MET B 333 17.03 8.40 -10.77
CA MET B 333 17.76 8.64 -9.52
C MET B 333 17.59 7.50 -8.53
N VAL B 334 16.43 6.86 -8.50
CA VAL B 334 16.21 5.73 -7.59
C VAL B 334 16.89 4.50 -8.15
N ASN B 335 16.95 3.44 -7.34
CA ASN B 335 17.75 2.27 -7.67
C ASN B 335 17.24 1.55 -8.92
N ALA B 336 15.91 1.44 -9.07
CA ALA B 336 15.36 0.76 -10.23
C ALA B 336 15.68 1.50 -11.52
N GLY B 337 15.54 2.83 -11.50
CA GLY B 337 15.91 3.62 -12.67
C GLY B 337 17.38 3.52 -12.99
N ALA B 338 18.23 3.49 -11.96
CA ALA B 338 19.67 3.33 -12.17
C ALA B 338 19.98 1.99 -12.81
N ILE B 339 19.29 0.93 -12.37
CA ILE B 339 19.51 -0.40 -12.96
C ILE B 339 19.08 -0.40 -14.43
N VAL B 340 17.93 0.19 -14.73
CA VAL B 340 17.44 0.18 -16.11
C VAL B 340 18.35 1.01 -17.02
N VAL B 341 18.85 2.16 -16.53
CA VAL B 341 19.73 2.96 -17.37
C VAL B 341 21.13 2.35 -17.48
N THR B 342 21.56 1.54 -16.51
CA THR B 342 22.79 0.78 -16.72
C THR B 342 22.57 -0.34 -17.73
N SER B 343 21.34 -0.84 -17.84
CA SER B 343 21.04 -1.85 -18.83
C SER B 343 21.11 -1.33 -20.26
N LEU B 344 21.10 -0.02 -20.46
CA LEU B 344 21.05 0.56 -21.79
C LEU B 344 22.43 0.95 -22.33
N ILE B 345 23.42 1.12 -21.47
CA ILE B 345 24.73 1.64 -21.91
C ILE B 345 25.50 0.51 -22.57
N LYS B 346 25.61 0.56 -23.90
CA LYS B 346 26.38 -0.39 -24.71
C LYS B 346 25.92 -1.83 -24.46
N GLN B 347 24.66 -2.08 -24.81
CA GLN B 347 24.01 -3.34 -24.45
C GLN B 347 24.56 -4.54 -25.22
N GLY B 348 25.21 -4.31 -26.36
CA GLY B 348 25.73 -5.41 -27.15
C GLY B 348 27.12 -5.87 -26.83
N VAL B 349 27.78 -5.25 -25.85
CA VAL B 349 29.18 -5.52 -25.53
C VAL B 349 29.25 -5.89 -24.05
N ASN B 350 30.17 -6.79 -23.73
CA ASN B 350 30.31 -7.30 -22.36
C ASN B 350 30.84 -6.23 -21.40
N ASN B 351 30.98 -6.62 -20.13
CA ASN B 351 31.29 -5.68 -19.07
C ASN B 351 32.70 -5.11 -19.18
N ALA B 352 33.64 -5.87 -19.75
CA ALA B 352 35.05 -5.45 -19.76
C ALA B 352 35.25 -4.17 -20.56
N GLU B 353 34.59 -4.06 -21.71
CA GLU B 353 34.67 -2.83 -22.49
C GLU B 353 33.70 -1.77 -22.01
N LYS B 354 32.58 -2.16 -21.40
CA LYS B 354 31.63 -1.19 -20.88
C LYS B 354 32.25 -0.37 -19.74
N PHE B 355 32.96 -1.05 -18.83
CA PHE B 355 33.60 -0.33 -17.74
C PHE B 355 34.71 0.57 -18.25
N ASP B 356 35.47 0.11 -19.25
CA ASP B 356 36.51 0.95 -19.84
C ASP B 356 35.91 2.17 -20.53
N TYR B 357 34.77 1.99 -21.19
CA TYR B 357 34.08 3.09 -21.86
C TYR B 357 33.60 4.15 -20.88
N VAL B 358 32.91 3.71 -19.83
CA VAL B 358 32.41 4.66 -18.84
C VAL B 358 33.56 5.29 -18.06
N MET B 359 34.66 4.55 -17.85
CA MET B 359 35.81 5.13 -17.18
C MET B 359 36.52 6.15 -18.07
N GLN B 360 36.54 5.91 -19.38
CA GLN B 360 37.09 6.90 -20.31
C GLN B 360 36.29 8.18 -20.29
N PHE B 361 34.95 8.07 -20.29
CA PHE B 361 34.13 9.28 -20.19
C PHE B 361 34.30 9.96 -18.84
N LEU B 362 34.42 9.19 -17.75
CA LEU B 362 34.61 9.81 -16.44
C LEU B 362 35.97 10.50 -16.34
N ASN B 363 37.01 9.93 -16.95
CA ASN B 363 38.32 10.55 -16.94
C ASN B 363 38.34 11.81 -17.80
N LYS B 364 37.63 11.78 -18.94
CA LYS B 364 37.53 12.98 -19.76
C LYS B 364 36.75 14.08 -19.05
N MET B 365 35.72 13.71 -18.29
CA MET B 365 34.98 14.69 -17.51
C MET B 365 35.81 15.24 -16.36
N ALA B 366 36.63 14.39 -15.75
CA ALA B 366 37.42 14.78 -14.58
C ALA B 366 38.72 15.48 -14.95
N GLY B 367 39.05 15.57 -16.23
CA GLY B 367 40.31 16.18 -16.64
C GLY B 367 41.53 15.39 -16.20
N ASN B 368 41.47 14.06 -16.32
CA ASN B 368 42.55 13.15 -15.95
C ASN B 368 42.96 13.31 -14.49
N GLU B 369 41.97 13.52 -13.62
CA GLU B 369 42.20 13.57 -12.19
C GLU B 369 42.15 12.17 -11.60
N TYR B 370 42.11 12.06 -10.28
CA TYR B 370 42.12 10.76 -9.62
C TYR B 370 40.71 10.17 -9.63
N VAL B 371 40.51 9.13 -10.44
CA VAL B 371 39.26 8.37 -10.47
C VAL B 371 39.65 6.93 -10.20
N GLY B 372 39.61 6.53 -8.93
CA GLY B 372 40.02 5.20 -8.52
C GLY B 372 38.90 4.20 -8.51
N PHE B 373 39.12 3.11 -7.79
CA PHE B 373 38.13 2.04 -7.67
C PHE B 373 38.36 1.33 -6.34
N SER B 374 37.45 1.53 -5.39
CA SER B 374 37.56 0.90 -4.07
C SER B 374 36.99 -0.50 -4.17
N ASN B 375 37.88 -1.48 -4.35
CA ASN B 375 37.44 -2.86 -4.48
C ASN B 375 36.92 -3.42 -3.15
N ALA B 376 37.36 -2.84 -2.03
CA ALA B 376 36.88 -3.28 -0.73
C ALA B 376 35.39 -3.03 -0.57
N THR B 377 34.91 -1.89 -1.05
CA THR B 377 33.49 -1.59 -1.01
C THR B 377 32.72 -2.20 -2.17
N PHE B 378 33.40 -2.84 -3.12
CA PHE B 378 32.73 -3.60 -4.15
C PHE B 378 32.55 -5.06 -3.76
N GLN B 379 33.52 -5.63 -3.03
CA GLN B 379 33.33 -6.97 -2.50
C GLN B 379 32.24 -6.98 -1.44
N SER B 380 32.24 -5.99 -0.55
CA SER B 380 31.06 -5.73 0.25
C SER B 380 29.99 -5.09 -0.64
N GLU B 381 28.74 -5.12 -0.16
CA GLU B 381 27.52 -4.64 -0.82
C GLU B 381 27.12 -5.55 -1.98
N ARG B 382 27.98 -6.49 -2.39
CA ARG B 382 27.61 -7.57 -3.29
C ARG B 382 27.30 -8.86 -2.55
N GLU B 383 28.01 -9.15 -1.47
CA GLU B 383 27.68 -10.26 -0.59
C GLU B 383 26.67 -9.88 0.48
N SER B 384 26.35 -8.59 0.63
CA SER B 384 25.44 -8.13 1.66
C SER B 384 24.31 -7.27 1.14
N GLY B 385 24.39 -6.75 -0.08
CA GLY B 385 23.30 -5.95 -0.62
C GLY B 385 22.20 -6.83 -1.19
N ASP B 386 21.09 -6.94 -0.46
CA ASP B 386 20.00 -7.82 -0.84
C ASP B 386 18.80 -7.10 -1.43
N ARG B 387 18.59 -5.84 -1.07
CA ARG B 387 17.45 -5.10 -1.62
C ARG B 387 17.62 -4.84 -3.12
N ASN B 388 18.86 -4.61 -3.54
CA ASN B 388 19.12 -4.38 -4.97
C ASN B 388 18.84 -5.63 -5.79
N PHE B 389 19.18 -6.80 -5.25
CA PHE B 389 18.89 -8.05 -5.96
C PHE B 389 17.38 -8.27 -6.09
N ALA B 390 16.63 -7.98 -5.03
CA ALA B 390 15.18 -8.11 -5.09
C ALA B 390 14.57 -7.13 -6.08
N ILE B 391 15.10 -5.90 -6.10
CA ILE B 391 14.61 -4.89 -7.04
C ILE B 391 14.89 -5.32 -8.48
N GLY B 392 16.09 -5.83 -8.73
CA GLY B 392 16.43 -6.29 -10.07
C GLY B 392 15.59 -7.48 -10.53
N TYR B 393 15.35 -8.43 -9.62
CA TYR B 393 14.50 -9.56 -9.98
C TYR B 393 13.05 -9.14 -10.19
N TYR B 394 12.57 -8.16 -9.43
CA TYR B 394 11.23 -7.62 -9.67
C TYR B 394 11.14 -6.94 -11.03
N LEU B 395 12.19 -6.19 -11.40
CA LEU B 395 12.21 -5.55 -12.71
C LEU B 395 12.26 -6.57 -13.83
N LYS B 396 13.01 -7.67 -13.64
CA LYS B 396 13.02 -8.74 -14.62
C LYS B 396 11.66 -9.42 -14.73
N GLU B 397 10.97 -9.58 -13.59
CA GLU B 397 9.65 -10.19 -13.59
C GLU B 397 8.63 -9.30 -14.30
N LYS B 398 8.77 -7.98 -14.15
CA LYS B 398 7.87 -7.05 -14.82
C LYS B 398 8.20 -6.84 -16.30
N LYS B 399 9.30 -7.44 -16.78
CA LYS B 399 9.72 -7.38 -18.18
C LYS B 399 9.92 -5.96 -18.67
N CYS B 400 10.49 -5.11 -17.82
CA CYS B 400 10.81 -3.74 -18.19
C CYS B 400 12.23 -3.62 -18.75
N PHE B 401 13.00 -4.69 -18.76
CA PHE B 401 14.35 -4.68 -19.28
C PHE B 401 14.34 -4.70 -20.81
N PRO B 402 15.40 -4.20 -21.45
CA PRO B 402 15.52 -4.37 -22.89
C PRO B 402 15.72 -5.82 -23.29
N GLU B 403 15.44 -6.10 -24.55
CA GLU B 403 15.52 -7.46 -25.07
C GLU B 403 16.96 -7.96 -25.08
N GLY B 404 17.14 -9.23 -24.74
CA GLY B 404 18.47 -9.84 -24.72
C GLY B 404 19.40 -9.27 -23.67
N THR B 405 18.90 -9.06 -22.46
CA THR B 405 19.68 -8.48 -21.37
C THR B 405 19.69 -9.44 -20.19
N ASP B 406 20.87 -9.66 -19.62
CA ASP B 406 21.03 -10.53 -18.45
C ASP B 406 20.89 -9.70 -17.19
N MET B 407 20.10 -10.18 -16.24
CA MET B 407 19.83 -9.43 -15.02
C MET B 407 21.06 -9.41 -14.10
N VAL B 408 21.70 -10.57 -13.93
CA VAL B 408 22.78 -10.69 -12.95
C VAL B 408 24.00 -9.90 -13.40
N GLY B 409 24.37 -10.00 -14.68
CA GLY B 409 25.52 -9.26 -15.17
C GLY B 409 25.31 -7.76 -15.14
N ILE B 410 24.10 -7.31 -15.48
CA ILE B 410 23.80 -5.88 -15.45
C ILE B 410 23.78 -5.37 -14.02
N LEU B 411 23.27 -6.16 -13.08
CA LEU B 411 23.30 -5.77 -11.68
C LEU B 411 24.73 -5.70 -11.15
N ASP B 412 25.58 -6.65 -11.55
CA ASP B 412 26.99 -6.60 -11.15
C ASP B 412 27.69 -5.38 -11.75
N PHE B 413 27.36 -5.04 -13.00
CA PHE B 413 27.92 -3.84 -13.60
C PHE B 413 27.43 -2.58 -12.90
N TYR B 414 26.19 -2.57 -12.44
CA TYR B 414 25.68 -1.44 -11.67
C TYR B 414 26.42 -1.31 -10.34
N PHE B 415 26.71 -2.45 -9.70
CA PHE B 415 27.50 -2.41 -8.47
C PHE B 415 28.90 -1.88 -8.74
N GLN B 416 29.51 -2.30 -9.85
CA GLN B 416 30.83 -1.80 -10.23
C GLN B 416 30.80 -0.30 -10.49
N LEU B 417 29.76 0.18 -11.15
CA LEU B 417 29.62 1.61 -11.40
C LEU B 417 29.45 2.39 -10.11
N CYS B 418 28.68 1.85 -9.17
CA CYS B 418 28.51 2.51 -7.88
C CYS B 418 29.74 2.42 -7.00
N SER B 419 30.66 1.49 -7.28
CA SER B 419 31.84 1.29 -6.45
C SER B 419 33.00 2.19 -6.83
N ILE B 420 32.83 3.07 -7.82
CA ILE B 420 33.91 3.97 -8.22
C ILE B 420 34.15 4.99 -7.13
N GLU B 421 35.43 5.23 -6.80
CA GLU B 421 35.80 6.16 -5.75
C GLU B 421 36.57 7.34 -6.31
N VAL B 422 36.31 8.53 -5.78
CA VAL B 422 37.02 9.75 -6.14
C VAL B 422 37.25 10.56 -4.87
N THR B 423 38.20 11.48 -4.94
CA THR B 423 38.42 12.43 -3.85
C THR B 423 37.50 13.63 -4.02
N CYS B 424 37.46 14.47 -2.98
CA CYS B 424 36.62 15.67 -3.03
C CYS B 424 37.13 16.64 -4.09
N GLU B 425 38.45 16.81 -4.20
CA GLU B 425 39.01 17.67 -5.23
C GLU B 425 38.73 17.11 -6.63
N SER B 426 38.86 15.79 -6.79
CA SER B 426 38.59 15.19 -8.10
C SER B 426 37.10 15.25 -8.44
N ALA B 427 36.24 15.08 -7.44
CA ALA B 427 34.80 15.20 -7.69
C ALA B 427 34.37 16.65 -7.87
N SER B 428 35.20 17.61 -7.45
CA SER B 428 34.90 19.01 -7.70
C SER B 428 35.01 19.35 -9.18
N VAL B 429 35.84 18.63 -9.92
CA VAL B 429 35.87 18.81 -11.37
C VAL B 429 34.56 18.34 -11.98
N MET B 430 34.02 17.23 -11.49
CA MET B 430 32.64 16.89 -11.78
C MET B 430 31.70 17.90 -11.13
N ALA B 431 30.46 17.94 -11.63
CA ALA B 431 29.44 18.94 -11.32
C ALA B 431 29.84 20.35 -11.73
N ALA B 432 30.97 20.50 -12.40
CA ALA B 432 31.36 21.75 -13.05
C ALA B 432 31.39 21.63 -14.56
N THR B 433 31.65 20.42 -15.09
CA THR B 433 31.45 20.17 -16.51
C THR B 433 29.99 20.31 -16.88
N LEU B 434 29.10 19.78 -16.04
CA LEU B 434 27.66 19.92 -16.26
C LEU B 434 27.11 21.22 -15.69
N ALA B 435 27.88 21.94 -14.87
CA ALA B 435 27.53 23.33 -14.59
C ALA B 435 27.74 24.20 -15.81
N ASN B 436 28.76 23.88 -16.61
CA ASN B 436 28.97 24.48 -17.91
C ASN B 436 28.04 23.80 -18.93
N GLY B 437 28.18 24.15 -20.20
CA GLY B 437 27.39 23.51 -21.24
C GLY B 437 27.97 22.20 -21.72
N GLY B 438 28.33 21.33 -20.79
CA GLY B 438 28.96 20.06 -21.13
C GLY B 438 30.45 20.14 -21.38
N PHE B 439 31.05 21.33 -21.28
CA PHE B 439 32.47 21.49 -21.51
C PHE B 439 33.24 21.35 -20.20
N CYS B 440 34.37 20.67 -20.27
CA CYS B 440 35.20 20.50 -19.08
C CYS B 440 35.83 21.82 -18.68
N PRO B 441 35.68 22.25 -17.42
CA PRO B 441 36.25 23.54 -17.01
C PRO B 441 37.77 23.55 -17.00
N ILE B 442 38.41 22.40 -16.91
CA ILE B 442 39.86 22.34 -16.81
C ILE B 442 40.51 22.17 -18.17
N THR B 443 40.06 21.18 -18.96
CA THR B 443 40.67 20.92 -20.25
C THR B 443 40.09 21.78 -21.36
N GLY B 444 38.89 22.32 -21.18
CA GLY B 444 38.25 23.07 -22.24
C GLY B 444 37.70 22.23 -23.37
N GLU B 445 37.64 20.91 -23.20
CA GLU B 445 37.15 20.02 -24.24
C GLU B 445 35.63 19.96 -24.21
N ARG B 446 35.05 19.04 -24.97
CA ARG B 446 33.62 18.79 -24.98
C ARG B 446 33.38 17.35 -24.56
N VAL B 447 32.50 17.16 -23.57
CA VAL B 447 32.21 15.85 -23.01
C VAL B 447 30.77 15.43 -23.26
N LEU B 448 29.82 16.28 -22.90
CA LEU B 448 28.41 15.94 -22.95
C LEU B 448 27.63 16.92 -23.82
N SER B 449 26.59 16.42 -24.45
CA SER B 449 25.69 17.27 -25.22
C SER B 449 24.92 18.20 -24.29
N PRO B 450 24.59 19.41 -24.76
CA PRO B 450 23.79 20.32 -23.91
C PRO B 450 22.41 19.77 -23.55
N GLU B 451 21.81 18.96 -24.43
CA GLU B 451 20.52 18.36 -24.11
C GLU B 451 20.63 17.41 -22.93
N ALA B 452 21.68 16.58 -22.92
CA ALA B 452 21.89 15.64 -21.82
C ALA B 452 22.16 16.38 -20.51
N VAL B 453 22.96 17.46 -20.58
CA VAL B 453 23.27 18.25 -19.40
C VAL B 453 22.01 18.90 -18.85
N ARG B 454 21.18 19.47 -19.73
CA ARG B 454 19.93 20.07 -19.29
C ARG B 454 19.00 19.05 -18.68
N ASN B 455 18.90 17.86 -19.29
CA ASN B 455 18.02 16.81 -18.77
C ASN B 455 18.47 16.34 -17.39
N THR B 456 19.77 16.07 -17.22
CA THR B 456 20.23 15.59 -15.92
C THR B 456 20.18 16.67 -14.86
N LEU B 457 20.37 17.95 -15.25
CA LEU B 457 20.24 19.03 -14.29
C LEU B 457 18.79 19.18 -13.84
N SER B 458 17.84 19.08 -14.77
CA SER B 458 16.43 19.16 -14.40
C SER B 458 16.02 17.99 -13.52
N LEU B 459 16.48 16.79 -13.83
CA LEU B 459 16.12 15.62 -13.02
C LEU B 459 16.73 15.69 -11.63
N MET B 460 17.99 16.13 -11.52
CA MET B 460 18.63 16.27 -10.22
C MET B 460 17.98 17.39 -9.41
N HIS B 461 17.55 18.47 -10.07
CA HIS B 461 16.81 19.52 -9.38
C HIS B 461 15.46 19.02 -8.88
N SER B 462 14.78 18.19 -9.67
CA SER B 462 13.44 17.74 -9.30
C SER B 462 13.49 16.70 -8.20
N CYS B 463 14.14 15.57 -8.45
CA CYS B 463 14.11 14.43 -7.53
C CYS B 463 15.49 13.87 -7.30
N GLY B 464 16.46 14.74 -7.05
CA GLY B 464 17.82 14.33 -6.76
C GLY B 464 18.18 14.24 -5.31
N MET B 465 17.20 14.32 -4.39
CA MET B 465 17.50 14.26 -2.96
C MET B 465 16.51 13.36 -2.21
N TRP B 466 15.92 12.38 -2.88
CA TRP B 466 14.94 11.42 -2.34
C TRP B 466 13.74 12.22 -1.80
N ASP B 467 13.23 11.87 -0.62
CA ASP B 467 12.09 12.56 -0.06
C ASP B 467 12.43 13.95 0.47
N PHE B 468 13.71 14.27 0.59
CA PHE B 468 14.12 15.61 1.02
C PHE B 468 14.26 16.58 -0.15
N SER B 469 13.92 16.14 -1.37
CA SER B 469 14.08 16.99 -2.54
C SER B 469 13.17 18.21 -2.48
N GLY B 470 11.94 18.03 -2.01
CA GLY B 470 11.02 19.16 -1.90
C GLY B 470 11.51 20.20 -0.91
N GLN B 471 12.00 19.75 0.25
CA GLN B 471 12.53 20.68 1.24
C GLN B 471 13.81 21.35 0.74
N PHE B 472 14.65 20.60 0.01
CA PHE B 472 15.88 21.17 -0.52
C PHE B 472 15.58 22.25 -1.56
N ALA B 473 14.60 22.00 -2.44
CA ALA B 473 14.21 23.02 -3.40
C ALA B 473 13.51 24.20 -2.72
N PHE B 474 12.81 23.93 -1.61
CA PHE B 474 12.12 24.99 -0.89
C PHE B 474 13.12 25.93 -0.20
N HIS B 475 14.16 25.37 0.41
CA HIS B 475 15.11 26.17 1.19
C HIS B 475 16.33 26.60 0.39
N VAL B 476 16.93 25.68 -0.37
CA VAL B 476 18.14 25.98 -1.14
C VAL B 476 17.81 26.29 -2.60
N GLY B 477 17.00 25.44 -3.22
CA GLY B 477 16.64 25.64 -4.62
C GLY B 477 17.78 25.49 -5.60
N LEU B 478 18.66 24.51 -5.38
CA LEU B 478 19.77 24.23 -6.27
C LEU B 478 19.80 22.75 -6.61
N PRO B 479 20.23 22.39 -7.82
CA PRO B 479 20.31 20.97 -8.17
C PRO B 479 21.46 20.27 -7.46
N ALA B 480 21.14 19.40 -6.51
CA ALA B 480 22.14 18.67 -5.75
C ALA B 480 21.76 17.19 -5.68
N LYS B 481 22.77 16.33 -5.75
CA LYS B 481 22.58 14.89 -5.68
C LYS B 481 23.29 14.36 -4.45
N SER B 482 22.59 13.52 -3.69
CA SER B 482 23.13 12.96 -2.46
C SER B 482 23.65 11.54 -2.70
N GLY B 483 24.13 10.92 -1.62
CA GLY B 483 24.63 9.56 -1.70
C GLY B 483 24.75 8.96 -0.33
N VAL B 484 24.68 7.62 -0.28
CA VAL B 484 24.76 6.92 1.00
C VAL B 484 26.17 6.93 1.55
N ALA B 485 27.18 7.17 0.70
CA ALA B 485 28.54 7.32 1.21
C ALA B 485 28.67 8.59 2.06
N GLY B 486 28.06 9.68 1.61
CA GLY B 486 28.13 10.95 2.31
C GLY B 486 28.43 12.11 1.39
N GLY B 487 28.48 11.84 0.09
CA GLY B 487 28.77 12.89 -0.86
C GLY B 487 27.54 13.70 -1.23
N ILE B 488 27.78 14.96 -1.57
CA ILE B 488 26.75 15.86 -2.06
C ILE B 488 27.26 16.51 -3.34
N LEU B 489 26.53 16.31 -4.43
CA LEU B 489 26.91 16.87 -5.73
C LEU B 489 26.15 18.17 -5.97
N LEU B 490 26.50 19.19 -5.19
CA LEU B 490 25.84 20.49 -5.31
C LEU B 490 26.30 21.19 -6.57
N VAL B 491 25.34 21.62 -7.39
CA VAL B 491 25.61 22.26 -8.67
C VAL B 491 24.96 23.63 -8.68
N VAL B 492 25.74 24.65 -9.02
CA VAL B 492 25.22 25.97 -9.36
C VAL B 492 25.39 26.15 -10.86
N PRO B 493 24.30 26.34 -11.61
CA PRO B 493 24.41 26.35 -13.08
C PRO B 493 25.15 27.59 -13.57
N ASN B 494 26.10 27.35 -14.49
CA ASN B 494 26.92 28.37 -15.16
C ASN B 494 27.80 29.17 -14.21
N VAL B 495 27.94 28.75 -12.96
CA VAL B 495 28.81 29.47 -12.03
C VAL B 495 29.90 28.55 -11.49
N MET B 496 29.51 27.52 -10.74
CA MET B 496 30.47 26.69 -10.04
C MET B 496 29.84 25.39 -9.59
N GLY B 497 30.69 24.38 -9.39
CA GLY B 497 30.29 23.12 -8.81
C GLY B 497 30.97 22.90 -7.46
N MET B 498 30.33 22.08 -6.63
CA MET B 498 30.80 21.89 -5.26
C MET B 498 30.78 20.40 -4.92
N MET B 499 31.27 20.08 -3.72
CA MET B 499 31.29 18.73 -3.21
C MET B 499 31.40 18.77 -1.70
N CYS B 500 30.49 18.09 -1.02
CA CYS B 500 30.48 18.01 0.44
C CYS B 500 30.50 16.55 0.84
N TRP B 501 31.39 16.19 1.76
CA TRP B 501 31.64 14.80 2.10
C TRP B 501 31.59 14.63 3.61
N SER B 502 30.63 13.83 4.09
CA SER B 502 30.44 13.60 5.52
C SER B 502 29.82 12.23 5.75
N PRO B 503 30.55 11.30 6.34
CA PRO B 503 30.05 9.92 6.54
C PRO B 503 28.81 9.84 7.42
N PRO B 504 28.62 10.67 8.46
CA PRO B 504 27.32 10.64 9.16
C PRO B 504 26.17 11.05 8.26
N LEU B 505 25.02 10.41 8.47
CA LEU B 505 23.86 10.58 7.60
C LEU B 505 22.61 10.81 8.44
N ASP B 506 21.63 11.48 7.83
CA ASP B 506 20.32 11.59 8.44
C ASP B 506 19.56 10.27 8.27
N LYS B 507 18.37 10.21 8.88
CA LYS B 507 17.54 9.02 8.76
C LYS B 507 16.97 8.85 7.36
N MET B 508 17.01 9.89 6.53
CA MET B 508 16.51 9.85 5.17
C MET B 508 17.58 9.50 4.15
N GLY B 509 18.84 9.34 4.58
CA GLY B 509 19.90 8.99 3.68
C GLY B 509 20.73 10.15 3.16
N ASN B 510 20.81 11.25 3.89
CA ASN B 510 21.58 12.41 3.49
C ASN B 510 22.48 12.87 4.63
N SER B 511 23.62 13.45 4.27
CA SER B 511 24.57 13.91 5.28
C SER B 511 24.01 15.15 5.98
N VAL B 512 24.03 15.11 7.32
CA VAL B 512 23.48 16.21 8.10
C VAL B 512 24.37 17.44 7.99
N LYS B 513 25.70 17.24 8.08
CA LYS B 513 26.63 18.36 7.99
C LYS B 513 26.57 19.03 6.62
N GLY B 514 26.45 18.23 5.56
CA GLY B 514 26.34 18.81 4.23
C GLY B 514 25.07 19.61 4.04
N ILE B 515 23.95 19.10 4.56
CA ILE B 515 22.67 19.81 4.46
C ILE B 515 22.72 21.13 5.23
N HIS B 516 23.27 21.10 6.45
CA HIS B 516 23.39 22.33 7.24
C HIS B 516 24.33 23.32 6.58
N PHE B 517 25.42 22.84 5.99
CA PHE B 517 26.34 23.71 5.28
C PHE B 517 25.69 24.33 4.06
N CYS B 518 24.89 23.56 3.32
CA CYS B 518 24.18 24.09 2.17
C CYS B 518 23.16 25.15 2.58
N HIS B 519 22.44 24.89 3.68
CA HIS B 519 21.50 25.88 4.18
C HIS B 519 22.20 27.18 4.58
N ASP B 520 23.33 27.06 5.27
CA ASP B 520 24.07 28.25 5.68
C ASP B 520 24.64 28.99 4.47
N LEU B 521 25.08 28.26 3.45
CA LEU B 521 25.62 28.88 2.24
C LEU B 521 24.54 29.64 1.48
N VAL B 522 23.36 29.02 1.30
CA VAL B 522 22.29 29.71 0.59
C VAL B 522 21.70 30.84 1.43
N SER B 523 21.85 30.79 2.76
CA SER B 523 21.42 31.90 3.59
C SER B 523 22.40 33.06 3.55
N LEU B 524 23.70 32.77 3.42
CA LEU B 524 24.71 33.83 3.46
C LEU B 524 24.84 34.54 2.11
N CYS B 525 25.18 33.81 1.06
CA CYS B 525 25.35 34.41 -0.26
C CYS B 525 24.06 34.36 -1.07
N LEU C 139 -46.16 -40.96 35.48
CA LEU C 139 -45.11 -41.97 35.56
C LEU C 139 -43.79 -41.33 35.98
N GLU C 140 -43.68 -40.01 35.77
CA GLU C 140 -42.47 -39.31 36.17
C GLU C 140 -42.43 -39.07 37.68
N ASP C 141 -43.58 -38.90 38.33
CA ASP C 141 -43.60 -38.68 39.77
C ASP C 141 -43.19 -39.95 40.53
N LEU C 142 -43.67 -41.11 40.08
CA LEU C 142 -43.23 -42.35 40.71
C LEU C 142 -41.78 -42.65 40.40
N LEU C 143 -41.28 -42.23 39.23
CA LEU C 143 -39.87 -42.37 38.92
C LEU C 143 -39.02 -41.51 39.87
N PHE C 144 -39.43 -40.27 40.11
CA PHE C 144 -38.72 -39.42 41.05
C PHE C 144 -38.84 -39.93 42.48
N TYR C 145 -39.98 -40.54 42.82
CA TYR C 145 -40.13 -41.18 44.12
C TYR C 145 -39.18 -42.37 44.27
N THR C 146 -38.96 -43.11 43.19
CA THR C 146 -37.94 -44.15 43.18
C THR C 146 -36.55 -43.55 43.35
N ILE C 147 -36.30 -42.40 42.73
CA ILE C 147 -35.07 -41.66 42.99
C ILE C 147 -35.04 -41.16 44.43
N ALA C 148 -36.19 -40.78 44.98
CA ALA C 148 -36.27 -40.35 46.36
C ALA C 148 -36.08 -41.53 47.31
N GLU C 149 -36.10 -41.24 48.60
CA GLU C 149 -35.76 -42.21 49.64
C GLU C 149 -36.96 -43.00 50.13
N GLY C 150 -37.98 -43.18 49.30
CA GLY C 150 -39.12 -44.00 49.65
C GLY C 150 -40.29 -43.26 50.27
N GLN C 151 -40.23 -41.94 50.36
CA GLN C 151 -41.32 -41.16 50.92
C GLN C 151 -42.20 -40.60 49.82
N GLU C 152 -43.51 -40.68 50.02
CA GLU C 152 -44.45 -40.10 49.07
C GLU C 152 -44.37 -38.58 49.06
N LYS C 153 -44.28 -37.97 50.24
CA LYS C 153 -44.20 -36.52 50.37
C LYS C 153 -42.74 -36.11 50.56
N ILE C 154 -42.31 -35.15 49.76
CA ILE C 154 -40.96 -34.62 49.85
C ILE C 154 -41.07 -33.09 50.03
N PRO C 155 -40.22 -32.47 50.85
CA PRO C 155 -40.28 -31.01 50.99
C PRO C 155 -39.97 -30.28 49.69
N VAL C 156 -40.65 -29.16 49.49
CA VAL C 156 -40.46 -28.37 48.27
C VAL C 156 -39.10 -27.69 48.28
N HIS C 157 -38.67 -27.19 49.45
CA HIS C 157 -37.35 -26.57 49.55
C HIS C 157 -36.22 -27.59 49.41
N LYS C 158 -36.51 -28.88 49.52
CA LYS C 158 -35.59 -29.92 49.10
C LYS C 158 -35.90 -30.45 47.71
N PHE C 159 -37.11 -30.22 47.20
CA PHE C 159 -37.43 -30.59 45.83
C PHE C 159 -36.72 -29.68 44.83
N ILE C 160 -36.51 -28.42 45.18
CA ILE C 160 -35.78 -27.51 44.30
C ILE C 160 -34.32 -27.94 44.19
N THR C 161 -33.75 -28.46 45.28
CA THR C 161 -32.47 -29.14 45.18
C THR C 161 -32.64 -30.44 44.39
N ALA C 162 -31.60 -30.79 43.63
CA ALA C 162 -31.55 -31.84 42.60
C ALA C 162 -32.40 -31.50 41.38
N LEU C 163 -33.13 -30.39 41.40
CA LEU C 163 -33.76 -29.82 40.21
C LEU C 163 -32.91 -28.70 39.60
N LYS C 164 -32.23 -27.92 40.45
CA LYS C 164 -31.22 -27.00 39.99
C LYS C 164 -29.86 -27.64 39.81
N SER C 165 -29.68 -28.88 40.29
CA SER C 165 -28.41 -29.58 40.10
C SER C 165 -28.22 -30.00 38.66
N THR C 166 -29.31 -30.18 37.91
CA THR C 166 -29.21 -30.45 36.48
C THR C 166 -29.05 -29.17 35.66
N GLY C 167 -29.03 -28.02 36.31
CA GLY C 167 -28.73 -26.76 35.65
C GLY C 167 -29.94 -25.96 35.20
N LEU C 168 -31.13 -26.55 35.24
CA LEU C 168 -32.33 -25.83 34.82
C LEU C 168 -32.73 -24.82 35.91
N ARG C 169 -32.84 -23.55 35.53
CA ARG C 169 -33.19 -22.51 36.48
C ARG C 169 -34.68 -22.53 36.79
N THR C 170 -35.05 -21.79 37.84
CA THR C 170 -36.42 -21.69 38.28
C THR C 170 -37.17 -20.55 37.61
N SER C 171 -36.55 -19.87 36.65
CA SER C 171 -37.18 -18.76 35.95
C SER C 171 -37.39 -19.07 34.47
N ASP C 172 -37.49 -20.35 34.11
CA ASP C 172 -37.66 -20.75 32.72
C ASP C 172 -39.11 -20.53 32.29
N PRO C 173 -39.36 -19.78 31.22
CA PRO C 173 -40.74 -19.63 30.72
C PRO C 173 -41.38 -20.94 30.23
N ARG C 174 -40.59 -21.97 29.94
CA ARG C 174 -41.16 -23.27 29.63
C ARG C 174 -41.91 -23.83 30.84
N LEU C 175 -41.33 -23.67 32.04
CA LEU C 175 -41.95 -24.11 33.29
C LEU C 175 -42.63 -22.95 34.02
N LYS C 176 -43.06 -21.93 33.27
CA LYS C 176 -43.80 -20.82 33.89
C LYS C 176 -45.13 -21.30 34.46
N GLU C 177 -45.81 -22.21 33.75
CA GLU C 177 -46.99 -22.85 34.32
C GLU C 177 -46.62 -23.65 35.56
N CYS C 178 -45.48 -24.34 35.53
CA CYS C 178 -45.02 -25.07 36.71
C CYS C 178 -44.72 -24.14 37.87
N MET C 179 -44.11 -22.98 37.61
CA MET C 179 -43.76 -22.10 38.72
C MET C 179 -45.01 -21.42 39.29
N ASP C 180 -46.00 -21.09 38.45
CA ASP C 180 -47.19 -20.46 39.01
C ASP C 180 -48.07 -21.49 39.74
N MET C 181 -48.13 -22.73 39.25
CA MET C 181 -48.84 -23.76 40.00
C MET C 181 -48.10 -24.10 41.30
N LEU C 182 -46.76 -24.00 41.31
CA LEU C 182 -46.03 -24.24 42.54
C LEU C 182 -46.27 -23.14 43.56
N ARG C 183 -46.34 -21.88 43.10
CA ARG C 183 -46.73 -20.80 44.00
C ARG C 183 -48.15 -20.99 44.52
N LEU C 184 -49.09 -21.36 43.64
CA LEU C 184 -50.47 -21.55 44.05
C LEU C 184 -50.60 -22.68 45.07
N THR C 185 -49.76 -23.70 44.98
CA THR C 185 -49.74 -24.73 46.00
C THR C 185 -49.04 -24.27 47.27
N LEU C 186 -47.98 -23.47 47.14
CA LEU C 186 -47.14 -23.16 48.29
C LEU C 186 -47.77 -22.13 49.21
N GLN C 187 -48.28 -21.02 48.68
CA GLN C 187 -48.91 -20.05 49.56
C GLN C 187 -50.23 -20.56 50.14
N THR C 188 -51.00 -21.31 49.36
CA THR C 188 -52.27 -21.84 49.86
C THR C 188 -52.12 -23.25 50.41
N THR C 189 -51.14 -23.49 51.27
CA THR C 189 -51.15 -24.73 52.06
C THR C 189 -50.87 -24.48 53.54
N SER C 190 -49.99 -23.53 53.87
CA SER C 190 -49.55 -23.21 55.22
C SER C 190 -48.98 -24.42 55.98
N ASP C 191 -48.54 -25.45 55.25
CA ASP C 191 -48.03 -26.67 55.88
C ASP C 191 -46.60 -26.99 55.48
N GLY C 192 -46.28 -26.96 54.19
CA GLY C 192 -45.00 -27.44 53.73
C GLY C 192 -44.96 -28.95 53.64
N VAL C 193 -43.76 -29.46 53.32
CA VAL C 193 -43.40 -30.87 53.13
C VAL C 193 -44.51 -31.64 52.41
N MET C 194 -44.99 -31.06 51.31
CA MET C 194 -46.10 -31.63 50.55
C MET C 194 -45.70 -31.73 49.09
N LEU C 195 -45.82 -32.93 48.52
CA LEU C 195 -45.51 -33.14 47.10
C LEU C 195 -46.74 -33.55 46.31
N ASP C 196 -47.42 -34.63 46.74
CA ASP C 196 -48.63 -35.21 46.13
C ASP C 196 -48.36 -35.79 44.74
N LYS C 197 -49.16 -36.79 44.36
CA LYS C 197 -48.98 -37.48 43.08
C LYS C 197 -50.08 -37.19 42.06
N ASP C 198 -51.34 -37.21 42.49
CA ASP C 198 -52.45 -37.01 41.55
C ASP C 198 -52.47 -35.58 41.00
N LEU C 199 -52.19 -34.59 41.86
CA LEU C 199 -52.11 -33.22 41.40
C LEU C 199 -50.96 -33.04 40.41
N PHE C 200 -49.83 -33.69 40.67
CA PHE C 200 -48.70 -33.61 39.74
C PHE C 200 -49.00 -34.32 38.43
N LYS C 201 -49.82 -35.38 38.46
CA LYS C 201 -50.26 -36.01 37.22
C LYS C 201 -51.16 -35.08 36.41
N LYS C 202 -52.19 -34.52 37.06
CA LYS C 202 -53.20 -33.77 36.33
C LYS C 202 -52.75 -32.38 35.93
N CYS C 203 -51.72 -31.83 36.59
CA CYS C 203 -51.36 -30.44 36.38
C CYS C 203 -50.60 -30.23 35.07
N VAL C 204 -49.46 -30.87 34.93
CA VAL C 204 -48.56 -30.63 33.79
C VAL C 204 -48.80 -31.70 32.74
N GLN C 205 -49.05 -31.27 31.50
CA GLN C 205 -49.25 -32.17 30.38
C GLN C 205 -48.27 -31.93 29.23
N SER C 206 -47.70 -30.73 29.13
CA SER C 206 -46.75 -30.42 28.06
C SER C 206 -45.30 -30.30 28.52
N ASN C 207 -45.08 -30.02 29.80
CA ASN C 207 -43.72 -29.89 30.33
C ASN C 207 -43.20 -31.18 30.93
N ILE C 208 -43.93 -32.30 30.78
CA ILE C 208 -43.47 -33.58 31.31
C ILE C 208 -42.22 -34.06 30.59
N VAL C 209 -42.12 -33.80 29.29
CA VAL C 209 -40.96 -34.27 28.52
C VAL C 209 -39.69 -33.54 28.95
N LEU C 210 -39.79 -32.23 29.25
CA LEU C 210 -38.64 -31.49 29.73
C LEU C 210 -38.17 -31.97 31.09
N LEU C 211 -39.13 -32.24 32.00
CA LEU C 211 -38.78 -32.73 33.32
C LEU C 211 -38.15 -34.11 33.25
N THR C 212 -38.67 -34.99 32.39
CA THR C 212 -38.10 -36.33 32.26
C THR C 212 -36.72 -36.27 31.62
N GLN C 213 -36.52 -35.38 30.65
CA GLN C 213 -35.19 -35.24 30.06
C GLN C 213 -34.18 -34.66 31.04
N ALA C 214 -34.62 -33.74 31.91
CA ALA C 214 -33.71 -33.14 32.88
C ALA C 214 -33.36 -34.11 34.00
N PHE C 215 -34.35 -34.82 34.52
CA PHE C 215 -34.15 -35.64 35.71
C PHE C 215 -33.55 -37.01 35.41
N ARG C 216 -33.51 -37.44 34.15
CA ARG C 216 -32.92 -38.72 33.78
C ARG C 216 -31.53 -38.56 33.18
N ARG C 217 -30.90 -37.39 33.35
CA ARG C 217 -29.58 -37.06 32.81
C ARG C 217 -29.54 -37.24 31.30
N LYS C 218 -30.63 -36.87 30.63
CA LYS C 218 -30.75 -37.02 29.18
C LYS C 218 -30.33 -35.77 28.42
N PHE C 219 -29.83 -34.75 29.13
CA PHE C 219 -29.37 -33.53 28.49
C PHE C 219 -28.02 -33.75 27.83
N VAL C 220 -27.54 -32.72 27.13
CA VAL C 220 -26.27 -32.83 26.41
C VAL C 220 -25.09 -32.88 27.38
N ILE C 221 -25.20 -32.22 28.52
CA ILE C 221 -24.11 -32.18 29.49
C ILE C 221 -24.58 -32.75 30.82
N PRO C 222 -24.20 -33.97 31.16
CA PRO C 222 -24.46 -34.50 32.50
C PRO C 222 -23.44 -33.95 33.49
N ASP C 223 -23.56 -34.40 34.74
CA ASP C 223 -22.73 -34.02 35.90
C ASP C 223 -22.37 -32.53 35.89
N PHE C 224 -23.43 -31.71 35.87
CA PHE C 224 -23.28 -30.27 35.69
C PHE C 224 -22.55 -29.60 36.84
N MET C 225 -22.57 -30.21 38.04
CA MET C 225 -21.76 -29.70 39.13
C MET C 225 -20.27 -29.78 38.81
N SER C 226 -19.84 -30.89 38.21
CA SER C 226 -18.44 -31.01 37.79
C SER C 226 -18.11 -30.01 36.69
N PHE C 227 -19.04 -29.78 35.77
CA PHE C 227 -18.81 -28.79 34.71
C PHE C 227 -18.67 -27.39 35.29
N THR C 228 -19.51 -27.03 36.26
CA THR C 228 -19.37 -25.75 36.92
C THR C 228 -18.08 -25.66 37.73
N SER C 229 -17.64 -26.78 38.29
CA SER C 229 -16.34 -26.80 38.98
C SER C 229 -15.20 -26.53 38.02
N HIS C 230 -15.23 -27.14 36.83
CA HIS C 230 -14.23 -26.86 35.81
C HIS C 230 -14.27 -25.42 35.37
N ILE C 231 -15.47 -24.86 35.18
CA ILE C 231 -15.62 -23.49 34.76
C ILE C 231 -15.08 -22.54 35.82
N ASP C 232 -15.37 -22.82 37.09
CA ASP C 232 -14.87 -21.98 38.18
C ASP C 232 -13.35 -22.08 38.31
N GLU C 233 -12.79 -23.27 38.10
CA GLU C 233 -11.34 -23.43 38.14
C GLU C 233 -10.67 -22.63 37.01
N LEU C 234 -11.25 -22.69 35.81
CA LEU C 234 -10.71 -21.89 34.71
C LEU C 234 -10.87 -20.39 34.97
N TYR C 235 -11.98 -20.01 35.61
CA TYR C 235 -12.21 -18.61 36.00
C TYR C 235 -11.13 -18.13 36.95
N GLU C 236 -10.84 -18.91 37.99
CA GLU C 236 -9.83 -18.54 38.96
C GLU C 236 -8.43 -18.55 38.36
N SER C 237 -8.17 -19.46 37.41
CA SER C 237 -6.88 -19.47 36.73
C SER C 237 -6.71 -18.24 35.85
N ALA C 238 -7.76 -17.84 35.12
CA ALA C 238 -7.69 -16.68 34.26
C ALA C 238 -7.73 -15.37 35.02
N LYS C 239 -8.16 -15.40 36.29
CA LYS C 239 -8.15 -14.19 37.11
C LYS C 239 -6.74 -13.67 37.40
N LYS C 240 -5.71 -14.50 37.23
CA LYS C 240 -4.36 -14.08 37.56
C LYS C 240 -3.79 -13.10 36.55
N GLN C 241 -4.31 -13.10 35.32
CA GLN C 241 -3.78 -12.22 34.29
C GLN C 241 -4.17 -10.77 34.56
N SER C 242 -3.37 -9.86 34.00
CA SER C 242 -3.55 -8.43 34.23
C SER C 242 -3.98 -7.69 32.96
N GLY C 243 -3.20 -7.79 31.88
CA GLY C 243 -3.55 -7.09 30.65
C GLY C 243 -3.42 -5.59 30.81
N GLY C 244 -4.26 -4.86 30.09
CA GLY C 244 -4.27 -3.41 30.17
C GLY C 244 -4.87 -2.81 28.92
N LYS C 245 -4.81 -1.48 28.86
CA LYS C 245 -5.23 -0.68 27.71
C LYS C 245 -6.70 -0.95 27.35
N VAL C 246 -7.57 -0.50 28.25
CA VAL C 246 -8.99 -0.83 28.13
C VAL C 246 -9.62 -0.16 26.90
N ALA C 247 -9.51 1.17 26.80
CA ALA C 247 -10.06 1.90 25.66
C ALA C 247 -9.46 3.29 25.65
N ASP C 248 -8.79 3.67 24.56
CA ASP C 248 -8.34 5.03 24.41
C ASP C 248 -9.45 5.91 23.84
N TYR C 249 -9.92 5.58 22.63
CA TYR C 249 -11.05 6.26 22.03
C TYR C 249 -12.35 5.71 22.62
N ILE C 250 -13.46 6.35 22.26
CA ILE C 250 -14.76 6.19 22.92
C ILE C 250 -14.58 6.42 24.41
N PRO C 251 -14.42 7.67 24.86
CA PRO C 251 -14.06 7.92 26.27
C PRO C 251 -15.11 7.45 27.27
N GLN C 252 -16.35 7.22 26.85
CA GLN C 252 -17.33 6.62 27.75
C GLN C 252 -16.97 5.18 28.08
N LEU C 253 -16.29 4.48 27.17
CA LEU C 253 -15.88 3.10 27.42
C LEU C 253 -14.67 3.00 28.34
N ALA C 254 -13.96 4.10 28.56
CA ALA C 254 -12.75 4.07 29.38
C ALA C 254 -13.05 4.21 30.87
N LYS C 255 -14.31 4.38 31.26
CA LYS C 255 -14.67 4.56 32.65
C LYS C 255 -14.84 3.24 33.40
N PHE C 256 -14.73 2.11 32.72
CA PHE C 256 -14.84 0.82 33.38
C PHE C 256 -13.53 0.44 34.05
N SER C 257 -13.63 -0.11 35.25
CA SER C 257 -12.44 -0.54 35.97
C SER C 257 -11.82 -1.75 35.28
N PRO C 258 -10.48 -1.87 35.28
CA PRO C 258 -9.84 -2.96 34.53
C PRO C 258 -9.99 -4.34 35.16
N ASP C 259 -10.44 -4.44 36.40
CA ASP C 259 -10.54 -5.72 37.08
C ASP C 259 -11.91 -6.37 36.94
N LEU C 260 -12.81 -5.78 36.15
CA LEU C 260 -14.09 -6.41 35.89
C LEU C 260 -13.90 -7.66 35.06
N TRP C 261 -14.59 -8.74 35.45
CA TRP C 261 -14.40 -10.04 34.82
C TRP C 261 -15.58 -10.93 35.17
N GLY C 262 -16.22 -11.49 34.14
CA GLY C 262 -17.36 -12.35 34.35
C GLY C 262 -17.56 -13.28 33.16
N VAL C 263 -18.08 -14.47 33.44
CA VAL C 263 -18.27 -15.50 32.42
C VAL C 263 -19.66 -16.10 32.59
N SER C 264 -20.40 -16.19 31.49
CA SER C 264 -21.74 -16.78 31.49
C SER C 264 -21.78 -17.96 30.54
N VAL C 265 -22.60 -18.95 30.89
CA VAL C 265 -22.71 -20.20 30.15
C VAL C 265 -24.18 -20.51 29.95
N CYS C 266 -24.56 -20.86 28.71
CA CYS C 266 -25.90 -21.34 28.42
C CYS C 266 -25.83 -22.38 27.31
N THR C 267 -26.51 -23.50 27.50
CA THR C 267 -26.48 -24.60 26.55
C THR C 267 -27.72 -24.58 25.66
N VAL C 268 -27.83 -25.61 24.83
CA VAL C 268 -28.94 -25.72 23.89
C VAL C 268 -30.24 -26.05 24.64
N ASP C 269 -30.18 -26.96 25.60
CA ASP C 269 -31.39 -27.40 26.29
C ASP C 269 -31.94 -26.31 27.21
N GLY C 270 -31.07 -25.52 27.82
CA GLY C 270 -31.51 -24.50 28.75
C GLY C 270 -30.66 -24.49 30.01
N GLN C 271 -29.67 -25.38 30.05
CA GLN C 271 -28.74 -25.44 31.17
C GLN C 271 -27.88 -24.18 31.19
N ARG C 272 -28.02 -23.37 32.24
CA ARG C 272 -27.30 -22.11 32.31
C ARG C 272 -26.68 -21.93 33.68
N HIS C 273 -25.56 -21.21 33.70
CA HIS C 273 -24.80 -20.94 34.92
C HIS C 273 -23.86 -19.78 34.63
N SER C 274 -23.67 -18.91 35.61
CA SER C 274 -22.82 -17.74 35.42
C SER C 274 -22.12 -17.39 36.72
N THR C 275 -20.92 -16.80 36.59
CA THR C 275 -20.13 -16.36 37.73
C THR C 275 -19.61 -14.96 37.45
N GLY C 276 -18.92 -14.38 38.43
CA GLY C 276 -18.25 -13.11 38.22
C GLY C 276 -19.20 -11.93 38.23
N ASP C 277 -18.97 -11.00 37.31
CA ASP C 277 -19.72 -9.75 37.22
C ASP C 277 -20.81 -9.82 36.16
N THR C 278 -21.47 -10.98 36.06
CA THR C 278 -22.39 -11.25 34.97
C THR C 278 -23.63 -10.36 34.97
N LYS C 279 -23.94 -9.71 36.09
CA LYS C 279 -25.13 -8.87 36.16
C LYS C 279 -24.88 -7.43 35.73
N VAL C 280 -23.62 -7.05 35.49
CA VAL C 280 -23.29 -5.69 35.11
C VAL C 280 -23.53 -5.50 33.61
N PRO C 281 -24.36 -4.55 33.20
CA PRO C 281 -24.56 -4.31 31.76
C PRO C 281 -23.31 -3.76 31.10
N PHE C 282 -23.15 -4.11 29.82
CA PHE C 282 -22.02 -3.64 29.03
C PHE C 282 -22.44 -3.57 27.57
N CYS C 283 -21.74 -2.75 26.81
CA CYS C 283 -22.11 -2.51 25.42
C CYS C 283 -21.81 -3.71 24.54
N LEU C 284 -22.49 -3.77 23.40
CA LEU C 284 -22.38 -4.86 22.45
C LEU C 284 -21.66 -4.40 21.19
N GLN C 285 -20.60 -3.62 21.36
CA GLN C 285 -19.80 -3.13 20.23
C GLN C 285 -19.19 -4.30 19.46
N SER C 286 -19.55 -4.40 18.18
CA SER C 286 -19.08 -5.37 17.19
C SER C 286 -19.53 -6.80 17.48
N CYS C 287 -20.19 -7.06 18.60
CA CYS C 287 -20.75 -8.37 18.85
C CYS C 287 -22.14 -8.56 18.26
N VAL C 288 -22.74 -7.48 17.76
CA VAL C 288 -24.04 -7.54 17.11
C VAL C 288 -23.90 -7.74 15.61
N LYS C 289 -22.69 -7.61 15.07
CA LYS C 289 -22.48 -7.74 13.62
C LYS C 289 -22.85 -9.11 13.07
N PRO C 290 -22.47 -10.25 13.68
CA PRO C 290 -23.02 -11.52 13.18
C PRO C 290 -24.54 -11.60 13.31
N LEU C 291 -25.10 -11.01 14.38
CA LEU C 291 -26.54 -11.03 14.55
C LEU C 291 -27.24 -10.24 13.46
N LYS C 292 -26.74 -9.04 13.15
CA LYS C 292 -27.35 -8.23 12.10
C LYS C 292 -27.10 -8.81 10.71
N TYR C 293 -25.98 -9.52 10.53
CA TYR C 293 -25.79 -10.25 9.28
C TYR C 293 -26.83 -11.35 9.14
N ALA C 294 -27.14 -12.04 10.24
CA ALA C 294 -28.22 -13.02 10.24
C ALA C 294 -29.56 -12.36 9.94
N ILE C 295 -29.77 -11.14 10.44
CA ILE C 295 -31.00 -10.39 10.16
C ILE C 295 -31.12 -10.17 8.66
N ALA C 296 -30.06 -9.64 8.06
CA ALA C 296 -30.05 -9.34 6.64
C ALA C 296 -30.27 -10.59 5.80
N VAL C 297 -29.58 -11.68 6.16
CA VAL C 297 -29.69 -12.91 5.38
C VAL C 297 -31.11 -13.48 5.48
N ASN C 298 -31.61 -13.63 6.71
CA ASN C 298 -32.93 -14.23 6.92
C ASN C 298 -34.04 -13.36 6.35
N ASP C 299 -33.80 -12.06 6.18
CA ASP C 299 -34.84 -11.21 5.60
C ASP C 299 -34.77 -11.20 4.07
N LEU C 300 -33.57 -11.19 3.49
CA LEU C 300 -33.43 -10.84 2.08
C LEU C 300 -32.75 -11.89 1.21
N GLY C 301 -32.45 -13.08 1.72
CA GLY C 301 -31.77 -14.06 0.90
C GLY C 301 -30.27 -13.83 0.82
N THR C 302 -29.51 -14.93 0.86
CA THR C 302 -28.05 -14.81 0.96
C THR C 302 -27.45 -14.28 -0.33
N GLU C 303 -28.05 -14.56 -1.48
CA GLU C 303 -27.54 -14.04 -2.74
C GLU C 303 -27.70 -12.52 -2.82
N TYR C 304 -28.87 -12.01 -2.43
CA TYR C 304 -29.06 -10.57 -2.42
C TYR C 304 -28.22 -9.89 -1.35
N VAL C 305 -27.97 -10.58 -0.23
CA VAL C 305 -27.11 -10.01 0.80
C VAL C 305 -25.67 -9.90 0.30
N HIS C 306 -25.16 -10.97 -0.30
CA HIS C 306 -23.77 -10.99 -0.77
C HIS C 306 -23.61 -10.38 -2.15
N ARG C 307 -24.68 -9.83 -2.73
CA ARG C 307 -24.53 -9.02 -3.93
C ARG C 307 -23.70 -7.78 -3.67
N TYR C 308 -23.70 -7.28 -2.43
CA TYR C 308 -23.02 -6.04 -2.09
C TYR C 308 -21.79 -6.22 -1.20
N VAL C 309 -21.63 -7.40 -0.57
CA VAL C 309 -20.48 -7.65 0.30
C VAL C 309 -19.83 -8.95 -0.11
N GLY C 310 -18.53 -9.06 0.20
CA GLY C 310 -17.80 -10.30 0.02
C GLY C 310 -17.88 -11.18 1.25
N LYS C 311 -17.14 -12.29 1.19
CA LYS C 311 -17.11 -13.24 2.30
C LYS C 311 -15.69 -13.74 2.52
N GLU C 312 -14.71 -12.84 2.48
CA GLU C 312 -13.31 -13.18 2.64
C GLU C 312 -12.69 -12.35 3.74
N PRO C 313 -11.70 -12.89 4.45
CA PRO C 313 -11.03 -12.08 5.48
C PRO C 313 -10.20 -10.97 4.86
N SER C 314 -10.18 -9.83 5.55
CA SER C 314 -9.43 -8.68 5.05
C SER C 314 -7.93 -8.84 5.28
N GLY C 315 -7.55 -9.44 6.41
CA GLY C 315 -6.15 -9.56 6.76
C GLY C 315 -5.55 -8.36 7.44
N LEU C 316 -6.34 -7.32 7.71
CA LEU C 316 -5.83 -6.14 8.38
C LEU C 316 -6.76 -5.74 9.52
N ARG C 317 -6.52 -4.58 10.12
CA ARG C 317 -7.36 -4.09 11.20
C ARG C 317 -8.76 -3.74 10.68
N PHE C 318 -9.75 -3.84 11.56
CA PHE C 318 -11.11 -3.52 11.18
C PHE C 318 -11.30 -2.03 10.92
N ASN C 319 -10.50 -1.18 11.59
CA ASN C 319 -10.57 0.26 11.36
C ASN C 319 -9.94 0.67 10.03
N LYS C 320 -9.06 -0.16 9.48
CA LYS C 320 -8.38 0.20 8.23
C LYS C 320 -9.36 0.14 7.07
N LEU C 321 -9.36 1.18 6.24
CA LEU C 321 -10.32 1.32 5.16
C LEU C 321 -9.63 0.97 3.83
N PHE C 322 -10.16 -0.03 3.14
CA PHE C 322 -9.76 -0.48 1.82
C PHE C 322 -10.73 -1.55 1.37
N LEU C 323 -10.87 -1.69 0.06
CA LEU C 323 -11.79 -2.65 -0.53
C LEU C 323 -11.00 -3.67 -1.36
N ASN C 324 -11.72 -4.67 -1.86
CA ASN C 324 -11.12 -5.73 -2.65
C ASN C 324 -10.94 -5.26 -4.10
N GLU C 325 -10.63 -6.20 -5.00
CA GLU C 325 -10.49 -5.87 -6.41
C GLU C 325 -11.80 -5.45 -7.06
N ASP C 326 -12.94 -5.82 -6.45
CA ASP C 326 -14.25 -5.47 -6.99
C ASP C 326 -14.85 -4.25 -6.31
N ASP C 327 -14.05 -3.52 -5.52
CA ASP C 327 -14.48 -2.32 -4.80
C ASP C 327 -15.67 -2.62 -3.88
N LYS C 328 -15.54 -3.67 -3.09
CA LYS C 328 -16.55 -4.08 -2.13
C LYS C 328 -15.89 -4.36 -0.79
N PRO C 329 -16.63 -4.22 0.32
CA PRO C 329 -16.09 -4.64 1.61
C PRO C 329 -15.81 -6.13 1.64
N HIS C 330 -14.78 -6.51 2.39
CA HIS C 330 -14.28 -7.89 2.33
C HIS C 330 -15.22 -8.86 3.03
N ASN C 331 -15.83 -8.44 4.13
CA ASN C 331 -16.71 -9.31 4.90
C ASN C 331 -17.63 -8.44 5.73
N PRO C 332 -18.79 -8.97 6.16
CA PRO C 332 -19.67 -8.18 7.03
C PRO C 332 -19.09 -7.88 8.40
N MET C 333 -18.04 -8.59 8.83
CA MET C 333 -17.53 -8.39 10.18
C MET C 333 -16.73 -7.10 10.34
N VAL C 334 -16.06 -6.62 9.28
CA VAL C 334 -15.33 -5.36 9.36
C VAL C 334 -16.33 -4.22 9.28
N ASN C 335 -15.85 -2.99 9.54
CA ASN C 335 -16.74 -1.84 9.68
C ASN C 335 -17.47 -1.52 8.38
N ALA C 336 -16.77 -1.61 7.24
CA ALA C 336 -17.42 -1.33 5.97
C ALA C 336 -18.52 -2.34 5.65
N GLY C 337 -18.25 -3.62 5.90
CA GLY C 337 -19.28 -4.62 5.69
C GLY C 337 -20.44 -4.45 6.64
N ALA C 338 -20.17 -4.04 7.88
CA ALA C 338 -21.24 -3.78 8.83
C ALA C 338 -22.11 -2.62 8.38
N ILE C 339 -21.50 -1.57 7.84
CA ILE C 339 -22.26 -0.43 7.32
C ILE C 339 -23.14 -0.88 6.15
N VAL C 340 -22.58 -1.66 5.23
CA VAL C 340 -23.35 -2.09 4.06
C VAL C 340 -24.49 -3.01 4.47
N VAL C 341 -24.27 -3.91 5.43
CA VAL C 341 -25.38 -4.78 5.84
C VAL C 341 -26.39 -4.05 6.71
N THR C 342 -26.02 -2.95 7.38
CA THR C 342 -27.04 -2.11 7.99
C THR C 342 -27.85 -1.38 6.94
N SER C 343 -27.25 -1.09 5.78
CA SER C 343 -28.00 -0.43 4.71
C SER C 343 -29.09 -1.33 4.14
N LEU C 344 -28.93 -2.65 4.23
CA LEU C 344 -29.86 -3.57 3.59
C LEU C 344 -31.16 -3.73 4.36
N ILE C 345 -31.13 -3.63 5.69
CA ILE C 345 -32.26 -4.03 6.52
C ILE C 345 -33.36 -2.99 6.43
N LYS C 346 -34.48 -3.36 5.83
CA LYS C 346 -35.73 -2.57 5.79
C LYS C 346 -35.48 -1.18 5.19
N GLN C 347 -35.14 -1.20 3.89
CA GLN C 347 -34.74 0.01 3.19
C GLN C 347 -35.89 1.01 3.03
N GLY C 348 -37.14 0.55 3.08
CA GLY C 348 -38.27 1.41 2.79
C GLY C 348 -38.90 2.13 3.95
N VAL C 349 -38.36 2.02 5.15
CA VAL C 349 -38.94 2.65 6.34
C VAL C 349 -37.89 3.52 7.01
N ASN C 350 -38.33 4.29 8.00
CA ASN C 350 -37.47 5.22 8.71
C ASN C 350 -36.64 4.50 9.75
N ASN C 351 -35.83 5.28 10.49
CA ASN C 351 -34.92 4.71 11.46
C ASN C 351 -35.66 4.16 12.68
N ALA C 352 -36.75 4.82 13.08
CA ALA C 352 -37.48 4.40 14.28
C ALA C 352 -38.11 3.03 14.09
N GLU C 353 -38.76 2.80 12.95
CA GLU C 353 -39.38 1.51 12.70
C GLU C 353 -38.33 0.42 12.51
N LYS C 354 -37.20 0.77 11.89
CA LYS C 354 -36.11 -0.18 11.72
C LYS C 354 -35.55 -0.63 13.07
N PHE C 355 -35.30 0.32 13.96
CA PHE C 355 -34.80 0.00 15.28
C PHE C 355 -35.82 -0.78 16.09
N ASP C 356 -37.11 -0.43 15.96
CA ASP C 356 -38.15 -1.17 16.64
C ASP C 356 -38.21 -2.62 16.17
N TYR C 357 -38.10 -2.83 14.86
CA TYR C 357 -38.15 -4.19 14.31
C TYR C 357 -36.96 -5.01 14.79
N VAL C 358 -35.75 -4.45 14.70
CA VAL C 358 -34.57 -5.23 15.11
C VAL C 358 -34.58 -5.45 16.62
N MET C 359 -35.06 -4.49 17.40
CA MET C 359 -35.11 -4.66 18.85
C MET C 359 -36.14 -5.71 19.24
N GLN C 360 -37.31 -5.70 18.59
CA GLN C 360 -38.33 -6.71 18.87
C GLN C 360 -37.84 -8.10 18.52
N PHE C 361 -37.19 -8.24 17.36
CA PHE C 361 -36.74 -9.57 16.94
C PHE C 361 -35.59 -10.04 17.81
N LEU C 362 -34.69 -9.14 18.23
CA LEU C 362 -33.60 -9.54 19.10
C LEU C 362 -34.11 -9.89 20.50
N ASN C 363 -35.18 -9.22 20.94
CA ASN C 363 -35.83 -9.61 22.18
C ASN C 363 -36.46 -10.99 22.06
N LYS C 364 -37.04 -11.30 20.89
CA LYS C 364 -37.56 -12.63 20.65
C LYS C 364 -36.45 -13.67 20.69
N MET C 365 -35.28 -13.32 20.15
CA MET C 365 -34.13 -14.21 20.19
C MET C 365 -33.59 -14.41 21.60
N ALA C 366 -33.64 -13.37 22.42
CA ALA C 366 -33.08 -13.42 23.77
C ALA C 366 -34.01 -14.03 24.79
N GLY C 367 -35.22 -14.44 24.39
CA GLY C 367 -36.19 -14.95 25.34
C GLY C 367 -36.69 -13.90 26.31
N ASN C 368 -36.88 -12.66 25.84
CA ASN C 368 -37.36 -11.54 26.64
C ASN C 368 -36.47 -11.28 27.85
N GLU C 369 -35.16 -11.38 27.65
CA GLU C 369 -34.19 -11.06 28.69
C GLU C 369 -33.92 -9.55 28.69
N TYR C 370 -32.91 -9.12 29.44
CA TYR C 370 -32.60 -7.70 29.55
C TYR C 370 -31.78 -7.27 28.35
N VAL C 371 -32.35 -6.42 27.51
CA VAL C 371 -31.66 -5.80 26.39
C VAL C 371 -31.91 -4.31 26.48
N GLY C 372 -30.91 -3.56 26.92
CA GLY C 372 -31.02 -2.13 27.11
C GLY C 372 -30.44 -1.34 25.96
N PHE C 373 -30.16 -0.07 26.23
CA PHE C 373 -29.56 0.83 25.24
C PHE C 373 -28.79 1.90 26.00
N SER C 374 -27.47 1.81 25.96
CA SER C 374 -26.61 2.77 26.66
C SER C 374 -26.49 4.03 25.82
N ASN C 375 -27.35 5.01 26.13
CA ASN C 375 -27.33 6.27 25.41
C ASN C 375 -26.07 7.08 25.72
N ALA C 376 -25.48 6.85 26.89
CA ALA C 376 -24.22 7.52 27.24
C ALA C 376 -23.10 7.13 26.28
N THR C 377 -23.04 5.85 25.91
CA THR C 377 -22.06 5.40 24.94
C THR C 377 -22.50 5.63 23.50
N PHE C 378 -23.73 6.10 23.29
CA PHE C 378 -24.17 6.48 21.95
C PHE C 378 -23.90 7.95 21.66
N GLN C 379 -23.99 8.81 22.68
CA GLN C 379 -23.57 10.20 22.51
C GLN C 379 -22.07 10.29 22.27
N SER C 380 -21.28 9.53 23.03
CA SER C 380 -19.91 9.29 22.65
C SER C 380 -19.88 8.36 21.45
N GLU C 381 -18.73 8.36 20.74
CA GLU C 381 -18.47 7.57 19.54
C GLU C 381 -19.26 8.09 18.35
N ARG C 382 -20.16 9.04 18.58
CA ARG C 382 -20.84 9.79 17.53
C ARG C 382 -20.19 11.15 17.31
N GLU C 383 -19.82 11.83 18.39
CA GLU C 383 -19.05 13.06 18.32
C GLU C 383 -17.55 12.83 18.33
N SER C 384 -17.11 11.59 18.53
CA SER C 384 -15.70 11.27 18.60
C SER C 384 -15.26 10.17 17.65
N GLY C 385 -16.19 9.41 17.08
CA GLY C 385 -15.83 8.38 16.12
C GLY C 385 -15.72 8.93 14.72
N ASP C 386 -14.49 9.21 14.28
CA ASP C 386 -14.25 9.84 12.99
C ASP C 386 -13.83 8.85 11.91
N ARG C 387 -13.21 7.73 12.29
CA ARG C 387 -12.78 6.75 11.30
C ARG C 387 -13.98 6.10 10.61
N ASN C 388 -15.04 5.84 11.37
CA ASN C 388 -16.25 5.25 10.79
C ASN C 388 -16.90 6.21 9.81
N PHE C 389 -16.87 7.52 10.09
CA PHE C 389 -17.40 8.49 9.15
C PHE C 389 -16.60 8.50 7.85
N ALA C 390 -15.26 8.40 7.98
CA ALA C 390 -14.41 8.34 6.79
C ALA C 390 -14.70 7.08 5.98
N ILE C 391 -14.90 5.95 6.66
CA ILE C 391 -15.22 4.70 5.96
C ILE C 391 -16.56 4.82 5.24
N GLY C 392 -17.56 5.41 5.90
CA GLY C 392 -18.86 5.57 5.27
C GLY C 392 -18.83 6.49 4.07
N TYR C 393 -18.08 7.59 4.17
CA TYR C 393 -17.95 8.49 3.02
C TYR C 393 -17.17 7.85 1.89
N TYR C 394 -16.17 7.02 2.22
CA TYR C 394 -15.43 6.29 1.19
C TYR C 394 -16.35 5.30 0.47
N LEU C 395 -17.19 4.59 1.22
CA LEU C 395 -18.14 3.67 0.60
C LEU C 395 -19.16 4.41 -0.26
N LYS C 396 -19.61 5.59 0.19
CA LYS C 396 -20.51 6.39 -0.63
C LYS C 396 -19.84 6.86 -1.90
N GLU C 397 -18.56 7.24 -1.81
CA GLU C 397 -17.83 7.67 -3.00
C GLU C 397 -17.61 6.51 -3.97
N LYS C 398 -17.40 5.30 -3.46
CA LYS C 398 -17.19 4.14 -4.31
C LYS C 398 -18.49 3.58 -4.89
N LYS C 399 -19.64 4.13 -4.49
CA LYS C 399 -20.95 3.74 -5.02
C LYS C 399 -21.24 2.26 -4.80
N CYS C 400 -21.01 1.79 -3.58
CA CYS C 400 -21.29 0.41 -3.21
C CYS C 400 -22.44 0.34 -2.20
N PHE C 401 -23.45 1.18 -2.40
CA PHE C 401 -24.64 1.23 -1.56
C PHE C 401 -25.86 0.86 -2.39
N PRO C 402 -26.94 0.39 -1.75
CA PRO C 402 -28.20 0.21 -2.48
C PRO C 402 -28.77 1.54 -2.93
N GLU C 403 -29.61 1.46 -3.97
CA GLU C 403 -30.15 2.67 -4.57
C GLU C 403 -31.11 3.38 -3.61
N GLY C 404 -31.00 4.71 -3.58
CA GLY C 404 -31.87 5.53 -2.75
C GLY C 404 -31.65 5.35 -1.25
N THR C 405 -30.39 5.33 -0.84
CA THR C 405 -30.03 5.15 0.57
C THR C 405 -29.20 6.34 1.05
N ASP C 406 -29.58 6.88 2.20
CA ASP C 406 -28.86 8.01 2.79
C ASP C 406 -27.73 7.50 3.67
N MET C 407 -26.53 8.03 3.45
CA MET C 407 -25.35 7.50 4.14
C MET C 407 -25.33 7.90 5.61
N VAL C 408 -25.71 9.15 5.91
CA VAL C 408 -25.61 9.66 7.27
C VAL C 408 -26.58 8.94 8.20
N GLY C 409 -27.83 8.75 7.75
CA GLY C 409 -28.80 8.05 8.56
C GLY C 409 -28.44 6.60 8.77
N ILE C 410 -27.89 5.95 7.75
CA ILE C 410 -27.46 4.56 7.87
C ILE C 410 -26.29 4.44 8.84
N LEU C 411 -25.36 5.39 8.79
CA LEU C 411 -24.25 5.39 9.74
C LEU C 411 -24.72 5.63 11.17
N ASP C 412 -25.69 6.51 11.35
CA ASP C 412 -26.26 6.72 12.68
C ASP C 412 -26.98 5.47 13.18
N PHE C 413 -27.69 4.77 12.27
CA PHE C 413 -28.33 3.52 12.63
C PHE C 413 -27.30 2.46 13.03
N TYR C 414 -26.18 2.42 12.32
CA TYR C 414 -25.10 1.49 12.67
C TYR C 414 -24.53 1.81 14.04
N PHE C 415 -24.38 3.10 14.34
CA PHE C 415 -23.94 3.51 15.68
C PHE C 415 -24.94 3.07 16.74
N GLN C 416 -26.23 3.20 16.45
CA GLN C 416 -27.26 2.78 17.38
C GLN C 416 -27.23 1.28 17.62
N LEU C 417 -27.01 0.49 16.56
CA LEU C 417 -26.87 -0.96 16.73
C LEU C 417 -25.64 -1.30 17.55
N CYS C 418 -24.54 -0.57 17.36
CA CYS C 418 -23.36 -0.79 18.20
C CYS C 418 -23.57 -0.32 19.63
N SER C 419 -24.55 0.55 19.88
CA SER C 419 -24.75 1.11 21.21
C SER C 419 -25.69 0.27 22.07
N ILE C 420 -26.15 -0.89 21.58
CA ILE C 420 -27.00 -1.76 22.38
C ILE C 420 -26.18 -2.36 23.51
N GLU C 421 -26.77 -2.44 24.71
CA GLU C 421 -26.11 -3.00 25.88
C GLU C 421 -26.90 -4.19 26.41
N VAL C 422 -26.18 -5.25 26.76
CA VAL C 422 -26.76 -6.43 27.40
C VAL C 422 -25.83 -6.86 28.54
N THR C 423 -26.37 -7.67 29.44
CA THR C 423 -25.58 -8.30 30.48
C THR C 423 -24.98 -9.61 29.98
N CYS C 424 -24.06 -10.16 30.76
CA CYS C 424 -23.45 -11.43 30.40
C CYS C 424 -24.48 -12.56 30.44
N GLU C 425 -25.37 -12.56 31.43
CA GLU C 425 -26.43 -13.56 31.49
C GLU C 425 -27.38 -13.42 30.30
N SER C 426 -27.69 -12.17 29.91
CA SER C 426 -28.54 -11.96 28.74
C SER C 426 -27.82 -12.34 27.46
N ALA C 427 -26.51 -12.12 27.40
CA ALA C 427 -25.71 -12.52 26.25
C ALA C 427 -25.39 -14.00 26.24
N SER C 428 -25.69 -14.73 27.31
CA SER C 428 -25.58 -16.18 27.27
C SER C 428 -26.67 -16.79 26.41
N VAL C 429 -27.86 -16.18 26.41
CA VAL C 429 -28.90 -16.58 25.47
C VAL C 429 -28.47 -16.24 24.04
N MET C 430 -27.78 -15.12 23.87
CA MET C 430 -27.08 -14.87 22.62
C MET C 430 -26.00 -15.93 22.43
N ALA C 431 -25.69 -16.22 21.16
CA ALA C 431 -24.79 -17.30 20.74
C ALA C 431 -25.26 -18.66 21.23
N ALA C 432 -26.54 -18.79 21.55
CA ALA C 432 -27.14 -20.07 21.90
C ALA C 432 -28.35 -20.38 21.04
N THR C 433 -29.10 -19.37 20.59
CA THR C 433 -30.09 -19.57 19.54
C THR C 433 -29.42 -20.00 18.24
N LEU C 434 -28.30 -19.36 17.90
CA LEU C 434 -27.53 -19.76 16.74
C LEU C 434 -26.61 -20.93 17.01
N ALA C 435 -26.36 -21.28 18.27
CA ALA C 435 -25.73 -22.56 18.57
C ALA C 435 -26.69 -23.71 18.31
N ASN C 436 -27.99 -23.45 18.46
CA ASN C 436 -29.03 -24.41 18.08
C ASN C 436 -29.27 -24.31 16.58
N GLY C 437 -30.34 -24.95 16.10
CA GLY C 437 -30.69 -24.84 14.69
C GLY C 437 -31.56 -23.64 14.40
N GLY C 438 -31.17 -22.48 14.93
CA GLY C 438 -31.96 -21.27 14.77
C GLY C 438 -33.09 -21.11 15.74
N PHE C 439 -33.28 -22.05 16.65
CA PHE C 439 -34.35 -21.98 17.65
C PHE C 439 -33.79 -21.46 18.97
N CYS C 440 -34.64 -20.72 19.69
CA CYS C 440 -34.24 -20.19 20.98
C CYS C 440 -34.05 -21.32 21.97
N PRO C 441 -32.93 -21.35 22.72
CA PRO C 441 -32.72 -22.44 23.67
C PRO C 441 -33.67 -22.43 24.86
N ILE C 442 -34.31 -21.30 25.13
CA ILE C 442 -35.20 -21.17 26.28
C ILE C 442 -36.66 -21.31 25.87
N THR C 443 -37.11 -20.52 24.91
CA THR C 443 -38.50 -20.54 24.50
C THR C 443 -38.81 -21.57 23.42
N GLY C 444 -37.81 -22.00 22.65
CA GLY C 444 -38.05 -22.98 21.60
C GLY C 444 -38.75 -22.42 20.38
N GLU C 445 -38.85 -21.10 20.26
CA GLU C 445 -39.53 -20.49 19.13
C GLU C 445 -38.64 -20.51 17.89
N ARG C 446 -39.28 -20.35 16.74
CA ARG C 446 -38.57 -20.23 15.48
C ARG C 446 -38.03 -18.80 15.36
N VAL C 447 -36.71 -18.66 15.30
CA VAL C 447 -36.08 -17.35 15.28
C VAL C 447 -35.40 -17.14 13.94
N LEU C 448 -34.37 -17.93 13.66
CA LEU C 448 -33.57 -17.77 12.45
C LEU C 448 -33.68 -18.99 11.56
N SER C 449 -33.62 -18.75 10.26
CA SER C 449 -33.52 -19.84 9.31
C SER C 449 -32.18 -20.56 9.46
N PRO C 450 -32.14 -21.88 9.24
CA PRO C 450 -30.86 -22.61 9.35
C PRO C 450 -29.79 -22.14 8.39
N GLU C 451 -30.18 -21.62 7.22
CA GLU C 451 -29.20 -21.10 6.28
C GLU C 451 -28.47 -19.89 6.85
N ALA C 452 -29.22 -18.97 7.48
CA ALA C 452 -28.61 -17.79 8.08
C ALA C 452 -27.67 -18.17 9.22
N VAL C 453 -28.08 -19.13 10.05
CA VAL C 453 -27.25 -19.59 11.16
C VAL C 453 -25.97 -20.22 10.64
N ARG C 454 -26.09 -21.07 9.62
CA ARG C 454 -24.89 -21.71 9.05
C ARG C 454 -23.96 -20.68 8.44
N ASN C 455 -24.50 -19.69 7.72
CA ASN C 455 -23.68 -18.66 7.10
C ASN C 455 -22.96 -17.81 8.14
N THR C 456 -23.67 -17.38 9.20
CA THR C 456 -23.02 -16.54 10.20
C THR C 456 -22.03 -17.35 11.04
N LEU C 457 -22.28 -18.65 11.23
CA LEU C 457 -21.30 -19.49 11.92
C LEU C 457 -20.03 -19.64 11.10
N SER C 458 -20.18 -19.84 9.78
CA SER C 458 -19.01 -19.94 8.91
C SER C 458 -18.24 -18.62 8.88
N LEU C 459 -18.95 -17.50 8.85
CA LEU C 459 -18.27 -16.20 8.81
C LEU C 459 -17.54 -15.91 10.12
N MET C 460 -18.16 -16.25 11.26
CA MET C 460 -17.48 -16.08 12.54
C MET C 460 -16.28 -17.00 12.67
N HIS C 461 -16.37 -18.22 12.12
CA HIS C 461 -15.23 -19.12 12.14
C HIS C 461 -14.11 -18.61 11.24
N SER C 462 -14.45 -17.98 10.13
CA SER C 462 -13.44 -17.52 9.18
C SER C 462 -12.76 -16.24 9.66
N CYS C 463 -13.53 -15.17 9.82
CA CYS C 463 -12.96 -13.84 10.09
C CYS C 463 -13.66 -13.17 11.26
N GLY C 464 -13.96 -13.92 12.30
CA GLY C 464 -14.63 -13.38 13.46
C GLY C 464 -13.72 -12.83 14.54
N MET C 465 -12.40 -12.79 14.32
CA MET C 465 -11.49 -12.32 15.35
C MET C 465 -10.42 -11.38 14.79
N TRP C 466 -10.71 -10.69 13.69
CA TRP C 466 -9.81 -9.73 13.01
C TRP C 466 -8.53 -10.48 12.61
N ASP C 467 -7.36 -9.89 12.85
CA ASP C 467 -6.10 -10.52 12.50
C ASP C 467 -5.77 -11.72 13.37
N PHE C 468 -6.44 -11.88 14.51
CA PHE C 468 -6.23 -13.01 15.39
C PHE C 468 -7.08 -14.21 15.02
N SER C 469 -7.85 -14.12 13.93
CA SER C 469 -8.77 -15.20 13.55
C SER C 469 -8.01 -16.48 13.18
N GLY C 470 -6.90 -16.34 12.46
CA GLY C 470 -6.12 -17.52 12.09
C GLY C 470 -5.54 -18.22 13.29
N GLN C 471 -4.98 -17.45 14.24
CA GLN C 471 -4.43 -18.05 15.45
C GLN C 471 -5.52 -18.66 16.32
N PHE C 472 -6.69 -18.02 16.37
CA PHE C 472 -7.81 -18.57 17.14
C PHE C 472 -8.32 -19.87 16.55
N ALA C 473 -8.40 -19.95 15.22
CA ALA C 473 -8.79 -21.20 14.58
C ALA C 473 -7.71 -22.26 14.73
N PHE C 474 -6.44 -21.84 14.79
CA PHE C 474 -5.35 -22.79 14.97
C PHE C 474 -5.37 -23.40 16.36
N HIS C 475 -5.60 -22.58 17.39
CA HIS C 475 -5.56 -23.07 18.77
C HIS C 475 -6.93 -23.51 19.27
N VAL C 476 -7.90 -22.60 19.27
CA VAL C 476 -9.22 -22.93 19.79
C VAL C 476 -10.04 -23.68 18.76
N GLY C 477 -10.11 -23.15 17.55
CA GLY C 477 -10.90 -23.77 16.49
C GLY C 477 -12.39 -23.75 16.73
N LEU C 478 -12.92 -22.66 17.28
CA LEU C 478 -14.34 -22.52 17.52
C LEU C 478 -14.82 -21.17 16.98
N PRO C 479 -16.08 -21.10 16.53
CA PRO C 479 -16.60 -19.81 16.05
C PRO C 479 -16.80 -18.85 17.21
N ALA C 480 -16.22 -17.65 17.07
CA ALA C 480 -16.31 -16.64 18.11
C ALA C 480 -16.20 -15.26 17.48
N LYS C 481 -16.85 -14.29 18.12
CA LYS C 481 -16.81 -12.90 17.69
C LYS C 481 -16.40 -12.03 18.87
N SER C 482 -15.53 -11.06 18.61
CA SER C 482 -15.02 -10.17 19.64
C SER C 482 -15.48 -8.74 19.37
N GLY C 483 -15.11 -7.85 20.29
CA GLY C 483 -15.47 -6.45 20.16
C GLY C 483 -14.64 -5.60 21.10
N VAL C 484 -14.64 -4.29 20.83
CA VAL C 484 -13.84 -3.37 21.62
C VAL C 484 -14.39 -3.14 23.02
N ALA C 485 -15.65 -3.51 23.26
CA ALA C 485 -16.19 -3.41 24.61
C ALA C 485 -15.50 -4.40 25.56
N GLY C 486 -15.22 -5.60 25.08
CA GLY C 486 -14.58 -6.62 25.89
C GLY C 486 -15.34 -7.92 25.88
N GLY C 487 -16.36 -8.00 25.03
CA GLY C 487 -17.17 -9.20 24.93
C GLY C 487 -16.65 -10.18 23.89
N ILE C 488 -16.77 -11.46 24.21
CA ILE C 488 -16.41 -12.54 23.30
C ILE C 488 -17.63 -13.44 23.13
N LEU C 489 -18.09 -13.58 21.90
CA LEU C 489 -19.29 -14.37 21.59
C LEU C 489 -18.87 -15.77 21.15
N LEU C 490 -18.32 -16.52 22.10
CA LEU C 490 -17.84 -17.86 21.82
C LEU C 490 -19.01 -18.81 21.59
N VAL C 491 -18.97 -19.55 20.48
CA VAL C 491 -20.04 -20.43 20.07
C VAL C 491 -19.48 -21.85 19.93
N VAL C 492 -20.15 -22.81 20.55
CA VAL C 492 -19.91 -24.22 20.31
C VAL C 492 -21.11 -24.77 19.56
N PRO C 493 -20.93 -25.26 18.32
CA PRO C 493 -22.10 -25.63 17.51
C PRO C 493 -22.79 -26.87 18.05
N ASN C 494 -24.12 -26.79 18.16
CA ASN C 494 -25.01 -27.86 18.62
C ASN C 494 -24.72 -28.32 20.04
N VAL C 495 -23.95 -27.57 20.82
CA VAL C 495 -23.66 -27.97 22.19
C VAL C 495 -24.09 -26.89 23.18
N MET C 496 -23.47 -25.72 23.11
CA MET C 496 -23.67 -24.69 24.13
C MET C 496 -23.14 -23.36 23.61
N GLY C 497 -23.55 -22.29 24.30
CA GLY C 497 -23.05 -20.96 24.04
C GLY C 497 -22.32 -20.40 25.26
N MET C 498 -21.59 -19.32 25.04
CA MET C 498 -20.76 -18.76 26.10
C MET C 498 -20.47 -17.29 25.80
N MET C 499 -20.37 -16.49 26.85
CA MET C 499 -20.00 -15.09 26.75
C MET C 499 -18.97 -14.74 27.82
N CYS C 500 -17.90 -14.06 27.42
CA CYS C 500 -16.87 -13.61 28.33
C CYS C 500 -16.73 -12.10 28.23
N TRP C 501 -16.56 -11.44 29.37
CA TRP C 501 -16.58 -9.98 29.44
C TRP C 501 -15.39 -9.49 30.24
N SER C 502 -14.53 -8.69 29.59
CA SER C 502 -13.33 -8.17 30.24
C SER C 502 -12.89 -6.87 29.56
N PRO C 503 -12.95 -5.75 30.26
CA PRO C 503 -12.62 -4.44 29.66
C PRO C 503 -11.19 -4.31 29.14
N PRO C 504 -10.16 -4.92 29.76
CA PRO C 504 -8.83 -4.84 29.13
C PRO C 504 -8.79 -5.53 27.79
N LEU C 505 -7.96 -4.97 26.89
CA LEU C 505 -7.90 -5.39 25.50
C LEU C 505 -6.46 -5.58 25.06
N ASP C 506 -6.29 -6.41 24.03
CA ASP C 506 -5.00 -6.53 23.37
C ASP C 506 -4.84 -5.42 22.34
N LYS C 507 -3.64 -5.34 21.76
CA LYS C 507 -3.38 -4.32 20.75
C LYS C 507 -4.14 -4.58 19.45
N MET C 508 -4.57 -5.82 19.20
CA MET C 508 -5.36 -6.13 18.02
C MET C 508 -6.84 -5.84 18.21
N GLY C 509 -7.28 -5.57 19.43
CA GLY C 509 -8.67 -5.30 19.70
C GLY C 509 -9.46 -6.43 20.32
N ASN C 510 -8.81 -7.31 21.08
CA ASN C 510 -9.48 -8.44 21.71
C ASN C 510 -9.10 -8.50 23.18
N SER C 511 -10.00 -9.04 24.00
CA SER C 511 -9.75 -9.15 25.42
C SER C 511 -8.72 -10.23 25.71
N VAL C 512 -7.70 -9.88 26.49
CA VAL C 512 -6.64 -10.82 26.81
C VAL C 512 -7.15 -11.92 27.73
N LYS C 513 -7.95 -11.55 28.74
CA LYS C 513 -8.46 -12.53 29.69
C LYS C 513 -9.39 -13.53 29.01
N GLY C 514 -10.24 -13.05 28.10
CA GLY C 514 -11.13 -13.96 27.38
C GLY C 514 -10.37 -14.91 26.48
N ILE C 515 -9.32 -14.43 25.81
CA ILE C 515 -8.51 -15.28 24.95
C ILE C 515 -7.78 -16.34 25.76
N HIS C 516 -7.20 -15.95 26.90
CA HIS C 516 -6.54 -16.92 27.76
C HIS C 516 -7.52 -17.94 28.33
N PHE C 517 -8.73 -17.48 28.68
CA PHE C 517 -9.76 -18.39 29.17
C PHE C 517 -10.18 -19.39 28.10
N CYS C 518 -10.32 -18.92 26.85
CA CYS C 518 -10.67 -19.82 25.76
C CYS C 518 -9.56 -20.84 25.50
N HIS C 519 -8.30 -20.39 25.56
CA HIS C 519 -7.19 -21.32 25.38
C HIS C 519 -7.16 -22.37 26.47
N ASP C 520 -7.38 -21.96 27.73
CA ASP C 520 -7.42 -22.92 28.83
C ASP C 520 -8.59 -23.88 28.70
N LEU C 521 -9.75 -23.38 28.26
CA LEU C 521 -10.92 -24.24 28.09
C LEU C 521 -10.70 -25.27 27.00
N VAL C 522 -10.13 -24.85 25.85
CA VAL C 522 -9.90 -25.82 24.78
C VAL C 522 -8.74 -26.75 25.11
N SER C 523 -7.83 -26.34 26.01
CA SER C 523 -6.78 -27.26 26.44
C SER C 523 -7.28 -28.28 27.44
N LEU C 524 -8.23 -27.90 28.30
CA LEU C 524 -8.71 -28.80 29.34
C LEU C 524 -9.80 -29.75 28.82
N CYS C 525 -10.89 -29.20 28.31
CA CYS C 525 -11.98 -30.02 27.78
C CYS C 525 -11.82 -30.26 26.29
N LEU D 139 -13.91 -69.34 14.19
CA LEU D 139 -15.17 -68.76 13.74
C LEU D 139 -15.06 -68.27 12.30
N GLU D 140 -13.90 -68.52 11.68
CA GLU D 140 -13.68 -68.08 10.30
C GLU D 140 -14.51 -68.88 9.31
N ASP D 141 -14.99 -70.07 9.69
CA ASP D 141 -15.90 -70.82 8.83
C ASP D 141 -17.22 -70.07 8.65
N LEU D 142 -17.74 -69.47 9.73
CA LEU D 142 -18.97 -68.69 9.62
C LEU D 142 -18.74 -67.42 8.80
N LEU D 143 -17.56 -66.82 8.91
CA LEU D 143 -17.25 -65.65 8.10
C LEU D 143 -17.15 -66.02 6.62
N PHE D 144 -16.58 -67.18 6.31
CA PHE D 144 -16.57 -67.65 4.92
C PHE D 144 -17.97 -67.97 4.44
N TYR D 145 -18.82 -68.52 5.32
CA TYR D 145 -20.22 -68.76 4.99
C TYR D 145 -20.95 -67.46 4.69
N THR D 146 -20.59 -66.39 5.40
CA THR D 146 -21.08 -65.06 5.06
C THR D 146 -20.56 -64.63 3.69
N ILE D 147 -19.29 -64.92 3.40
CA ILE D 147 -18.73 -64.62 2.09
C ILE D 147 -19.36 -65.50 1.02
N ALA D 148 -19.45 -66.80 1.28
CA ALA D 148 -19.94 -67.77 0.30
C ALA D 148 -21.46 -67.89 0.41
N GLU D 149 -22.02 -68.91 -0.23
CA GLU D 149 -23.45 -69.19 -0.17
C GLU D 149 -23.78 -70.44 0.63
N GLY D 150 -22.78 -71.18 1.08
CA GLY D 150 -23.00 -72.37 1.89
C GLY D 150 -22.33 -73.62 1.36
N GLN D 151 -21.66 -73.57 0.22
CA GLN D 151 -21.03 -74.75 -0.35
C GLN D 151 -19.61 -74.91 0.15
N GLU D 152 -19.07 -76.12 0.00
CA GLU D 152 -17.66 -76.35 0.32
C GLU D 152 -16.77 -76.08 -0.88
N LYS D 153 -17.21 -76.49 -2.07
CA LYS D 153 -16.50 -76.18 -3.30
C LYS D 153 -16.89 -74.79 -3.77
N ILE D 154 -15.93 -73.87 -3.77
CA ILE D 154 -16.18 -72.45 -4.03
C ILE D 154 -15.32 -72.03 -5.21
N PRO D 155 -15.89 -71.39 -6.23
CA PRO D 155 -15.07 -70.89 -7.34
C PRO D 155 -14.14 -69.76 -6.90
N VAL D 156 -13.02 -69.64 -7.59
CA VAL D 156 -12.03 -68.63 -7.22
C VAL D 156 -12.33 -67.30 -7.89
N HIS D 157 -13.06 -67.30 -9.01
CA HIS D 157 -13.39 -66.02 -9.64
C HIS D 157 -14.46 -65.27 -8.87
N LYS D 158 -15.28 -65.98 -8.09
CA LYS D 158 -16.19 -65.32 -7.15
C LYS D 158 -15.42 -64.55 -6.09
N PHE D 159 -14.33 -65.13 -5.60
CA PHE D 159 -13.44 -64.40 -4.69
C PHE D 159 -12.70 -63.28 -5.40
N ILE D 160 -12.40 -63.46 -6.69
CA ILE D 160 -11.76 -62.40 -7.47
C ILE D 160 -12.70 -61.21 -7.60
N THR D 161 -13.96 -61.46 -7.93
CA THR D 161 -14.95 -60.39 -7.92
C THR D 161 -15.45 -60.18 -6.49
N ALA D 162 -16.42 -59.28 -6.35
CA ALA D 162 -17.07 -58.90 -5.09
C ALA D 162 -16.11 -58.26 -4.09
N LEU D 163 -14.85 -58.05 -4.47
CA LEU D 163 -13.93 -57.22 -3.70
C LEU D 163 -13.88 -55.80 -4.21
N LYS D 164 -14.07 -55.61 -5.53
CA LYS D 164 -14.28 -54.28 -6.07
C LYS D 164 -15.61 -53.71 -5.62
N SER D 165 -16.58 -54.58 -5.30
CA SER D 165 -17.81 -54.13 -4.66
C SER D 165 -17.54 -53.55 -3.27
N THR D 166 -16.58 -54.13 -2.55
CA THR D 166 -16.12 -53.56 -1.29
C THR D 166 -15.09 -52.46 -1.49
N GLY D 167 -14.68 -52.19 -2.72
CA GLY D 167 -13.79 -51.10 -3.04
C GLY D 167 -12.31 -51.36 -2.80
N LEU D 168 -11.96 -52.53 -2.27
CA LEU D 168 -10.57 -52.84 -1.93
C LEU D 168 -9.86 -53.38 -3.17
N ARG D 169 -8.77 -52.72 -3.55
CA ARG D 169 -8.00 -53.18 -4.70
C ARG D 169 -7.13 -54.38 -4.32
N THR D 170 -6.72 -55.13 -5.35
CA THR D 170 -5.98 -56.36 -5.15
C THR D 170 -4.51 -56.14 -4.82
N SER D 171 -4.01 -54.90 -4.92
CA SER D 171 -2.61 -54.60 -4.70
C SER D 171 -2.35 -53.94 -3.35
N ASP D 172 -3.11 -54.33 -2.33
CA ASP D 172 -2.91 -53.78 -0.99
C ASP D 172 -1.76 -54.51 -0.30
N PRO D 173 -0.72 -53.79 0.15
CA PRO D 173 0.40 -54.47 0.84
C PRO D 173 0.01 -55.11 2.17
N ARG D 174 -1.11 -54.71 2.78
CA ARG D 174 -1.57 -55.42 3.96
C ARG D 174 -2.02 -56.84 3.62
N LEU D 175 -2.56 -57.05 2.43
CA LEU D 175 -2.88 -58.38 1.92
C LEU D 175 -1.89 -58.83 0.86
N LYS D 176 -0.63 -58.38 0.97
CA LYS D 176 0.43 -58.88 0.10
C LYS D 176 0.65 -60.37 0.31
N GLU D 177 0.52 -60.83 1.55
CA GLU D 177 0.58 -62.27 1.82
C GLU D 177 -0.65 -62.98 1.27
N CYS D 178 -1.79 -62.30 1.18
CA CYS D 178 -2.94 -62.85 0.46
C CYS D 178 -2.66 -62.92 -1.05
N MET D 179 -1.92 -61.94 -1.58
CA MET D 179 -1.49 -62.03 -2.97
C MET D 179 -0.57 -63.22 -3.18
N ASP D 180 0.33 -63.47 -2.22
CA ASP D 180 1.24 -64.60 -2.31
C ASP D 180 0.50 -65.93 -2.25
N MET D 181 -0.49 -66.04 -1.35
CA MET D 181 -1.25 -67.29 -1.28
C MET D 181 -2.11 -67.48 -2.53
N LEU D 182 -2.61 -66.39 -3.11
CA LEU D 182 -3.38 -66.51 -4.36
C LEU D 182 -2.48 -66.97 -5.49
N ARG D 183 -1.26 -66.45 -5.57
CA ARG D 183 -0.33 -66.87 -6.61
C ARG D 183 0.08 -68.32 -6.43
N LEU D 184 0.31 -68.76 -5.19
CA LEU D 184 0.75 -70.14 -5.00
C LEU D 184 -0.41 -71.13 -5.08
N THR D 185 -1.65 -70.67 -4.92
CA THR D 185 -2.79 -71.57 -4.99
C THR D 185 -3.40 -71.65 -6.39
N LEU D 186 -3.30 -70.57 -7.19
CA LEU D 186 -3.80 -70.64 -8.56
C LEU D 186 -2.96 -71.60 -9.40
N GLN D 187 -1.65 -71.61 -9.19
CA GLN D 187 -0.77 -72.51 -9.94
C GLN D 187 -0.84 -73.94 -9.42
N THR D 188 -0.99 -74.13 -8.11
CA THR D 188 -0.98 -75.46 -7.49
C THR D 188 -2.31 -75.67 -6.77
N THR D 189 -3.30 -76.16 -7.52
CA THR D 189 -4.58 -76.56 -6.94
C THR D 189 -5.09 -77.90 -7.43
N SER D 190 -4.66 -78.39 -8.59
CA SER D 190 -5.00 -79.68 -9.17
C SER D 190 -6.49 -79.87 -9.45
N ASP D 191 -7.28 -78.82 -9.32
CA ASP D 191 -8.72 -78.89 -9.60
C ASP D 191 -9.19 -77.79 -10.54
N GLY D 192 -8.63 -76.59 -10.43
CA GLY D 192 -9.08 -75.46 -11.22
C GLY D 192 -10.30 -74.79 -10.60
N VAL D 193 -10.29 -73.45 -10.61
CA VAL D 193 -11.31 -72.54 -10.04
C VAL D 193 -11.82 -73.06 -8.69
N MET D 194 -10.90 -73.24 -7.75
CA MET D 194 -11.21 -73.79 -6.43
C MET D 194 -10.64 -72.88 -5.35
N LEU D 195 -11.43 -72.63 -4.31
CA LEU D 195 -11.00 -71.83 -3.17
C LEU D 195 -11.01 -72.62 -1.86
N ASP D 196 -12.10 -73.33 -1.57
CA ASP D 196 -12.28 -74.26 -0.45
C ASP D 196 -12.35 -73.56 0.91
N LYS D 197 -13.19 -74.09 1.81
CA LYS D 197 -13.32 -73.52 3.15
C LYS D 197 -12.07 -73.75 3.98
N ASP D 198 -11.57 -74.99 4.00
CA ASP D 198 -10.46 -75.34 4.89
C ASP D 198 -9.17 -74.66 4.46
N LEU D 199 -8.98 -74.44 3.15
CA LEU D 199 -7.84 -73.68 2.68
C LEU D 199 -7.88 -72.24 3.20
N PHE D 200 -9.07 -71.64 3.19
CA PHE D 200 -9.22 -70.28 3.72
C PHE D 200 -9.01 -70.24 5.22
N LYS D 201 -9.42 -71.30 5.92
CA LYS D 201 -9.17 -71.39 7.36
C LYS D 201 -7.68 -71.48 7.66
N LYS D 202 -6.95 -72.29 6.88
CA LYS D 202 -5.53 -72.53 7.17
C LYS D 202 -4.66 -71.35 6.75
N CYS D 203 -5.00 -70.70 5.64
CA CYS D 203 -4.07 -69.75 5.01
C CYS D 203 -3.95 -68.46 5.79
N VAL D 204 -5.05 -67.71 5.94
CA VAL D 204 -5.00 -66.39 6.56
C VAL D 204 -4.78 -66.54 8.06
N GLN D 205 -3.69 -65.95 8.55
CA GLN D 205 -3.34 -66.01 9.97
C GLN D 205 -3.15 -64.65 10.61
N SER D 206 -3.06 -63.57 9.85
CA SER D 206 -2.92 -62.23 10.42
C SER D 206 -3.82 -61.19 9.78
N ASN D 207 -4.46 -61.47 8.64
CA ASN D 207 -5.32 -60.52 7.95
C ASN D 207 -6.80 -60.86 8.09
N ILE D 208 -7.17 -61.50 9.19
CA ILE D 208 -8.58 -61.83 9.43
C ILE D 208 -9.39 -60.57 9.62
N VAL D 209 -8.87 -59.63 10.43
CA VAL D 209 -9.65 -58.46 10.86
C VAL D 209 -10.01 -57.58 9.68
N LEU D 210 -9.05 -57.34 8.77
CA LEU D 210 -9.31 -56.48 7.61
C LEU D 210 -10.36 -57.09 6.69
N LEU D 211 -10.27 -58.39 6.42
CA LEU D 211 -11.25 -59.05 5.55
C LEU D 211 -12.63 -59.08 6.20
N THR D 212 -12.69 -59.29 7.51
CA THR D 212 -13.99 -59.24 8.20
C THR D 212 -14.59 -57.85 8.15
N GLN D 213 -13.79 -56.81 8.38
CA GLN D 213 -14.31 -55.45 8.34
C GLN D 213 -14.73 -55.06 6.93
N ALA D 214 -14.07 -55.62 5.91
CA ALA D 214 -14.44 -55.33 4.53
C ALA D 214 -15.72 -56.07 4.15
N PHE D 215 -15.87 -57.31 4.58
CA PHE D 215 -16.94 -58.16 4.07
C PHE D 215 -18.25 -58.05 4.86
N ARG D 216 -18.23 -57.48 6.06
CA ARG D 216 -19.46 -57.25 6.80
C ARG D 216 -19.96 -55.81 6.67
N ARG D 217 -19.35 -55.04 5.76
CA ARG D 217 -19.69 -53.63 5.52
C ARG D 217 -19.54 -52.80 6.79
N LYS D 218 -18.45 -53.04 7.53
CA LYS D 218 -18.12 -52.25 8.71
C LYS D 218 -17.27 -51.04 8.38
N PHE D 219 -17.01 -50.79 7.10
CA PHE D 219 -16.22 -49.64 6.69
C PHE D 219 -17.01 -48.35 6.88
N VAL D 220 -16.30 -47.22 6.78
CA VAL D 220 -16.92 -45.92 6.99
C VAL D 220 -17.91 -45.59 5.89
N ILE D 221 -17.66 -46.03 4.67
CA ILE D 221 -18.53 -45.77 3.53
C ILE D 221 -19.09 -47.11 3.05
N PRO D 222 -20.36 -47.39 3.33
CA PRO D 222 -21.02 -48.56 2.75
C PRO D 222 -21.39 -48.30 1.30
N ASP D 223 -22.12 -49.27 0.71
CA ASP D 223 -22.77 -49.26 -0.61
C ASP D 223 -21.95 -48.50 -1.67
N PHE D 224 -20.73 -48.99 -1.86
CA PHE D 224 -19.72 -48.32 -2.68
C PHE D 224 -20.14 -48.15 -4.13
N MET D 225 -21.04 -49.00 -4.64
CA MET D 225 -21.53 -48.83 -6.00
C MET D 225 -22.32 -47.53 -6.15
N SER D 226 -23.16 -47.21 -5.16
CA SER D 226 -23.89 -45.94 -5.18
C SER D 226 -22.93 -44.76 -5.07
N PHE D 227 -21.87 -44.91 -4.29
CA PHE D 227 -20.86 -43.85 -4.18
C PHE D 227 -20.15 -43.63 -5.50
N THR D 228 -19.79 -44.71 -6.20
CA THR D 228 -19.17 -44.57 -7.51
C THR D 228 -20.13 -43.98 -8.54
N SER D 229 -21.42 -44.33 -8.45
CA SER D 229 -22.41 -43.73 -9.32
C SER D 229 -22.54 -42.23 -9.07
N HIS D 230 -22.52 -41.82 -7.80
CA HIS D 230 -22.55 -40.40 -7.46
C HIS D 230 -21.32 -39.69 -8.00
N ILE D 231 -20.14 -40.31 -7.86
CA ILE D 231 -18.90 -39.71 -8.34
C ILE D 231 -18.93 -39.58 -9.85
N ASP D 232 -19.45 -40.59 -10.54
CA ASP D 232 -19.55 -40.53 -12.00
C ASP D 232 -20.54 -39.46 -12.45
N GLU D 233 -21.65 -39.32 -11.74
CA GLU D 233 -22.61 -38.25 -12.06
C GLU D 233 -21.99 -36.87 -11.87
N LEU D 234 -21.22 -36.69 -10.79
CA LEU D 234 -20.54 -35.42 -10.57
C LEU D 234 -19.47 -35.19 -11.63
N TYR D 235 -18.80 -36.25 -12.07
CA TYR D 235 -17.83 -36.17 -13.15
C TYR D 235 -18.49 -35.68 -14.44
N GLU D 236 -19.65 -36.26 -14.77
CA GLU D 236 -20.38 -35.86 -15.97
C GLU D 236 -20.87 -34.42 -15.87
N SER D 237 -21.31 -34.01 -14.67
CA SER D 237 -21.74 -32.62 -14.48
C SER D 237 -20.57 -31.66 -14.61
N ALA D 238 -19.42 -32.00 -14.06
CA ALA D 238 -18.25 -31.12 -14.10
C ALA D 238 -17.59 -31.08 -15.47
N LYS D 239 -17.80 -32.09 -16.31
CA LYS D 239 -17.23 -32.08 -17.65
C LYS D 239 -17.87 -31.03 -18.56
N LYS D 240 -19.01 -30.46 -18.17
CA LYS D 240 -19.69 -29.48 -19.03
C LYS D 240 -18.98 -28.13 -19.04
N GLN D 241 -18.30 -27.78 -17.96
CA GLN D 241 -17.65 -26.48 -17.86
C GLN D 241 -16.43 -26.40 -18.76
N SER D 242 -16.03 -25.17 -19.09
CA SER D 242 -14.91 -24.92 -19.98
C SER D 242 -13.74 -24.26 -19.25
N GLY D 243 -13.98 -23.13 -18.58
CA GLY D 243 -12.91 -22.44 -17.88
C GLY D 243 -11.97 -21.69 -18.81
N GLY D 244 -10.70 -22.06 -18.81
CA GLY D 244 -9.69 -21.44 -19.63
C GLY D 244 -8.49 -21.00 -18.80
N LYS D 245 -7.54 -20.37 -19.49
CA LYS D 245 -6.34 -19.78 -18.89
C LYS D 245 -5.54 -20.84 -18.12
N VAL D 246 -5.00 -21.80 -18.88
CA VAL D 246 -4.35 -22.95 -18.28
C VAL D 246 -3.05 -22.55 -17.58
N ALA D 247 -2.18 -21.79 -18.26
CA ALA D 247 -0.88 -21.42 -17.72
C ALA D 247 -0.22 -20.34 -18.57
N ASP D 248 0.25 -19.26 -17.92
CA ASP D 248 1.01 -18.23 -18.60
C ASP D 248 2.52 -18.38 -18.34
N TYR D 249 2.91 -18.35 -17.07
CA TYR D 249 4.29 -18.59 -16.69
C TYR D 249 4.53 -20.09 -16.50
N ILE D 250 5.80 -20.46 -16.28
CA ILE D 250 6.28 -21.83 -16.35
C ILE D 250 5.87 -22.43 -17.69
N PRO D 251 6.55 -22.07 -18.79
CA PRO D 251 6.08 -22.50 -20.12
C PRO D 251 6.07 -23.99 -20.33
N GLN D 252 6.81 -24.76 -19.53
CA GLN D 252 6.67 -26.21 -19.57
C GLN D 252 5.29 -26.67 -19.13
N LEU D 253 4.69 -25.97 -18.16
CA LEU D 253 3.35 -26.32 -17.70
C LEU D 253 2.27 -25.99 -18.73
N ALA D 254 2.56 -25.12 -19.69
CA ALA D 254 1.57 -24.73 -20.68
C ALA D 254 1.34 -25.79 -21.75
N LYS D 255 2.16 -26.85 -21.78
CA LYS D 255 2.03 -27.88 -22.80
C LYS D 255 0.92 -28.88 -22.51
N PHE D 256 0.31 -28.82 -21.33
CA PHE D 256 -0.75 -29.76 -21.00
C PHE D 256 -2.02 -29.42 -21.77
N SER D 257 -2.80 -30.46 -22.08
CA SER D 257 -4.04 -30.27 -22.81
C SER D 257 -5.10 -29.63 -21.92
N PRO D 258 -5.85 -28.65 -22.42
CA PRO D 258 -6.85 -27.98 -21.57
C PRO D 258 -8.04 -28.87 -21.20
N ASP D 259 -8.29 -29.94 -21.95
CA ASP D 259 -9.44 -30.80 -21.68
C ASP D 259 -9.10 -32.00 -20.81
N LEU D 260 -7.88 -32.07 -20.30
CA LEU D 260 -7.50 -33.17 -19.42
C LEU D 260 -8.23 -33.04 -18.09
N TRP D 261 -8.69 -34.18 -17.56
CA TRP D 261 -9.58 -34.16 -16.40
C TRP D 261 -9.62 -35.54 -15.77
N GLY D 262 -9.35 -35.60 -14.47
CA GLY D 262 -9.37 -36.87 -13.75
C GLY D 262 -9.51 -36.64 -12.26
N VAL D 263 -10.16 -37.61 -11.59
CA VAL D 263 -10.46 -37.52 -10.16
C VAL D 263 -10.21 -38.90 -9.54
N SER D 264 -9.49 -38.91 -8.42
CA SER D 264 -9.23 -40.14 -7.67
C SER D 264 -9.75 -40.00 -6.24
N VAL D 265 -10.20 -41.11 -5.68
CA VAL D 265 -10.82 -41.14 -4.35
C VAL D 265 -10.16 -42.27 -3.56
N CYS D 266 -9.73 -41.97 -2.33
CA CYS D 266 -9.23 -42.98 -1.41
C CYS D 266 -9.71 -42.67 0.00
N THR D 267 -10.15 -43.69 0.71
CA THR D 267 -10.76 -43.53 2.03
C THR D 267 -9.77 -43.91 3.13
N VAL D 268 -10.21 -43.73 4.37
CA VAL D 268 -9.38 -44.03 5.53
C VAL D 268 -9.20 -45.54 5.69
N ASP D 269 -10.26 -46.31 5.46
CA ASP D 269 -10.18 -47.76 5.66
C ASP D 269 -9.26 -48.42 4.63
N GLY D 270 -9.29 -47.95 3.38
CA GLY D 270 -8.42 -48.52 2.37
C GLY D 270 -9.05 -48.66 1.00
N GLN D 271 -10.39 -48.65 0.93
CA GLN D 271 -11.05 -48.75 -0.36
C GLN D 271 -10.82 -47.49 -1.19
N ARG D 272 -10.76 -47.66 -2.50
CA ARG D 272 -10.41 -46.56 -3.39
C ARG D 272 -11.09 -46.76 -4.74
N HIS D 273 -11.24 -45.64 -5.45
CA HIS D 273 -11.89 -45.63 -6.76
C HIS D 273 -11.43 -44.39 -7.51
N SER D 274 -11.24 -44.53 -8.82
CA SER D 274 -10.79 -43.41 -9.64
C SER D 274 -11.40 -43.52 -11.03
N THR D 275 -11.56 -42.37 -11.68
CA THR D 275 -12.09 -42.29 -13.04
C THR D 275 -11.24 -41.32 -13.85
N GLY D 276 -11.53 -41.25 -15.14
CA GLY D 276 -10.93 -40.25 -16.00
C GLY D 276 -9.47 -40.46 -16.34
N ASP D 277 -8.69 -39.39 -16.27
CA ASP D 277 -7.28 -39.38 -16.65
C ASP D 277 -6.37 -39.53 -15.44
N THR D 278 -6.77 -40.36 -14.49
CA THR D 278 -6.13 -40.51 -13.19
C THR D 278 -4.75 -41.15 -13.25
N LYS D 279 -4.23 -41.51 -14.43
CA LYS D 279 -2.93 -42.13 -14.53
C LYS D 279 -1.85 -41.21 -15.08
N VAL D 280 -2.21 -40.04 -15.61
CA VAL D 280 -1.24 -39.11 -16.17
C VAL D 280 -0.53 -38.38 -15.04
N PRO D 281 0.80 -38.46 -14.96
CA PRO D 281 1.52 -37.74 -13.91
C PRO D 281 1.49 -36.23 -14.12
N PHE D 282 1.51 -35.50 -13.02
CA PHE D 282 1.56 -34.04 -13.07
C PHE D 282 2.27 -33.54 -11.81
N CYS D 283 2.76 -32.30 -11.89
CA CYS D 283 3.54 -31.75 -10.79
C CYS D 283 2.64 -31.40 -9.60
N LEU D 284 3.26 -31.37 -8.42
CA LEU D 284 2.59 -31.09 -7.16
C LEU D 284 2.87 -29.67 -6.69
N GLN D 285 2.87 -28.71 -7.62
CA GLN D 285 3.15 -27.32 -7.30
C GLN D 285 2.11 -26.77 -6.32
N SER D 286 2.61 -26.30 -5.17
CA SER D 286 1.87 -25.71 -4.05
C SER D 286 0.97 -26.69 -3.32
N CYS D 287 0.85 -27.93 -3.78
CA CYS D 287 0.12 -28.95 -3.05
C CYS D 287 1.02 -29.74 -2.12
N VAL D 288 2.33 -29.52 -2.18
CA VAL D 288 3.28 -30.19 -1.29
C VAL D 288 3.55 -29.36 -0.05
N LYS D 289 3.16 -28.07 -0.04
CA LYS D 289 3.41 -27.21 1.11
C LYS D 289 2.77 -27.68 2.41
N PRO D 290 1.51 -28.16 2.46
CA PRO D 290 1.05 -28.79 3.71
C PRO D 290 1.87 -30.01 4.11
N LEU D 291 2.33 -30.80 3.13
CA LEU D 291 3.13 -31.99 3.45
C LEU D 291 4.48 -31.60 4.04
N LYS D 292 5.15 -30.62 3.43
CA LYS D 292 6.44 -30.19 3.97
C LYS D 292 6.28 -29.48 5.30
N TYR D 293 5.15 -28.78 5.51
CA TYR D 293 4.86 -28.21 6.81
C TYR D 293 4.68 -29.28 7.87
N ALA D 294 3.98 -30.36 7.51
CA ALA D 294 3.81 -31.48 8.44
C ALA D 294 5.15 -32.14 8.77
N ILE D 295 6.01 -32.30 7.77
CA ILE D 295 7.33 -32.88 8.00
C ILE D 295 8.15 -31.99 8.93
N ALA D 296 8.14 -30.68 8.68
CA ALA D 296 8.88 -29.74 9.50
C ALA D 296 8.38 -29.73 10.95
N VAL D 297 7.06 -29.75 11.13
CA VAL D 297 6.51 -29.78 12.48
C VAL D 297 6.87 -31.08 13.18
N ASN D 298 6.76 -32.21 12.47
CA ASN D 298 7.10 -33.52 13.04
C ASN D 298 8.55 -33.57 13.48
N ASP D 299 9.44 -32.93 12.72
CA ASP D 299 10.85 -32.99 13.06
C ASP D 299 11.27 -31.94 14.09
N LEU D 300 10.56 -30.82 14.22
CA LEU D 300 11.08 -29.70 15.00
C LEU D 300 10.18 -29.19 16.12
N GLY D 301 8.94 -29.62 16.25
CA GLY D 301 8.07 -29.04 17.23
C GLY D 301 7.38 -27.78 16.73
N THR D 302 6.11 -27.62 17.07
CA THR D 302 5.33 -26.51 16.51
C THR D 302 5.79 -25.16 17.00
N GLU D 303 6.30 -25.07 18.24
CA GLU D 303 6.81 -23.80 18.74
C GLU D 303 8.04 -23.35 17.97
N TYR D 304 8.98 -24.27 17.73
CA TYR D 304 10.16 -23.92 16.96
C TYR D 304 9.82 -23.66 15.50
N VAL D 305 8.80 -24.34 14.97
CA VAL D 305 8.39 -24.09 13.60
C VAL D 305 7.79 -22.70 13.45
N HIS D 306 6.90 -22.32 14.37
CA HIS D 306 6.22 -21.04 14.30
C HIS D 306 6.98 -19.92 14.98
N ARG D 307 8.21 -20.19 15.44
CA ARG D 307 9.08 -19.10 15.87
C ARG D 307 9.42 -18.17 14.71
N TYR D 308 9.44 -18.69 13.48
CA TYR D 308 9.78 -17.91 12.31
C TYR D 308 8.60 -17.60 11.40
N VAL D 309 7.54 -18.40 11.45
CA VAL D 309 6.40 -18.27 10.55
C VAL D 309 5.15 -18.00 11.37
N GLY D 310 4.34 -17.04 10.92
CA GLY D 310 3.06 -16.79 11.53
C GLY D 310 2.02 -17.82 11.11
N LYS D 311 0.81 -17.63 11.60
CA LYS D 311 -0.29 -18.56 11.34
C LYS D 311 -1.57 -17.79 11.01
N GLU D 312 -1.46 -16.76 10.18
CA GLU D 312 -2.60 -15.95 9.80
C GLU D 312 -2.74 -15.89 8.28
N PRO D 313 -3.95 -15.74 7.76
CA PRO D 313 -4.12 -15.56 6.31
C PRO D 313 -3.58 -14.22 5.86
N SER D 314 -3.14 -14.17 4.60
CA SER D 314 -2.54 -12.97 4.05
C SER D 314 -3.57 -12.01 3.47
N GLY D 315 -4.58 -12.52 2.77
CA GLY D 315 -5.57 -11.69 2.14
C GLY D 315 -5.23 -11.25 0.73
N LEU D 316 -4.04 -11.57 0.23
CA LEU D 316 -3.62 -11.24 -1.12
C LEU D 316 -3.20 -12.52 -1.84
N ARG D 317 -2.70 -12.35 -3.06
CA ARG D 317 -2.25 -13.49 -3.85
C ARG D 317 -0.98 -14.09 -3.26
N PHE D 318 -0.71 -15.34 -3.63
CA PHE D 318 0.47 -16.03 -3.14
C PHE D 318 1.76 -15.45 -3.72
N ASN D 319 1.69 -14.77 -4.86
CA ASN D 319 2.85 -14.13 -5.45
C ASN D 319 3.14 -12.77 -4.85
N LYS D 320 2.27 -12.24 -3.99
CA LYS D 320 2.45 -10.90 -3.47
C LYS D 320 3.63 -10.86 -2.50
N LEU D 321 4.37 -9.75 -2.55
CA LEU D 321 5.62 -9.60 -1.82
C LEU D 321 5.40 -8.63 -0.67
N PHE D 322 4.94 -9.17 0.47
CA PHE D 322 4.77 -8.37 1.68
C PHE D 322 4.74 -9.31 2.87
N LEU D 323 5.01 -8.74 4.04
CA LEU D 323 5.05 -9.48 5.29
C LEU D 323 4.04 -8.89 6.27
N ASN D 324 4.01 -9.45 7.48
CA ASN D 324 3.10 -8.99 8.51
C ASN D 324 3.71 -7.80 9.24
N GLU D 325 3.13 -7.44 10.39
CA GLU D 325 3.67 -6.36 11.20
C GLU D 325 5.01 -6.72 11.81
N ASP D 326 5.29 -8.01 12.00
CA ASP D 326 6.51 -8.47 12.64
C ASP D 326 7.58 -8.89 11.65
N ASP D 327 7.43 -8.49 10.37
CA ASP D 327 8.38 -8.81 9.30
C ASP D 327 8.58 -10.32 9.15
N LYS D 328 7.46 -11.05 9.13
CA LYS D 328 7.44 -12.49 8.97
C LYS D 328 6.42 -12.87 7.92
N PRO D 329 6.59 -14.02 7.27
CA PRO D 329 5.54 -14.52 6.37
C PRO D 329 4.26 -14.83 7.15
N HIS D 330 3.13 -14.62 6.49
CA HIS D 330 1.84 -14.73 7.17
C HIS D 330 1.49 -16.16 7.51
N ASN D 331 1.79 -17.10 6.62
CA ASN D 331 1.43 -18.49 6.81
C ASN D 331 2.33 -19.34 5.93
N PRO D 332 2.52 -20.63 6.26
CA PRO D 332 3.34 -21.50 5.39
C PRO D 332 2.74 -21.77 4.03
N MET D 333 1.46 -21.48 3.81
CA MET D 333 0.83 -21.79 2.53
C MET D 333 1.33 -20.88 1.40
N VAL D 334 1.60 -19.60 1.71
CA VAL D 334 2.11 -18.69 0.69
C VAL D 334 3.58 -18.97 0.44
N ASN D 335 4.13 -18.35 -0.61
CA ASN D 335 5.48 -18.69 -1.07
C ASN D 335 6.54 -18.36 -0.04
N ALA D 336 6.41 -17.23 0.65
CA ALA D 336 7.41 -16.85 1.65
C ALA D 336 7.43 -17.82 2.81
N GLY D 337 6.25 -18.22 3.29
CA GLY D 337 6.19 -19.22 4.35
C GLY D 337 6.75 -20.56 3.92
N ALA D 338 6.49 -20.96 2.67
CA ALA D 338 7.04 -22.19 2.14
C ALA D 338 8.57 -22.14 2.09
N ILE D 339 9.12 -20.99 1.69
CA ILE D 339 10.57 -20.85 1.65
C ILE D 339 11.16 -20.95 3.06
N VAL D 340 10.53 -20.28 4.03
CA VAL D 340 11.07 -20.29 5.39
C VAL D 340 10.96 -21.69 6.00
N VAL D 341 9.86 -22.41 5.74
CA VAL D 341 9.77 -23.75 6.31
C VAL D 341 10.64 -24.77 5.56
N THR D 342 10.99 -24.51 4.29
CA THR D 342 12.02 -25.34 3.66
C THR D 342 13.39 -25.03 4.24
N SER D 343 13.60 -23.80 4.72
CA SER D 343 14.88 -23.47 5.34
C SER D 343 15.09 -24.20 6.66
N LEU D 344 14.01 -24.67 7.30
CA LEU D 344 14.12 -25.27 8.62
C LEU D 344 14.38 -26.77 8.58
N ILE D 345 14.14 -27.44 7.45
CA ILE D 345 14.22 -28.89 7.40
C ILE D 345 15.68 -29.30 7.21
N LYS D 346 16.28 -29.86 8.26
CA LYS D 346 17.64 -30.41 8.24
C LYS D 346 18.67 -29.37 7.78
N GLN D 347 18.80 -28.34 8.61
CA GLN D 347 19.59 -27.16 8.23
C GLN D 347 21.07 -27.47 8.09
N GLY D 348 21.60 -28.42 8.85
CA GLY D 348 23.00 -28.73 8.82
C GLY D 348 23.44 -29.73 7.77
N VAL D 349 22.53 -30.17 6.91
CA VAL D 349 22.80 -31.22 5.93
C VAL D 349 22.51 -30.66 4.54
N ASN D 350 23.34 -31.03 3.56
CA ASN D 350 23.22 -30.50 2.20
C ASN D 350 21.96 -31.04 1.52
N ASN D 351 21.75 -30.59 0.27
CA ASN D 351 20.52 -30.88 -0.45
C ASN D 351 20.41 -32.35 -0.84
N ALA D 352 21.54 -33.02 -1.08
CA ALA D 352 21.53 -34.38 -1.60
C ALA D 352 20.89 -35.36 -0.63
N GLU D 353 21.07 -35.14 0.67
CA GLU D 353 20.42 -35.99 1.65
C GLU D 353 19.07 -35.44 2.10
N LYS D 354 18.88 -34.13 2.02
CA LYS D 354 17.58 -33.54 2.36
C LYS D 354 16.50 -34.02 1.41
N PHE D 355 16.81 -34.06 0.11
CA PHE D 355 15.84 -34.55 -0.86
C PHE D 355 15.54 -36.03 -0.66
N ASP D 356 16.56 -36.82 -0.33
CA ASP D 356 16.34 -38.24 -0.05
C ASP D 356 15.49 -38.42 1.20
N TYR D 357 15.69 -37.57 2.21
CA TYR D 357 14.91 -37.63 3.44
C TYR D 357 13.44 -37.32 3.19
N VAL D 358 13.17 -36.21 2.49
CA VAL D 358 11.79 -35.84 2.23
C VAL D 358 11.14 -36.82 1.24
N MET D 359 11.92 -37.41 0.34
CA MET D 359 11.37 -38.41 -0.57
C MET D 359 11.06 -39.71 0.18
N GLN D 360 11.87 -40.05 1.18
CA GLN D 360 11.57 -41.21 2.01
C GLN D 360 10.28 -41.02 2.78
N PHE D 361 10.08 -39.83 3.37
CA PHE D 361 8.82 -39.57 4.05
C PHE D 361 7.64 -39.55 3.08
N LEU D 362 7.83 -38.99 1.89
CA LEU D 362 6.74 -38.98 0.91
C LEU D 362 6.39 -40.39 0.44
N ASN D 363 7.40 -41.24 0.26
CA ASN D 363 7.14 -42.62 -0.14
C ASN D 363 6.47 -43.41 0.97
N LYS D 364 6.85 -43.16 2.23
CA LYS D 364 6.18 -43.81 3.34
C LYS D 364 4.74 -43.34 3.47
N MET D 365 4.49 -42.06 3.21
CA MET D 365 3.12 -41.55 3.24
C MET D 365 2.29 -42.11 2.09
N ALA D 366 2.89 -42.27 0.93
CA ALA D 366 2.20 -42.72 -0.27
C ALA D 366 2.06 -44.23 -0.35
N GLY D 367 2.64 -44.97 0.59
CA GLY D 367 2.60 -46.42 0.53
C GLY D 367 3.36 -47.01 -0.63
N ASN D 368 4.55 -46.47 -0.91
CA ASN D 368 5.41 -46.92 -2.01
C ASN D 368 4.70 -46.88 -3.36
N GLU D 369 3.91 -45.82 -3.57
CA GLU D 369 3.26 -45.61 -4.86
C GLU D 369 4.19 -44.82 -5.77
N TYR D 370 3.66 -44.32 -6.88
CA TYR D 370 4.48 -43.62 -7.86
C TYR D 370 4.69 -42.18 -7.42
N VAL D 371 5.90 -41.86 -6.97
CA VAL D 371 6.29 -40.50 -6.63
C VAL D 371 7.52 -40.19 -7.47
N GLY D 372 7.31 -39.59 -8.64
CA GLY D 372 8.38 -39.32 -9.57
C GLY D 372 8.96 -37.94 -9.42
N PHE D 373 9.62 -37.49 -10.49
CA PHE D 373 10.23 -36.17 -10.52
C PHE D 373 10.22 -35.66 -11.96
N SER D 374 9.50 -34.56 -12.20
CA SER D 374 9.43 -33.97 -13.53
C SER D 374 10.57 -32.97 -13.65
N ASN D 375 11.69 -33.42 -14.23
CA ASN D 375 12.84 -32.55 -14.39
C ASN D 375 12.59 -31.47 -15.44
N ALA D 376 11.68 -31.72 -16.37
CA ALA D 376 11.35 -30.71 -17.38
C ALA D 376 10.72 -29.48 -16.76
N THR D 377 9.84 -29.68 -15.76
CA THR D 377 9.24 -28.56 -15.07
C THR D 377 10.14 -28.01 -13.97
N PHE D 378 11.25 -28.68 -13.66
CA PHE D 378 12.23 -28.13 -12.73
C PHE D 378 13.26 -27.27 -13.43
N GLN D 379 13.64 -27.62 -14.66
CA GLN D 379 14.51 -26.74 -15.44
C GLN D 379 13.79 -25.44 -15.79
N SER D 380 12.52 -25.54 -16.19
CA SER D 380 11.67 -24.37 -16.21
C SER D 380 11.33 -23.98 -14.77
N GLU D 381 10.86 -22.73 -14.62
CA GLU D 381 10.47 -22.10 -13.35
C GLU D 381 11.72 -21.78 -12.51
N ARG D 382 12.88 -22.22 -12.96
CA ARG D 382 14.17 -21.81 -12.41
C ARG D 382 14.88 -20.82 -13.32
N GLU D 383 14.77 -20.99 -14.63
CA GLU D 383 15.24 -20.00 -15.59
C GLU D 383 14.20 -18.94 -15.89
N SER D 384 12.96 -19.14 -15.46
CA SER D 384 11.87 -18.21 -15.73
C SER D 384 11.15 -17.72 -14.49
N GLY D 385 11.26 -18.41 -13.36
CA GLY D 385 10.63 -17.96 -12.14
C GLY D 385 11.40 -16.83 -11.49
N ASP D 386 10.87 -15.61 -11.58
CA ASP D 386 11.56 -14.43 -11.09
C ASP D 386 10.94 -13.84 -9.83
N ARG D 387 9.64 -14.00 -9.63
CA ARG D 387 9.00 -13.46 -8.44
C ARG D 387 9.46 -14.18 -7.18
N ASN D 388 9.69 -15.49 -7.28
CA ASN D 388 10.16 -16.25 -6.13
C ASN D 388 11.56 -15.84 -5.73
N PHE D 389 12.43 -15.52 -6.70
CA PHE D 389 13.76 -15.05 -6.39
C PHE D 389 13.71 -13.71 -5.65
N ALA D 390 12.83 -12.80 -6.09
CA ALA D 390 12.68 -11.53 -5.41
C ALA D 390 12.13 -11.71 -4.01
N ILE D 391 11.18 -12.64 -3.83
CA ILE D 391 10.63 -12.93 -2.51
C ILE D 391 11.71 -13.46 -1.59
N GLY D 392 12.54 -14.39 -2.09
CA GLY D 392 13.60 -14.94 -1.28
C GLY D 392 14.66 -13.91 -0.90
N TYR D 393 15.01 -13.03 -1.84
CA TYR D 393 15.98 -11.98 -1.53
C TYR D 393 15.41 -10.98 -0.54
N TYR D 394 14.10 -10.69 -0.64
CA TYR D 394 13.45 -9.83 0.34
C TYR D 394 13.46 -10.46 1.73
N LEU D 395 13.21 -11.78 1.80
CA LEU D 395 13.26 -12.48 3.08
C LEU D 395 14.66 -12.48 3.66
N LYS D 396 15.67 -12.63 2.81
CA LYS D 396 17.06 -12.55 3.27
C LYS D 396 17.39 -11.15 3.76
N GLU D 397 16.86 -10.12 3.09
CA GLU D 397 17.10 -8.75 3.51
C GLU D 397 16.43 -8.45 4.85
N LYS D 398 15.26 -9.02 5.09
CA LYS D 398 14.56 -8.82 6.35
C LYS D 398 15.13 -9.67 7.49
N LYS D 399 16.10 -10.53 7.20
CA LYS D 399 16.80 -11.36 8.20
C LYS D 399 15.83 -12.25 8.98
N CYS D 400 14.83 -12.80 8.28
CA CYS D 400 13.91 -13.74 8.88
C CYS D 400 14.36 -15.19 8.74
N PHE D 401 15.47 -15.43 8.05
CA PHE D 401 16.00 -16.76 7.87
C PHE D 401 16.71 -17.24 9.14
N PRO D 402 16.82 -18.55 9.34
CA PRO D 402 17.65 -19.07 10.43
C PRO D 402 19.12 -18.78 10.19
N GLU D 403 19.87 -18.82 11.29
CA GLU D 403 21.30 -18.49 11.24
C GLU D 403 22.07 -19.53 10.44
N GLY D 404 23.04 -19.07 9.66
CA GLY D 404 23.86 -19.94 8.86
C GLY D 404 23.12 -20.66 7.75
N THR D 405 22.27 -19.95 7.01
CA THR D 405 21.46 -20.53 5.95
C THR D 405 21.73 -19.78 4.65
N ASP D 406 21.94 -20.53 3.57
CA ASP D 406 22.18 -19.96 2.25
C ASP D 406 20.85 -19.77 1.53
N MET D 407 20.66 -18.58 0.96
CA MET D 407 19.39 -18.26 0.32
C MET D 407 19.22 -19.01 -0.99
N VAL D 408 20.27 -19.05 -1.82
CA VAL D 408 20.15 -19.61 -3.16
C VAL D 408 19.94 -21.12 -3.11
N GLY D 409 20.70 -21.81 -2.25
CA GLY D 409 20.54 -23.25 -2.14
C GLY D 409 19.19 -23.65 -1.58
N ILE D 410 18.70 -22.89 -0.60
CA ILE D 410 17.39 -23.18 -0.02
C ILE D 410 16.28 -22.91 -1.03
N LEU D 411 16.43 -21.85 -1.83
CA LEU D 411 15.46 -21.58 -2.88
C LEU D 411 15.46 -22.67 -3.94
N ASP D 412 16.65 -23.16 -4.30
CA ASP D 412 16.73 -24.26 -5.26
C ASP D 412 16.11 -25.54 -4.69
N PHE D 413 16.31 -25.79 -3.40
CA PHE D 413 15.68 -26.94 -2.76
C PHE D 413 14.17 -26.78 -2.72
N TYR D 414 13.68 -25.55 -2.53
CA TYR D 414 12.24 -25.30 -2.58
C TYR D 414 11.68 -25.56 -3.96
N PHE D 415 12.41 -25.15 -5.01
CA PHE D 415 11.99 -25.45 -6.37
C PHE D 415 11.97 -26.96 -6.62
N GLN D 416 12.96 -27.67 -6.10
CA GLN D 416 12.99 -29.13 -6.22
C GLN D 416 11.81 -29.76 -5.52
N LEU D 417 11.46 -29.27 -4.33
CA LEU D 417 10.31 -29.80 -3.60
C LEU D 417 9.02 -29.54 -4.35
N CYS D 418 8.89 -28.35 -4.96
CA CYS D 418 7.71 -28.05 -5.75
C CYS D 418 7.66 -28.84 -7.05
N SER D 419 8.80 -29.32 -7.54
CA SER D 419 8.87 -30.01 -8.83
C SER D 419 8.54 -31.49 -8.73
N ILE D 420 8.22 -32.00 -7.55
CA ILE D 420 7.87 -33.42 -7.40
C ILE D 420 6.53 -33.68 -8.07
N GLU D 421 6.47 -34.76 -8.87
CA GLU D 421 5.28 -35.09 -9.62
C GLU D 421 4.68 -36.41 -9.13
N VAL D 422 3.36 -36.47 -9.08
CA VAL D 422 2.61 -37.68 -8.74
C VAL D 422 1.39 -37.77 -9.66
N THR D 423 0.79 -38.95 -9.70
CA THR D 423 -0.47 -39.14 -10.40
C THR D 423 -1.64 -38.89 -9.46
N CYS D 424 -2.85 -38.89 -10.02
CA CYS D 424 -4.05 -38.72 -9.21
C CYS D 424 -4.24 -39.88 -8.25
N GLU D 425 -4.00 -41.11 -8.71
CA GLU D 425 -4.09 -42.28 -7.84
C GLU D 425 -3.04 -42.24 -6.74
N SER D 426 -1.81 -41.84 -7.09
CA SER D 426 -0.75 -41.74 -6.09
C SER D 426 -1.04 -40.62 -5.09
N ALA D 427 -1.56 -39.49 -5.57
CA ALA D 427 -1.93 -38.40 -4.68
C ALA D 427 -3.18 -38.70 -3.87
N SER D 428 -3.96 -39.70 -4.26
CA SER D 428 -5.11 -40.10 -3.46
C SER D 428 -4.69 -40.77 -2.16
N VAL D 429 -3.52 -41.43 -2.15
CA VAL D 429 -2.99 -41.94 -0.91
C VAL D 429 -2.63 -40.81 0.03
N MET D 430 -2.05 -39.74 -0.50
CA MET D 430 -1.94 -38.50 0.25
C MET D 430 -3.33 -37.90 0.46
N ALA D 431 -3.43 -37.03 1.46
CA ALA D 431 -4.66 -36.44 2.00
C ALA D 431 -5.59 -37.47 2.62
N ALA D 432 -5.20 -38.75 2.66
CA ALA D 432 -5.87 -39.77 3.45
C ALA D 432 -5.05 -40.22 4.64
N THR D 433 -3.72 -40.13 4.55
CA THR D 433 -2.87 -40.31 5.72
C THR D 433 -3.14 -39.23 6.75
N LEU D 434 -3.28 -37.98 6.30
CA LEU D 434 -3.61 -36.88 7.20
C LEU D 434 -5.11 -36.71 7.38
N ALA D 435 -5.93 -37.42 6.62
CA ALA D 435 -7.34 -37.55 7.00
C ALA D 435 -7.48 -38.46 8.22
N ASN D 436 -6.60 -39.45 8.33
CA ASN D 436 -6.51 -40.28 9.52
C ASN D 436 -5.65 -39.55 10.56
N GLY D 437 -5.27 -40.25 11.62
CA GLY D 437 -4.42 -39.66 12.63
C GLY D 437 -2.94 -39.82 12.31
N GLY D 438 -2.56 -39.48 11.07
CA GLY D 438 -1.20 -39.65 10.62
C GLY D 438 -0.84 -41.04 10.15
N PHE D 439 -1.78 -41.98 10.21
CA PHE D 439 -1.52 -43.36 9.79
C PHE D 439 -1.84 -43.53 8.31
N CYS D 440 -0.95 -44.21 7.61
CA CYS D 440 -1.15 -44.46 6.19
C CYS D 440 -2.27 -45.48 6.00
N PRO D 441 -3.33 -45.16 5.26
CA PRO D 441 -4.42 -46.13 5.06
C PRO D 441 -3.98 -47.36 4.28
N ILE D 442 -3.04 -47.20 3.34
CA ILE D 442 -2.62 -48.33 2.51
C ILE D 442 -1.80 -49.33 3.31
N THR D 443 -0.85 -48.84 4.11
CA THR D 443 0.06 -49.73 4.82
C THR D 443 -0.32 -49.97 6.27
N GLY D 444 -1.05 -49.05 6.90
CA GLY D 444 -1.35 -49.18 8.32
C GLY D 444 -0.22 -48.76 9.24
N GLU D 445 0.85 -48.17 8.71
CA GLU D 445 1.99 -47.76 9.51
C GLU D 445 1.70 -46.39 10.13
N ARG D 446 2.70 -45.84 10.82
CA ARG D 446 2.63 -44.50 11.39
C ARG D 446 3.63 -43.61 10.69
N VAL D 447 3.17 -42.46 10.21
CA VAL D 447 3.99 -41.55 9.41
C VAL D 447 4.19 -40.21 10.12
N LEU D 448 3.09 -39.59 10.57
CA LEU D 448 3.13 -38.27 11.16
C LEU D 448 2.49 -38.27 12.53
N SER D 449 2.99 -37.39 13.40
CA SER D 449 2.39 -37.21 14.71
C SER D 449 1.01 -36.56 14.58
N PRO D 450 0.07 -36.89 15.47
CA PRO D 450 -1.26 -36.27 15.40
C PRO D 450 -1.26 -34.76 15.56
N GLU D 451 -0.31 -34.20 16.32
CA GLU D 451 -0.26 -32.76 16.48
C GLU D 451 0.06 -32.08 15.15
N ALA D 452 1.01 -32.61 14.39
CA ALA D 452 1.35 -32.05 13.09
C ALA D 452 0.18 -32.16 12.11
N VAL D 453 -0.52 -33.29 12.13
CA VAL D 453 -1.68 -33.49 11.27
C VAL D 453 -2.78 -32.48 11.60
N ARG D 454 -3.05 -32.30 12.89
CA ARG D 454 -4.05 -31.32 13.31
C ARG D 454 -3.65 -29.90 12.91
N ASN D 455 -2.37 -29.57 13.07
CA ASN D 455 -1.90 -28.22 12.73
C ASN D 455 -2.03 -27.96 11.22
N THR D 456 -1.59 -28.91 10.40
CA THR D 456 -1.67 -28.69 8.96
C THR D 456 -3.10 -28.74 8.45
N LEU D 457 -3.97 -29.53 9.09
CA LEU D 457 -5.38 -29.52 8.71
C LEU D 457 -6.02 -28.18 9.05
N SER D 458 -5.72 -27.63 10.23
CA SER D 458 -6.26 -26.33 10.60
C SER D 458 -5.76 -25.23 9.67
N LEU D 459 -4.46 -25.26 9.34
CA LEU D 459 -3.92 -24.24 8.46
C LEU D 459 -4.49 -24.34 7.04
N MET D 460 -4.65 -25.56 6.53
CA MET D 460 -5.23 -25.74 5.21
C MET D 460 -6.70 -25.35 5.20
N HIS D 461 -7.42 -25.61 6.29
CA HIS D 461 -8.81 -25.17 6.39
C HIS D 461 -8.91 -23.65 6.45
N SER D 462 -7.98 -23.00 7.14
CA SER D 462 -8.05 -21.55 7.32
C SER D 462 -7.65 -20.81 6.05
N CYS D 463 -6.41 -21.01 5.59
CA CYS D 463 -5.86 -20.22 4.50
C CYS D 463 -5.17 -21.11 3.48
N GLY D 464 -5.84 -22.19 3.08
CA GLY D 464 -5.32 -23.10 2.09
C GLY D 464 -5.85 -22.90 0.69
N MET D 465 -6.52 -21.77 0.40
CA MET D 465 -7.06 -21.54 -0.94
C MET D 465 -6.85 -20.10 -1.40
N TRP D 466 -5.83 -19.43 -0.88
CA TRP D 466 -5.45 -18.03 -1.20
C TRP D 466 -6.65 -17.14 -0.88
N ASP D 467 -7.01 -16.20 -1.75
CA ASP D 467 -8.15 -15.31 -1.51
C ASP D 467 -9.49 -16.02 -1.63
N PHE D 468 -9.51 -17.23 -2.19
CA PHE D 468 -10.73 -18.00 -2.34
C PHE D 468 -11.03 -18.83 -1.09
N SER D 469 -10.21 -18.70 -0.05
CA SER D 469 -10.37 -19.52 1.15
C SER D 469 -11.67 -19.23 1.87
N GLY D 470 -12.03 -17.95 1.99
CA GLY D 470 -13.30 -17.60 2.63
C GLY D 470 -14.50 -18.11 1.86
N GLN D 471 -14.48 -17.98 0.54
CA GLN D 471 -15.55 -18.50 -0.30
C GLN D 471 -15.65 -20.02 -0.17
N PHE D 472 -14.52 -20.71 -0.17
CA PHE D 472 -14.52 -22.17 -0.10
C PHE D 472 -15.01 -22.65 1.27
N ALA D 473 -14.61 -21.98 2.34
CA ALA D 473 -15.13 -22.32 3.66
C ALA D 473 -16.60 -21.96 3.79
N PHE D 474 -17.06 -20.96 3.04
CA PHE D 474 -18.47 -20.59 3.08
C PHE D 474 -19.34 -21.62 2.40
N HIS D 475 -18.95 -22.08 1.21
CA HIS D 475 -19.80 -23.00 0.45
C HIS D 475 -19.46 -24.47 0.64
N VAL D 476 -18.20 -24.81 0.89
CA VAL D 476 -17.78 -26.20 1.08
C VAL D 476 -17.44 -26.47 2.54
N GLY D 477 -16.60 -25.64 3.13
CA GLY D 477 -16.21 -25.81 4.52
C GLY D 477 -15.38 -27.05 4.80
N LEU D 478 -14.47 -27.40 3.89
CA LEU D 478 -13.58 -28.54 4.07
C LEU D 478 -12.15 -28.12 3.79
N PRO D 479 -11.18 -28.74 4.45
CA PRO D 479 -9.77 -28.40 4.20
C PRO D 479 -9.30 -28.85 2.83
N ALA D 480 -8.92 -27.91 1.97
CA ALA D 480 -8.42 -28.21 0.64
C ALA D 480 -7.25 -27.30 0.32
N LYS D 481 -6.32 -27.83 -0.49
CA LYS D 481 -5.15 -27.08 -0.93
C LYS D 481 -5.12 -27.08 -2.45
N SER D 482 -4.95 -25.90 -3.03
CA SER D 482 -4.94 -25.75 -4.48
C SER D 482 -3.51 -25.75 -5.00
N GLY D 483 -3.36 -25.49 -6.29
CA GLY D 483 -2.04 -25.42 -6.89
C GLY D 483 -2.08 -24.89 -8.31
N VAL D 484 -0.96 -24.32 -8.78
CA VAL D 484 -0.92 -23.77 -10.13
C VAL D 484 -0.89 -24.86 -11.18
N ALA D 485 -0.48 -26.09 -10.81
CA ALA D 485 -0.54 -27.20 -11.75
C ALA D 485 -1.98 -27.55 -12.09
N GLY D 486 -2.88 -27.51 -11.11
CA GLY D 486 -4.27 -27.81 -11.34
C GLY D 486 -4.83 -28.81 -10.35
N GLY D 487 -4.03 -29.19 -9.35
CA GLY D 487 -4.47 -30.15 -8.38
C GLY D 487 -5.24 -29.52 -7.24
N ILE D 488 -6.14 -30.30 -6.65
CA ILE D 488 -6.90 -29.91 -5.47
C ILE D 488 -6.79 -31.02 -4.45
N LEU D 489 -6.22 -30.70 -3.28
CA LEU D 489 -6.01 -31.68 -2.22
C LEU D 489 -7.14 -31.58 -1.20
N LEU D 490 -8.34 -31.98 -1.62
CA LEU D 490 -9.49 -31.94 -0.74
C LEU D 490 -9.40 -33.05 0.31
N VAL D 491 -9.55 -32.67 1.57
CA VAL D 491 -9.46 -33.60 2.69
C VAL D 491 -10.78 -33.57 3.46
N VAL D 492 -11.36 -34.73 3.67
CA VAL D 492 -12.47 -34.91 4.61
C VAL D 492 -11.93 -35.66 5.83
N PRO D 493 -11.96 -35.07 7.02
CA PRO D 493 -11.29 -35.70 8.17
C PRO D 493 -11.99 -36.98 8.60
N ASN D 494 -11.19 -38.01 8.82
CA ASN D 494 -11.61 -39.34 9.29
C ASN D 494 -12.58 -40.04 8.35
N VAL D 495 -12.72 -39.58 7.11
CA VAL D 495 -13.63 -40.23 6.16
C VAL D 495 -12.87 -40.68 4.93
N MET D 496 -12.33 -39.72 4.17
CA MET D 496 -11.69 -40.03 2.89
C MET D 496 -10.84 -38.87 2.43
N GLY D 497 -9.81 -39.19 1.66
CA GLY D 497 -9.04 -38.19 0.93
C GLY D 497 -9.42 -38.20 -0.55
N MET D 498 -9.08 -37.11 -1.22
CA MET D 498 -9.50 -36.97 -2.61
C MET D 498 -8.57 -36.00 -3.34
N MET D 499 -8.46 -36.20 -4.65
CA MET D 499 -7.62 -35.37 -5.51
C MET D 499 -8.38 -35.08 -6.80
N CYS D 500 -8.40 -33.81 -7.19
CA CYS D 500 -9.02 -33.38 -8.44
C CYS D 500 -7.96 -32.67 -9.28
N TRP D 501 -7.85 -33.07 -10.54
CA TRP D 501 -6.77 -32.62 -11.42
C TRP D 501 -7.37 -32.00 -12.67
N SER D 502 -7.10 -30.71 -12.88
CA SER D 502 -7.63 -29.98 -14.03
C SER D 502 -6.70 -28.84 -14.40
N PRO D 503 -6.02 -28.93 -15.54
CA PRO D 503 -5.02 -27.91 -15.94
C PRO D 503 -5.58 -26.49 -16.08
N PRO D 504 -6.81 -26.27 -16.58
CA PRO D 504 -7.32 -24.89 -16.60
C PRO D 504 -7.49 -24.32 -15.20
N LEU D 505 -7.27 -23.01 -15.08
CA LEU D 505 -7.26 -22.33 -13.80
C LEU D 505 -8.12 -21.08 -13.85
N ASP D 506 -8.63 -20.69 -12.69
CA ASP D 506 -9.32 -19.42 -12.56
C ASP D 506 -8.31 -18.28 -12.52
N LYS D 507 -8.82 -17.05 -12.50
CA LYS D 507 -7.94 -15.88 -12.43
C LYS D 507 -7.27 -15.75 -11.07
N MET D 508 -7.79 -16.43 -10.05
CA MET D 508 -7.17 -16.44 -8.73
C MET D 508 -6.06 -17.48 -8.61
N GLY D 509 -6.08 -18.52 -9.43
CA GLY D 509 -5.10 -19.57 -9.37
C GLY D 509 -5.62 -20.92 -8.93
N ASN D 510 -6.89 -21.22 -9.19
CA ASN D 510 -7.50 -22.49 -8.82
C ASN D 510 -8.24 -23.06 -10.01
N SER D 511 -8.33 -24.40 -10.04
CA SER D 511 -8.99 -25.08 -11.15
C SER D 511 -10.49 -24.85 -11.10
N VAL D 512 -11.05 -24.35 -12.20
CA VAL D 512 -12.48 -24.05 -12.25
C VAL D 512 -13.30 -25.33 -12.19
N LYS D 513 -12.87 -26.36 -12.94
CA LYS D 513 -13.59 -27.63 -12.94
C LYS D 513 -13.55 -28.29 -11.57
N GLY D 514 -12.40 -28.22 -10.89
CA GLY D 514 -12.31 -28.77 -9.54
C GLY D 514 -13.19 -28.04 -8.54
N ILE D 515 -13.25 -26.71 -8.65
CA ILE D 515 -14.09 -25.92 -7.77
C ILE D 515 -15.57 -26.25 -7.99
N HIS D 516 -15.99 -26.34 -9.26
CA HIS D 516 -17.37 -26.68 -9.55
C HIS D 516 -17.71 -28.10 -9.08
N PHE D 517 -16.76 -29.03 -9.24
CA PHE D 517 -16.96 -30.40 -8.78
C PHE D 517 -17.08 -30.46 -7.26
N CYS D 518 -16.26 -29.69 -6.55
CA CYS D 518 -16.36 -29.64 -5.09
C CYS D 518 -17.68 -29.04 -4.62
N HIS D 519 -18.14 -27.98 -5.30
CA HIS D 519 -19.42 -27.38 -4.97
C HIS D 519 -20.56 -28.36 -5.20
N ASP D 520 -20.54 -29.08 -6.33
CA ASP D 520 -21.59 -30.05 -6.61
C ASP D 520 -21.54 -31.23 -5.63
N LEU D 521 -20.34 -31.63 -5.22
CA LEU D 521 -20.21 -32.73 -4.27
C LEU D 521 -20.75 -32.33 -2.90
N VAL D 522 -20.41 -31.13 -2.42
CA VAL D 522 -20.92 -30.72 -1.11
C VAL D 522 -22.41 -30.37 -1.18
N SER D 523 -22.93 -30.06 -2.37
CA SER D 523 -24.36 -29.84 -2.51
C SER D 523 -25.13 -31.17 -2.53
N LEU D 524 -24.55 -32.21 -3.14
CA LEU D 524 -25.25 -33.48 -3.27
C LEU D 524 -25.23 -34.28 -1.97
N CYS D 525 -24.03 -34.66 -1.52
CA CYS D 525 -23.90 -35.46 -0.31
C CYS D 525 -23.77 -34.57 0.92
N LEU E 139 -79.20 74.73 -34.72
CA LEU E 139 -78.12 74.04 -35.43
C LEU E 139 -78.43 72.56 -35.54
N GLU E 140 -79.63 72.17 -35.12
CA GLU E 140 -80.03 70.77 -35.11
C GLU E 140 -80.73 70.33 -36.38
N ASP E 141 -80.68 71.14 -37.45
CA ASP E 141 -81.29 70.73 -38.72
C ASP E 141 -80.60 69.51 -39.29
N LEU E 142 -79.28 69.57 -39.46
CA LEU E 142 -78.54 68.43 -40.01
C LEU E 142 -78.47 67.29 -39.02
N LEU E 143 -78.46 67.59 -37.72
CA LEU E 143 -78.47 66.53 -36.71
C LEU E 143 -79.78 65.75 -36.73
N PHE E 144 -80.91 66.45 -36.87
CA PHE E 144 -82.19 65.77 -36.99
C PHE E 144 -82.32 65.07 -38.34
N TYR E 145 -81.68 65.61 -39.38
CA TYR E 145 -81.60 64.91 -40.66
C TYR E 145 -80.85 63.59 -40.52
N THR E 146 -79.78 63.59 -39.72
CA THR E 146 -79.08 62.34 -39.42
C THR E 146 -79.95 61.40 -38.60
N ILE E 147 -80.67 61.94 -37.61
CA ILE E 147 -81.53 61.10 -36.77
C ILE E 147 -82.71 60.56 -37.58
N ALA E 148 -83.39 61.42 -38.32
CA ALA E 148 -84.53 61.01 -39.12
C ALA E 148 -84.05 60.51 -40.48
N GLU E 149 -84.97 60.34 -41.42
CA GLU E 149 -84.65 59.89 -42.77
C GLU E 149 -85.00 60.95 -43.81
N GLY E 150 -84.83 62.22 -43.46
CA GLY E 150 -85.06 63.32 -44.38
C GLY E 150 -86.46 63.90 -44.36
N GLN E 151 -87.39 63.31 -43.62
CA GLN E 151 -88.74 63.85 -43.55
C GLN E 151 -88.78 65.10 -42.69
N GLU E 152 -89.68 66.01 -43.05
CA GLU E 152 -89.82 67.27 -42.30
C GLU E 152 -90.45 67.02 -40.94
N LYS E 153 -91.48 66.18 -40.88
CA LYS E 153 -92.20 65.91 -39.64
C LYS E 153 -92.16 64.42 -39.35
N ILE E 154 -91.92 64.10 -38.09
CA ILE E 154 -91.83 62.70 -37.64
C ILE E 154 -92.93 62.47 -36.62
N PRO E 155 -93.49 61.27 -36.52
CA PRO E 155 -94.44 60.98 -35.43
C PRO E 155 -93.79 61.12 -34.06
N VAL E 156 -94.56 61.66 -33.12
CA VAL E 156 -94.07 61.84 -31.75
C VAL E 156 -93.94 60.50 -31.05
N HIS E 157 -94.88 59.58 -31.30
CA HIS E 157 -94.83 58.26 -30.69
C HIS E 157 -93.61 57.48 -31.15
N LYS E 158 -93.25 57.59 -32.43
CA LYS E 158 -92.02 56.98 -32.91
C LYS E 158 -90.79 57.77 -32.51
N PHE E 159 -90.94 59.04 -32.16
CA PHE E 159 -89.81 59.81 -31.63
C PHE E 159 -89.50 59.42 -30.19
N ILE E 160 -90.52 59.05 -29.41
CA ILE E 160 -90.29 58.55 -28.05
C ILE E 160 -89.48 57.26 -28.09
N THR E 161 -89.81 56.36 -29.01
CA THR E 161 -88.95 55.22 -29.29
C THR E 161 -87.63 55.71 -29.88
N ALA E 162 -86.54 55.00 -29.53
CA ALA E 162 -85.16 55.30 -29.90
C ALA E 162 -84.66 56.63 -29.33
N LEU E 163 -85.48 57.31 -28.52
CA LEU E 163 -84.97 58.42 -27.73
C LEU E 163 -84.20 57.91 -26.52
N LYS E 164 -84.60 56.75 -25.99
CA LYS E 164 -83.88 56.10 -24.91
C LYS E 164 -82.85 55.10 -25.42
N SER E 165 -82.66 55.00 -26.73
CA SER E 165 -81.61 54.14 -27.28
C SER E 165 -80.23 54.63 -26.89
N THR E 166 -80.08 55.93 -26.66
CA THR E 166 -78.85 56.47 -26.09
C THR E 166 -78.73 56.22 -24.59
N GLY E 167 -79.78 55.67 -23.97
CA GLY E 167 -79.75 55.32 -22.57
C GLY E 167 -80.12 56.42 -21.61
N LEU E 168 -80.30 57.65 -22.09
CA LEU E 168 -80.62 58.77 -21.21
C LEU E 168 -82.10 58.75 -20.87
N ARG E 169 -82.40 58.71 -19.57
CA ARG E 169 -83.79 58.63 -19.12
C ARG E 169 -84.49 59.98 -19.30
N THR E 170 -85.82 59.91 -19.39
CA THR E 170 -86.63 61.10 -19.58
C THR E 170 -86.76 61.97 -18.33
N SER E 171 -86.38 61.44 -17.16
CA SER E 171 -86.50 62.17 -15.91
C SER E 171 -85.18 62.78 -15.46
N ASP E 172 -84.37 63.26 -16.40
CA ASP E 172 -83.08 63.85 -16.07
C ASP E 172 -83.25 65.32 -15.70
N PRO E 173 -82.78 65.74 -14.52
CA PRO E 173 -82.82 67.18 -14.18
C PRO E 173 -82.01 68.08 -15.09
N ARG E 174 -81.03 67.54 -15.83
CA ARG E 174 -80.34 68.36 -16.83
C ARG E 174 -81.29 68.81 -17.92
N LEU E 175 -82.16 67.92 -18.39
CA LEU E 175 -83.16 68.25 -19.40
C LEU E 175 -84.54 68.49 -18.78
N LYS E 176 -84.59 68.80 -17.48
CA LYS E 176 -85.87 68.98 -16.79
C LYS E 176 -86.67 70.12 -17.39
N GLU E 177 -86.02 71.26 -17.63
CA GLU E 177 -86.70 72.36 -18.31
C GLU E 177 -87.03 71.99 -19.75
N CYS E 178 -86.13 71.26 -20.41
CA CYS E 178 -86.43 70.74 -21.74
C CYS E 178 -87.57 69.74 -21.71
N MET E 179 -87.61 68.90 -20.66
CA MET E 179 -88.68 67.91 -20.54
C MET E 179 -90.04 68.56 -20.34
N ASP E 180 -90.12 69.55 -19.44
CA ASP E 180 -91.41 70.19 -19.21
C ASP E 180 -91.80 71.08 -20.39
N MET E 181 -90.83 71.67 -21.09
CA MET E 181 -91.12 72.39 -22.31
C MET E 181 -91.69 71.47 -23.39
N LEU E 182 -91.09 70.28 -23.55
CA LEU E 182 -91.58 69.33 -24.53
C LEU E 182 -92.98 68.83 -24.18
N ARG E 183 -93.21 68.55 -22.89
CA ARG E 183 -94.55 68.15 -22.46
C ARG E 183 -95.57 69.27 -22.70
N LEU E 184 -95.20 70.50 -22.37
CA LEU E 184 -96.11 71.64 -22.55
C LEU E 184 -96.45 71.83 -24.02
N THR E 185 -95.46 71.65 -24.91
CA THR E 185 -95.77 71.63 -26.34
C THR E 185 -96.65 70.45 -26.72
N LEU E 186 -96.58 69.34 -25.97
CA LEU E 186 -97.45 68.20 -26.28
C LEU E 186 -98.91 68.50 -25.94
N GLN E 187 -99.19 69.07 -24.75
CA GLN E 187 -100.59 69.45 -24.51
C GLN E 187 -101.00 70.66 -25.33
N THR E 188 -100.11 71.64 -25.54
CA THR E 188 -100.49 72.81 -26.31
C THR E 188 -100.24 72.62 -27.80
N THR E 189 -100.66 71.47 -28.33
CA THR E 189 -100.68 71.17 -29.75
C THR E 189 -102.09 70.87 -30.26
N SER E 190 -102.82 70.01 -29.56
CA SER E 190 -104.22 69.66 -29.85
C SER E 190 -104.40 69.05 -31.24
N ASP E 191 -103.35 68.49 -31.81
CA ASP E 191 -103.41 67.85 -33.12
C ASP E 191 -102.91 66.42 -33.11
N GLY E 192 -101.82 66.14 -32.41
CA GLY E 192 -101.24 64.81 -32.40
C GLY E 192 -100.38 64.56 -33.62
N VAL E 193 -99.50 63.55 -33.53
CA VAL E 193 -98.50 63.13 -34.52
C VAL E 193 -97.90 64.33 -35.24
N MET E 194 -97.23 65.20 -34.48
CA MET E 194 -96.74 66.47 -34.99
C MET E 194 -95.54 66.92 -34.15
N LEU E 195 -94.36 66.94 -34.76
CA LEU E 195 -93.17 67.50 -34.12
C LEU E 195 -92.59 68.66 -34.90
N ASP E 196 -92.43 68.51 -36.23
CA ASP E 196 -91.95 69.51 -37.18
C ASP E 196 -90.47 69.83 -36.97
N LYS E 197 -89.76 70.10 -38.08
CA LYS E 197 -88.33 70.39 -38.00
C LYS E 197 -88.07 71.74 -37.33
N ASP E 198 -88.80 72.78 -37.75
CA ASP E 198 -88.55 74.13 -37.26
C ASP E 198 -88.92 74.27 -35.79
N LEU E 199 -90.02 73.63 -35.37
CA LEU E 199 -90.40 73.65 -33.96
C LEU E 199 -89.36 72.94 -33.09
N PHE E 200 -88.82 71.82 -33.59
CA PHE E 200 -87.76 71.13 -32.87
C PHE E 200 -86.47 71.95 -32.83
N LYS E 201 -86.23 72.76 -33.86
CA LYS E 201 -85.06 73.64 -33.85
C LYS E 201 -85.23 74.75 -32.82
N LYS E 202 -86.39 75.40 -32.80
CA LYS E 202 -86.59 76.55 -31.93
C LYS E 202 -86.91 76.17 -30.49
N CYS E 203 -87.27 74.90 -30.23
CA CYS E 203 -87.73 74.53 -28.90
C CYS E 203 -86.58 74.43 -27.89
N VAL E 204 -85.54 73.67 -28.22
CA VAL E 204 -84.42 73.46 -27.32
C VAL E 204 -83.45 74.63 -27.46
N GLN E 205 -83.10 75.25 -26.34
CA GLN E 205 -82.26 76.45 -26.35
C GLN E 205 -80.97 76.31 -25.58
N SER E 206 -80.92 75.45 -24.55
CA SER E 206 -79.76 75.36 -23.68
C SER E 206 -79.14 73.97 -23.59
N ASN E 207 -79.91 72.91 -23.82
CA ASN E 207 -79.40 71.55 -23.72
C ASN E 207 -78.97 70.99 -25.07
N ILE E 208 -78.49 71.84 -25.97
CA ILE E 208 -78.06 71.37 -27.29
C ILE E 208 -76.82 70.49 -27.17
N VAL E 209 -75.93 70.81 -26.21
CA VAL E 209 -74.69 70.05 -26.08
C VAL E 209 -74.96 68.63 -25.62
N LEU E 210 -75.92 68.45 -24.70
CA LEU E 210 -76.26 67.12 -24.22
C LEU E 210 -76.88 66.27 -25.33
N LEU E 211 -77.78 66.85 -26.12
CA LEU E 211 -78.40 66.12 -27.21
C LEU E 211 -77.39 65.78 -28.31
N THR E 212 -76.45 66.69 -28.60
CA THR E 212 -75.43 66.38 -29.58
C THR E 212 -74.50 65.28 -29.11
N GLN E 213 -74.15 65.28 -27.81
CA GLN E 213 -73.32 64.21 -27.28
C GLN E 213 -74.06 62.88 -27.27
N ALA E 214 -75.36 62.91 -26.98
CA ALA E 214 -76.13 61.67 -26.89
C ALA E 214 -76.39 61.06 -28.26
N PHE E 215 -76.80 61.88 -29.23
CA PHE E 215 -77.29 61.37 -30.50
C PHE E 215 -76.20 61.17 -31.54
N ARG E 216 -74.97 61.62 -31.28
CA ARG E 216 -73.86 61.39 -32.19
C ARG E 216 -72.93 60.28 -31.69
N ARG E 217 -73.38 59.49 -30.72
CA ARG E 217 -72.59 58.42 -30.09
C ARG E 217 -71.29 58.96 -29.51
N LYS E 218 -71.35 60.15 -28.93
CA LYS E 218 -70.19 60.81 -28.34
C LYS E 218 -70.02 60.47 -26.86
N PHE E 219 -70.88 59.61 -26.31
CA PHE E 219 -70.77 59.21 -24.91
C PHE E 219 -69.61 58.24 -24.73
N VAL E 220 -69.30 57.96 -23.46
CA VAL E 220 -68.20 57.05 -23.14
C VAL E 220 -68.54 55.62 -23.54
N ILE E 221 -69.80 55.23 -23.44
CA ILE E 221 -70.24 53.89 -23.77
C ILE E 221 -71.19 53.96 -24.95
N PRO E 222 -70.75 53.58 -26.14
CA PRO E 222 -71.64 53.44 -27.28
C PRO E 222 -72.47 52.15 -27.16
N ASP E 223 -73.24 51.89 -28.22
CA ASP E 223 -74.04 50.67 -28.49
C ASP E 223 -74.63 50.06 -27.21
N PHE E 224 -75.41 50.90 -26.51
CA PHE E 224 -75.91 50.57 -25.18
C PHE E 224 -76.82 49.35 -25.16
N MET E 225 -77.44 48.99 -26.30
CA MET E 225 -78.25 47.79 -26.36
C MET E 225 -77.38 46.55 -26.14
N SER E 226 -76.19 46.51 -26.73
CA SER E 226 -75.28 45.39 -26.51
C SER E 226 -74.81 45.35 -25.06
N PHE E 227 -74.59 46.51 -24.45
CA PHE E 227 -74.20 46.55 -23.05
C PHE E 227 -75.31 46.01 -22.14
N THR E 228 -76.56 46.38 -22.43
CA THR E 228 -77.68 45.85 -21.65
C THR E 228 -77.85 44.36 -21.88
N SER E 229 -77.59 43.88 -23.10
CA SER E 229 -77.64 42.45 -23.37
C SER E 229 -76.57 41.70 -22.58
N HIS E 230 -75.36 42.26 -22.53
CA HIS E 230 -74.29 41.66 -21.72
C HIS E 230 -74.65 41.64 -20.24
N ILE E 231 -75.22 42.73 -19.75
CA ILE E 231 -75.61 42.83 -18.35
C ILE E 231 -76.70 41.81 -18.02
N ASP E 232 -77.68 41.66 -18.91
CA ASP E 232 -78.75 40.69 -18.70
C ASP E 232 -78.22 39.26 -18.75
N GLU E 233 -77.28 38.98 -19.66
CA GLU E 233 -76.68 37.65 -19.73
C GLU E 233 -75.92 37.33 -18.44
N LEU E 234 -75.15 38.29 -17.93
CA LEU E 234 -74.44 38.08 -16.67
C LEU E 234 -75.41 37.95 -15.50
N TYR E 235 -76.53 38.68 -15.54
CA TYR E 235 -77.57 38.56 -14.53
C TYR E 235 -78.14 37.15 -14.50
N GLU E 236 -78.49 36.61 -15.67
CA GLU E 236 -79.04 35.27 -15.74
C GLU E 236 -78.01 34.21 -15.40
N SER E 237 -76.73 34.46 -15.69
CA SER E 237 -75.68 33.53 -15.29
C SER E 237 -75.50 33.51 -13.78
N ALA E 238 -75.50 34.69 -13.15
CA ALA E 238 -75.32 34.77 -11.70
C ALA E 238 -76.57 34.37 -10.93
N LYS E 239 -77.72 34.30 -11.60
CA LYS E 239 -78.94 33.85 -10.92
C LYS E 239 -78.89 32.37 -10.52
N LYS E 240 -77.94 31.59 -11.07
CA LYS E 240 -77.91 30.16 -10.78
C LYS E 240 -77.39 29.87 -9.38
N GLN E 241 -76.56 30.75 -8.82
CA GLN E 241 -75.99 30.51 -7.50
C GLN E 241 -77.06 30.62 -6.42
N SER E 242 -76.82 29.94 -5.31
CA SER E 242 -77.78 29.88 -4.21
C SER E 242 -77.27 30.58 -2.95
N GLY E 243 -76.11 30.17 -2.44
CA GLY E 243 -75.57 30.78 -1.23
C GLY E 243 -76.40 30.45 0.00
N GLY E 244 -76.45 31.40 0.92
CA GLY E 244 -77.22 31.24 2.14
C GLY E 244 -76.69 32.17 3.22
N LYS E 245 -77.18 31.95 4.43
CA LYS E 245 -76.73 32.65 5.64
C LYS E 245 -76.90 34.17 5.50
N VAL E 246 -78.17 34.58 5.45
CA VAL E 246 -78.50 35.97 5.18
C VAL E 246 -78.00 36.88 6.31
N ALA E 247 -78.55 36.71 7.51
CA ALA E 247 -78.15 37.53 8.65
C ALA E 247 -78.55 36.81 9.93
N ASP E 248 -77.56 36.33 10.68
CA ASP E 248 -77.84 35.72 11.98
C ASP E 248 -78.27 36.78 12.99
N TYR E 249 -77.51 37.87 13.07
CA TYR E 249 -77.82 39.01 13.93
C TYR E 249 -78.53 40.08 13.12
N ILE E 250 -78.99 41.12 13.83
CA ILE E 250 -79.94 42.11 13.33
C ILE E 250 -81.15 41.37 12.76
N PRO E 251 -82.05 40.86 13.61
CA PRO E 251 -83.16 40.02 13.11
C PRO E 251 -84.12 40.75 12.18
N GLN E 252 -84.13 42.09 12.20
CA GLN E 252 -84.89 42.82 11.20
C GLN E 252 -84.34 42.59 9.80
N LEU E 253 -83.02 42.48 9.68
CA LEU E 253 -82.41 42.20 8.39
C LEU E 253 -82.65 40.76 7.93
N ALA E 254 -82.93 39.85 8.85
CA ALA E 254 -83.13 38.45 8.51
C ALA E 254 -84.47 38.17 7.86
N LYS E 255 -85.38 39.15 7.83
CA LYS E 255 -86.70 38.95 7.27
C LYS E 255 -86.72 38.98 5.74
N PHE E 256 -85.61 39.36 5.10
CA PHE E 256 -85.57 39.41 3.65
C PHE E 256 -85.48 38.00 3.07
N SER E 257 -86.19 37.78 1.97
CA SER E 257 -86.16 36.49 1.31
C SER E 257 -84.82 36.30 0.60
N PRO E 258 -84.29 35.06 0.56
CA PRO E 258 -82.97 34.84 -0.02
C PRO E 258 -82.91 34.94 -1.53
N ASP E 259 -84.04 34.96 -2.23
CA ASP E 259 -84.05 34.98 -3.68
C ASP E 259 -84.12 36.39 -4.27
N LEU E 260 -84.07 37.42 -3.43
CA LEU E 260 -84.05 38.79 -3.92
C LEU E 260 -82.72 39.07 -4.62
N TRP E 261 -82.79 39.67 -5.80
CA TRP E 261 -81.60 39.86 -6.62
C TRP E 261 -81.87 40.94 -7.64
N GLY E 262 -81.14 42.05 -7.57
CA GLY E 262 -81.32 43.16 -8.49
C GLY E 262 -80.01 43.88 -8.71
N VAL E 263 -79.84 44.39 -9.93
CA VAL E 263 -78.61 45.06 -10.35
C VAL E 263 -78.98 46.34 -11.07
N SER E 264 -78.36 47.46 -10.67
CA SER E 264 -78.56 48.75 -11.31
C SER E 264 -77.23 49.28 -11.83
N VAL E 265 -77.29 49.98 -12.95
CA VAL E 265 -76.11 50.51 -13.63
C VAL E 265 -76.36 51.96 -13.99
N CYS E 266 -75.43 52.83 -13.60
CA CYS E 266 -75.46 54.24 -14.01
C CYS E 266 -74.06 54.65 -14.41
N THR E 267 -73.95 55.45 -15.48
CA THR E 267 -72.67 55.85 -16.03
C THR E 267 -72.34 57.29 -15.64
N VAL E 268 -71.15 57.72 -16.05
CA VAL E 268 -70.70 59.08 -15.77
C VAL E 268 -71.48 60.09 -16.60
N ASP E 269 -71.72 59.78 -17.87
CA ASP E 269 -72.40 60.73 -18.76
C ASP E 269 -73.86 60.91 -18.37
N GLY E 270 -74.52 59.84 -17.93
CA GLY E 270 -75.90 59.98 -17.49
C GLY E 270 -76.82 58.83 -17.88
N GLN E 271 -76.44 58.05 -18.88
CA GLN E 271 -77.25 56.91 -19.28
C GLN E 271 -77.25 55.84 -18.19
N ARG E 272 -78.39 55.18 -18.03
CA ARG E 272 -78.54 54.23 -16.94
C ARG E 272 -79.47 53.10 -17.36
N HIS E 273 -79.35 51.98 -16.66
CA HIS E 273 -80.14 50.79 -16.93
C HIS E 273 -80.16 49.94 -15.67
N SER E 274 -81.32 49.34 -15.39
CA SER E 274 -81.46 48.54 -14.17
C SER E 274 -82.42 47.39 -14.43
N THR E 275 -82.16 46.25 -13.79
CA THR E 275 -83.00 45.07 -13.89
C THR E 275 -83.24 44.51 -12.50
N GLY E 276 -84.09 43.49 -12.43
CA GLY E 276 -84.33 42.77 -11.19
C GLY E 276 -85.20 43.51 -10.18
N ASP E 277 -84.78 43.48 -8.92
CA ASP E 277 -85.54 44.05 -7.81
C ASP E 277 -85.04 45.43 -7.44
N THR E 278 -84.68 46.23 -8.45
CA THR E 278 -84.01 47.51 -8.23
C THR E 278 -84.89 48.54 -7.53
N LYS E 279 -86.21 48.35 -7.51
CA LYS E 279 -87.11 49.30 -6.88
C LYS E 279 -87.33 49.03 -5.39
N VAL E 280 -86.83 47.91 -4.88
CA VAL E 280 -87.04 47.54 -3.48
C VAL E 280 -86.02 48.26 -2.61
N PRO E 281 -86.46 49.04 -1.62
CA PRO E 281 -85.51 49.72 -0.73
C PRO E 281 -84.78 48.73 0.16
N PHE E 282 -83.54 49.09 0.51
CA PHE E 282 -82.72 48.27 1.39
C PHE E 282 -81.71 49.18 2.08
N CYS E 283 -81.23 48.72 3.23
CA CYS E 283 -80.36 49.56 4.06
C CYS E 283 -78.95 49.65 3.47
N LEU E 284 -78.25 50.71 3.87
CA LEU E 284 -76.90 51.00 3.42
C LEU E 284 -75.86 50.63 4.48
N GLN E 285 -76.05 49.51 5.16
CA GLN E 285 -75.12 49.06 6.19
C GLN E 285 -73.74 48.82 5.61
N SER E 286 -72.74 49.52 6.17
CA SER E 286 -71.32 49.46 5.85
C SER E 286 -70.98 50.00 4.47
N CYS E 287 -71.97 50.41 3.68
CA CYS E 287 -71.70 51.00 2.37
C CYS E 287 -71.61 52.51 2.42
N VAL E 288 -72.12 53.13 3.49
CA VAL E 288 -72.06 54.58 3.64
C VAL E 288 -70.72 55.03 4.20
N LYS E 289 -69.89 54.10 4.70
CA LYS E 289 -68.61 54.46 5.28
C LYS E 289 -67.64 55.17 4.33
N PRO E 290 -67.45 54.74 3.06
CA PRO E 290 -66.65 55.59 2.15
C PRO E 290 -67.28 56.95 1.92
N LEU E 291 -68.60 57.04 1.87
CA LEU E 291 -69.26 58.32 1.66
C LEU E 291 -69.03 59.26 2.84
N LYS E 292 -69.18 58.74 4.07
CA LYS E 292 -68.96 59.59 5.23
C LYS E 292 -67.48 59.92 5.42
N TYR E 293 -66.58 59.04 4.98
CA TYR E 293 -65.16 59.37 4.96
C TYR E 293 -64.89 60.51 3.99
N ALA E 294 -65.53 60.48 2.83
CA ALA E 294 -65.41 61.58 1.87
C ALA E 294 -65.97 62.87 2.45
N ILE E 295 -67.06 62.78 3.20
CA ILE E 295 -67.64 63.96 3.84
C ILE E 295 -66.66 64.56 4.84
N ALA E 296 -66.07 63.70 5.68
CA ALA E 296 -65.13 64.17 6.70
C ALA E 296 -63.89 64.79 6.06
N VAL E 297 -63.37 64.17 5.00
CA VAL E 297 -62.19 64.70 4.33
C VAL E 297 -62.50 66.04 3.68
N ASN E 298 -63.60 66.11 2.91
CA ASN E 298 -63.95 67.34 2.22
C ASN E 298 -64.31 68.46 3.19
N ASP E 299 -64.69 68.13 4.42
CA ASP E 299 -65.00 69.17 5.39
C ASP E 299 -63.80 69.59 6.23
N LEU E 300 -62.84 68.68 6.49
CA LEU E 300 -61.81 68.99 7.47
C LEU E 300 -60.37 68.80 7.01
N GLY E 301 -60.12 68.50 5.74
CA GLY E 301 -58.75 68.28 5.33
C GLY E 301 -58.25 66.88 5.63
N THR E 302 -57.52 66.28 4.69
CA THR E 302 -57.12 64.89 4.82
C THR E 302 -56.11 64.69 5.94
N GLU E 303 -55.23 65.68 6.19
CA GLU E 303 -54.26 65.56 7.28
C GLU E 303 -54.96 65.56 8.63
N TYR E 304 -55.93 66.45 8.83
CA TYR E 304 -56.67 66.48 10.08
C TYR E 304 -57.56 65.25 10.22
N VAL E 305 -58.07 64.72 9.11
CA VAL E 305 -58.87 63.49 9.19
C VAL E 305 -58.00 62.31 9.59
N HIS E 306 -56.83 62.17 8.97
CA HIS E 306 -55.95 61.04 9.26
C HIS E 306 -55.06 61.27 10.47
N ARG E 307 -55.22 62.41 11.16
CA ARG E 307 -54.59 62.56 12.47
C ARG E 307 -55.12 61.54 13.46
N TYR E 308 -56.36 61.09 13.29
CA TYR E 308 -56.99 60.18 14.24
C TYR E 308 -57.19 58.77 13.71
N VAL E 309 -57.04 58.55 12.40
CA VAL E 309 -57.22 57.22 11.81
C VAL E 309 -56.03 56.89 10.93
N GLY E 310 -55.80 55.60 10.74
CA GLY E 310 -54.77 55.11 9.85
C GLY E 310 -55.29 54.95 8.44
N LYS E 311 -54.42 54.41 7.58
CA LYS E 311 -54.75 54.17 6.18
C LYS E 311 -54.22 52.81 5.73
N GLU E 312 -54.32 51.81 6.59
CA GLU E 312 -53.79 50.49 6.32
C GLU E 312 -54.86 49.43 6.51
N PRO E 313 -54.81 48.35 5.74
CA PRO E 313 -55.73 47.23 5.99
C PRO E 313 -55.41 46.52 7.29
N SER E 314 -56.46 45.94 7.89
CA SER E 314 -56.30 45.25 9.17
C SER E 314 -56.01 43.76 9.00
N GLY E 315 -56.58 43.13 7.97
CA GLY E 315 -56.37 41.72 7.76
C GLY E 315 -57.27 40.81 8.57
N LEU E 316 -58.20 41.37 9.34
CA LEU E 316 -59.13 40.60 10.15
C LEU E 316 -60.54 41.11 9.90
N ARG E 317 -61.50 40.47 10.57
CA ARG E 317 -62.90 40.85 10.42
C ARG E 317 -63.14 42.24 11.01
N PHE E 318 -64.16 42.92 10.48
CA PHE E 318 -64.49 44.26 10.95
C PHE E 318 -65.03 44.24 12.37
N ASN E 319 -65.64 43.14 12.79
CA ASN E 319 -66.13 43.03 14.16
C ASN E 319 -65.01 42.87 15.17
N LYS E 320 -63.83 42.42 14.74
CA LYS E 320 -62.72 42.22 15.65
C LYS E 320 -62.20 43.57 16.15
N LEU E 321 -62.00 43.68 17.45
CA LEU E 321 -61.57 44.92 18.08
C LEU E 321 -60.08 44.82 18.45
N PHE E 322 -59.28 45.64 17.79
CA PHE E 322 -57.84 45.77 18.03
C PHE E 322 -57.34 46.96 17.22
N LEU E 323 -56.26 47.56 17.70
CA LEU E 323 -55.69 48.75 17.08
C LEU E 323 -54.27 48.45 16.61
N ASN E 324 -53.65 49.45 15.97
CA ASN E 324 -52.30 49.32 15.46
C ASN E 324 -51.29 49.56 16.60
N GLU E 325 -50.03 49.73 16.24
CA GLU E 325 -49.00 50.03 17.24
C GLU E 325 -49.15 51.41 17.83
N ASP E 326 -49.88 52.31 17.17
CA ASP E 326 -50.09 53.67 17.65
C ASP E 326 -51.44 53.85 18.35
N ASP E 327 -52.14 52.74 18.63
CA ASP E 327 -53.45 52.74 19.29
C ASP E 327 -54.47 53.57 18.51
N LYS E 328 -54.55 53.31 17.22
CA LYS E 328 -55.50 53.96 16.33
C LYS E 328 -56.19 52.92 15.46
N PRO E 329 -57.40 53.20 15.00
CA PRO E 329 -58.04 52.29 14.03
C PRO E 329 -57.25 52.20 12.74
N HIS E 330 -57.28 51.02 12.12
CA HIS E 330 -56.41 50.75 10.99
C HIS E 330 -56.86 51.50 9.74
N ASN E 331 -58.16 51.61 9.52
CA ASN E 331 -58.69 52.28 8.34
C ASN E 331 -60.10 52.74 8.63
N PRO E 332 -60.61 53.74 7.91
CA PRO E 332 -62.02 54.15 8.11
C PRO E 332 -63.04 53.09 7.72
N MET E 333 -62.65 52.07 6.96
CA MET E 333 -63.62 51.08 6.48
C MET E 333 -64.11 50.17 7.61
N VAL E 334 -63.23 49.81 8.54
CA VAL E 334 -63.62 48.95 9.66
C VAL E 334 -64.45 49.75 10.65
N ASN E 335 -65.05 49.07 11.61
CA ASN E 335 -66.03 49.69 12.50
C ASN E 335 -65.41 50.78 13.37
N ALA E 336 -64.20 50.55 13.87
CA ALA E 336 -63.55 51.54 14.72
C ALA E 336 -63.24 52.81 13.94
N GLY E 337 -62.73 52.69 12.72
CA GLY E 337 -62.48 53.85 11.90
C GLY E 337 -63.75 54.58 11.53
N ALA E 338 -64.83 53.83 11.29
CA ALA E 338 -66.12 54.44 11.00
C ALA E 338 -66.63 55.25 12.20
N ILE E 339 -66.45 54.70 13.42
CA ILE E 339 -66.87 55.43 14.61
C ILE E 339 -66.05 56.70 14.78
N VAL E 340 -64.73 56.61 14.57
CA VAL E 340 -63.88 57.79 14.72
C VAL E 340 -64.23 58.86 13.69
N VAL E 341 -64.49 58.46 12.44
CA VAL E 341 -64.83 59.48 11.43
C VAL E 341 -66.25 60.00 11.62
N THR E 342 -67.14 59.26 12.27
CA THR E 342 -68.41 59.87 12.67
C THR E 342 -68.20 60.87 13.80
N SER E 343 -67.17 60.65 14.63
CA SER E 343 -66.86 61.59 15.69
C SER E 343 -66.29 62.91 15.19
N LEU E 344 -65.94 63.01 13.90
CA LEU E 344 -65.28 64.20 13.38
C LEU E 344 -66.24 65.20 12.75
N ILE E 345 -67.34 64.74 12.19
CA ILE E 345 -68.22 65.60 11.39
C ILE E 345 -69.04 66.48 12.33
N LYS E 346 -68.77 67.79 12.29
CA LYS E 346 -69.56 68.82 12.98
C LYS E 346 -69.61 68.56 14.49
N GLN E 347 -68.43 68.66 15.10
CA GLN E 347 -68.25 68.28 16.50
C GLN E 347 -69.03 69.16 17.47
N GLY E 348 -69.25 70.42 17.12
CA GLY E 348 -69.95 71.34 18.00
C GLY E 348 -71.44 71.45 17.79
N VAL E 349 -72.04 70.55 17.01
CA VAL E 349 -73.45 70.63 16.64
C VAL E 349 -74.13 69.35 17.14
N ASN E 350 -75.41 69.48 17.54
CA ASN E 350 -76.16 68.35 18.05
C ASN E 350 -76.47 67.34 16.94
N ASN E 351 -77.07 66.22 17.34
CA ASN E 351 -77.25 65.10 16.41
C ASN E 351 -78.29 65.39 15.33
N ALA E 352 -79.34 66.15 15.66
CA ALA E 352 -80.42 66.37 14.71
C ALA E 352 -79.94 67.20 13.51
N GLU E 353 -79.24 68.31 13.77
CA GLU E 353 -78.76 69.13 12.68
C GLU E 353 -77.62 68.44 11.92
N LYS E 354 -76.83 67.62 12.60
CA LYS E 354 -75.80 66.83 11.91
C LYS E 354 -76.42 65.85 10.93
N PHE E 355 -77.47 65.14 11.37
CA PHE E 355 -78.17 64.21 10.48
C PHE E 355 -78.86 64.95 9.34
N ASP E 356 -79.42 66.13 9.62
CA ASP E 356 -80.02 66.93 8.58
C ASP E 356 -79.00 67.36 7.54
N TYR E 357 -77.81 67.77 7.99
CA TYR E 357 -76.75 68.20 7.08
C TYR E 357 -76.27 67.04 6.21
N VAL E 358 -76.04 65.88 6.82
CA VAL E 358 -75.54 64.75 6.04
C VAL E 358 -76.62 64.22 5.10
N MET E 359 -77.89 64.29 5.51
CA MET E 359 -78.97 63.84 4.64
C MET E 359 -79.16 64.80 3.47
N GLN E 360 -79.05 66.10 3.70
CA GLN E 360 -79.10 67.07 2.61
C GLN E 360 -77.95 66.88 1.64
N PHE E 361 -76.75 66.61 2.17
CA PHE E 361 -75.60 66.41 1.29
C PHE E 361 -75.75 65.12 0.48
N LEU E 362 -76.28 64.07 1.11
CA LEU E 362 -76.53 62.82 0.38
C LEU E 362 -77.61 62.99 -0.67
N ASN E 363 -78.64 63.79 -0.40
CA ASN E 363 -79.65 64.09 -1.41
C ASN E 363 -79.05 64.88 -2.58
N LYS E 364 -78.14 65.81 -2.28
CA LYS E 364 -77.44 66.54 -3.33
C LYS E 364 -76.58 65.59 -4.17
N MET E 365 -75.91 64.64 -3.51
CA MET E 365 -75.08 63.68 -4.24
C MET E 365 -75.93 62.74 -5.09
N ALA E 366 -77.09 62.34 -4.59
CA ALA E 366 -77.95 61.38 -5.28
C ALA E 366 -78.81 62.02 -6.36
N GLY E 367 -78.75 63.34 -6.52
CA GLY E 367 -79.60 64.00 -7.49
C GLY E 367 -81.08 63.95 -7.13
N ASN E 368 -81.40 64.14 -5.85
CA ASN E 368 -82.77 64.13 -5.32
C ASN E 368 -83.49 62.81 -5.64
N GLU E 369 -82.77 61.71 -5.50
CA GLU E 369 -83.35 60.38 -5.66
C GLU E 369 -83.98 59.95 -4.34
N TYR E 370 -84.37 58.67 -4.24
CA TYR E 370 -85.01 58.16 -3.04
C TYR E 370 -83.93 57.79 -2.01
N VAL E 371 -83.82 58.61 -0.96
CA VAL E 371 -82.92 58.35 0.16
C VAL E 371 -83.78 58.36 1.41
N GLY E 372 -84.18 57.19 1.88
CA GLY E 372 -85.05 57.05 3.02
C GLY E 372 -84.30 56.78 4.30
N PHE E 373 -85.04 56.32 5.31
CA PHE E 373 -84.46 56.00 6.62
C PHE E 373 -85.34 54.96 7.27
N SER E 374 -84.89 53.70 7.28
CA SER E 374 -85.68 52.60 7.83
C SER E 374 -85.59 52.63 9.35
N ASN E 375 -86.71 52.94 10.01
CA ASN E 375 -86.72 52.95 11.47
C ASN E 375 -86.71 51.53 12.04
N ALA E 376 -87.18 50.55 11.26
CA ALA E 376 -87.21 49.17 11.74
C ALA E 376 -85.80 48.63 11.96
N THR E 377 -84.87 48.95 11.08
CA THR E 377 -83.49 48.53 11.22
C THR E 377 -82.65 49.48 12.07
N PHE E 378 -83.25 50.56 12.57
CA PHE E 378 -82.58 51.42 13.54
C PHE E 378 -82.99 51.13 14.97
N GLN E 379 -84.26 50.78 15.19
CA GLN E 379 -84.65 50.28 16.51
C GLN E 379 -83.97 48.95 16.82
N SER E 380 -83.91 48.06 15.83
CA SER E 380 -82.99 46.94 15.91
C SER E 380 -81.58 47.43 15.59
N GLU E 381 -80.59 46.61 16.01
CA GLU E 381 -79.15 46.85 15.88
C GLU E 381 -78.70 47.94 16.88
N ARG E 382 -79.66 48.63 17.50
CA ARG E 382 -79.37 49.48 18.64
C ARG E 382 -79.48 48.72 19.94
N GLU E 383 -80.34 47.69 19.98
CA GLU E 383 -80.46 46.82 21.14
C GLU E 383 -79.67 45.53 20.99
N SER E 384 -79.60 44.96 19.79
CA SER E 384 -78.87 43.73 19.55
C SER E 384 -77.44 43.95 19.05
N GLY E 385 -77.06 45.19 18.76
CA GLY E 385 -75.70 45.47 18.36
C GLY E 385 -74.79 45.67 19.55
N ASP E 386 -73.97 44.67 19.84
CA ASP E 386 -73.14 44.68 21.05
C ASP E 386 -71.65 44.83 20.77
N ARG E 387 -71.16 44.34 19.62
CA ARG E 387 -69.75 44.51 19.31
C ARG E 387 -69.40 45.97 19.06
N ASN E 388 -70.34 46.73 18.48
CA ASN E 388 -70.11 48.15 18.24
C ASN E 388 -69.99 48.92 19.54
N PHE E 389 -70.81 48.57 20.54
CA PHE E 389 -70.71 49.21 21.85
C PHE E 389 -69.37 48.91 22.52
N ALA E 390 -68.91 47.66 22.42
CA ALA E 390 -67.63 47.29 22.98
C ALA E 390 -66.49 48.01 22.28
N ILE E 391 -66.56 48.13 20.96
CA ILE E 391 -65.54 48.84 20.19
C ILE E 391 -65.52 50.31 20.58
N GLY E 392 -66.70 50.93 20.72
CA GLY E 392 -66.74 52.33 21.10
C GLY E 392 -66.21 52.58 22.50
N TYR E 393 -66.54 51.71 23.45
CA TYR E 393 -66.00 51.86 24.80
C TYR E 393 -64.50 51.60 24.83
N TYR E 394 -64.02 50.67 24.01
CA TYR E 394 -62.58 50.44 23.91
C TYR E 394 -61.85 51.66 23.36
N LEU E 395 -62.43 52.30 22.33
CA LEU E 395 -61.83 53.51 21.77
C LEU E 395 -61.87 54.65 22.77
N LYS E 396 -62.95 54.75 23.56
CA LYS E 396 -63.02 55.77 24.60
C LYS E 396 -61.97 55.52 25.68
N GLU E 397 -61.76 54.26 26.03
CA GLU E 397 -60.74 53.92 27.03
C GLU E 397 -59.34 54.21 26.51
N LYS E 398 -59.10 53.98 25.21
CA LYS E 398 -57.79 54.26 24.63
C LYS E 398 -57.56 55.74 24.36
N LYS E 399 -58.58 56.59 24.57
CA LYS E 399 -58.49 58.05 24.42
C LYS E 399 -58.07 58.45 23.01
N CYS E 400 -58.60 57.72 22.01
CA CYS E 400 -58.35 58.07 20.61
C CYS E 400 -59.39 59.04 20.06
N PHE E 401 -60.43 59.33 20.81
CA PHE E 401 -61.47 60.26 20.37
C PHE E 401 -60.99 61.70 20.46
N PRO E 402 -61.56 62.59 19.66
CA PRO E 402 -61.31 64.02 19.85
C PRO E 402 -61.86 64.49 21.19
N GLU E 403 -61.24 65.54 21.73
CA GLU E 403 -61.63 66.05 23.03
C GLU E 403 -63.03 66.66 22.99
N GLY E 404 -63.73 66.54 24.11
CA GLY E 404 -65.10 67.03 24.22
C GLY E 404 -66.09 66.30 23.35
N THR E 405 -66.03 64.98 23.32
CA THR E 405 -66.93 64.17 22.50
C THR E 405 -67.61 63.12 23.36
N ASP E 406 -68.89 62.92 23.14
CA ASP E 406 -69.68 61.94 23.88
C ASP E 406 -69.72 60.63 23.12
N MET E 407 -69.43 59.53 23.80
CA MET E 407 -69.32 58.23 23.12
C MET E 407 -70.70 57.71 22.71
N VAL E 408 -71.68 57.80 23.62
CA VAL E 408 -72.99 57.20 23.37
C VAL E 408 -73.72 57.95 22.26
N GLY E 409 -73.68 59.27 22.28
CA GLY E 409 -74.33 60.05 21.24
C GLY E 409 -73.69 59.84 19.87
N ILE E 410 -72.36 59.75 19.84
CA ILE E 410 -71.67 59.51 18.57
C ILE E 410 -71.99 58.11 18.05
N LEU E 411 -72.08 57.12 18.94
CA LEU E 411 -72.45 55.77 18.53
C LEU E 411 -73.87 55.73 17.98
N ASP E 412 -74.80 56.43 18.63
CA ASP E 412 -76.17 56.50 18.12
C ASP E 412 -76.23 57.22 16.78
N PHE E 413 -75.42 58.26 16.61
CA PHE E 413 -75.34 58.97 15.32
C PHE E 413 -74.80 58.04 14.24
N TYR E 414 -73.80 57.23 14.57
CA TYR E 414 -73.24 56.28 13.61
C TYR E 414 -74.27 55.22 13.24
N PHE E 415 -75.06 54.76 14.21
CA PHE E 415 -76.16 53.85 13.91
C PHE E 415 -77.20 54.49 13.00
N GLN E 416 -77.47 55.78 13.22
CA GLN E 416 -78.40 56.51 12.36
C GLN E 416 -77.87 56.60 10.94
N LEU E 417 -76.56 56.85 10.78
CA LEU E 417 -75.96 56.87 9.46
C LEU E 417 -76.03 55.51 8.79
N CYS E 418 -75.79 54.44 9.55
CA CYS E 418 -75.85 53.10 8.96
C CYS E 418 -77.27 52.63 8.69
N SER E 419 -78.27 53.28 9.29
CA SER E 419 -79.66 52.87 9.11
C SER E 419 -80.33 53.50 7.89
N ILE E 420 -79.58 54.27 7.09
CA ILE E 420 -80.15 54.91 5.91
C ILE E 420 -80.45 53.85 4.86
N GLU E 421 -81.65 53.91 4.27
CA GLU E 421 -82.07 52.96 3.26
C GLU E 421 -82.18 53.65 1.90
N VAL E 422 -81.77 52.94 0.85
CA VAL E 422 -81.86 53.42 -0.52
C VAL E 422 -82.30 52.27 -1.41
N THR E 423 -82.75 52.60 -2.61
CA THR E 423 -83.01 51.60 -3.63
C THR E 423 -81.76 51.38 -4.48
N CYS E 424 -81.80 50.33 -5.30
CA CYS E 424 -80.67 50.05 -6.19
C CYS E 424 -80.54 51.12 -7.26
N GLU E 425 -81.67 51.62 -7.78
CA GLU E 425 -81.62 52.71 -8.74
C GLU E 425 -81.06 53.98 -8.10
N SER E 426 -81.44 54.26 -6.86
CA SER E 426 -80.90 55.42 -6.17
C SER E 426 -79.43 55.24 -5.84
N ALA E 427 -79.03 54.02 -5.48
CA ALA E 427 -77.63 53.74 -5.20
C ALA E 427 -76.78 53.67 -6.46
N SER E 428 -77.40 53.55 -7.63
CA SER E 428 -76.64 53.61 -8.88
C SER E 428 -76.10 55.02 -9.14
N VAL E 429 -76.82 56.04 -8.68
CA VAL E 429 -76.29 57.39 -8.73
C VAL E 429 -75.09 57.53 -7.80
N MET E 430 -75.16 56.87 -6.64
CA MET E 430 -73.97 56.69 -5.82
C MET E 430 -72.97 55.81 -6.57
N ALA E 431 -71.70 55.93 -6.18
CA ALA E 431 -70.55 55.32 -6.86
C ALA E 431 -70.43 55.76 -8.31
N ALA E 432 -71.08 56.87 -8.66
CA ALA E 432 -70.94 57.51 -9.96
C ALA E 432 -70.57 58.97 -9.84
N THR E 433 -70.99 59.65 -8.76
CA THR E 433 -70.45 60.96 -8.45
C THR E 433 -68.96 60.86 -8.13
N LEU E 434 -68.57 59.85 -7.36
CA LEU E 434 -67.16 59.62 -7.08
C LEU E 434 -66.46 58.83 -8.18
N ALA E 435 -67.22 58.21 -9.09
CA ALA E 435 -66.60 57.71 -10.31
C ALA E 435 -66.25 58.85 -11.26
N ASN E 436 -66.98 59.96 -11.16
CA ASN E 436 -66.66 61.18 -11.88
C ASN E 436 -65.60 61.94 -11.10
N GLY E 437 -65.35 63.19 -11.49
CA GLY E 437 -64.39 64.02 -10.77
C GLY E 437 -65.02 64.77 -9.61
N GLY E 438 -65.83 64.07 -8.83
CA GLY E 438 -66.54 64.68 -7.72
C GLY E 438 -67.85 65.34 -8.09
N PHE E 439 -68.19 65.40 -9.37
CA PHE E 439 -69.44 65.99 -9.81
C PHE E 439 -70.52 64.92 -9.96
N CYS E 440 -71.75 65.31 -9.69
CA CYS E 440 -72.87 64.40 -9.84
C CYS E 440 -73.09 64.08 -11.32
N PRO E 441 -73.18 62.80 -11.70
CA PRO E 441 -73.38 62.47 -13.12
C PRO E 441 -74.71 62.91 -13.68
N ILE E 442 -75.70 63.17 -12.82
CA ILE E 442 -77.04 63.53 -13.27
C ILE E 442 -77.25 65.04 -13.27
N THR E 443 -76.87 65.73 -12.20
CA THR E 443 -77.08 67.17 -12.11
C THR E 443 -75.88 67.99 -12.54
N GLY E 444 -74.68 67.41 -12.53
CA GLY E 444 -73.50 68.16 -12.92
C GLY E 444 -73.06 69.20 -11.91
N GLU E 445 -73.46 69.07 -10.66
CA GLU E 445 -73.14 70.05 -9.64
C GLU E 445 -71.85 69.68 -8.91
N ARG E 446 -71.24 70.69 -8.31
CA ARG E 446 -70.04 70.48 -7.49
C ARG E 446 -70.45 69.86 -6.16
N VAL E 447 -69.99 68.64 -5.91
CA VAL E 447 -70.37 67.92 -4.69
C VAL E 447 -69.15 67.71 -3.81
N LEU E 448 -68.17 66.97 -4.31
CA LEU E 448 -67.00 66.60 -3.53
C LEU E 448 -65.72 67.13 -4.18
N SER E 449 -64.75 67.46 -3.34
CA SER E 449 -63.44 67.84 -3.83
C SER E 449 -62.76 66.64 -4.48
N PRO E 450 -61.97 66.88 -5.55
CA PRO E 450 -61.26 65.75 -6.19
C PRO E 450 -60.29 65.03 -5.26
N GLU E 451 -59.70 65.74 -4.30
CA GLU E 451 -58.80 65.09 -3.34
C GLU E 451 -59.54 64.07 -2.49
N ALA E 452 -60.72 64.44 -2.00
CA ALA E 452 -61.52 63.51 -1.19
C ALA E 452 -61.95 62.30 -2.01
N VAL E 453 -62.34 62.52 -3.26
CA VAL E 453 -62.76 61.43 -4.13
C VAL E 453 -61.59 60.48 -4.39
N ARG E 454 -60.41 61.04 -4.68
CA ARG E 454 -59.23 60.20 -4.91
C ARG E 454 -58.86 59.42 -3.66
N ASN E 455 -58.92 60.05 -2.49
CA ASN E 455 -58.57 59.38 -1.25
C ASN E 455 -59.53 58.24 -0.93
N THR E 456 -60.84 58.49 -1.07
CA THR E 456 -61.79 57.44 -0.76
C THR E 456 -61.77 56.33 -1.81
N LEU E 457 -61.44 56.65 -3.06
CA LEU E 457 -61.28 55.61 -4.07
C LEU E 457 -60.08 54.73 -3.76
N SER E 458 -58.96 55.33 -3.36
CA SER E 458 -57.78 54.56 -2.99
C SER E 458 -58.05 53.69 -1.78
N LEU E 459 -58.74 54.22 -0.77
CA LEU E 459 -59.03 53.45 0.43
C LEU E 459 -60.01 52.31 0.14
N MET E 460 -61.01 52.56 -0.72
CA MET E 460 -61.95 51.51 -1.09
C MET E 460 -61.26 50.42 -1.92
N HIS E 461 -60.32 50.82 -2.78
CA HIS E 461 -59.56 49.84 -3.54
C HIS E 461 -58.65 49.02 -2.62
N SER E 462 -58.12 49.64 -1.56
CA SER E 462 -57.21 48.93 -0.67
C SER E 462 -57.95 47.96 0.24
N CYS E 463 -58.92 48.45 1.01
CA CYS E 463 -59.56 47.63 2.03
C CYS E 463 -61.08 47.75 1.98
N GLY E 464 -61.66 47.65 0.79
CA GLY E 464 -63.09 47.73 0.64
C GLY E 464 -63.84 46.41 0.68
N MET E 465 -63.15 45.30 0.95
CA MET E 465 -63.80 43.99 0.97
C MET E 465 -63.37 43.16 2.18
N TRP E 466 -62.91 43.82 3.24
CA TRP E 466 -62.42 43.19 4.49
C TRP E 466 -61.28 42.24 4.13
N ASP E 467 -61.31 40.98 4.56
CA ASP E 467 -60.25 40.05 4.25
C ASP E 467 -60.27 39.56 2.80
N PHE E 468 -61.35 39.82 2.07
CA PHE E 468 -61.47 39.41 0.68
C PHE E 468 -60.93 40.48 -0.27
N SER E 469 -60.38 41.57 0.28
CA SER E 469 -59.91 42.68 -0.55
C SER E 469 -58.73 42.26 -1.43
N GLY E 470 -57.83 41.44 -0.90
CA GLY E 470 -56.71 40.96 -1.70
C GLY E 470 -57.15 40.11 -2.88
N GLN E 471 -58.09 39.20 -2.63
CA GLN E 471 -58.60 38.36 -3.72
C GLN E 471 -59.40 39.19 -4.72
N PHE E 472 -60.13 40.20 -4.25
CA PHE E 472 -60.89 41.06 -5.14
C PHE E 472 -59.98 41.88 -6.03
N ALA E 473 -58.89 42.41 -5.47
CA ALA E 473 -57.92 43.13 -6.28
C ALA E 473 -57.17 42.18 -7.22
N PHE E 474 -56.98 40.93 -6.81
CA PHE E 474 -56.30 39.96 -7.66
C PHE E 474 -57.16 39.61 -8.87
N HIS E 475 -58.45 39.38 -8.67
CA HIS E 475 -59.32 38.93 -9.76
C HIS E 475 -60.00 40.10 -10.45
N VAL E 476 -60.77 40.91 -9.71
CA VAL E 476 -61.51 42.00 -10.32
C VAL E 476 -60.61 43.22 -10.50
N GLY E 477 -59.92 43.63 -9.44
CA GLY E 477 -59.06 44.79 -9.51
C GLY E 477 -59.79 46.11 -9.70
N LEU E 478 -60.94 46.27 -9.07
CA LEU E 478 -61.70 47.50 -9.14
C LEU E 478 -62.09 47.95 -7.75
N PRO E 479 -62.22 49.26 -7.52
CA PRO E 479 -62.66 49.74 -6.20
C PRO E 479 -64.13 49.39 -5.97
N ALA E 480 -64.38 48.70 -4.86
CA ALA E 480 -65.73 48.27 -4.52
C ALA E 480 -65.85 48.16 -3.01
N LYS E 481 -67.03 48.48 -2.48
CA LYS E 481 -67.31 48.42 -1.06
C LYS E 481 -68.53 47.55 -0.83
N SER E 482 -68.42 46.61 0.11
CA SER E 482 -69.51 45.70 0.42
C SER E 482 -70.18 46.12 1.72
N GLY E 483 -71.12 45.31 2.19
CA GLY E 483 -71.81 45.57 3.43
C GLY E 483 -72.58 44.35 3.87
N VAL E 484 -72.93 44.35 5.17
CA VAL E 484 -73.66 43.23 5.73
C VAL E 484 -75.12 43.18 5.31
N ALA E 485 -75.63 44.27 4.71
CA ALA E 485 -76.98 44.26 4.18
C ALA E 485 -77.10 43.51 2.86
N GLY E 486 -75.98 43.23 2.20
CA GLY E 486 -75.98 42.55 0.93
C GLY E 486 -75.69 43.40 -0.27
N GLY E 487 -75.27 44.64 -0.09
CA GLY E 487 -74.99 45.55 -1.19
C GLY E 487 -73.52 45.61 -1.53
N ILE E 488 -73.23 45.83 -2.81
CA ILE E 488 -71.86 45.99 -3.30
C ILE E 488 -71.78 47.30 -4.07
N LEU E 489 -70.90 48.19 -3.63
CA LEU E 489 -70.74 49.51 -4.25
C LEU E 489 -69.56 49.46 -5.22
N LEU E 490 -69.78 48.77 -6.34
CA LEU E 490 -68.73 48.62 -7.34
C LEU E 490 -68.52 49.92 -8.10
N VAL E 491 -67.27 50.36 -8.19
CA VAL E 491 -66.90 51.61 -8.85
C VAL E 491 -65.91 51.30 -9.96
N VAL E 492 -66.21 51.79 -11.16
CA VAL E 492 -65.26 51.84 -12.26
C VAL E 492 -64.91 53.30 -12.49
N PRO E 493 -63.65 53.71 -12.29
CA PRO E 493 -63.33 55.14 -12.32
C PRO E 493 -63.44 55.71 -13.74
N ASN E 494 -64.06 56.90 -13.82
CA ASN E 494 -64.24 57.68 -15.04
C ASN E 494 -65.09 56.97 -16.09
N VAL E 495 -65.78 55.88 -15.74
CA VAL E 495 -66.61 55.17 -16.71
C VAL E 495 -68.05 55.11 -16.23
N MET E 496 -68.29 54.43 -15.11
CA MET E 496 -69.66 54.13 -14.69
C MET E 496 -69.66 53.69 -13.23
N GLY E 497 -70.87 53.59 -12.68
CA GLY E 497 -71.07 53.05 -11.36
C GLY E 497 -72.06 51.90 -11.40
N MET E 498 -72.07 51.12 -10.32
CA MET E 498 -72.88 49.91 -10.27
C MET E 498 -73.29 49.63 -8.83
N MET E 499 -74.40 48.90 -8.67
CA MET E 499 -74.89 48.48 -7.38
C MET E 499 -75.51 47.10 -7.52
N CYS E 500 -75.16 46.18 -6.61
CA CYS E 500 -75.70 44.84 -6.60
C CYS E 500 -76.40 44.58 -5.28
N TRP E 501 -77.44 43.76 -5.31
CA TRP E 501 -78.31 43.56 -4.16
C TRP E 501 -78.59 42.06 -4.00
N SER E 502 -78.05 41.46 -2.93
CA SER E 502 -78.25 40.04 -2.66
C SER E 502 -78.18 39.78 -1.17
N PRO E 503 -79.32 39.50 -0.53
CA PRO E 503 -79.35 39.27 0.93
C PRO E 503 -78.50 38.09 1.41
N PRO E 504 -78.37 36.99 0.66
CA PRO E 504 -77.41 35.95 1.10
C PRO E 504 -75.98 36.47 1.11
N LEU E 505 -75.22 35.99 2.10
CA LEU E 505 -73.87 36.47 2.35
C LEU E 505 -72.91 35.30 2.49
N ASP E 506 -71.64 35.57 2.21
CA ASP E 506 -70.59 34.59 2.48
C ASP E 506 -70.25 34.60 3.96
N LYS E 507 -69.43 33.63 4.38
CA LYS E 507 -68.99 33.56 5.77
C LYS E 507 -68.06 34.70 6.13
N MET E 508 -67.46 35.37 5.15
CA MET E 508 -66.56 36.48 5.40
C MET E 508 -67.29 37.82 5.53
N GLY E 509 -68.49 37.93 4.97
CA GLY E 509 -69.27 39.15 5.11
C GLY E 509 -69.56 39.85 3.80
N ASN E 510 -69.59 39.10 2.71
CA ASN E 510 -69.87 39.64 1.38
C ASN E 510 -70.92 38.79 0.69
N SER E 511 -71.63 39.41 -0.25
CA SER E 511 -72.67 38.69 -0.99
C SER E 511 -72.03 37.77 -2.02
N VAL E 512 -72.48 36.51 -2.04
CA VAL E 512 -71.91 35.54 -2.97
C VAL E 512 -72.32 35.85 -4.40
N LYS E 513 -73.59 36.21 -4.61
CA LYS E 513 -74.08 36.50 -5.94
C LYS E 513 -73.38 37.73 -6.53
N GLY E 514 -73.17 38.76 -5.73
CA GLY E 514 -72.47 39.94 -6.21
C GLY E 514 -71.02 39.65 -6.55
N ILE E 515 -70.35 38.82 -5.75
CA ILE E 515 -68.97 38.46 -6.03
C ILE E 515 -68.87 37.66 -7.32
N HIS E 516 -69.77 36.69 -7.52
CA HIS E 516 -69.77 35.91 -8.75
C HIS E 516 -70.09 36.79 -9.96
N PHE E 517 -71.02 37.75 -9.78
CA PHE E 517 -71.34 38.68 -10.86
C PHE E 517 -70.15 39.56 -11.22
N CYS E 518 -69.41 40.03 -10.21
CA CYS E 518 -68.23 40.85 -10.48
C CYS E 518 -67.15 40.04 -11.18
N HIS E 519 -66.96 38.78 -10.77
CA HIS E 519 -65.98 37.92 -11.43
C HIS E 519 -66.36 37.68 -12.90
N ASP E 520 -67.64 37.41 -13.16
CA ASP E 520 -68.09 37.22 -14.53
C ASP E 520 -67.95 38.49 -15.35
N LEU E 521 -68.22 39.65 -14.74
CA LEU E 521 -68.08 40.92 -15.43
C LEU E 521 -66.64 41.20 -15.82
N VAL E 522 -65.70 40.98 -14.89
CA VAL E 522 -64.31 41.24 -15.20
C VAL E 522 -63.75 40.17 -16.14
N SER E 523 -64.34 38.98 -16.16
CA SER E 523 -63.90 37.97 -17.11
C SER E 523 -64.39 38.27 -18.53
N LEU E 524 -65.64 38.73 -18.67
CA LEU E 524 -66.21 38.91 -20.01
C LEU E 524 -65.75 40.22 -20.63
N CYS E 525 -66.07 41.35 -19.97
CA CYS E 525 -65.69 42.66 -20.49
C CYS E 525 -64.32 43.07 -19.98
N LEU F 139 -36.56 55.27 -46.32
CA LEU F 139 -37.17 56.09 -45.27
C LEU F 139 -36.10 56.55 -44.28
N GLU F 140 -34.97 55.85 -44.25
CA GLU F 140 -33.86 56.25 -43.40
C GLU F 140 -33.12 57.46 -43.97
N ASP F 141 -33.24 57.69 -45.27
CA ASP F 141 -32.53 58.81 -45.90
C ASP F 141 -33.06 60.16 -45.41
N LEU F 142 -34.38 60.27 -45.25
CA LEU F 142 -34.96 61.55 -44.83
C LEU F 142 -34.58 61.88 -43.38
N LEU F 143 -34.56 60.87 -42.50
CA LEU F 143 -34.16 61.13 -41.12
C LEU F 143 -32.67 61.36 -41.02
N PHE F 144 -31.87 60.71 -41.87
CA PHE F 144 -30.43 60.97 -41.87
C PHE F 144 -30.14 62.39 -42.36
N TYR F 145 -30.91 62.87 -43.35
CA TYR F 145 -30.78 64.25 -43.79
C TYR F 145 -31.27 65.23 -42.73
N THR F 146 -32.30 64.84 -41.97
CA THR F 146 -32.74 65.66 -40.85
C THR F 146 -31.65 65.78 -39.78
N ILE F 147 -30.96 64.67 -39.51
CA ILE F 147 -29.79 64.72 -38.64
C ILE F 147 -28.70 65.59 -39.27
N ALA F 148 -28.52 65.45 -40.58
CA ALA F 148 -27.53 66.24 -41.32
C ALA F 148 -27.97 67.69 -41.43
N GLU F 149 -27.06 68.53 -41.96
CA GLU F 149 -27.35 69.92 -42.22
C GLU F 149 -27.22 70.26 -43.70
N GLY F 150 -27.24 69.25 -44.56
CA GLY F 150 -27.12 69.47 -45.99
C GLY F 150 -26.03 68.62 -46.62
N GLN F 151 -25.03 68.26 -45.85
CA GLN F 151 -23.92 67.47 -46.37
C GLN F 151 -24.32 66.00 -46.48
N GLU F 152 -23.87 65.35 -47.56
CA GLU F 152 -24.13 63.93 -47.74
C GLU F 152 -23.34 63.09 -46.75
N LYS F 153 -22.14 63.52 -46.39
CA LYS F 153 -21.26 62.78 -45.50
C LYS F 153 -21.40 63.31 -44.07
N ILE F 154 -21.65 62.39 -43.13
CA ILE F 154 -21.83 62.74 -41.73
C ILE F 154 -20.81 61.98 -40.89
N PRO F 155 -20.05 62.65 -40.02
CA PRO F 155 -19.05 61.94 -39.20
C PRO F 155 -19.70 61.04 -38.16
N VAL F 156 -18.95 60.02 -37.75
CA VAL F 156 -19.40 59.10 -36.72
C VAL F 156 -19.53 59.82 -35.37
N HIS F 157 -18.67 60.82 -35.13
CA HIS F 157 -18.77 61.62 -33.91
C HIS F 157 -20.09 62.37 -33.84
N LYS F 158 -20.61 62.82 -34.98
CA LYS F 158 -21.94 63.43 -35.00
C LYS F 158 -23.04 62.38 -34.83
N PHE F 159 -22.81 61.16 -35.33
CA PHE F 159 -23.82 60.11 -35.21
C PHE F 159 -23.99 59.67 -33.76
N ILE F 160 -22.87 59.52 -33.03
CA ILE F 160 -22.98 59.18 -31.61
C ILE F 160 -23.46 60.37 -30.81
N THR F 161 -23.24 61.58 -31.31
CA THR F 161 -23.84 62.76 -30.71
C THR F 161 -25.35 62.73 -30.92
N ALA F 162 -26.08 63.13 -29.86
CA ALA F 162 -27.54 63.16 -29.74
C ALA F 162 -28.16 61.77 -29.70
N LEU F 163 -27.38 60.70 -29.84
CA LEU F 163 -27.90 59.36 -29.56
C LEU F 163 -28.14 59.18 -28.07
N LYS F 164 -27.29 59.76 -27.23
CA LYS F 164 -27.53 59.80 -25.79
C LYS F 164 -28.72 60.68 -25.44
N SER F 165 -29.04 61.66 -26.28
CA SER F 165 -30.24 62.47 -26.07
C SER F 165 -31.50 61.64 -26.24
N THR F 166 -31.47 60.66 -27.16
CA THR F 166 -32.58 59.74 -27.31
C THR F 166 -32.66 58.72 -26.17
N GLY F 167 -31.63 58.63 -25.34
CA GLY F 167 -31.65 57.75 -24.19
C GLY F 167 -31.27 56.31 -24.45
N LEU F 168 -30.95 55.97 -25.70
CA LEU F 168 -30.59 54.59 -26.05
C LEU F 168 -29.08 54.42 -25.93
N ARG F 169 -28.65 53.54 -25.03
CA ARG F 169 -27.23 53.34 -24.81
C ARG F 169 -26.61 52.51 -25.92
N THR F 170 -25.28 52.57 -26.01
CA THR F 170 -24.54 51.91 -27.08
C THR F 170 -24.40 50.41 -26.90
N SER F 171 -24.75 49.87 -25.73
CA SER F 171 -24.58 48.45 -25.44
C SER F 171 -25.89 47.66 -25.56
N ASP F 172 -26.75 48.05 -26.50
CA ASP F 172 -28.02 47.36 -26.68
C ASP F 172 -27.85 46.22 -27.68
N PRO F 173 -28.17 44.98 -27.31
CA PRO F 173 -28.08 43.86 -28.28
C PRO F 173 -29.04 44.00 -29.45
N ARG F 174 -30.09 44.81 -29.34
CA ARG F 174 -30.95 45.06 -30.51
C ARG F 174 -30.18 45.78 -31.61
N LEU F 175 -29.37 46.78 -31.23
CA LEU F 175 -28.51 47.47 -32.19
C LEU F 175 -27.09 46.91 -32.20
N LYS F 176 -26.90 45.68 -31.70
CA LYS F 176 -25.59 45.04 -31.77
C LYS F 176 -25.15 44.83 -33.20
N GLU F 177 -26.09 44.63 -34.13
CA GLU F 177 -25.75 44.65 -35.54
C GLU F 177 -25.23 46.01 -35.96
N CYS F 178 -25.93 47.08 -35.58
CA CYS F 178 -25.48 48.43 -35.92
C CYS F 178 -24.21 48.80 -35.17
N MET F 179 -24.09 48.36 -33.91
CA MET F 179 -22.88 48.64 -33.16
C MET F 179 -21.67 47.93 -33.74
N ASP F 180 -21.84 46.66 -34.16
CA ASP F 180 -20.76 45.94 -34.81
C ASP F 180 -20.43 46.55 -36.16
N MET F 181 -21.45 47.06 -36.86
CA MET F 181 -21.23 47.81 -38.10
C MET F 181 -20.36 49.04 -37.85
N LEU F 182 -20.68 49.81 -36.82
CA LEU F 182 -19.90 51.00 -36.49
C LEU F 182 -18.47 50.62 -36.11
N ARG F 183 -18.32 49.55 -35.33
CA ARG F 183 -16.99 49.04 -34.97
C ARG F 183 -16.18 48.68 -36.20
N LEU F 184 -16.74 47.85 -37.10
CA LEU F 184 -15.99 47.39 -38.25
C LEU F 184 -15.70 48.51 -39.24
N THR F 185 -16.59 49.51 -39.31
CA THR F 185 -16.31 50.65 -40.18
C THR F 185 -15.31 51.62 -39.56
N LEU F 186 -15.12 51.56 -38.24
CA LEU F 186 -14.15 52.46 -37.62
C LEU F 186 -12.72 52.11 -38.00
N GLN F 187 -12.35 50.83 -38.09
CA GLN F 187 -11.01 50.50 -38.57
C GLN F 187 -10.92 50.64 -40.09
N THR F 188 -12.01 50.38 -40.79
CA THR F 188 -12.02 50.32 -42.26
C THR F 188 -13.04 51.31 -42.80
N THR F 189 -12.63 52.56 -42.99
CA THR F 189 -13.44 53.56 -43.67
C THR F 189 -12.68 54.36 -44.73
N SER F 190 -11.35 54.41 -44.68
CA SER F 190 -10.47 55.12 -45.60
C SER F 190 -10.72 56.63 -45.64
N ASP F 191 -11.48 57.16 -44.69
CA ASP F 191 -11.76 58.59 -44.61
C ASP F 191 -11.42 59.19 -43.25
N GLY F 192 -11.71 58.45 -42.19
CA GLY F 192 -11.45 58.92 -40.84
C GLY F 192 -12.71 59.51 -40.21
N VAL F 193 -13.31 58.74 -39.30
CA VAL F 193 -14.51 59.14 -38.55
C VAL F 193 -15.70 59.55 -39.43
N MET F 194 -15.91 58.83 -40.53
CA MET F 194 -17.00 59.11 -41.45
C MET F 194 -18.00 57.96 -41.49
N LEU F 195 -19.25 58.27 -41.83
CA LEU F 195 -20.30 57.25 -41.90
C LEU F 195 -20.97 57.17 -43.27
N ASP F 196 -21.33 58.33 -43.85
CA ASP F 196 -21.93 58.49 -45.18
C ASP F 196 -23.36 57.94 -45.25
N LYS F 197 -24.18 58.55 -46.11
CA LYS F 197 -25.59 58.16 -46.21
C LYS F 197 -25.76 56.76 -46.78
N ASP F 198 -25.11 56.48 -47.91
CA ASP F 198 -25.38 55.24 -48.64
C ASP F 198 -24.87 54.02 -47.87
N LEU F 199 -23.73 54.16 -47.17
CA LEU F 199 -23.24 53.07 -46.34
C LEU F 199 -24.22 52.75 -45.21
N PHE F 200 -24.80 53.80 -44.60
CA PHE F 200 -25.80 53.59 -43.56
C PHE F 200 -27.06 52.94 -44.12
N LYS F 201 -27.44 53.31 -45.35
CA LYS F 201 -28.61 52.69 -45.99
C LYS F 201 -28.37 51.22 -46.27
N LYS F 202 -27.20 50.87 -46.79
CA LYS F 202 -26.96 49.47 -47.18
C LYS F 202 -26.64 48.59 -45.97
N CYS F 203 -26.08 49.14 -44.90
CA CYS F 203 -25.61 48.32 -43.80
C CYS F 203 -26.74 47.89 -42.88
N VAL F 204 -27.61 48.83 -42.50
CA VAL F 204 -28.71 48.51 -41.58
C VAL F 204 -29.73 47.65 -42.32
N GLN F 205 -29.91 46.42 -41.86
CA GLN F 205 -30.78 45.46 -42.52
C GLN F 205 -31.84 44.85 -41.61
N SER F 206 -31.73 45.05 -40.30
CA SER F 206 -32.71 44.51 -39.37
C SER F 206 -33.16 45.50 -38.31
N ASN F 207 -32.48 46.64 -38.14
CA ASN F 207 -32.81 47.60 -37.11
C ASN F 207 -33.38 48.89 -37.69
N ILE F 208 -34.06 48.79 -38.84
CA ILE F 208 -34.69 49.96 -39.44
C ILE F 208 -35.82 50.48 -38.56
N VAL F 209 -36.66 49.56 -38.06
CA VAL F 209 -37.85 49.94 -37.30
C VAL F 209 -37.45 50.63 -36.00
N LEU F 210 -36.47 50.08 -35.29
CA LEU F 210 -36.08 50.62 -34.00
C LEU F 210 -35.45 52.00 -34.14
N LEU F 211 -34.55 52.18 -35.12
CA LEU F 211 -33.94 53.49 -35.32
C LEU F 211 -34.94 54.52 -35.83
N THR F 212 -35.89 54.10 -36.69
CA THR F 212 -36.91 55.04 -37.13
C THR F 212 -37.79 55.48 -35.97
N GLN F 213 -38.17 54.56 -35.08
CA GLN F 213 -38.97 54.93 -33.91
C GLN F 213 -38.17 55.78 -32.95
N ALA F 214 -36.86 55.54 -32.84
CA ALA F 214 -36.03 56.29 -31.90
C ALA F 214 -35.79 57.71 -32.37
N PHE F 215 -35.50 57.91 -33.66
CA PHE F 215 -35.03 59.20 -34.13
C PHE F 215 -36.16 60.15 -34.55
N ARG F 216 -37.41 59.68 -34.58
CA ARG F 216 -38.55 60.55 -34.82
C ARG F 216 -39.30 60.90 -33.55
N ARG F 217 -38.72 60.57 -32.38
CA ARG F 217 -39.33 60.79 -31.07
C ARG F 217 -40.68 60.09 -30.95
N LYS F 218 -40.75 58.84 -31.41
CA LYS F 218 -41.94 58.01 -31.28
C LYS F 218 -41.95 57.19 -30.00
N PHE F 219 -40.95 57.35 -29.14
CA PHE F 219 -40.90 56.62 -27.88
C PHE F 219 -41.98 57.15 -26.92
N VAL F 220 -42.23 56.36 -25.87
CA VAL F 220 -43.28 56.70 -24.91
C VAL F 220 -42.89 57.93 -24.10
N ILE F 221 -41.60 58.15 -23.89
CA ILE F 221 -41.11 59.30 -23.13
C ILE F 221 -40.27 60.17 -24.06
N PRO F 222 -40.83 61.28 -24.53
CA PRO F 222 -40.04 62.26 -25.30
C PRO F 222 -39.21 63.10 -24.34
N ASP F 223 -38.58 64.15 -24.90
CA ASP F 223 -37.76 65.18 -24.25
C ASP F 223 -37.01 64.66 -23.01
N PHE F 224 -36.16 63.67 -23.26
CA PHE F 224 -35.49 62.92 -22.20
C PHE F 224 -34.56 63.79 -21.36
N MET F 225 -34.07 64.90 -21.91
CA MET F 225 -33.25 65.82 -21.12
C MET F 225 -34.04 66.43 -19.98
N SER F 226 -35.29 66.80 -20.23
CA SER F 226 -36.14 67.33 -19.17
C SER F 226 -36.43 66.26 -18.12
N PHE F 227 -36.62 65.01 -18.56
CA PHE F 227 -36.84 63.91 -17.62
C PHE F 227 -35.62 63.68 -16.74
N THR F 228 -34.42 63.73 -17.32
CA THR F 228 -33.21 63.57 -16.53
C THR F 228 -33.00 64.75 -15.59
N SER F 229 -33.39 65.95 -16.02
CA SER F 229 -33.31 67.11 -15.12
C SER F 229 -34.27 66.96 -13.95
N HIS F 230 -35.48 66.46 -14.20
CA HIS F 230 -36.43 66.19 -13.13
C HIS F 230 -35.88 65.14 -12.17
N ILE F 231 -35.28 64.09 -12.71
CA ILE F 231 -34.72 63.03 -11.88
C ILE F 231 -33.56 63.56 -11.03
N ASP F 232 -32.72 64.42 -11.62
CA ASP F 232 -31.61 65.00 -10.87
C ASP F 232 -32.11 65.94 -9.77
N GLU F 233 -33.17 66.72 -10.06
CA GLU F 233 -33.75 67.59 -9.04
C GLU F 233 -34.33 66.78 -7.89
N LEU F 234 -35.03 65.69 -8.20
CA LEU F 234 -35.54 64.81 -7.14
C LEU F 234 -34.42 64.15 -6.37
N TYR F 235 -33.32 63.80 -7.05
CA TYR F 235 -32.14 63.24 -6.38
C TYR F 235 -31.57 64.24 -5.39
N GLU F 236 -31.43 65.49 -5.81
CA GLU F 236 -30.90 66.53 -4.92
C GLU F 236 -31.84 66.80 -3.75
N SER F 237 -33.15 66.75 -3.99
CA SER F 237 -34.12 66.93 -2.92
C SER F 237 -34.05 65.79 -1.92
N ALA F 238 -33.93 64.55 -2.41
CA ALA F 238 -33.89 63.38 -1.52
C ALA F 238 -32.57 63.23 -0.80
N LYS F 239 -31.49 63.83 -1.32
CA LYS F 239 -30.20 63.75 -0.66
C LYS F 239 -30.15 64.52 0.66
N LYS F 240 -31.12 65.41 0.91
CA LYS F 240 -31.10 66.20 2.14
C LYS F 240 -31.49 65.39 3.37
N GLN F 241 -32.31 64.37 3.21
CA GLN F 241 -32.75 63.57 4.35
C GLN F 241 -31.61 62.69 4.87
N SER F 242 -31.74 62.28 6.13
CA SER F 242 -30.71 61.49 6.80
C SER F 242 -31.19 60.08 7.11
N GLY F 243 -32.30 59.94 7.83
CA GLY F 243 -32.78 58.61 8.17
C GLY F 243 -31.90 57.97 9.23
N GLY F 244 -31.59 56.70 9.04
CA GLY F 244 -30.75 55.96 9.96
C GLY F 244 -31.16 54.50 10.00
N LYS F 245 -30.58 53.78 10.95
CA LYS F 245 -30.92 52.39 11.25
C LYS F 245 -30.74 51.49 10.03
N VAL F 246 -29.47 51.34 9.65
CA VAL F 246 -29.11 50.62 8.42
C VAL F 246 -29.51 49.14 8.52
N ALA F 247 -28.86 48.41 9.43
CA ALA F 247 -29.12 46.98 9.58
C ALA F 247 -28.57 46.51 10.92
N ASP F 248 -29.41 45.85 11.71
CA ASP F 248 -28.96 45.28 12.97
C ASP F 248 -28.55 43.82 12.81
N TYR F 249 -29.47 42.98 12.37
CA TYR F 249 -29.16 41.59 12.05
C TYR F 249 -28.58 41.52 10.63
N ILE F 250 -28.12 40.31 10.27
CA ILE F 250 -27.25 40.07 9.11
C ILE F 250 -26.05 41.02 9.21
N PRO F 251 -25.08 40.73 10.08
CA PRO F 251 -23.99 41.69 10.31
C PRO F 251 -23.13 41.97 9.08
N GLN F 252 -23.17 41.12 8.07
CA GLN F 252 -22.51 41.45 6.81
C GLN F 252 -23.20 42.63 6.11
N LEU F 253 -24.51 42.77 6.29
CA LEU F 253 -25.23 43.89 5.69
C LEU F 253 -24.95 45.20 6.39
N ALA F 254 -24.47 45.17 7.64
CA ALA F 254 -24.22 46.39 8.40
C ALA F 254 -22.94 47.10 7.98
N LYS F 255 -22.12 46.49 7.14
CA LYS F 255 -20.86 47.08 6.72
C LYS F 255 -21.01 48.13 5.64
N PHE F 256 -22.21 48.29 5.08
CA PHE F 256 -22.41 49.28 4.02
C PHE F 256 -22.41 50.69 4.60
N SER F 257 -21.98 51.64 3.78
CA SER F 257 -21.92 53.03 4.21
C SER F 257 -23.32 53.61 4.29
N PRO F 258 -23.67 54.32 5.37
CA PRO F 258 -25.03 54.86 5.50
C PRO F 258 -25.37 55.96 4.49
N ASP F 259 -24.36 56.62 3.92
CA ASP F 259 -24.60 57.70 2.98
C ASP F 259 -24.64 57.26 1.52
N LEU F 260 -24.57 55.95 1.27
CA LEU F 260 -24.64 55.43 -0.09
C LEU F 260 -26.04 55.63 -0.65
N TRP F 261 -26.12 56.11 -1.89
CA TRP F 261 -27.40 56.52 -2.46
C TRP F 261 -27.29 56.54 -3.98
N GLY F 262 -28.13 55.78 -4.67
CA GLY F 262 -28.11 55.75 -6.12
C GLY F 262 -29.46 55.35 -6.66
N VAL F 263 -29.78 55.88 -7.85
CA VAL F 263 -31.07 55.68 -8.49
C VAL F 263 -30.83 55.35 -9.96
N SER F 264 -31.46 54.28 -10.45
CA SER F 264 -31.38 53.88 -11.85
C SER F 264 -32.78 53.86 -12.46
N VAL F 265 -32.86 54.20 -13.74
CA VAL F 265 -34.11 54.35 -14.47
C VAL F 265 -33.99 53.59 -15.79
N CYS F 266 -35.01 52.81 -16.14
CA CYS F 266 -35.11 52.18 -17.45
C CYS F 266 -36.55 52.18 -17.92
N THR F 267 -36.75 52.38 -19.21
CA THR F 267 -38.08 52.45 -19.79
C THR F 267 -38.40 51.19 -20.58
N VAL F 268 -39.64 51.11 -21.08
CA VAL F 268 -40.08 49.95 -21.83
C VAL F 268 -39.40 49.90 -23.19
N ASP F 269 -39.30 51.05 -23.88
CA ASP F 269 -38.70 51.06 -25.20
C ASP F 269 -37.20 50.81 -25.18
N GLY F 270 -36.51 51.29 -24.14
CA GLY F 270 -35.08 51.07 -24.05
C GLY F 270 -34.30 52.25 -23.51
N GLN F 271 -34.96 53.37 -23.27
CA GLN F 271 -34.30 54.52 -22.67
C GLN F 271 -33.89 54.21 -21.25
N ARG F 272 -32.68 54.62 -20.87
CA ARG F 272 -32.21 54.39 -19.52
C ARG F 272 -31.27 55.52 -19.10
N HIS F 273 -31.22 55.75 -17.79
CA HIS F 273 -30.42 56.81 -17.20
C HIS F 273 -30.23 56.51 -15.72
N SER F 274 -29.00 56.70 -15.23
CA SER F 274 -28.69 56.40 -13.85
C SER F 274 -27.76 57.46 -13.28
N THR F 275 -27.86 57.67 -11.97
CA THR F 275 -27.04 58.64 -11.25
C THR F 275 -26.49 57.99 -9.99
N GLY F 276 -25.53 58.68 -9.37
CA GLY F 276 -25.00 58.30 -8.08
C GLY F 276 -24.19 57.01 -8.04
N ASP F 277 -24.57 56.12 -7.13
CA ASP F 277 -23.82 54.90 -6.83
C ASP F 277 -24.39 53.69 -7.54
N THR F 278 -24.85 53.88 -8.78
CA THR F 278 -25.58 52.85 -9.51
C THR F 278 -24.73 51.64 -9.88
N LYS F 279 -23.40 51.73 -9.79
CA LYS F 279 -22.53 50.63 -10.18
C LYS F 279 -22.14 49.73 -9.02
N VAL F 280 -22.52 50.08 -7.80
CA VAL F 280 -22.13 49.29 -6.62
C VAL F 280 -23.04 48.07 -6.50
N PRO F 281 -22.50 46.86 -6.44
CA PRO F 281 -23.36 45.68 -6.26
C PRO F 281 -23.96 45.64 -4.86
N PHE F 282 -25.16 45.07 -4.79
CA PHE F 282 -25.87 44.93 -3.52
C PHE F 282 -26.81 43.75 -3.63
N CYS F 283 -27.14 43.18 -2.46
CA CYS F 283 -28.01 42.01 -2.44
C CYS F 283 -29.45 42.37 -2.75
N LEU F 284 -30.19 41.39 -3.24
CA LEU F 284 -31.58 41.56 -3.66
C LEU F 284 -32.53 40.97 -2.62
N GLN F 285 -32.22 41.18 -1.34
CA GLN F 285 -33.02 40.63 -0.25
C GLN F 285 -34.45 41.15 -0.30
N SER F 286 -35.40 40.21 -0.37
CA SER F 286 -36.85 40.40 -0.41
C SER F 286 -37.34 41.09 -1.68
N CYS F 287 -36.46 41.52 -2.57
CA CYS F 287 -36.88 42.07 -3.86
C CYS F 287 -36.94 41.00 -4.94
N VAL F 288 -36.45 39.79 -4.65
CA VAL F 288 -36.52 38.68 -5.59
C VAL F 288 -37.82 37.89 -5.43
N LYS F 289 -38.56 38.12 -4.34
CA LYS F 289 -39.79 37.39 -4.10
C LYS F 289 -40.86 37.58 -5.18
N PRO F 290 -41.15 38.80 -5.68
CA PRO F 290 -42.05 38.87 -6.86
C PRO F 290 -41.49 38.16 -8.08
N LEU F 291 -40.17 38.18 -8.27
CA LEU F 291 -39.58 37.51 -9.43
C LEU F 291 -39.74 35.99 -9.32
N LYS F 292 -39.44 35.42 -8.15
CA LYS F 292 -39.61 33.99 -7.98
C LYS F 292 -41.08 33.58 -8.00
N TYR F 293 -41.97 34.46 -7.53
CA TYR F 293 -43.41 34.19 -7.64
C TYR F 293 -43.84 34.16 -9.10
N ALA F 294 -43.33 35.09 -9.90
CA ALA F 294 -43.65 35.09 -11.33
C ALA F 294 -43.10 33.85 -12.02
N ILE F 295 -41.89 33.43 -11.64
CA ILE F 295 -41.31 32.21 -12.21
C ILE F 295 -42.17 31.00 -11.86
N ALA F 296 -42.57 30.89 -10.59
CA ALA F 296 -43.38 29.75 -10.16
C ALA F 296 -44.74 29.74 -10.84
N VAL F 297 -45.37 30.91 -10.98
CA VAL F 297 -46.67 30.97 -11.64
C VAL F 297 -46.54 30.59 -13.10
N ASN F 298 -45.55 31.18 -13.80
CA ASN F 298 -45.35 30.91 -15.21
C ASN F 298 -45.02 29.44 -15.47
N ASP F 299 -44.39 28.77 -14.51
CA ASP F 299 -44.04 27.37 -14.71
C ASP F 299 -45.10 26.39 -14.21
N LEU F 300 -46.01 26.80 -13.33
CA LEU F 300 -46.92 25.84 -12.70
C LEU F 300 -48.40 26.15 -12.80
N GLY F 301 -48.80 27.31 -13.32
CA GLY F 301 -50.21 27.64 -13.31
C GLY F 301 -50.64 28.30 -12.02
N THR F 302 -51.49 29.32 -12.12
CA THR F 302 -51.86 30.10 -10.93
C THR F 302 -52.70 29.30 -9.96
N GLU F 303 -53.54 28.38 -10.46
CA GLU F 303 -54.33 27.53 -9.56
C GLU F 303 -53.45 26.62 -8.73
N TYR F 304 -52.46 25.98 -9.37
CA TYR F 304 -51.55 25.12 -8.63
C TYR F 304 -50.65 25.91 -7.71
N VAL F 305 -50.31 27.16 -8.08
CA VAL F 305 -49.50 27.99 -7.20
C VAL F 305 -50.30 28.39 -5.96
N HIS F 306 -51.54 28.82 -6.15
CA HIS F 306 -52.37 29.30 -5.05
C HIS F 306 -53.13 28.19 -4.36
N ARG F 307 -52.90 26.93 -4.73
CA ARG F 307 -53.40 25.82 -3.93
C ARG F 307 -52.80 25.81 -2.54
N TYR F 308 -51.57 26.33 -2.40
CA TYR F 308 -50.87 26.33 -1.11
C TYR F 308 -50.75 27.71 -0.49
N VAL F 309 -50.78 28.78 -1.28
CA VAL F 309 -50.54 30.13 -0.79
C VAL F 309 -51.78 30.98 -1.07
N GLY F 310 -52.24 31.72 -0.06
CA GLY F 310 -53.31 32.67 -0.24
C GLY F 310 -52.84 33.93 -0.94
N LYS F 311 -53.79 34.81 -1.20
CA LYS F 311 -53.53 36.05 -1.94
C LYS F 311 -54.08 37.26 -1.18
N GLU F 312 -53.89 37.28 0.14
CA GLU F 312 -54.40 38.36 0.96
C GLU F 312 -53.27 38.98 1.79
N PRO F 313 -53.33 40.28 2.06
CA PRO F 313 -52.32 40.89 2.92
C PRO F 313 -52.46 40.43 4.36
N SER F 314 -51.34 40.44 5.08
CA SER F 314 -51.30 39.97 6.45
C SER F 314 -51.58 41.07 7.46
N GLY F 315 -51.09 42.28 7.20
CA GLY F 315 -51.26 43.38 8.13
C GLY F 315 -50.25 43.44 9.25
N LEU F 316 -49.28 42.53 9.28
CA LEU F 316 -48.23 42.52 10.29
C LEU F 316 -46.88 42.45 9.60
N ARG F 317 -45.82 42.41 10.40
CA ARG F 317 -44.46 42.39 9.86
C ARG F 317 -44.18 41.06 9.17
N PHE F 318 -43.17 41.08 8.29
CA PHE F 318 -42.81 39.89 7.54
C PHE F 318 -42.13 38.85 8.41
N ASN F 319 -41.63 39.23 9.57
CA ASN F 319 -41.02 38.29 10.50
C ASN F 319 -42.03 37.66 11.45
N LYS F 320 -43.29 38.10 11.41
CA LYS F 320 -44.30 37.56 12.32
C LYS F 320 -44.65 36.13 11.93
N LEU F 321 -44.78 35.27 12.94
CA LEU F 321 -44.97 33.84 12.73
C LEU F 321 -46.44 33.52 13.01
N PHE F 322 -47.25 33.59 11.95
CA PHE F 322 -48.66 33.22 12.04
C PHE F 322 -49.18 32.98 10.64
N LEU F 323 -50.30 32.26 10.57
CA LEU F 323 -50.94 31.93 9.31
C LEU F 323 -52.37 32.47 9.30
N ASN F 324 -53.11 32.14 8.24
CA ASN F 324 -54.49 32.57 8.10
C ASN F 324 -55.40 31.57 8.79
N GLU F 325 -56.71 31.68 8.52
CA GLU F 325 -57.68 30.74 9.10
C GLU F 325 -57.49 29.33 8.55
N ASP F 326 -57.03 29.20 7.31
CA ASP F 326 -56.90 27.91 6.65
C ASP F 326 -55.50 27.32 6.81
N ASP F 327 -54.71 27.81 7.76
CA ASP F 327 -53.35 27.33 8.05
C ASP F 327 -52.45 27.39 6.81
N LYS F 328 -52.46 28.54 6.17
CA LYS F 328 -51.66 28.80 4.98
C LYS F 328 -50.98 30.15 5.12
N PRO F 329 -49.84 30.36 4.44
CA PRO F 329 -49.25 31.71 4.40
C PRO F 329 -50.19 32.69 3.71
N HIS F 330 -50.16 33.93 4.19
CA HIS F 330 -51.13 34.93 3.72
C HIS F 330 -50.87 35.33 2.28
N ASN F 331 -49.61 35.52 1.91
CA ASN F 331 -49.26 35.99 0.57
C ASN F 331 -47.81 35.60 0.28
N PRO F 332 -47.42 35.53 -0.99
CA PRO F 332 -46.02 35.19 -1.31
C PRO F 332 -45.01 36.25 -0.90
N MET F 333 -45.43 37.46 -0.55
CA MET F 333 -44.48 38.53 -0.25
C MET F 333 -43.80 38.31 1.11
N VAL F 334 -44.55 37.85 2.11
CA VAL F 334 -43.97 37.60 3.43
C VAL F 334 -43.13 36.34 3.38
N ASN F 335 -42.37 36.09 4.46
CA ASN F 335 -41.35 35.05 4.45
C ASN F 335 -41.94 33.66 4.27
N ALA F 336 -43.08 33.38 4.92
CA ALA F 336 -43.70 32.06 4.81
C ALA F 336 -44.15 31.78 3.39
N GLY F 337 -44.78 32.75 2.74
CA GLY F 337 -45.17 32.58 1.36
C GLY F 337 -43.98 32.40 0.43
N ALA F 338 -42.89 33.13 0.69
CA ALA F 338 -41.68 32.96 -0.10
C ALA F 338 -41.11 31.56 0.06
N ILE F 339 -41.11 31.03 1.28
CA ILE F 339 -40.62 29.68 1.51
C ILE F 339 -41.47 28.65 0.77
N VAL F 340 -42.80 28.81 0.84
CA VAL F 340 -43.68 27.85 0.17
C VAL F 340 -43.53 27.92 -1.34
N VAL F 341 -43.40 29.13 -1.91
CA VAL F 341 -43.24 29.20 -3.36
C VAL F 341 -41.85 28.79 -3.81
N THR F 342 -40.84 28.86 -2.95
CA THR F 342 -39.57 28.23 -3.30
C THR F 342 -39.67 26.72 -3.22
N SER F 343 -40.57 26.19 -2.39
CA SER F 343 -40.77 24.76 -2.31
C SER F 343 -41.43 24.17 -3.56
N LEU F 344 -42.00 25.02 -4.42
CA LEU F 344 -42.75 24.53 -5.57
C LEU F 344 -41.94 24.49 -6.86
N ILE F 345 -40.84 25.23 -6.95
CA ILE F 345 -40.10 25.35 -8.20
C ILE F 345 -39.21 24.12 -8.37
N LYS F 346 -39.59 23.25 -9.31
CA LYS F 346 -38.82 22.07 -9.72
C LYS F 346 -38.56 21.15 -8.52
N GLN F 347 -39.65 20.59 -8.01
CA GLN F 347 -39.62 19.84 -6.76
C GLN F 347 -38.79 18.56 -6.88
N GLY F 348 -38.74 17.95 -8.06
CA GLY F 348 -38.03 16.70 -8.24
C GLY F 348 -36.56 16.83 -8.58
N VAL F 349 -36.01 18.03 -8.57
CA VAL F 349 -34.64 18.27 -8.98
C VAL F 349 -33.88 18.90 -7.82
N ASN F 350 -32.61 18.51 -7.66
CA ASN F 350 -31.78 19.02 -6.58
C ASN F 350 -31.47 20.50 -6.78
N ASN F 351 -30.82 21.09 -5.77
CA ASN F 351 -30.61 22.54 -5.74
C ASN F 351 -29.61 23.00 -6.80
N ALA F 352 -28.70 22.11 -7.21
CA ALA F 352 -27.64 22.50 -8.14
C ALA F 352 -28.20 22.91 -9.49
N GLU F 353 -29.20 22.19 -9.98
CA GLU F 353 -29.84 22.55 -11.24
C GLU F 353 -30.97 23.55 -11.04
N LYS F 354 -31.60 23.57 -9.87
CA LYS F 354 -32.63 24.57 -9.60
C LYS F 354 -32.05 25.98 -9.60
N PHE F 355 -30.89 26.16 -8.99
CA PHE F 355 -30.26 27.48 -8.99
C PHE F 355 -29.83 27.89 -10.39
N ASP F 356 -29.34 26.94 -11.19
CA ASP F 356 -28.99 27.23 -12.58
C ASP F 356 -30.23 27.63 -13.38
N TYR F 357 -31.35 26.95 -13.14
CA TYR F 357 -32.60 27.26 -13.82
C TYR F 357 -33.08 28.67 -13.50
N VAL F 358 -33.14 29.01 -12.20
CA VAL F 358 -33.63 30.32 -11.82
C VAL F 358 -32.63 31.41 -12.23
N MET F 359 -31.33 31.10 -12.25
CA MET F 359 -30.35 32.07 -12.71
C MET F 359 -30.42 32.28 -14.22
N GLN F 360 -30.73 31.23 -14.98
CA GLN F 360 -30.95 31.38 -16.41
C GLN F 360 -32.15 32.27 -16.69
N PHE F 361 -33.24 32.06 -15.94
CA PHE F 361 -34.41 32.93 -16.11
C PHE F 361 -34.11 34.37 -15.70
N LEU F 362 -33.36 34.55 -14.61
CA LEU F 362 -33.00 35.90 -14.19
C LEU F 362 -32.08 36.59 -15.19
N ASN F 363 -31.16 35.84 -15.80
CA ASN F 363 -30.27 36.41 -16.80
C ASN F 363 -31.02 36.75 -18.08
N LYS F 364 -31.99 35.92 -18.47
CA LYS F 364 -32.82 36.24 -19.62
C LYS F 364 -33.67 37.48 -19.35
N MET F 365 -34.17 37.61 -18.11
CA MET F 365 -34.93 38.80 -17.75
C MET F 365 -34.06 40.05 -17.73
N ALA F 366 -32.82 39.91 -17.26
CA ALA F 366 -31.92 41.05 -17.10
C ALA F 366 -31.18 41.42 -18.38
N GLY F 367 -31.37 40.66 -19.45
CA GLY F 367 -30.65 40.94 -20.69
C GLY F 367 -29.16 40.70 -20.59
N ASN F 368 -28.75 39.62 -19.91
CA ASN F 368 -27.35 39.24 -19.73
C ASN F 368 -26.53 40.35 -19.08
N GLU F 369 -27.14 41.05 -18.12
CA GLU F 369 -26.45 42.07 -17.36
C GLU F 369 -25.75 41.42 -16.18
N TYR F 370 -25.26 42.22 -15.24
CA TYR F 370 -24.50 41.71 -14.10
C TYR F 370 -25.48 41.18 -13.06
N VAL F 371 -25.56 39.86 -12.93
CA VAL F 371 -26.34 39.20 -11.89
C VAL F 371 -25.36 38.29 -11.16
N GLY F 372 -24.79 38.77 -10.07
CA GLY F 372 -23.79 38.05 -9.32
C GLY F 372 -24.37 37.25 -8.17
N PHE F 373 -23.51 36.93 -7.22
CA PHE F 373 -23.92 36.18 -6.03
C PHE F 373 -22.97 36.55 -4.90
N SER F 374 -23.48 37.25 -3.89
CA SER F 374 -22.68 37.68 -2.76
C SER F 374 -22.65 36.54 -1.74
N ASN F 375 -21.57 35.76 -1.75
CA ASN F 375 -21.45 34.65 -0.83
C ASN F 375 -21.23 35.12 0.60
N ALA F 376 -20.69 36.33 0.78
CA ALA F 376 -20.48 36.86 2.12
C ALA F 376 -21.79 37.05 2.86
N THR F 377 -22.83 37.54 2.17
CA THR F 377 -24.14 37.70 2.78
C THR F 377 -24.95 36.40 2.77
N PHE F 378 -24.44 35.33 2.15
CA PHE F 378 -25.07 34.03 2.26
C PHE F 378 -24.51 33.22 3.41
N GLN F 379 -23.22 33.36 3.72
CA GLN F 379 -22.68 32.74 4.92
C GLN F 379 -23.28 33.39 6.17
N SER F 380 -23.38 34.72 6.18
CA SER F 380 -24.24 35.36 7.16
C SER F 380 -25.70 35.14 6.75
N GLU F 381 -26.60 35.39 7.71
CA GLU F 381 -28.05 35.19 7.62
C GLU F 381 -28.40 33.70 7.54
N ARG F 382 -27.39 32.83 7.51
CA ARG F 382 -27.54 31.40 7.67
C ARG F 382 -27.11 30.93 9.04
N GLU F 383 -26.05 31.54 9.59
CA GLU F 383 -25.65 31.30 10.97
C GLU F 383 -26.34 32.23 11.95
N SER F 384 -27.07 33.23 11.46
CA SER F 384 -27.70 34.22 12.31
C SER F 384 -29.19 34.43 12.05
N GLY F 385 -29.73 33.91 10.95
CA GLY F 385 -31.14 34.06 10.66
C GLY F 385 -31.96 32.97 11.33
N ASP F 386 -32.57 33.29 12.47
CA ASP F 386 -33.29 32.30 13.26
C ASP F 386 -34.80 32.37 13.10
N ARG F 387 -35.35 33.53 12.73
CA ARG F 387 -36.79 33.63 12.50
C ARG F 387 -37.21 32.79 11.30
N ASN F 388 -36.36 32.75 10.26
CA ASN F 388 -36.69 31.96 9.08
C ASN F 388 -36.71 30.48 9.39
N PHE F 389 -35.79 30.01 10.24
CA PHE F 389 -35.78 28.60 10.63
C PHE F 389 -37.03 28.25 11.42
N ALA F 390 -37.45 29.14 12.33
CA ALA F 390 -38.66 28.91 13.10
C ALA F 390 -39.89 28.90 12.20
N ILE F 391 -39.94 29.80 11.22
CA ILE F 391 -41.06 29.84 10.28
C ILE F 391 -41.10 28.56 9.46
N GLY F 392 -39.94 28.09 8.99
CA GLY F 392 -39.89 26.87 8.22
C GLY F 392 -40.33 25.65 9.02
N TYR F 393 -39.89 25.56 10.28
CA TYR F 393 -40.32 24.46 11.13
C TYR F 393 -41.81 24.54 11.44
N TYR F 394 -42.34 25.76 11.62
CA TYR F 394 -43.78 25.92 11.83
C TYR F 394 -44.57 25.47 10.61
N LEU F 395 -44.10 25.82 9.42
CA LEU F 395 -44.77 25.39 8.19
C LEU F 395 -44.68 23.90 8.00
N LYS F 396 -43.55 23.29 8.37
CA LYS F 396 -43.43 21.84 8.31
C LYS F 396 -44.38 21.16 9.29
N GLU F 397 -44.56 21.75 10.48
CA GLU F 397 -45.50 21.22 11.45
C GLU F 397 -46.93 21.33 10.95
N LYS F 398 -47.27 22.45 10.30
CA LYS F 398 -48.62 22.64 9.77
C LYS F 398 -48.89 21.81 8.51
N LYS F 399 -47.85 21.17 7.95
CA LYS F 399 -47.97 20.30 6.77
C LYS F 399 -48.55 21.04 5.57
N CYS F 400 -48.11 22.28 5.37
CA CYS F 400 -48.50 23.07 4.21
C CYS F 400 -47.54 22.89 3.04
N PHE F 401 -46.46 22.15 3.23
CA PHE F 401 -45.48 21.92 2.18
C PHE F 401 -45.98 20.86 1.20
N PRO F 402 -45.48 20.87 -0.03
CA PRO F 402 -45.78 19.76 -0.96
C PRO F 402 -45.17 18.46 -0.49
N GLU F 403 -45.77 17.37 -0.96
CA GLU F 403 -45.36 16.03 -0.54
C GLU F 403 -43.95 15.70 -1.02
N GLY F 404 -43.21 14.99 -0.17
CA GLY F 404 -41.84 14.60 -0.51
C GLY F 404 -40.88 15.76 -0.61
N THR F 405 -40.94 16.70 0.32
CA THR F 405 -40.08 17.89 0.29
C THR F 405 -39.33 18.00 1.61
N ASP F 406 -38.04 18.25 1.53
CA ASP F 406 -37.20 18.44 2.70
C ASP F 406 -37.15 19.93 3.04
N MET F 407 -37.48 20.25 4.30
CA MET F 407 -37.60 21.66 4.68
C MET F 407 -36.25 22.35 4.71
N VAL F 408 -35.21 21.67 5.17
CA VAL F 408 -33.90 22.30 5.35
C VAL F 408 -33.30 22.67 4.01
N GLY F 409 -33.40 21.78 3.03
CA GLY F 409 -32.87 22.08 1.70
C GLY F 409 -33.61 23.21 1.02
N ILE F 410 -34.93 23.26 1.18
CA ILE F 410 -35.71 24.35 0.60
C ILE F 410 -35.39 25.67 1.29
N LEU F 411 -35.18 25.64 2.60
CA LEU F 411 -34.80 26.85 3.32
C LEU F 411 -33.42 27.35 2.88
N ASP F 412 -32.48 26.43 2.68
CA ASP F 412 -31.16 26.83 2.17
C ASP F 412 -31.25 27.38 0.76
N PHE F 413 -32.09 26.78 -0.08
CA PHE F 413 -32.30 27.30 -1.43
C PHE F 413 -32.95 28.67 -1.40
N TYR F 414 -33.84 28.90 -0.45
CA TYR F 414 -34.47 30.22 -0.30
C TYR F 414 -33.44 31.26 0.15
N PHE F 415 -32.54 30.88 1.05
CA PHE F 415 -31.45 31.78 1.43
C PHE F 415 -30.56 32.09 0.24
N GLN F 416 -30.27 31.07 -0.58
CA GLN F 416 -29.47 31.29 -1.79
C GLN F 416 -30.16 32.22 -2.77
N LEU F 417 -31.48 32.06 -2.92
CA LEU F 417 -32.24 32.93 -3.82
C LEU F 417 -32.25 34.37 -3.32
N CYS F 418 -32.37 34.56 -2.01
CA CYS F 418 -32.32 35.91 -1.45
C CYS F 418 -30.90 36.47 -1.42
N SER F 419 -29.87 35.64 -1.59
CA SER F 419 -28.50 36.10 -1.56
C SER F 419 -27.98 36.56 -2.92
N ILE F 420 -28.83 36.56 -3.95
CA ILE F 420 -28.41 37.02 -5.27
C ILE F 420 -28.19 38.52 -5.23
N GLU F 421 -27.07 38.97 -5.77
CA GLU F 421 -26.71 40.38 -5.76
C GLU F 421 -26.72 40.95 -7.17
N VAL F 422 -27.16 42.21 -7.29
CA VAL F 422 -27.19 42.94 -8.54
C VAL F 422 -26.81 44.39 -8.28
N THR F 423 -26.61 45.13 -9.35
CA THR F 423 -26.40 46.57 -9.29
C THR F 423 -27.70 47.29 -9.60
N CYS F 424 -27.69 48.61 -9.39
CA CYS F 424 -28.88 49.41 -9.69
C CYS F 424 -29.17 49.42 -11.19
N GLU F 425 -28.12 49.52 -12.02
CA GLU F 425 -28.31 49.47 -13.47
C GLU F 425 -28.85 48.12 -13.91
N SER F 426 -28.32 47.03 -13.33
CA SER F 426 -28.80 45.70 -13.69
C SER F 426 -30.22 45.48 -13.20
N ALA F 427 -30.54 45.96 -11.99
CA ALA F 427 -31.90 45.82 -11.49
C ALA F 427 -32.89 46.74 -12.18
N SER F 428 -32.40 47.77 -12.88
CA SER F 428 -33.30 48.63 -13.65
C SER F 428 -33.85 47.91 -14.87
N VAL F 429 -33.11 46.91 -15.38
CA VAL F 429 -33.66 46.06 -16.44
C VAL F 429 -34.83 45.24 -15.90
N MET F 430 -34.69 44.74 -14.67
CA MET F 430 -35.85 44.21 -13.95
C MET F 430 -36.79 45.36 -13.62
N ALA F 431 -38.05 44.99 -13.33
CA ALA F 431 -39.18 45.90 -13.15
C ALA F 431 -39.52 46.68 -14.42
N ALA F 432 -38.87 46.37 -15.54
CA ALA F 432 -39.24 46.85 -16.85
C ALA F 432 -39.71 45.73 -17.77
N THR F 433 -39.17 44.52 -17.59
CA THR F 433 -39.73 43.35 -18.25
C THR F 433 -41.15 43.10 -17.77
N LEU F 434 -41.38 43.20 -16.46
CA LEU F 434 -42.73 43.06 -15.92
C LEU F 434 -43.53 44.35 -15.98
N ALA F 435 -42.89 45.48 -16.25
CA ALA F 435 -43.66 46.66 -16.65
C ALA F 435 -44.26 46.46 -18.03
N ASN F 436 -43.52 45.81 -18.92
CA ASN F 436 -44.03 45.38 -20.21
C ASN F 436 -44.83 44.09 -20.04
N GLY F 437 -45.30 43.55 -21.15
CA GLY F 437 -46.05 42.30 -21.11
C GLY F 437 -45.16 41.07 -21.05
N GLY F 438 -44.23 41.03 -20.10
CA GLY F 438 -43.30 39.94 -19.99
C GLY F 438 -42.16 39.96 -20.98
N PHE F 439 -42.04 41.03 -21.77
CA PHE F 439 -40.98 41.14 -22.77
C PHE F 439 -39.85 42.00 -22.22
N CYS F 440 -38.63 41.51 -22.36
CA CYS F 440 -37.47 42.26 -21.89
C CYS F 440 -37.27 43.50 -22.76
N PRO F 441 -37.12 44.68 -22.15
CA PRO F 441 -36.91 45.89 -22.97
C PRO F 441 -35.61 45.88 -23.74
N ILE F 442 -34.60 45.16 -23.26
CA ILE F 442 -33.28 45.18 -23.88
C ILE F 442 -33.17 44.12 -24.98
N THR F 443 -33.50 42.87 -24.68
CA THR F 443 -33.41 41.82 -25.69
C THR F 443 -34.59 41.86 -26.66
N GLY F 444 -35.77 42.20 -26.18
CA GLY F 444 -36.96 42.10 -27.01
C GLY F 444 -37.56 40.72 -27.06
N GLU F 445 -37.02 39.77 -26.30
CA GLU F 445 -37.52 38.40 -26.30
C GLU F 445 -38.72 38.29 -25.36
N ARG F 446 -39.18 37.06 -25.12
CA ARG F 446 -40.27 36.78 -24.22
C ARG F 446 -39.76 35.98 -23.04
N VAL F 447 -40.10 36.41 -21.82
CA VAL F 447 -39.62 35.78 -20.60
C VAL F 447 -40.77 35.18 -19.80
N LEU F 448 -41.78 35.97 -19.48
CA LEU F 448 -42.88 35.54 -18.62
C LEU F 448 -44.21 35.63 -19.35
N SER F 449 -45.14 34.79 -18.94
CA SER F 449 -46.50 34.86 -19.45
C SER F 449 -47.18 36.12 -18.93
N PRO F 450 -48.10 36.70 -19.72
CA PRO F 450 -48.83 37.88 -19.25
C PRO F 450 -49.64 37.64 -17.99
N GLU F 451 -50.16 36.42 -17.79
CA GLU F 451 -50.90 36.12 -16.56
C GLU F 451 -50.01 36.23 -15.33
N ALA F 452 -48.78 35.71 -15.41
CA ALA F 452 -47.85 35.80 -14.30
C ALA F 452 -47.48 37.25 -14.01
N VAL F 453 -47.26 38.04 -15.06
CA VAL F 453 -46.93 39.46 -14.91
C VAL F 453 -48.07 40.21 -14.24
N ARG F 454 -49.30 39.94 -14.69
CA ARG F 454 -50.47 40.60 -14.09
C ARG F 454 -50.64 40.20 -12.62
N ASN F 455 -50.43 38.92 -12.31
CA ASN F 455 -50.58 38.45 -10.95
C ASN F 455 -49.54 39.07 -10.02
N THR F 456 -48.27 39.10 -10.45
CA THR F 456 -47.24 39.66 -9.59
C THR F 456 -47.37 41.18 -9.48
N LEU F 457 -47.87 41.85 -10.52
CA LEU F 457 -48.11 43.28 -10.42
C LEU F 457 -49.25 43.57 -9.44
N SER F 458 -50.31 42.77 -9.48
CA SER F 458 -51.41 42.94 -8.54
C SER F 458 -50.96 42.68 -7.10
N LEU F 459 -50.12 41.65 -6.91
CA LEU F 459 -49.65 41.35 -5.56
C LEU F 459 -48.71 42.42 -5.04
N MET F 460 -47.84 42.97 -5.89
CA MET F 460 -46.97 44.07 -5.47
C MET F 460 -47.78 45.32 -5.16
N HIS F 461 -48.85 45.57 -5.93
CA HIS F 461 -49.71 46.71 -5.66
C HIS F 461 -50.46 46.52 -4.34
N SER F 462 -50.87 45.30 -4.04
CA SER F 462 -51.67 45.05 -2.85
C SER F 462 -50.82 45.05 -1.58
N CYS F 463 -49.80 44.20 -1.52
CA CYS F 463 -49.04 44.00 -0.29
C CYS F 463 -47.55 43.98 -0.57
N GLY F 464 -47.07 44.93 -1.35
CA GLY F 464 -45.66 45.02 -1.66
C GLY F 464 -44.84 45.88 -0.73
N MET F 465 -45.41 46.37 0.37
CA MET F 465 -44.68 47.27 1.26
C MET F 465 -44.90 46.93 2.73
N TRP F 466 -45.27 45.68 3.04
CA TRP F 466 -45.53 45.19 4.40
C TRP F 466 -46.66 46.03 4.99
N ASP F 467 -46.50 46.59 6.20
CA ASP F 467 -47.55 47.40 6.80
C ASP F 467 -47.68 48.77 6.14
N PHE F 468 -46.70 49.18 5.34
CA PHE F 468 -46.73 50.46 4.66
C PHE F 468 -47.43 50.38 3.31
N SER F 469 -48.00 49.23 2.96
CA SER F 469 -48.63 49.06 1.65
C SER F 469 -49.85 49.96 1.48
N GLY F 470 -50.66 50.08 2.52
CA GLY F 470 -51.84 50.95 2.44
C GLY F 470 -51.46 52.41 2.26
N GLN F 471 -50.47 52.88 3.01
CA GLN F 471 -50.02 54.26 2.87
C GLN F 471 -49.35 54.49 1.52
N PHE F 472 -48.62 53.50 1.01
CA PHE F 472 -47.99 53.63 -0.28
C PHE F 472 -49.01 53.71 -1.41
N ALA F 473 -50.06 52.88 -1.33
CA ALA F 473 -51.14 52.98 -2.30
C ALA F 473 -51.92 54.27 -2.15
N PHE F 474 -52.03 54.78 -0.92
CA PHE F 474 -52.75 56.02 -0.68
C PHE F 474 -52.01 57.21 -1.27
N HIS F 475 -50.69 57.27 -1.10
CA HIS F 475 -49.93 58.43 -1.54
C HIS F 475 -49.38 58.26 -2.95
N VAL F 476 -48.67 57.16 -3.21
CA VAL F 476 -48.03 56.92 -4.50
C VAL F 476 -48.95 56.16 -5.44
N GLY F 477 -49.50 55.04 -4.96
CA GLY F 477 -50.38 54.22 -5.80
C GLY F 477 -49.69 53.54 -6.95
N LEU F 478 -48.48 53.05 -6.74
CA LEU F 478 -47.74 52.31 -7.76
C LEU F 478 -47.24 51.00 -7.20
N PRO F 479 -47.19 49.95 -8.02
CA PRO F 479 -46.72 48.64 -7.52
C PRO F 479 -45.21 48.64 -7.28
N ALA F 480 -44.81 48.55 -6.02
CA ALA F 480 -43.41 48.56 -5.66
C ALA F 480 -43.13 47.50 -4.59
N LYS F 481 -41.90 47.02 -4.55
CA LYS F 481 -41.46 46.04 -3.58
C LYS F 481 -40.17 46.50 -2.95
N SER F 482 -40.07 46.37 -1.63
CA SER F 482 -38.90 46.78 -0.87
C SER F 482 -38.19 45.56 -0.30
N GLY F 483 -37.16 45.81 0.49
CA GLY F 483 -36.40 44.75 1.11
C GLY F 483 -35.54 45.29 2.24
N VAL F 484 -34.98 44.35 3.01
CA VAL F 484 -34.15 44.75 4.14
C VAL F 484 -32.78 45.23 3.67
N ALA F 485 -32.42 44.93 2.41
CA ALA F 485 -31.18 45.46 1.86
C ALA F 485 -31.27 46.97 1.68
N GLY F 486 -32.38 47.45 1.14
CA GLY F 486 -32.57 48.87 0.91
C GLY F 486 -33.08 49.18 -0.47
N GLY F 487 -33.16 48.16 -1.33
CA GLY F 487 -33.64 48.35 -2.67
C GLY F 487 -35.14 48.51 -2.72
N ILE F 488 -35.61 49.27 -3.71
CA ILE F 488 -37.03 49.47 -3.96
C ILE F 488 -37.29 49.19 -5.42
N LEU F 489 -38.19 48.24 -5.69
CA LEU F 489 -38.52 47.84 -7.06
C LEU F 489 -39.78 48.56 -7.53
N LEU F 490 -39.63 49.87 -7.74
CA LEU F 490 -40.77 50.68 -8.18
C LEU F 490 -41.08 50.42 -9.64
N VAL F 491 -42.35 50.11 -9.91
CA VAL F 491 -42.80 49.74 -11.26
C VAL F 491 -43.93 50.69 -11.66
N VAL F 492 -43.81 51.25 -12.86
CA VAL F 492 -44.90 51.93 -13.53
C VAL F 492 -45.34 51.06 -14.70
N PRO F 493 -46.58 50.59 -14.74
CA PRO F 493 -46.97 49.60 -15.76
C PRO F 493 -47.01 50.21 -17.15
N ASN F 494 -46.44 49.48 -18.11
CA ASN F 494 -46.40 49.81 -19.54
C ASN F 494 -45.67 51.11 -19.84
N VAL F 495 -44.91 51.66 -18.88
CA VAL F 495 -44.20 52.91 -19.13
C VAL F 495 -42.71 52.75 -18.89
N MET F 496 -42.32 52.44 -17.66
CA MET F 496 -40.92 52.52 -17.25
C MET F 496 -40.73 51.87 -15.89
N GLY F 497 -39.52 51.36 -15.66
CA GLY F 497 -39.16 50.71 -14.42
C GLY F 497 -38.06 51.44 -13.67
N MET F 498 -37.94 51.20 -12.36
CA MET F 498 -37.02 51.98 -11.53
C MET F 498 -36.34 51.08 -10.51
N MET F 499 -35.39 51.68 -9.79
CA MET F 499 -34.66 51.04 -8.71
C MET F 499 -34.02 52.13 -7.85
N CYS F 500 -34.31 52.11 -6.55
CA CYS F 500 -33.74 53.06 -5.61
C CYS F 500 -33.01 52.29 -4.52
N TRP F 501 -31.77 52.71 -4.23
CA TRP F 501 -30.90 52.01 -3.30
C TRP F 501 -30.55 52.93 -2.14
N SER F 502 -30.87 52.49 -0.92
CA SER F 502 -30.57 53.26 0.29
C SER F 502 -30.42 52.33 1.48
N PRO F 503 -29.20 52.13 1.97
CA PRO F 503 -28.97 51.22 3.11
C PRO F 503 -29.68 51.61 4.39
N PRO F 504 -29.86 52.91 4.73
CA PRO F 504 -30.69 53.22 5.90
C PRO F 504 -32.14 52.80 5.70
N LEU F 505 -32.78 52.41 6.80
CA LEU F 505 -34.13 51.86 6.77
C LEU F 505 -35.01 52.50 7.83
N ASP F 506 -36.31 52.51 7.56
CA ASP F 506 -37.28 52.91 8.56
C ASP F 506 -37.46 51.79 9.59
N LYS F 507 -38.17 52.09 10.68
CA LYS F 507 -38.46 51.08 11.68
C LYS F 507 -39.41 50.01 11.18
N MET F 508 -40.13 50.27 10.08
CA MET F 508 -41.06 49.30 9.53
C MET F 508 -40.39 48.33 8.58
N GLY F 509 -39.27 48.72 7.96
CA GLY F 509 -38.55 47.82 7.08
C GLY F 509 -38.39 48.33 5.66
N ASN F 510 -38.44 49.64 5.48
CA ASN F 510 -38.28 50.26 4.17
C ASN F 510 -37.28 51.40 4.25
N SER F 511 -36.66 51.70 3.13
CA SER F 511 -35.68 52.78 3.07
C SER F 511 -36.38 54.14 3.14
N VAL F 512 -35.89 55.00 4.02
CA VAL F 512 -36.50 56.32 4.19
C VAL F 512 -36.27 57.19 2.97
N LYS F 513 -35.04 57.16 2.43
CA LYS F 513 -34.72 57.97 1.26
C LYS F 513 -35.51 57.52 0.04
N GLY F 514 -35.68 56.20 -0.12
CA GLY F 514 -36.47 55.71 -1.24
C GLY F 514 -37.93 56.10 -1.15
N ILE F 515 -38.50 56.04 0.06
CA ILE F 515 -39.90 56.43 0.25
C ILE F 515 -40.09 57.92 -0.02
N HIS F 516 -39.17 58.74 0.49
CA HIS F 516 -39.25 60.19 0.24
C HIS F 516 -39.08 60.49 -1.25
N PHE F 517 -38.19 59.77 -1.93
CA PHE F 517 -37.99 59.95 -3.36
C PHE F 517 -39.24 59.58 -4.13
N CYS F 518 -39.90 58.47 -3.76
CA CYS F 518 -41.12 58.07 -4.43
C CYS F 518 -42.24 59.08 -4.21
N HIS F 519 -42.35 59.61 -2.98
CA HIS F 519 -43.36 60.62 -2.69
C HIS F 519 -43.11 61.89 -3.51
N ASP F 520 -41.86 62.33 -3.60
CA ASP F 520 -41.55 63.52 -4.38
C ASP F 520 -41.79 63.28 -5.87
N LEU F 521 -41.49 62.07 -6.35
CA LEU F 521 -41.72 61.75 -7.76
C LEU F 521 -43.21 61.75 -8.10
N VAL F 522 -44.03 61.13 -7.26
CA VAL F 522 -45.46 61.10 -7.54
C VAL F 522 -46.09 62.47 -7.30
N SER F 523 -45.47 63.32 -6.48
CA SER F 523 -45.98 64.68 -6.31
C SER F 523 -45.62 65.58 -7.48
N LEU F 524 -44.44 65.40 -8.07
CA LEU F 524 -43.98 66.30 -9.12
C LEU F 524 -44.54 65.92 -10.49
N CYS F 525 -44.22 64.71 -10.96
CA CYS F 525 -44.68 64.26 -12.27
C CYS F 525 -45.96 63.44 -12.16
N LEU G 139 -65.38 26.58 89.41
CA LEU G 139 -64.06 26.06 89.10
C LEU G 139 -63.12 27.19 88.69
N GLU G 140 -63.64 28.42 88.71
CA GLU G 140 -62.86 29.58 88.29
C GLU G 140 -62.03 30.18 89.42
N ASP G 141 -62.17 29.68 90.65
CA ASP G 141 -61.48 30.27 91.79
C ASP G 141 -59.98 30.06 91.70
N LEU G 142 -59.54 28.82 91.47
CA LEU G 142 -58.11 28.56 91.36
C LEU G 142 -57.53 29.11 90.07
N LEU G 143 -58.34 29.20 89.01
CA LEU G 143 -57.89 29.85 87.79
C LEU G 143 -57.65 31.34 88.01
N PHE G 144 -58.54 31.99 88.76
CA PHE G 144 -58.34 33.40 89.09
C PHE G 144 -57.14 33.58 90.02
N TYR G 145 -56.94 32.62 90.94
CA TYR G 145 -55.77 32.65 91.81
C TYR G 145 -54.48 32.53 90.98
N THR G 146 -54.50 31.70 89.94
CA THR G 146 -53.38 31.65 89.01
C THR G 146 -53.22 32.98 88.28
N ILE G 147 -54.33 33.59 87.88
CA ILE G 147 -54.29 34.90 87.23
C ILE G 147 -53.75 35.95 88.19
N ALA G 148 -54.24 35.95 89.43
CA ALA G 148 -53.78 36.91 90.42
C ALA G 148 -52.41 36.49 90.96
N GLU G 149 -51.88 37.32 91.87
CA GLU G 149 -50.58 37.08 92.49
C GLU G 149 -50.70 36.39 93.84
N GLY G 150 -51.81 35.70 94.10
CA GLY G 150 -52.00 34.99 95.34
C GLY G 150 -52.87 35.70 96.36
N GLN G 151 -53.44 36.85 96.03
CA GLN G 151 -54.27 37.58 96.97
C GLN G 151 -55.75 37.27 96.75
N GLU G 152 -56.56 37.58 97.77
CA GLU G 152 -57.99 37.30 97.71
C GLU G 152 -58.70 38.23 96.72
N LYS G 153 -58.39 39.53 96.77
CA LYS G 153 -59.01 40.52 95.91
C LYS G 153 -57.95 41.19 95.06
N ILE G 154 -58.12 41.14 93.75
CA ILE G 154 -57.17 41.78 92.83
C ILE G 154 -57.74 43.13 92.41
N PRO G 155 -56.90 44.13 92.16
CA PRO G 155 -57.40 45.36 91.52
C PRO G 155 -57.88 45.09 90.11
N VAL G 156 -59.04 45.65 89.77
CA VAL G 156 -59.58 45.50 88.43
C VAL G 156 -58.76 46.32 87.44
N HIS G 157 -58.21 47.45 87.88
CA HIS G 157 -57.33 48.26 87.03
C HIS G 157 -56.07 47.49 86.69
N LYS G 158 -55.57 46.66 87.61
CA LYS G 158 -54.48 45.75 87.28
C LYS G 158 -54.96 44.47 86.63
N PHE G 159 -56.26 44.16 86.71
CA PHE G 159 -56.78 42.98 86.03
C PHE G 159 -56.93 43.21 84.54
N ILE G 160 -57.35 44.40 84.13
CA ILE G 160 -57.48 44.69 82.70
C ILE G 160 -56.10 44.76 82.05
N THR G 161 -55.08 45.18 82.79
CA THR G 161 -53.72 45.01 82.32
C THR G 161 -53.38 43.52 82.34
N ALA G 162 -52.67 43.08 81.29
CA ALA G 162 -52.35 41.69 80.96
C ALA G 162 -53.58 40.86 80.62
N LEU G 163 -54.78 41.46 80.64
CA LEU G 163 -55.95 40.81 80.03
C LEU G 163 -55.90 40.94 78.52
N LYS G 164 -55.38 42.05 78.01
CA LYS G 164 -55.14 42.22 76.58
C LYS G 164 -53.86 41.55 76.12
N SER G 165 -53.06 41.02 77.06
CA SER G 165 -51.86 40.27 76.68
C SER G 165 -52.18 38.98 75.95
N THR G 166 -53.37 38.43 76.15
CA THR G 166 -53.82 37.30 75.36
C THR G 166 -54.44 37.72 74.03
N GLY G 167 -54.52 39.01 73.76
CA GLY G 167 -54.99 39.52 72.49
C GLY G 167 -56.49 39.66 72.35
N LEU G 168 -57.26 39.36 73.40
CA LEU G 168 -58.71 39.42 73.32
C LEU G 168 -59.18 40.81 73.73
N ARG G 169 -59.81 41.52 72.79
CA ARG G 169 -60.29 42.87 73.05
C ARG G 169 -61.55 42.85 73.91
N THR G 170 -61.81 43.99 74.55
CA THR G 170 -62.97 44.11 75.42
C THR G 170 -64.29 44.27 74.67
N SER G 171 -64.24 44.52 73.36
CA SER G 171 -65.44 44.73 72.56
C SER G 171 -65.95 43.45 71.91
N ASP G 172 -65.68 42.29 72.51
CA ASP G 172 -66.11 41.02 71.96
C ASP G 172 -67.59 40.79 72.28
N PRO G 173 -68.44 40.57 71.28
CA PRO G 173 -69.85 40.22 71.57
C PRO G 173 -70.02 38.92 72.32
N ARG G 174 -69.04 38.01 72.28
CA ARG G 174 -69.12 36.79 73.09
C ARG G 174 -69.13 37.11 74.57
N LEU G 175 -68.30 38.06 75.00
CA LEU G 175 -68.26 38.49 76.39
C LEU G 175 -68.98 39.82 76.61
N LYS G 176 -69.86 40.20 75.68
CA LYS G 176 -70.58 41.47 75.78
C LYS G 176 -71.47 41.50 77.02
N GLU G 177 -72.15 40.39 77.32
CA GLU G 177 -72.90 40.29 78.56
C GLU G 177 -71.98 40.41 79.77
N CYS G 178 -70.83 39.71 79.72
CA CYS G 178 -69.84 39.86 80.77
C CYS G 178 -69.25 41.27 80.78
N MET G 179 -69.14 41.90 79.61
CA MET G 179 -68.61 43.26 79.55
C MET G 179 -69.53 44.24 80.27
N ASP G 180 -70.83 44.19 79.96
CA ASP G 180 -71.75 45.12 80.63
C ASP G 180 -71.93 44.76 82.10
N MET G 181 -71.85 43.48 82.45
CA MET G 181 -71.90 43.10 83.86
C MET G 181 -70.70 43.65 84.62
N LEU G 182 -69.50 43.58 84.03
CA LEU G 182 -68.33 44.17 84.64
C LEU G 182 -68.45 45.68 84.74
N ARG G 183 -69.02 46.31 83.70
CA ARG G 183 -69.21 47.77 83.72
C ARG G 183 -70.15 48.20 84.84
N LEU G 184 -71.25 47.45 85.05
CA LEU G 184 -72.17 47.83 86.10
C LEU G 184 -71.65 47.47 87.49
N THR G 185 -70.88 46.40 87.61
CA THR G 185 -70.32 46.04 88.91
C THR G 185 -69.11 46.86 89.30
N LEU G 186 -68.44 47.52 88.35
CA LEU G 186 -67.35 48.43 88.70
C LEU G 186 -67.88 49.64 89.46
N GLN G 187 -69.04 50.17 89.05
CA GLN G 187 -69.63 51.30 89.77
C GLN G 187 -70.17 50.88 91.12
N THR G 188 -70.66 49.64 91.24
CA THR G 188 -71.22 49.14 92.49
C THR G 188 -70.18 48.30 93.22
N THR G 189 -69.22 48.99 93.83
CA THR G 189 -68.21 48.33 94.67
C THR G 189 -68.29 48.86 96.09
N SER G 190 -68.54 50.17 96.21
CA SER G 190 -68.69 50.90 97.48
C SER G 190 -67.42 50.88 98.33
N ASP G 191 -66.30 50.43 97.76
CA ASP G 191 -65.01 50.46 98.45
C ASP G 191 -63.87 50.97 97.59
N GLY G 192 -63.97 50.89 96.26
CA GLY G 192 -62.92 51.38 95.39
C GLY G 192 -61.95 50.30 94.96
N VAL G 193 -61.85 50.09 93.64
CA VAL G 193 -61.00 49.12 92.93
C VAL G 193 -60.93 47.77 93.65
N MET G 194 -62.07 47.08 93.68
CA MET G 194 -62.20 45.81 94.38
C MET G 194 -62.97 44.83 93.50
N LEU G 195 -62.54 43.57 93.51
CA LEU G 195 -63.18 42.53 92.70
C LEU G 195 -63.74 41.39 93.54
N ASP G 196 -62.96 40.88 94.49
CA ASP G 196 -63.30 39.80 95.44
C ASP G 196 -63.44 38.44 94.75
N LYS G 197 -63.10 37.37 95.47
CA LYS G 197 -63.17 36.02 94.90
C LYS G 197 -64.61 35.61 94.62
N ASP G 198 -65.52 35.82 95.58
CA ASP G 198 -66.87 35.30 95.46
C ASP G 198 -67.65 36.01 94.35
N LEU G 199 -67.44 37.32 94.19
CA LEU G 199 -68.10 38.05 93.11
C LEU G 199 -67.64 37.57 91.75
N PHE G 200 -66.35 37.26 91.62
CA PHE G 200 -65.85 36.69 90.36
C PHE G 200 -66.38 35.28 90.14
N LYS G 201 -66.59 34.53 91.23
CA LYS G 201 -67.19 33.21 91.10
C LYS G 201 -68.63 33.29 90.61
N LYS G 202 -69.40 34.23 91.13
CA LYS G 202 -70.82 34.32 90.79
C LYS G 202 -71.11 35.17 89.56
N CYS G 203 -70.10 35.87 89.02
CA CYS G 203 -70.37 36.78 87.90
C CYS G 203 -70.35 36.04 86.56
N VAL G 204 -69.21 35.44 86.20
CA VAL G 204 -69.08 34.79 84.91
C VAL G 204 -69.86 33.48 84.92
N GLN G 205 -70.83 33.35 84.01
CA GLN G 205 -71.70 32.19 83.96
C GLN G 205 -71.58 31.41 82.66
N SER G 206 -71.73 32.08 81.51
CA SER G 206 -71.75 31.40 80.22
C SER G 206 -70.45 31.46 79.47
N ASN G 207 -69.57 32.42 79.77
CA ASN G 207 -68.31 32.57 79.07
C ASN G 207 -67.15 31.89 79.80
N ILE G 208 -67.42 30.80 80.52
CA ILE G 208 -66.36 30.11 81.25
C ILE G 208 -65.39 29.44 80.29
N VAL G 209 -65.89 28.90 79.18
CA VAL G 209 -65.03 28.20 78.24
C VAL G 209 -64.06 29.16 77.55
N LEU G 210 -64.53 30.36 77.21
CA LEU G 210 -63.66 31.35 76.58
C LEU G 210 -62.56 31.82 77.51
N LEU G 211 -62.91 32.09 78.76
CA LEU G 211 -61.91 32.54 79.73
C LEU G 211 -60.91 31.44 80.06
N THR G 212 -61.38 30.18 80.15
CA THR G 212 -60.46 29.08 80.41
C THR G 212 -59.52 28.86 79.23
N GLN G 213 -60.02 29.01 78.00
CA GLN G 213 -59.15 28.88 76.84
C GLN G 213 -58.15 30.04 76.75
N ALA G 214 -58.58 31.24 77.12
CA ALA G 214 -57.72 32.41 77.00
C ALA G 214 -56.63 32.42 78.08
N PHE G 215 -56.99 32.13 79.33
CA PHE G 215 -56.07 32.33 80.44
C PHE G 215 -55.22 31.11 80.78
N ARG G 216 -55.45 29.97 80.13
CA ARG G 216 -54.61 28.79 80.31
C ARG G 216 -53.66 28.59 79.14
N ARG G 217 -53.45 29.63 78.32
CA ARG G 217 -52.59 29.57 77.13
C ARG G 217 -53.03 28.48 76.17
N LYS G 218 -54.34 28.30 76.03
CA LYS G 218 -54.91 27.30 75.15
C LYS G 218 -55.22 27.85 73.77
N PHE G 219 -54.91 29.12 73.50
CA PHE G 219 -55.15 29.69 72.19
C PHE G 219 -54.08 29.21 71.20
N VAL G 220 -54.33 29.48 69.93
CA VAL G 220 -53.44 29.01 68.87
C VAL G 220 -52.11 29.75 68.90
N ILE G 221 -52.10 31.00 69.35
CA ILE G 221 -50.90 31.83 69.36
C ILE G 221 -50.59 32.24 70.80
N PRO G 222 -49.66 31.55 71.46
CA PRO G 222 -49.16 32.06 72.73
C PRO G 222 -48.10 33.13 72.52
N ASP G 223 -47.48 33.59 73.61
CA ASP G 223 -46.47 34.65 73.68
C ASP G 223 -46.77 35.80 72.70
N PHE G 224 -47.97 36.36 72.87
CA PHE G 224 -48.48 37.39 71.97
C PHE G 224 -47.65 38.66 71.99
N MET G 225 -46.94 38.94 73.07
CA MET G 225 -46.02 40.08 73.09
C MET G 225 -44.89 39.89 72.08
N SER G 226 -44.35 38.66 71.99
CA SER G 226 -43.33 38.37 70.99
C SER G 226 -43.89 38.47 69.58
N PHE G 227 -45.15 38.06 69.38
CA PHE G 227 -45.78 38.18 68.07
C PHE G 227 -45.95 39.63 67.68
N THR G 228 -46.37 40.48 68.62
CA THR G 228 -46.49 41.90 68.33
C THR G 228 -45.13 42.55 68.08
N SER G 229 -44.09 42.09 68.78
CA SER G 229 -42.75 42.59 68.53
C SER G 229 -42.28 42.22 67.12
N HIS G 230 -42.54 40.98 66.70
CA HIS G 230 -42.21 40.56 65.34
C HIS G 230 -42.97 41.37 64.31
N ILE G 231 -44.26 41.61 64.56
CA ILE G 231 -45.09 42.37 63.63
C ILE G 231 -44.59 43.81 63.52
N ASP G 232 -44.24 44.42 64.65
CA ASP G 232 -43.72 45.78 64.63
C ASP G 232 -42.36 45.86 63.94
N GLU G 233 -41.51 44.86 64.14
CA GLU G 233 -40.22 44.82 63.46
C GLU G 233 -40.40 44.72 61.95
N LEU G 234 -41.32 43.86 61.51
CA LEU G 234 -41.58 43.75 60.07
C LEU G 234 -42.23 45.03 59.52
N TYR G 235 -43.04 45.69 60.35
CA TYR G 235 -43.64 46.97 59.98
C TYR G 235 -42.56 48.01 59.73
N GLU G 236 -41.60 48.13 60.65
CA GLU G 236 -40.53 49.10 60.51
C GLU G 236 -39.59 48.73 59.37
N SER G 237 -39.42 47.43 59.10
CA SER G 237 -38.59 47.02 57.97
C SER G 237 -39.27 47.37 56.65
N ALA G 238 -40.58 47.15 56.53
CA ALA G 238 -41.31 47.44 55.31
C ALA G 238 -41.58 48.92 55.12
N LYS G 239 -41.43 49.73 56.18
CA LYS G 239 -41.63 51.17 56.04
C LYS G 239 -40.55 51.83 55.18
N LYS G 240 -39.43 51.14 54.92
CA LYS G 240 -38.34 51.76 54.18
C LYS G 240 -38.64 51.88 52.69
N GLN G 241 -39.50 51.01 52.14
CA GLN G 241 -39.79 51.02 50.72
C GLN G 241 -40.60 52.25 50.33
N SER G 242 -40.48 52.63 49.06
CA SER G 242 -41.13 53.82 48.53
C SER G 242 -42.22 53.49 47.51
N GLY G 243 -41.87 52.78 46.44
CA GLY G 243 -42.85 52.47 45.41
C GLY G 243 -43.26 53.70 44.63
N GLY G 244 -44.51 53.73 44.19
CA GLY G 244 -45.04 54.85 43.46
C GLY G 244 -46.24 54.42 42.63
N LYS G 245 -46.76 55.40 41.87
CA LYS G 245 -47.88 55.20 40.94
C LYS G 245 -49.11 54.65 41.68
N VAL G 246 -49.65 55.51 42.55
CA VAL G 246 -50.73 55.08 43.44
C VAL G 246 -52.00 54.74 42.66
N ALA G 247 -52.39 55.59 41.72
CA ALA G 247 -53.59 55.35 40.91
C ALA G 247 -53.56 56.28 39.71
N ASP G 248 -53.57 55.72 38.50
CA ASP G 248 -53.71 56.54 37.30
C ASP G 248 -55.18 56.84 37.02
N TYR G 249 -55.96 55.80 36.78
CA TYR G 249 -57.40 55.93 36.61
C TYR G 249 -58.08 55.93 37.98
N ILE G 250 -59.39 56.20 37.98
CA ILE G 250 -60.18 56.52 39.18
C ILE G 250 -59.49 57.65 39.94
N PRO G 251 -59.60 58.90 39.46
CA PRO G 251 -58.88 60.01 40.11
C PRO G 251 -59.29 60.26 41.55
N GLN G 252 -60.45 59.77 41.98
CA GLN G 252 -60.81 59.82 43.39
C GLN G 252 -59.85 58.98 44.22
N LEU G 253 -59.42 57.84 43.68
CA LEU G 253 -58.46 56.99 44.39
C LEU G 253 -57.06 57.59 44.43
N ALA G 254 -56.75 58.53 43.53
CA ALA G 254 -55.42 59.10 43.47
C ALA G 254 -55.18 60.19 44.51
N LYS G 255 -56.20 60.56 45.29
CA LYS G 255 -56.06 61.61 46.28
C LYS G 255 -55.40 61.13 47.57
N PHE G 256 -55.19 59.83 47.72
CA PHE G 256 -54.56 59.30 48.92
C PHE G 256 -53.07 59.57 48.92
N SER G 257 -52.53 59.93 50.09
CA SER G 257 -51.11 60.18 50.20
C SER G 257 -50.33 58.86 50.12
N PRO G 258 -49.13 58.88 49.51
CA PRO G 258 -48.39 57.63 49.30
C PRO G 258 -47.80 57.04 50.57
N ASP G 259 -47.71 57.79 51.67
CA ASP G 259 -47.07 57.30 52.88
C ASP G 259 -48.05 56.63 53.85
N LEU G 260 -49.31 56.45 53.44
CA LEU G 260 -50.26 55.73 54.27
C LEU G 260 -49.88 54.25 54.34
N TRP G 261 -49.88 53.70 55.55
CA TRP G 261 -49.39 52.34 55.76
C TRP G 261 -49.95 51.82 57.07
N GLY G 262 -50.70 50.72 57.02
CA GLY G 262 -51.29 50.14 58.20
C GLY G 262 -51.55 48.64 58.07
N VAL G 263 -51.35 47.90 59.15
CA VAL G 263 -51.47 46.45 59.16
C VAL G 263 -52.36 46.05 60.33
N SER G 264 -53.38 45.23 60.05
CA SER G 264 -54.27 44.70 61.08
C SER G 264 -54.21 43.18 61.10
N VAL G 265 -54.31 42.62 62.29
CA VAL G 265 -54.18 41.18 62.52
C VAL G 265 -55.36 40.71 63.35
N CYS G 266 -55.97 39.60 62.93
CA CYS G 266 -57.01 38.94 63.71
C CYS G 266 -56.93 37.44 63.50
N THR G 267 -57.02 36.68 64.59
CA THR G 267 -56.91 35.24 64.53
C THR G 267 -58.29 34.58 64.60
N VAL G 268 -58.28 33.25 64.68
CA VAL G 268 -59.53 32.50 64.69
C VAL G 268 -60.28 32.69 66.01
N ASP G 269 -59.56 32.63 67.14
CA ASP G 269 -60.23 32.67 68.44
C ASP G 269 -60.73 34.07 68.78
N GLY G 270 -60.12 35.11 68.21
CA GLY G 270 -60.53 36.47 68.52
C GLY G 270 -59.35 37.33 68.91
N GLN G 271 -58.19 36.70 68.98
CA GLN G 271 -56.95 37.39 69.30
C GLN G 271 -56.59 38.33 68.16
N ARG G 272 -56.33 39.60 68.48
CA ARG G 272 -56.19 40.60 67.43
C ARG G 272 -55.24 41.71 67.85
N HIS G 273 -54.74 42.44 66.86
CA HIS G 273 -53.77 43.51 67.04
C HIS G 273 -53.71 44.32 65.75
N SER G 274 -53.47 45.62 65.88
CA SER G 274 -53.41 46.50 64.71
C SER G 274 -52.49 47.67 64.99
N THR G 275 -51.78 48.11 63.95
CA THR G 275 -50.88 49.25 64.02
C THR G 275 -51.10 50.13 62.79
N GLY G 276 -50.40 51.27 62.78
CA GLY G 276 -50.42 52.16 61.63
C GLY G 276 -51.69 52.94 61.43
N ASP G 277 -52.15 53.01 60.19
CA ASP G 277 -53.31 53.80 59.79
C ASP G 277 -54.55 52.93 59.68
N THR G 278 -54.70 51.96 60.60
CA THR G 278 -55.76 50.96 60.50
C THR G 278 -57.15 51.54 60.68
N LYS G 279 -57.28 52.74 61.25
CA LYS G 279 -58.59 53.34 61.46
C LYS G 279 -59.09 54.13 60.27
N VAL G 280 -58.25 54.32 59.24
CA VAL G 280 -58.64 55.10 58.06
C VAL G 280 -59.43 54.22 57.11
N PRO G 281 -60.66 54.60 56.76
CA PRO G 281 -61.44 53.79 55.81
C PRO G 281 -60.85 53.86 54.41
N PHE G 282 -61.04 52.77 53.67
CA PHE G 282 -60.57 52.69 52.29
C PHE G 282 -61.43 51.66 51.56
N CYS G 283 -61.50 51.81 50.24
CA CYS G 283 -62.41 50.99 49.45
C CYS G 283 -61.89 49.57 49.29
N LEU G 284 -62.81 48.67 48.98
CA LEU G 284 -62.52 47.24 48.82
C LEU G 284 -62.46 46.85 47.36
N GLN G 285 -61.84 47.68 46.52
CA GLN G 285 -61.71 47.42 45.10
C GLN G 285 -60.96 46.12 44.86
N SER G 286 -61.63 45.16 44.20
CA SER G 286 -61.15 43.85 43.79
C SER G 286 -60.88 42.91 44.96
N CYS G 287 -61.01 43.36 46.21
CA CYS G 287 -60.84 42.49 47.36
C CYS G 287 -62.14 41.85 47.81
N VAL G 288 -63.27 42.25 47.22
CA VAL G 288 -64.56 41.68 47.57
C VAL G 288 -64.94 40.52 46.64
N LYS G 289 -64.21 40.34 45.54
CA LYS G 289 -64.53 39.28 44.59
C LYS G 289 -64.48 37.87 45.16
N PRO G 290 -63.47 37.45 45.97
CA PRO G 290 -63.61 36.13 46.62
C PRO G 290 -64.81 36.04 47.55
N LEU G 291 -65.14 37.13 48.23
CA LEU G 291 -66.29 37.13 49.12
C LEU G 291 -67.59 36.93 48.35
N LYS G 292 -67.75 37.66 47.23
CA LYS G 292 -68.96 37.52 46.44
C LYS G 292 -69.01 36.18 45.70
N TYR G 293 -67.84 35.61 45.37
CA TYR G 293 -67.82 34.25 44.86
C TYR G 293 -68.31 33.26 45.91
N ALA G 294 -67.91 33.47 47.16
CA ALA G 294 -68.44 32.66 48.26
C ALA G 294 -69.95 32.85 48.40
N ILE G 295 -70.43 34.08 48.17
CA ILE G 295 -71.87 34.35 48.23
C ILE G 295 -72.59 33.52 47.19
N ALA G 296 -72.11 33.59 45.95
CA ALA G 296 -72.73 32.87 44.84
C ALA G 296 -72.71 31.37 45.06
N VAL G 297 -71.58 30.85 45.55
CA VAL G 297 -71.47 29.41 45.75
C VAL G 297 -72.39 28.95 46.87
N ASN G 298 -72.35 29.64 48.03
CA ASN G 298 -73.16 29.24 49.17
C ASN G 298 -74.64 29.40 48.90
N ASP G 299 -75.01 30.27 47.96
CA ASP G 299 -76.43 30.44 47.64
C ASP G 299 -76.91 29.51 46.53
N LEU G 300 -76.05 29.11 45.59
CA LEU G 300 -76.54 28.43 44.40
C LEU G 300 -75.86 27.11 44.06
N GLY G 301 -74.96 26.60 44.90
CA GLY G 301 -74.28 25.37 44.53
C GLY G 301 -73.10 25.61 43.61
N THR G 302 -71.99 24.91 43.88
CA THR G 302 -70.76 25.17 43.14
C THR G 302 -70.87 24.73 41.69
N GLU G 303 -71.63 23.66 41.41
CA GLU G 303 -71.81 23.22 40.03
C GLU G 303 -72.58 24.25 39.21
N TYR G 304 -73.66 24.80 39.77
CA TYR G 304 -74.41 25.82 39.07
C TYR G 304 -73.62 27.12 38.95
N VAL G 305 -72.77 27.43 39.94
CA VAL G 305 -71.93 28.61 39.84
C VAL G 305 -70.90 28.46 38.74
N HIS G 306 -70.24 27.32 38.66
CA HIS G 306 -69.20 27.08 37.67
C HIS G 306 -69.76 26.59 36.34
N ARG G 307 -71.08 26.51 36.21
CA ARG G 307 -71.68 26.32 34.89
C ARG G 307 -71.37 27.49 33.96
N TYR G 308 -71.20 28.69 34.51
CA TYR G 308 -70.99 29.88 33.72
C TYR G 308 -69.57 30.43 33.77
N VAL G 309 -68.77 30.03 34.74
CA VAL G 309 -67.41 30.52 34.88
C VAL G 309 -66.44 29.34 34.92
N GLY G 310 -65.18 29.63 34.60
CA GLY G 310 -64.13 28.65 34.71
C GLY G 310 -63.46 28.68 36.07
N LYS G 311 -62.42 27.85 36.21
CA LYS G 311 -61.66 27.75 37.44
C LYS G 311 -60.17 27.67 37.14
N GLU G 312 -59.71 28.42 36.15
CA GLU G 312 -58.33 28.38 35.71
C GLU G 312 -57.75 29.79 35.70
N PRO G 313 -56.45 29.93 35.95
CA PRO G 313 -55.80 31.23 35.83
C PRO G 313 -55.73 31.66 34.37
N SER G 314 -55.74 32.98 34.17
CA SER G 314 -55.71 33.53 32.82
C SER G 314 -54.28 33.78 32.33
N GLY G 315 -53.38 34.18 33.22
CA GLY G 315 -52.02 34.47 32.84
C GLY G 315 -51.79 35.85 32.26
N LEU G 316 -52.82 36.69 32.24
CA LEU G 316 -52.71 38.05 31.71
C LEU G 316 -53.31 39.02 32.73
N ARG G 317 -53.28 40.31 32.38
CA ARG G 317 -53.83 41.33 33.26
C ARG G 317 -55.34 41.19 33.37
N PHE G 318 -55.87 41.61 34.51
CA PHE G 318 -57.31 41.54 34.74
C PHE G 318 -58.09 42.48 33.85
N ASN G 319 -57.48 43.58 33.40
CA ASN G 319 -58.15 44.50 32.49
C ASN G 319 -58.24 43.94 31.08
N LYS G 320 -57.41 42.97 30.72
CA LYS G 320 -57.43 42.41 29.38
C LYS G 320 -58.69 41.58 29.18
N LEU G 321 -59.37 41.80 28.06
CA LEU G 321 -60.63 41.14 27.76
C LEU G 321 -60.37 40.02 26.75
N PHE G 322 -60.61 38.78 27.18
CA PHE G 322 -60.51 37.58 26.36
C PHE G 322 -61.07 36.42 27.17
N LEU G 323 -61.55 35.41 26.47
CA LEU G 323 -62.17 34.24 27.10
C LEU G 323 -61.38 32.99 26.74
N ASN G 324 -61.81 31.86 27.30
CA ASN G 324 -61.16 30.57 27.05
C ASN G 324 -61.67 29.99 25.73
N GLU G 325 -61.37 28.72 25.50
CA GLU G 325 -61.85 28.05 24.29
C GLU G 325 -63.35 27.83 24.30
N ASP G 326 -63.99 27.88 25.47
CA ASP G 326 -65.42 27.69 25.60
C ASP G 326 -66.18 29.00 25.72
N ASP G 327 -65.53 30.13 25.43
CA ASP G 327 -66.13 31.46 25.49
C ASP G 327 -66.72 31.77 26.87
N LYS G 328 -65.92 31.52 27.89
CA LYS G 328 -66.28 31.78 29.28
C LYS G 328 -65.14 32.50 29.98
N PRO G 329 -65.44 33.28 31.02
CA PRO G 329 -64.36 33.88 31.82
C PRO G 329 -63.52 32.81 32.49
N HIS G 330 -62.22 33.10 32.61
CA HIS G 330 -61.27 32.09 33.08
C HIS G 330 -61.45 31.77 34.55
N ASN G 331 -61.73 32.78 35.37
CA ASN G 331 -61.89 32.59 36.80
C ASN G 331 -62.73 33.73 37.35
N PRO G 332 -63.37 33.54 38.51
CA PRO G 332 -64.12 34.66 39.11
C PRO G 332 -63.25 35.81 39.58
N MET G 333 -61.93 35.64 39.67
CA MET G 333 -61.08 36.69 40.19
C MET G 333 -60.93 37.85 39.21
N VAL G 334 -60.87 37.55 37.91
CA VAL G 334 -60.74 38.60 36.90
C VAL G 334 -62.08 39.32 36.73
N ASN G 335 -62.06 40.43 36.00
CA ASN G 335 -63.22 41.31 35.92
C ASN G 335 -64.41 40.62 35.25
N ALA G 336 -64.16 39.83 34.20
CA ALA G 336 -65.26 39.14 33.52
C ALA G 336 -65.93 38.12 34.43
N GLY G 337 -65.13 37.34 35.16
CA GLY G 337 -65.70 36.41 36.12
C GLY G 337 -66.44 37.10 37.24
N ALA G 338 -65.93 38.26 37.67
CA ALA G 338 -66.62 39.05 38.69
C ALA G 338 -67.98 39.54 38.20
N ILE G 339 -68.03 39.98 36.94
CA ILE G 339 -69.31 40.42 36.36
C ILE G 339 -70.30 39.26 36.28
N VAL G 340 -69.82 38.09 35.84
CA VAL G 340 -70.71 36.94 35.71
C VAL G 340 -71.22 36.49 37.08
N VAL G 341 -70.35 36.47 38.09
CA VAL G 341 -70.82 36.05 39.41
C VAL G 341 -71.67 37.11 40.09
N THR G 342 -71.54 38.39 39.72
CA THR G 342 -72.53 39.36 40.17
C THR G 342 -73.87 39.14 39.48
N SER G 343 -73.85 38.63 38.25
CA SER G 343 -75.10 38.32 37.57
C SER G 343 -75.86 37.16 38.20
N LEU G 344 -75.18 36.34 39.01
CA LEU G 344 -75.82 35.14 39.56
C LEU G 344 -76.60 35.42 40.83
N ILE G 345 -76.18 36.38 41.64
CA ILE G 345 -76.72 36.56 42.98
C ILE G 345 -78.09 37.21 42.88
N LYS G 346 -79.14 36.45 43.25
CA LYS G 346 -80.51 36.94 43.41
C LYS G 346 -81.03 37.57 42.12
N GLN G 347 -81.16 36.72 41.10
CA GLN G 347 -81.49 37.17 39.76
C GLN G 347 -82.90 37.73 39.66
N GLY G 348 -83.81 37.32 40.52
CA GLY G 348 -85.21 37.68 40.41
C GLY G 348 -85.66 38.90 41.18
N VAL G 349 -84.73 39.68 41.74
CA VAL G 349 -85.09 40.83 42.56
C VAL G 349 -84.23 42.01 42.13
N ASN G 350 -84.69 43.22 42.44
CA ASN G 350 -84.06 44.45 41.95
C ASN G 350 -82.73 44.70 42.67
N ASN G 351 -82.10 45.82 42.30
CA ASN G 351 -80.74 46.11 42.77
C ASN G 351 -80.74 46.51 44.25
N ALA G 352 -81.78 47.21 44.70
CA ALA G 352 -81.80 47.72 46.06
C ALA G 352 -81.85 46.58 47.08
N GLU G 353 -82.76 45.62 46.88
CA GLU G 353 -82.85 44.49 47.78
C GLU G 353 -81.62 43.59 47.69
N LYS G 354 -81.04 43.47 46.49
CA LYS G 354 -79.81 42.70 46.32
C LYS G 354 -78.67 43.30 47.15
N PHE G 355 -78.50 44.63 47.06
CA PHE G 355 -77.45 45.30 47.82
C PHE G 355 -77.74 45.22 49.31
N ASP G 356 -79.01 45.34 49.71
CA ASP G 356 -79.36 45.21 51.12
C ASP G 356 -79.04 43.83 51.64
N TYR G 357 -79.33 42.78 50.86
CA TYR G 357 -79.05 41.42 51.28
C TYR G 357 -77.56 41.18 51.42
N VAL G 358 -76.77 41.61 50.42
CA VAL G 358 -75.34 41.36 50.49
C VAL G 358 -74.70 42.22 51.58
N MET G 359 -75.22 43.42 51.83
CA MET G 359 -74.67 44.25 52.89
C MET G 359 -74.99 43.67 54.26
N GLN G 360 -76.22 43.17 54.46
CA GLN G 360 -76.58 42.56 55.73
C GLN G 360 -75.75 41.31 56.00
N PHE G 361 -75.56 40.47 54.97
CA PHE G 361 -74.83 39.23 55.19
C PHE G 361 -73.34 39.51 55.38
N LEU G 362 -72.80 40.51 54.68
CA LEU G 362 -71.40 40.86 54.89
C LEU G 362 -71.20 41.51 56.26
N ASN G 363 -72.21 42.22 56.76
CA ASN G 363 -72.16 42.69 58.14
C ASN G 363 -72.17 41.54 59.12
N LYS G 364 -72.95 40.50 58.84
CA LYS G 364 -72.94 39.30 59.66
C LYS G 364 -71.56 38.63 59.64
N MET G 365 -70.93 38.61 58.46
CA MET G 365 -69.59 38.05 58.35
C MET G 365 -68.56 38.88 59.09
N ALA G 366 -68.74 40.21 59.09
CA ALA G 366 -67.79 41.12 59.73
C ALA G 366 -68.01 41.25 61.23
N GLY G 367 -69.02 40.60 61.78
CA GLY G 367 -69.32 40.75 63.19
C GLY G 367 -69.79 42.14 63.57
N ASN G 368 -70.61 42.76 62.72
CA ASN G 368 -71.17 44.10 62.93
C ASN G 368 -70.09 45.14 63.14
N GLU G 369 -69.02 45.05 62.36
CA GLU G 369 -67.95 46.04 62.37
C GLU G 369 -68.34 47.21 61.46
N TYR G 370 -67.40 48.11 61.20
CA TYR G 370 -67.66 49.27 60.35
C TYR G 370 -67.57 48.85 58.89
N VAL G 371 -68.70 48.88 58.19
CA VAL G 371 -68.75 48.61 56.76
C VAL G 371 -69.45 49.81 56.12
N GLY G 372 -68.67 50.69 55.49
CA GLY G 372 -69.19 51.88 54.86
C GLY G 372 -69.45 51.69 53.37
N PHE G 373 -69.71 52.81 52.70
CA PHE G 373 -69.93 52.81 51.25
C PHE G 373 -69.56 54.20 50.75
N SER G 374 -68.37 54.33 50.16
CA SER G 374 -67.87 55.61 49.71
C SER G 374 -68.55 55.99 48.40
N ASN G 375 -69.39 57.03 48.45
CA ASN G 375 -70.06 57.51 47.25
C ASN G 375 -69.09 58.24 46.32
N ALA G 376 -67.99 58.79 46.85
CA ALA G 376 -67.03 59.49 46.02
C ALA G 376 -66.35 58.55 45.03
N THR G 377 -66.03 57.33 45.47
CA THR G 377 -65.42 56.35 44.58
C THR G 377 -66.45 55.53 43.82
N PHE G 378 -67.74 55.79 44.02
CA PHE G 378 -68.78 55.17 43.20
C PHE G 378 -69.26 56.09 42.09
N GLN G 379 -69.36 57.40 42.35
CA GLN G 379 -69.62 58.34 41.27
C GLN G 379 -68.47 58.36 40.28
N SER G 380 -67.23 58.36 40.79
CA SER G 380 -66.09 58.03 39.95
C SER G 380 -66.06 56.52 39.72
N GLU G 381 -65.36 56.12 38.65
CA GLU G 381 -65.21 54.74 38.16
C GLU G 381 -66.51 54.26 37.51
N ARG G 382 -67.59 55.02 37.68
CA ARG G 382 -68.80 54.83 36.90
C ARG G 382 -68.77 55.64 35.61
N GLU G 383 -68.11 56.79 35.63
CA GLU G 383 -67.90 57.62 34.45
C GLU G 383 -66.53 57.41 33.83
N SER G 384 -65.48 57.29 34.64
CA SER G 384 -64.13 57.09 34.14
C SER G 384 -63.77 55.63 33.93
N GLY G 385 -64.62 54.70 34.35
CA GLY G 385 -64.37 53.30 34.12
C GLY G 385 -64.91 52.84 32.79
N ASP G 386 -64.05 52.76 31.78
CA ASP G 386 -64.48 52.43 30.43
C ASP G 386 -64.14 51.01 30.01
N ARG G 387 -63.08 50.42 30.59
CA ARG G 387 -62.71 49.05 30.23
C ARG G 387 -63.77 48.05 30.70
N ASN G 388 -64.34 48.26 31.88
CA ASN G 388 -65.34 47.34 32.41
C ASN G 388 -66.60 47.35 31.55
N PHE G 389 -66.97 48.51 31.01
CA PHE G 389 -68.12 48.57 30.11
C PHE G 389 -67.87 47.77 28.84
N ALA G 390 -66.66 47.88 28.29
CA ALA G 390 -66.31 47.10 27.10
C ALA G 390 -66.31 45.62 27.39
N ILE G 391 -65.79 45.22 28.56
CA ILE G 391 -65.81 43.81 28.95
C ILE G 391 -67.23 43.30 29.10
N GLY G 392 -68.09 44.09 29.73
CA GLY G 392 -69.48 43.68 29.91
C GLY G 392 -70.22 43.54 28.60
N TYR G 393 -69.99 44.47 27.67
CA TYR G 393 -70.63 44.36 26.35
C TYR G 393 -70.09 43.20 25.54
N TYR G 394 -68.79 42.90 25.68
CA TYR G 394 -68.24 41.71 25.05
C TYR G 394 -68.87 40.44 25.61
N LEU G 395 -69.07 40.38 26.92
CA LEU G 395 -69.71 39.22 27.54
C LEU G 395 -71.17 39.10 27.11
N LYS G 396 -71.87 40.24 26.98
CA LYS G 396 -73.26 40.23 26.52
C LYS G 396 -73.36 39.75 25.09
N GLU G 397 -72.40 40.14 24.23
CA GLU G 397 -72.38 39.63 22.87
C GLU G 397 -72.09 38.13 22.84
N LYS G 398 -71.21 37.66 23.72
CA LYS G 398 -70.85 36.25 23.74
C LYS G 398 -71.92 35.37 24.38
N LYS G 399 -72.99 35.97 24.90
CA LYS G 399 -74.15 35.25 25.45
C LYS G 399 -73.75 34.34 26.62
N CYS G 400 -72.95 34.86 27.54
CA CYS G 400 -72.51 34.10 28.71
C CYS G 400 -73.11 34.62 30.01
N PHE G 401 -74.35 35.08 29.97
CA PHE G 401 -75.10 35.48 31.16
C PHE G 401 -76.30 34.54 31.31
N PRO G 402 -76.84 34.39 32.51
CA PRO G 402 -78.11 33.67 32.65
C PRO G 402 -79.24 34.41 31.95
N GLU G 403 -80.30 33.66 31.65
CA GLU G 403 -81.42 34.18 30.86
C GLU G 403 -82.14 35.31 31.59
N GLY G 404 -82.55 36.33 30.84
CA GLY G 404 -83.28 37.45 31.39
C GLY G 404 -82.49 38.33 32.34
N THR G 405 -81.26 38.68 31.94
CA THR G 405 -80.38 39.53 32.72
C THR G 405 -80.03 40.78 31.94
N ASP G 406 -80.05 41.92 32.63
CA ASP G 406 -79.73 43.21 32.03
C ASP G 406 -78.28 43.56 32.30
N MET G 407 -77.53 43.92 31.26
CA MET G 407 -76.10 44.12 31.38
C MET G 407 -75.78 45.37 32.19
N VAL G 408 -76.48 46.49 31.92
CA VAL G 408 -76.15 47.75 32.56
C VAL G 408 -76.45 47.71 34.05
N GLY G 409 -77.58 47.10 34.42
CA GLY G 409 -77.93 47.02 35.84
C GLY G 409 -76.96 46.15 36.63
N ILE G 410 -76.54 45.03 36.05
CA ILE G 410 -75.57 44.16 36.72
C ILE G 410 -74.21 44.84 36.80
N LEU G 411 -73.83 45.60 35.77
CA LEU G 411 -72.58 46.34 35.82
C LEU G 411 -72.60 47.41 36.91
N ASP G 412 -73.72 48.13 37.04
CA ASP G 412 -73.84 49.12 38.11
C ASP G 412 -73.84 48.45 39.47
N PHE G 413 -74.48 47.27 39.58
CA PHE G 413 -74.46 46.51 40.82
C PHE G 413 -73.04 46.07 41.18
N TYR G 414 -72.26 45.66 40.18
CA TYR G 414 -70.87 45.27 40.41
C TYR G 414 -70.04 46.47 40.86
N PHE G 415 -70.29 47.64 40.28
CA PHE G 415 -69.61 48.86 40.74
C PHE G 415 -70.01 49.18 42.18
N GLN G 416 -71.28 48.98 42.54
CA GLN G 416 -71.72 49.21 43.91
C GLN G 416 -71.03 48.26 44.88
N LEU G 417 -70.88 46.99 44.49
CA LEU G 417 -70.16 46.04 45.33
C LEU G 417 -68.69 46.41 45.48
N CYS G 418 -68.07 46.86 44.39
CA CYS G 418 -66.65 47.23 44.47
C CYS G 418 -66.44 48.54 45.21
N SER G 419 -67.47 49.37 45.35
CA SER G 419 -67.33 50.67 46.00
C SER G 419 -67.48 50.61 47.52
N ILE G 420 -67.63 49.42 48.09
CA ILE G 420 -67.77 49.28 49.54
C ILE G 420 -66.43 49.59 50.21
N GLU G 421 -66.46 50.41 51.26
CA GLU G 421 -65.26 50.78 51.99
C GLU G 421 -65.28 50.20 53.39
N VAL G 422 -64.11 49.74 53.85
CA VAL G 422 -63.92 49.24 55.20
C VAL G 422 -62.58 49.73 55.72
N THR G 423 -62.40 49.68 57.04
CA THR G 423 -61.12 49.95 57.65
C THR G 423 -60.30 48.67 57.73
N CYS G 424 -59.00 48.83 58.06
CA CYS G 424 -58.14 47.68 58.22
C CYS G 424 -58.55 46.83 59.40
N GLU G 425 -58.96 47.46 60.51
CA GLU G 425 -59.46 46.71 61.65
C GLU G 425 -60.74 45.96 61.32
N SER G 426 -61.63 46.59 60.54
CA SER G 426 -62.85 45.90 60.11
C SER G 426 -62.54 44.80 59.11
N ALA G 427 -61.54 44.98 58.27
CA ALA G 427 -61.14 43.95 57.31
C ALA G 427 -60.31 42.84 57.95
N SER G 428 -59.83 43.04 59.17
CA SER G 428 -59.14 41.96 59.88
C SER G 428 -60.10 40.86 60.25
N VAL G 429 -61.37 41.19 60.48
CA VAL G 429 -62.39 40.17 60.68
C VAL G 429 -62.58 39.36 59.39
N MET G 430 -62.55 40.04 58.26
CA MET G 430 -62.45 39.36 56.98
C MET G 430 -61.12 38.63 56.89
N ALA G 431 -61.09 37.60 56.04
CA ALA G 431 -60.00 36.64 55.92
C ALA G 431 -59.72 35.88 57.21
N ALA G 432 -60.66 35.92 58.15
CA ALA G 432 -60.56 35.15 59.39
C ALA G 432 -61.84 34.33 59.54
N THR G 433 -62.94 34.86 59.00
CA THR G 433 -64.17 34.07 58.89
C THR G 433 -63.97 32.90 57.94
N LEU G 434 -63.30 33.14 56.82
CA LEU G 434 -62.96 32.08 55.88
C LEU G 434 -61.63 31.41 56.20
N ALA G 435 -60.85 31.96 57.13
CA ALA G 435 -59.74 31.19 57.68
C ALA G 435 -60.25 30.14 58.65
N ASN G 436 -61.40 30.38 59.27
CA ASN G 436 -62.07 29.39 60.11
C ASN G 436 -62.85 28.42 59.21
N GLY G 437 -63.69 27.60 59.82
CA GLY G 437 -64.54 26.70 59.06
C GLY G 437 -65.84 27.35 58.61
N GLY G 438 -65.75 28.58 58.11
CA GLY G 438 -66.92 29.31 57.70
C GLY G 438 -67.60 30.09 58.81
N PHE G 439 -67.15 29.96 60.05
CA PHE G 439 -67.76 30.66 61.16
C PHE G 439 -67.06 31.99 61.41
N CYS G 440 -67.81 32.93 61.98
CA CYS G 440 -67.23 34.23 62.33
C CYS G 440 -66.24 34.05 63.47
N PRO G 441 -65.02 34.59 63.35
CA PRO G 441 -64.02 34.37 64.40
C PRO G 441 -64.33 35.09 65.70
N ILE G 442 -65.21 36.07 65.69
CA ILE G 442 -65.50 36.88 66.87
C ILE G 442 -66.85 36.53 67.48
N THR G 443 -67.89 36.42 66.65
CA THR G 443 -69.22 36.10 67.16
C THR G 443 -69.52 34.61 67.17
N GLY G 444 -68.79 33.81 66.40
CA GLY G 444 -69.02 32.38 66.41
C GLY G 444 -70.29 31.94 65.71
N GLU G 445 -70.83 32.76 64.83
CA GLU G 445 -72.07 32.44 64.14
C GLU G 445 -71.80 31.71 62.84
N ARG G 446 -72.80 30.97 62.37
CA ARG G 446 -72.71 30.27 61.09
C ARG G 446 -72.86 31.29 59.97
N VAL G 447 -71.86 31.37 59.10
CA VAL G 447 -71.86 32.35 58.02
C VAL G 447 -71.84 31.63 56.68
N LEU G 448 -70.77 30.92 56.39
CA LEU G 448 -70.57 30.28 55.10
C LEU G 448 -70.49 28.77 55.26
N SER G 449 -70.95 28.06 54.23
CA SER G 449 -70.76 26.63 54.16
C SER G 449 -69.28 26.32 53.99
N PRO G 450 -68.81 25.20 54.57
CA PRO G 450 -67.39 24.84 54.40
C PRO G 450 -66.98 24.59 52.96
N GLU G 451 -67.90 24.11 52.12
CA GLU G 451 -67.57 23.90 50.71
C GLU G 451 -67.25 25.21 50.01
N ALA G 452 -68.04 26.26 50.28
CA ALA G 452 -67.79 27.56 49.67
C ALA G 452 -66.46 28.15 50.14
N VAL G 453 -66.17 27.99 51.43
CA VAL G 453 -64.91 28.49 51.98
C VAL G 453 -63.72 27.77 51.36
N ARG G 454 -63.81 26.44 51.24
CA ARG G 454 -62.73 25.67 50.62
C ARG G 454 -62.54 26.06 49.15
N ASN G 455 -63.65 26.23 48.42
CA ASN G 455 -63.55 26.60 47.01
C ASN G 455 -62.94 27.99 46.83
N THR G 456 -63.37 28.97 47.63
CA THR G 456 -62.82 30.31 47.46
C THR G 456 -61.38 30.39 47.95
N LEU G 457 -61.01 29.57 48.95
CA LEU G 457 -59.62 29.52 49.38
C LEU G 457 -58.73 28.92 48.29
N SER G 458 -59.19 27.86 47.64
CA SER G 458 -58.43 27.26 46.55
C SER G 458 -58.29 28.23 45.38
N LEU G 459 -59.37 28.93 45.04
CA LEU G 459 -59.31 29.88 43.93
C LEU G 459 -58.41 31.07 44.24
N MET G 460 -58.46 31.57 45.49
CA MET G 460 -57.58 32.67 45.87
C MET G 460 -56.12 32.23 45.90
N HIS G 461 -55.86 30.98 46.32
CA HIS G 461 -54.49 30.47 46.28
C HIS G 461 -54.00 30.29 44.85
N SER G 462 -54.89 29.90 43.94
CA SER G 462 -54.49 29.64 42.56
C SER G 462 -54.25 30.93 41.79
N CYS G 463 -55.27 31.81 41.74
CA CYS G 463 -55.18 32.98 40.87
C CYS G 463 -55.66 34.25 41.57
N GLY G 464 -55.33 34.40 42.85
CA GLY G 464 -55.72 35.58 43.59
C GLY G 464 -54.75 36.74 43.56
N MET G 465 -53.70 36.68 42.73
CA MET G 465 -52.70 37.73 42.69
C MET G 465 -52.35 38.15 41.28
N TRP G 466 -53.26 37.92 40.33
CA TRP G 466 -53.13 38.25 38.90
C TRP G 466 -51.88 37.52 38.36
N ASP G 467 -51.03 38.19 37.59
CA ASP G 467 -49.84 37.57 37.03
C ASP G 467 -48.76 37.29 38.07
N PHE G 468 -48.89 37.84 39.27
CA PHE G 468 -47.94 37.60 40.34
C PHE G 468 -48.31 36.40 41.19
N SER G 469 -49.37 35.66 40.81
CA SER G 469 -49.84 34.54 41.61
C SER G 469 -48.80 33.42 41.68
N GLY G 470 -48.14 33.13 40.56
CA GLY G 470 -47.12 32.10 40.58
C GLY G 470 -45.95 32.44 41.48
N GLN G 471 -45.47 33.67 41.42
CA GLN G 471 -44.37 34.10 42.29
C GLN G 471 -44.80 34.14 43.74
N PHE G 472 -46.05 34.54 44.02
CA PHE G 472 -46.56 34.57 45.38
C PHE G 472 -46.67 33.17 45.96
N ALA G 473 -47.14 32.21 45.16
CA ALA G 473 -47.18 30.83 45.63
C ALA G 473 -45.78 30.24 45.76
N PHE G 474 -44.84 30.69 44.92
CA PHE G 474 -43.47 30.22 45.01
C PHE G 474 -42.80 30.69 46.29
N HIS G 475 -42.98 31.96 46.65
CA HIS G 475 -42.29 32.52 47.81
C HIS G 475 -43.15 32.41 49.07
N VAL G 476 -44.34 33.02 49.06
CA VAL G 476 -45.17 33.04 50.26
C VAL G 476 -45.95 31.74 50.39
N GLY G 477 -46.64 31.33 49.33
CA GLY G 477 -47.43 30.12 49.37
C GLY G 477 -48.63 30.18 50.28
N LEU G 478 -49.31 31.31 50.33
CA LEU G 478 -50.51 31.49 51.14
C LEU G 478 -51.61 32.11 50.29
N PRO G 479 -52.87 31.77 50.56
CA PRO G 479 -53.99 32.38 49.82
C PRO G 479 -54.14 33.85 50.16
N ALA G 480 -53.94 34.72 49.17
CA ALA G 480 -54.03 36.15 49.37
C ALA G 480 -54.66 36.80 48.16
N LYS G 481 -55.53 37.77 48.39
CA LYS G 481 -56.20 38.51 47.33
C LYS G 481 -55.77 39.96 47.39
N SER G 482 -55.33 40.49 46.25
CA SER G 482 -54.89 41.88 46.16
C SER G 482 -56.04 42.75 45.63
N GLY G 483 -55.74 44.01 45.37
CA GLY G 483 -56.71 44.94 44.81
C GLY G 483 -56.07 46.23 44.37
N VAL G 484 -56.73 46.96 43.46
CA VAL G 484 -56.18 48.21 42.97
C VAL G 484 -56.29 49.34 43.98
N ALA G 485 -57.03 49.15 45.07
CA ALA G 485 -57.08 50.14 46.13
C ALA G 485 -55.87 50.09 47.04
N GLY G 486 -55.05 49.04 46.95
CA GLY G 486 -53.89 48.90 47.80
C GLY G 486 -54.02 47.93 48.95
N GLY G 487 -55.08 47.14 48.98
CA GLY G 487 -55.31 46.19 50.06
C GLY G 487 -54.91 44.77 49.68
N ILE G 488 -54.47 44.01 50.68
CA ILE G 488 -54.08 42.62 50.50
C ILE G 488 -54.85 41.79 51.54
N LEU G 489 -55.63 40.83 51.05
CA LEU G 489 -56.42 39.96 51.93
C LEU G 489 -55.67 38.65 52.16
N LEU G 490 -54.62 38.74 52.96
CA LEU G 490 -53.79 37.57 53.24
C LEU G 490 -54.50 36.64 54.22
N VAL G 491 -54.57 35.37 53.86
CA VAL G 491 -55.24 34.35 54.67
C VAL G 491 -54.24 33.27 55.04
N VAL G 492 -54.18 32.94 56.33
CA VAL G 492 -53.51 31.74 56.82
C VAL G 492 -54.60 30.78 57.29
N PRO G 493 -54.75 29.62 56.67
CA PRO G 493 -55.91 28.77 56.99
C PRO G 493 -55.80 28.15 58.38
N ASN G 494 -56.92 28.18 59.10
CA ASN G 494 -57.10 27.61 60.43
C ASN G 494 -56.22 28.28 61.49
N VAL G 495 -55.56 29.40 61.18
CA VAL G 495 -54.71 30.05 62.16
C VAL G 495 -55.16 31.49 62.41
N MET G 496 -55.07 32.33 61.38
CA MET G 496 -55.18 33.77 61.58
C MET G 496 -55.33 34.48 60.24
N GLY G 497 -55.91 35.68 60.28
CA GLY G 497 -56.12 36.50 59.11
C GLY G 497 -55.46 37.86 59.26
N MET G 498 -55.26 38.52 58.11
CA MET G 498 -54.50 39.76 58.08
C MET G 498 -55.13 40.73 57.08
N MET G 499 -54.53 41.93 57.01
CA MET G 499 -54.94 42.98 56.09
C MET G 499 -53.80 43.99 56.00
N CYS G 500 -53.48 44.41 54.77
CA CYS G 500 -52.43 45.39 54.52
C CYS G 500 -53.02 46.55 53.75
N TRP G 501 -52.38 47.72 53.89
CA TRP G 501 -52.93 48.94 53.31
C TRP G 501 -51.76 49.81 52.82
N SER G 502 -51.61 49.91 51.51
CA SER G 502 -50.55 50.71 50.91
C SER G 502 -51.00 51.23 49.55
N PRO G 503 -51.30 52.53 49.45
CA PRO G 503 -51.79 53.10 48.17
C PRO G 503 -50.80 52.99 47.03
N PRO G 504 -49.46 53.07 47.24
CA PRO G 504 -48.56 52.77 46.12
C PRO G 504 -48.71 51.33 45.63
N LEU G 505 -48.55 51.16 44.32
CA LEU G 505 -48.78 49.89 43.65
C LEU G 505 -47.64 49.57 42.69
N ASP G 506 -47.47 48.30 42.40
CA ASP G 506 -46.55 47.86 41.36
C ASP G 506 -47.20 48.02 39.99
N LYS G 507 -46.42 47.75 38.95
CA LYS G 507 -46.92 47.84 37.59
C LYS G 507 -47.92 46.75 37.25
N MET G 508 -47.96 45.67 38.04
CA MET G 508 -48.90 44.59 37.83
C MET G 508 -50.20 44.76 38.61
N GLY G 509 -50.32 45.81 39.39
CA GLY G 509 -51.52 46.07 40.14
C GLY G 509 -51.53 45.60 41.58
N ASN G 510 -50.37 45.46 42.21
CA ASN G 510 -50.28 45.02 43.60
C ASN G 510 -49.43 45.99 44.39
N SER G 511 -49.72 46.10 45.69
CA SER G 511 -48.98 47.00 46.55
C SER G 511 -47.57 46.47 46.80
N VAL G 512 -46.57 47.35 46.61
CA VAL G 512 -45.18 46.94 46.81
C VAL G 512 -44.89 46.71 48.28
N LYS G 513 -45.39 47.60 49.14
CA LYS G 513 -45.15 47.47 50.58
C LYS G 513 -45.78 46.21 51.14
N GLY G 514 -47.00 45.88 50.69
CA GLY G 514 -47.65 44.66 51.16
C GLY G 514 -46.93 43.40 50.70
N ILE G 515 -46.43 43.40 49.46
CA ILE G 515 -45.70 42.25 48.94
C ILE G 515 -44.40 42.06 49.70
N HIS G 516 -43.67 43.16 49.95
CA HIS G 516 -42.43 43.07 50.72
C HIS G 516 -42.70 42.62 52.15
N PHE G 517 -43.80 43.10 52.74
CA PHE G 517 -44.18 42.69 54.09
C PHE G 517 -44.50 41.20 54.14
N CYS G 518 -45.22 40.70 53.13
CA CYS G 518 -45.54 39.27 53.08
C CYS G 518 -44.29 38.43 52.91
N HIS G 519 -43.36 38.89 52.05
CA HIS G 519 -42.11 38.16 51.87
C HIS G 519 -41.30 38.11 53.17
N ASP G 520 -41.22 39.24 53.88
CA ASP G 520 -40.51 39.25 55.15
C ASP G 520 -41.20 38.39 56.20
N LEU G 521 -42.53 38.39 56.21
CA LEU G 521 -43.28 37.55 57.16
C LEU G 521 -43.05 36.07 56.91
N VAL G 522 -43.08 35.65 55.65
CA VAL G 522 -42.87 34.24 55.35
C VAL G 522 -41.40 33.86 55.50
N SER G 523 -40.48 34.82 55.40
CA SER G 523 -39.07 34.52 55.63
C SER G 523 -38.77 34.37 57.12
N LEU G 524 -39.34 35.23 57.96
CA LEU G 524 -38.99 35.23 59.38
C LEU G 524 -39.73 34.14 60.13
N CYS G 525 -41.06 34.20 60.15
CA CYS G 525 -41.86 33.19 60.84
C CYS G 525 -42.12 32.00 59.93
N LEU H 139 -34.06 -5.13 73.83
CA LEU H 139 -35.36 -4.75 73.32
C LEU H 139 -35.77 -5.62 72.15
N GLU H 140 -34.76 -6.22 71.49
CA GLU H 140 -35.04 -7.12 70.37
C GLU H 140 -35.70 -8.41 70.83
N ASP H 141 -35.36 -8.89 72.03
CA ASP H 141 -36.08 -10.01 72.61
C ASP H 141 -37.52 -9.62 72.92
N LEU H 142 -37.74 -8.40 73.43
CA LEU H 142 -39.09 -7.91 73.63
C LEU H 142 -39.82 -7.71 72.30
N LEU H 143 -39.10 -7.29 71.26
CA LEU H 143 -39.71 -7.20 69.94
C LEU H 143 -40.16 -8.56 69.43
N PHE H 144 -39.32 -9.58 69.62
CA PHE H 144 -39.70 -10.94 69.23
C PHE H 144 -40.87 -11.46 70.05
N TYR H 145 -40.90 -11.12 71.35
CA TYR H 145 -42.03 -11.49 72.19
C TYR H 145 -43.31 -10.80 71.74
N THR H 146 -43.20 -9.57 71.25
CA THR H 146 -44.37 -8.88 70.70
C THR H 146 -44.81 -9.53 69.38
N ILE H 147 -43.86 -9.91 68.54
CA ILE H 147 -44.19 -10.55 67.26
C ILE H 147 -44.79 -11.93 67.49
N ALA H 148 -44.14 -12.74 68.33
CA ALA H 148 -44.63 -14.08 68.59
C ALA H 148 -45.79 -14.05 69.58
N GLU H 149 -46.48 -15.19 69.68
CA GLU H 149 -47.59 -15.34 70.61
C GLU H 149 -47.20 -16.10 71.87
N GLY H 150 -45.91 -16.37 72.07
CA GLY H 150 -45.46 -17.05 73.27
C GLY H 150 -44.65 -18.30 72.99
N GLN H 151 -44.56 -18.70 71.72
CA GLN H 151 -43.83 -19.90 71.34
C GLN H 151 -42.41 -19.53 70.91
N GLU H 152 -41.44 -20.36 71.32
CA GLU H 152 -40.05 -20.10 70.97
C GLU H 152 -39.78 -20.45 69.50
N LYS H 153 -40.32 -21.57 69.03
CA LYS H 153 -40.07 -22.03 67.67
C LYS H 153 -40.92 -21.21 66.70
N ILE H 154 -40.26 -20.49 65.78
CA ILE H 154 -40.93 -19.67 64.79
C ILE H 154 -40.42 -20.09 63.41
N PRO H 155 -41.27 -20.58 62.52
CA PRO H 155 -40.81 -20.99 61.20
C PRO H 155 -40.46 -19.81 60.32
N VAL H 156 -39.65 -20.09 59.29
CA VAL H 156 -39.30 -19.09 58.29
C VAL H 156 -40.54 -18.69 57.49
N HIS H 157 -41.50 -19.62 57.33
CA HIS H 157 -42.75 -19.28 56.68
C HIS H 157 -43.54 -18.25 57.47
N LYS H 158 -43.44 -18.28 58.80
CA LYS H 158 -44.09 -17.25 59.61
C LYS H 158 -43.34 -15.93 59.56
N PHE H 159 -42.03 -15.97 59.38
CA PHE H 159 -41.26 -14.73 59.31
C PHE H 159 -41.44 -14.05 57.95
N ILE H 160 -41.51 -14.82 56.87
CA ILE H 160 -41.65 -14.24 55.54
C ILE H 160 -43.04 -13.66 55.32
N THR H 161 -44.06 -14.19 55.99
CA THR H 161 -45.36 -13.54 56.00
C THR H 161 -45.36 -12.44 57.05
N ALA H 162 -46.37 -11.56 56.97
CA ALA H 162 -46.53 -10.34 57.76
C ALA H 162 -45.43 -9.32 57.47
N LEU H 163 -44.54 -9.62 56.53
CA LEU H 163 -43.67 -8.59 55.96
C LEU H 163 -44.37 -7.83 54.84
N LYS H 164 -45.12 -8.56 54.00
CA LYS H 164 -45.96 -7.93 52.99
C LYS H 164 -47.13 -7.19 53.64
N SER H 165 -47.56 -7.61 54.83
CA SER H 165 -48.55 -6.84 55.58
C SER H 165 -47.98 -5.49 55.99
N THR H 166 -46.71 -5.45 56.37
CA THR H 166 -46.04 -4.19 56.65
C THR H 166 -45.62 -3.47 55.37
N GLY H 167 -45.71 -4.12 54.22
CA GLY H 167 -45.43 -3.50 52.94
C GLY H 167 -43.98 -3.32 52.60
N LEU H 168 -43.07 -3.87 53.40
CA LEU H 168 -41.63 -3.78 53.13
C LEU H 168 -41.22 -4.97 52.29
N ARG H 169 -40.79 -4.71 51.06
CA ARG H 169 -40.41 -5.79 50.16
C ARG H 169 -39.03 -6.34 50.52
N THR H 170 -38.74 -7.53 49.98
CA THR H 170 -37.51 -8.24 50.30
C THR H 170 -36.29 -7.66 49.59
N SER H 171 -36.48 -6.76 48.62
CA SER H 171 -35.38 -6.20 47.84
C SER H 171 -34.94 -4.83 48.33
N ASP H 172 -34.98 -4.59 49.63
CA ASP H 172 -34.60 -3.30 50.18
C ASP H 172 -33.12 -3.31 50.53
N PRO H 173 -32.30 -2.40 49.96
CA PRO H 173 -30.88 -2.33 50.35
C PRO H 173 -30.65 -1.90 51.80
N ARG H 174 -31.66 -1.32 52.46
CA ARG H 174 -31.51 -1.03 53.89
C ARG H 174 -31.38 -2.31 54.69
N LEU H 175 -32.19 -3.32 54.36
CA LEU H 175 -32.11 -4.63 54.99
C LEU H 175 -31.27 -5.61 54.18
N LYS H 176 -30.34 -5.09 53.37
CA LYS H 176 -29.50 -5.96 52.55
C LYS H 176 -28.60 -6.85 53.41
N GLU H 177 -28.16 -6.35 54.57
CA GLU H 177 -27.43 -7.22 55.49
C GLU H 177 -28.37 -8.22 56.17
N CYS H 178 -29.62 -7.82 56.45
CA CYS H 178 -30.61 -8.76 56.95
C CYS H 178 -30.98 -9.78 55.87
N MET H 179 -31.05 -9.33 54.61
CA MET H 179 -31.30 -10.27 53.51
C MET H 179 -30.13 -11.23 53.33
N ASP H 180 -28.90 -10.75 53.52
CA ASP H 180 -27.74 -11.62 53.48
C ASP H 180 -27.76 -12.62 54.62
N MET H 181 -28.22 -12.20 55.80
CA MET H 181 -28.43 -13.12 56.91
C MET H 181 -29.44 -14.20 56.54
N LEU H 182 -30.56 -13.80 55.93
CA LEU H 182 -31.58 -14.76 55.52
C LEU H 182 -31.03 -15.74 54.48
N ARG H 183 -30.24 -15.24 53.53
CA ARG H 183 -29.59 -16.11 52.56
C ARG H 183 -28.65 -17.11 53.22
N LEU H 184 -27.77 -16.63 54.11
CA LEU H 184 -26.78 -17.52 54.70
C LEU H 184 -27.42 -18.51 55.67
N THR H 185 -28.55 -18.15 56.28
CA THR H 185 -29.25 -19.13 57.12
C THR H 185 -30.19 -20.02 56.32
N LEU H 186 -30.44 -19.71 55.05
CA LEU H 186 -31.20 -20.63 54.22
C LEU H 186 -30.38 -21.86 53.86
N GLN H 187 -29.08 -21.70 53.61
CA GLN H 187 -28.24 -22.87 53.37
C GLN H 187 -27.69 -23.46 54.66
N THR H 188 -27.35 -22.62 55.63
CA THR H 188 -26.67 -23.05 56.86
C THR H 188 -27.46 -22.60 58.07
N THR H 189 -28.34 -23.47 58.57
CA THR H 189 -29.02 -23.22 59.84
C THR H 189 -29.00 -24.48 60.69
N SER H 190 -28.79 -25.64 60.05
CA SER H 190 -28.71 -26.96 60.66
C SER H 190 -29.98 -27.36 61.39
N ASP H 191 -31.07 -26.64 61.16
CA ASP H 191 -32.38 -26.93 61.75
C ASP H 191 -33.48 -27.06 60.71
N GLY H 192 -33.47 -26.21 59.70
CA GLY H 192 -34.52 -26.20 58.70
C GLY H 192 -35.73 -25.41 59.16
N VAL H 193 -36.21 -24.50 58.29
CA VAL H 193 -37.31 -23.56 58.50
C VAL H 193 -37.33 -23.00 59.93
N MET H 194 -36.20 -22.42 60.33
CA MET H 194 -36.05 -21.83 61.66
C MET H 194 -35.31 -20.51 61.55
N LEU H 195 -35.71 -19.54 62.37
CA LEU H 195 -35.13 -18.21 62.39
C LEU H 195 -34.20 -17.97 63.57
N ASP H 196 -34.63 -18.35 64.78
CA ASP H 196 -33.88 -18.30 66.04
C ASP H 196 -33.63 -16.88 66.53
N LYS H 197 -33.66 -16.69 67.85
CA LYS H 197 -33.48 -15.37 68.44
C LYS H 197 -32.02 -14.91 68.37
N ASP H 198 -31.08 -15.82 68.66
CA ASP H 198 -29.69 -15.44 68.82
C ASP H 198 -29.07 -15.00 67.50
N LEU H 199 -29.44 -15.65 66.40
CA LEU H 199 -28.95 -15.23 65.08
C LEU H 199 -29.43 -13.83 64.73
N PHE H 200 -30.69 -13.53 65.04
CA PHE H 200 -31.22 -12.18 64.79
C PHE H 200 -30.54 -11.16 65.69
N LYS H 201 -30.20 -11.55 66.92
CA LYS H 201 -29.50 -10.64 67.82
C LYS H 201 -28.09 -10.34 67.33
N LYS H 202 -27.37 -11.37 66.88
CA LYS H 202 -25.97 -11.21 66.49
C LYS H 202 -25.81 -10.72 65.05
N CYS H 203 -26.86 -10.73 64.24
CA CYS H 203 -26.72 -10.35 62.84
C CYS H 203 -27.06 -8.89 62.59
N VAL H 204 -28.24 -8.45 63.03
CA VAL H 204 -28.65 -7.06 62.84
C VAL H 204 -27.80 -6.18 63.75
N GLN H 205 -26.89 -5.41 63.16
CA GLN H 205 -26.04 -4.50 63.90
C GLN H 205 -26.09 -3.07 63.42
N SER H 206 -26.85 -2.78 62.34
CA SER H 206 -26.99 -1.42 61.85
C SER H 206 -28.43 -1.05 61.51
N ASN H 207 -29.34 -2.02 61.40
CA ASN H 207 -30.74 -1.77 61.07
C ASN H 207 -31.67 -2.12 62.23
N ILE H 208 -31.22 -1.90 63.46
CA ILE H 208 -32.09 -2.12 64.61
C ILE H 208 -33.24 -1.13 64.60
N VAL H 209 -32.95 0.14 64.29
CA VAL H 209 -33.96 1.20 64.33
C VAL H 209 -35.03 0.95 63.28
N LEU H 210 -34.62 0.59 62.06
CA LEU H 210 -35.59 0.36 60.98
C LEU H 210 -36.49 -0.84 61.28
N LEU H 211 -35.91 -1.94 61.77
CA LEU H 211 -36.70 -3.12 62.09
C LEU H 211 -37.66 -2.85 63.24
N THR H 212 -37.19 -2.15 64.28
CA THR H 212 -38.07 -1.83 65.40
C THR H 212 -39.21 -0.90 64.99
N GLN H 213 -38.91 0.09 64.13
CA GLN H 213 -39.96 0.97 63.65
C GLN H 213 -40.94 0.23 62.74
N ALA H 214 -40.46 -0.76 61.99
CA ALA H 214 -41.34 -1.51 61.10
C ALA H 214 -42.27 -2.44 61.87
N PHE H 215 -41.77 -3.12 62.90
CA PHE H 215 -42.56 -4.14 63.57
C PHE H 215 -43.38 -3.64 64.74
N ARG H 216 -43.38 -2.33 65.03
CA ARG H 216 -44.28 -1.78 66.03
C ARG H 216 -45.37 -0.90 65.43
N ARG H 217 -45.55 -0.97 64.11
CA ARG H 217 -46.53 -0.16 63.37
C ARG H 217 -46.32 1.34 63.61
N LYS H 218 -45.05 1.76 63.62
CA LYS H 218 -44.68 3.15 63.76
C LYS H 218 -44.64 3.88 62.42
N PHE H 219 -44.97 3.20 61.32
CA PHE H 219 -44.94 3.82 60.01
C PHE H 219 -46.09 4.81 59.86
N VAL H 220 -45.98 5.66 58.83
CA VAL H 220 -46.95 6.72 58.63
C VAL H 220 -48.30 6.16 58.20
N ILE H 221 -48.32 5.03 57.51
CA ILE H 221 -49.55 4.43 57.01
C ILE H 221 -49.69 3.04 57.65
N PRO H 222 -50.51 2.92 58.68
CA PRO H 222 -50.85 1.60 59.22
C PRO H 222 -51.94 0.95 58.37
N ASP H 223 -52.38 -0.23 58.83
CA ASP H 223 -53.42 -1.08 58.22
C ASP H 223 -53.34 -1.12 56.70
N PHE H 224 -52.18 -1.58 56.21
CA PHE H 224 -51.89 -1.58 54.79
C PHE H 224 -52.84 -2.45 53.98
N MET H 225 -53.46 -3.45 54.60
CA MET H 225 -54.45 -4.26 53.89
C MET H 225 -55.66 -3.43 53.50
N SER H 226 -56.14 -2.58 54.41
CA SER H 226 -57.25 -1.68 54.09
C SER H 226 -56.87 -0.67 53.03
N PHE H 227 -55.62 -0.16 53.08
CA PHE H 227 -55.16 0.81 52.11
C PHE H 227 -55.06 0.18 50.72
N THR H 228 -54.57 -1.05 50.64
CA THR H 228 -54.53 -1.76 49.36
C THR H 228 -55.93 -2.11 48.87
N SER H 229 -56.86 -2.43 49.78
CA SER H 229 -58.23 -2.67 49.37
C SER H 229 -58.87 -1.40 48.80
N HIS H 230 -58.59 -0.25 49.41
CA HIS H 230 -59.06 1.02 48.87
C HIS H 230 -58.48 1.27 47.49
N ILE H 231 -57.18 0.99 47.31
CA ILE H 231 -56.53 1.16 46.02
C ILE H 231 -57.17 0.24 44.98
N ASP H 232 -57.46 -1.01 45.34
CA ASP H 232 -58.07 -1.94 44.41
C ASP H 232 -59.48 -1.52 44.03
N GLU H 233 -60.25 -1.00 45.01
CA GLU H 233 -61.59 -0.51 44.71
C GLU H 233 -61.54 0.68 43.77
N LEU H 234 -60.60 1.60 43.99
CA LEU H 234 -60.45 2.74 43.08
C LEU H 234 -59.98 2.30 41.71
N TYR H 235 -59.14 1.26 41.66
CA TYR H 235 -58.68 0.69 40.39
C TYR H 235 -59.85 0.13 39.60
N GLU H 236 -60.72 -0.63 40.28
CA GLU H 236 -61.90 -1.19 39.62
C GLU H 236 -62.87 -0.11 39.18
N SER H 237 -63.01 0.95 39.98
CA SER H 237 -63.88 2.06 39.59
C SER H 237 -63.32 2.78 38.35
N ALA H 238 -62.01 3.02 38.32
CA ALA H 238 -61.40 3.72 37.21
C ALA H 238 -61.31 2.87 35.94
N LYS H 239 -61.33 1.54 36.07
CA LYS H 239 -61.29 0.68 34.90
C LYS H 239 -62.58 0.73 34.08
N LYS H 240 -63.66 1.28 34.63
CA LYS H 240 -64.92 1.35 33.90
C LYS H 240 -64.87 2.38 32.77
N GLN H 241 -64.15 3.48 32.96
CA GLN H 241 -64.07 4.52 31.95
C GLN H 241 -63.24 4.05 30.76
N SER H 242 -63.50 4.67 29.60
CA SER H 242 -62.84 4.30 28.36
C SER H 242 -61.91 5.39 27.85
N GLY H 243 -62.43 6.61 27.67
CA GLY H 243 -61.59 7.68 27.14
C GLY H 243 -61.30 7.48 25.67
N GLY H 244 -60.06 7.77 25.29
CA GLY H 244 -59.63 7.60 23.92
C GLY H 244 -58.50 8.58 23.62
N LYS H 245 -58.19 8.70 22.32
CA LYS H 245 -57.21 9.64 21.79
C LYS H 245 -55.84 9.43 22.42
N VAL H 246 -55.24 8.29 22.09
CA VAL H 246 -53.98 7.88 22.71
C VAL H 246 -52.85 8.83 22.31
N ALA H 247 -52.49 8.85 21.03
CA ALA H 247 -51.39 9.68 20.55
C ALA H 247 -51.47 9.78 19.04
N ASP H 248 -51.44 11.00 18.52
CA ASP H 248 -51.42 11.22 17.07
C ASP H 248 -50.00 11.38 16.57
N TYR H 249 -49.28 12.39 17.08
CA TYR H 249 -47.87 12.58 16.77
C TYR H 249 -47.03 11.66 17.64
N ILE H 250 -45.72 11.63 17.34
CA ILE H 250 -44.78 10.62 17.83
C ILE H 250 -45.34 9.24 17.52
N PRO H 251 -45.28 8.78 16.26
CA PRO H 251 -45.98 7.55 15.87
C PRO H 251 -45.49 6.30 16.59
N GLN H 252 -44.29 6.32 17.18
CA GLN H 252 -43.87 5.22 18.02
C GLN H 252 -44.71 5.11 19.28
N LEU H 253 -45.18 6.26 19.81
CA LEU H 253 -46.03 6.23 21.00
C LEU H 253 -47.42 5.70 20.70
N ALA H 254 -47.86 5.72 19.44
CA ALA H 254 -49.20 5.27 19.10
C ALA H 254 -49.34 3.75 19.09
N LYS H 255 -48.24 3.01 19.20
CA LYS H 255 -48.30 1.56 19.16
C LYS H 255 -48.75 0.94 20.47
N PHE H 256 -48.86 1.72 21.54
CA PHE H 256 -49.28 1.18 22.82
C PHE H 256 -50.76 0.83 22.80
N SER H 257 -51.11 -0.19 23.58
CA SER H 257 -52.51 -0.63 23.64
C SER H 257 -53.35 0.38 24.43
N PRO H 258 -54.53 0.73 23.92
CA PRO H 258 -55.35 1.74 24.62
C PRO H 258 -55.92 1.27 25.96
N ASP H 259 -55.98 -0.04 26.21
CA ASP H 259 -56.54 -0.57 27.44
C ASP H 259 -55.49 -0.83 28.50
N LEU H 260 -54.24 -0.47 28.24
CA LEU H 260 -53.18 -0.66 29.24
C LEU H 260 -53.39 0.30 30.40
N TRP H 261 -53.26 -0.21 31.62
CA TRP H 261 -53.61 0.55 32.81
C TRP H 261 -52.94 -0.06 34.03
N GLY H 262 -52.15 0.74 34.74
CA GLY H 262 -51.46 0.27 35.93
C GLY H 262 -51.17 1.41 36.87
N VAL H 263 -51.15 1.09 38.17
CA VAL H 263 -50.96 2.06 39.23
C VAL H 263 -49.95 1.51 40.24
N SER H 264 -48.95 2.32 40.59
CA SER H 264 -47.95 1.95 41.57
C SER H 264 -47.90 2.98 42.69
N VAL H 265 -47.63 2.49 43.90
CA VAL H 265 -47.67 3.28 45.12
C VAL H 265 -46.41 3.03 45.93
N CYS H 266 -45.79 4.10 46.43
CA CYS H 266 -44.68 3.99 47.36
C CYS H 266 -44.74 5.14 48.36
N THR H 267 -44.40 4.85 49.61
CA THR H 267 -44.47 5.81 50.70
C THR H 267 -43.07 6.28 51.09
N VAL H 268 -43.02 7.16 52.09
CA VAL H 268 -41.76 7.71 52.57
C VAL H 268 -40.95 6.66 53.31
N ASP H 269 -41.60 5.83 54.13
CA ASP H 269 -40.88 4.84 54.92
C ASP H 269 -40.33 3.71 54.04
N GLY H 270 -40.99 3.43 52.93
CA GLY H 270 -40.55 2.35 52.06
C GLY H 270 -41.68 1.38 51.75
N GLN H 271 -42.84 1.61 52.36
CA GLN H 271 -44.01 0.79 52.09
C GLN H 271 -44.47 1.01 50.65
N ARG H 272 -44.75 -0.08 49.95
CA ARG H 272 -45.09 0.02 48.54
C ARG H 272 -46.06 -1.07 48.13
N HIS H 273 -46.79 -0.81 47.05
CA HIS H 273 -47.78 -1.72 46.52
C HIS H 273 -48.10 -1.30 45.09
N SER H 274 -48.31 -2.28 44.21
CA SER H 274 -48.58 -2.00 42.81
C SER H 274 -49.56 -3.02 42.26
N THR H 275 -50.31 -2.61 41.24
CA THR H 275 -51.30 -3.46 40.58
C THR H 275 -51.19 -3.27 39.07
N GLY H 276 -51.88 -4.16 38.35
CA GLY H 276 -52.03 -4.03 36.91
C GLY H 276 -50.77 -4.23 36.08
N ASP H 277 -50.50 -3.26 35.20
CA ASP H 277 -49.42 -3.33 34.22
C ASP H 277 -48.18 -2.60 34.70
N THR H 278 -47.89 -2.68 36.00
CA THR H 278 -46.85 -1.90 36.64
C THR H 278 -45.44 -2.25 36.19
N LYS H 279 -45.23 -3.35 35.48
CA LYS H 279 -43.89 -3.76 35.06
C LYS H 279 -43.57 -3.40 33.62
N VAL H 280 -44.52 -2.89 32.84
CA VAL H 280 -44.28 -2.54 31.45
C VAL H 280 -43.58 -1.19 31.39
N PRO H 281 -42.40 -1.11 30.77
CA PRO H 281 -41.71 0.17 30.67
C PRO H 281 -42.42 1.13 29.72
N PHE H 282 -42.30 2.43 30.03
CA PHE H 282 -42.86 3.48 29.18
C PHE H 282 -42.02 4.72 29.36
N CYS H 283 -42.10 5.62 28.37
CA CYS H 283 -41.28 6.81 28.37
C CYS H 283 -41.76 7.81 29.41
N LEU H 284 -40.85 8.69 29.82
CA LEU H 284 -41.11 9.70 30.84
C LEU H 284 -41.29 11.08 30.22
N GLN H 285 -42.00 11.15 29.09
CA GLN H 285 -42.24 12.42 28.41
C GLN H 285 -43.02 13.37 29.29
N SER H 286 -42.51 14.59 29.45
CA SER H 286 -43.04 15.70 30.22
C SER H 286 -43.09 15.43 31.72
N CYS H 287 -42.68 14.26 32.19
CA CYS H 287 -42.63 13.97 33.62
C CYS H 287 -41.23 14.14 34.19
N VAL H 288 -40.21 14.19 33.35
CA VAL H 288 -38.84 14.40 33.80
C VAL H 288 -38.53 15.88 34.03
N LYS H 289 -39.41 16.77 33.57
CA LYS H 289 -39.17 18.21 33.69
C LYS H 289 -39.04 18.71 35.14
N PRO H 290 -39.90 18.30 36.10
CA PRO H 290 -39.59 18.66 37.49
C PRO H 290 -38.28 18.06 37.99
N LEU H 291 -37.93 16.86 37.54
CA LEU H 291 -36.69 16.23 37.98
C LEU H 291 -35.47 16.99 37.47
N LYS H 292 -35.46 17.34 36.18
CA LYS H 292 -34.35 18.11 35.64
C LYS H 292 -34.32 19.52 36.21
N TYR H 293 -35.48 20.09 36.53
CA TYR H 293 -35.51 21.39 37.20
C TYR H 293 -34.88 21.32 38.58
N ALA H 294 -35.19 20.26 39.33
CA ALA H 294 -34.58 20.08 40.65
C ALA H 294 -33.07 19.85 40.54
N ILE H 295 -32.64 19.09 39.53
CA ILE H 295 -31.22 18.87 39.33
C ILE H 295 -30.50 20.18 39.00
N ALA H 296 -31.09 21.00 38.13
CA ALA H 296 -30.49 22.28 37.77
C ALA H 296 -30.44 23.22 38.97
N VAL H 297 -31.50 23.23 39.79
CA VAL H 297 -31.51 24.08 40.98
C VAL H 297 -30.43 23.63 41.96
N ASN H 298 -30.32 22.32 42.19
CA ASN H 298 -29.29 21.78 43.08
C ASN H 298 -27.90 22.12 42.58
N ASP H 299 -27.68 22.10 41.27
CA ASP H 299 -26.36 22.40 40.74
C ASP H 299 -26.03 23.88 40.76
N LEU H 300 -27.02 24.76 40.58
CA LEU H 300 -26.72 26.16 40.28
C LEU H 300 -27.18 27.17 41.33
N GLY H 301 -28.32 26.96 41.99
CA GLY H 301 -28.89 27.99 42.83
C GLY H 301 -30.15 28.57 42.23
N THR H 302 -31.10 28.95 43.09
CA THR H 302 -32.42 29.38 42.63
C THR H 302 -32.34 30.68 41.84
N GLU H 303 -31.51 31.63 42.31
CA GLU H 303 -31.37 32.91 41.61
C GLU H 303 -30.77 32.72 40.23
N TYR H 304 -29.74 31.88 40.11
CA TYR H 304 -29.13 31.64 38.81
C TYR H 304 -30.04 30.85 37.89
N VAL H 305 -30.88 29.97 38.45
CA VAL H 305 -31.83 29.22 37.63
C VAL H 305 -32.91 30.16 37.10
N HIS H 306 -33.45 31.01 37.97
CA HIS H 306 -34.55 31.88 37.59
C HIS H 306 -34.09 33.21 37.00
N ARG H 307 -32.79 33.39 36.79
CA ARG H 307 -32.33 34.52 35.99
C ARG H 307 -32.80 34.43 34.56
N TYR H 308 -33.04 33.22 34.06
CA TYR H 308 -33.46 33.00 32.68
C TYR H 308 -34.91 32.55 32.55
N VAL H 309 -35.48 31.92 33.57
CA VAL H 309 -36.81 31.34 33.51
C VAL H 309 -37.68 32.00 34.57
N GLY H 310 -38.89 32.41 34.18
CA GLY H 310 -39.86 32.90 35.13
C GLY H 310 -40.50 31.78 35.93
N LYS H 311 -41.39 32.18 36.84
CA LYS H 311 -42.04 31.24 37.74
C LYS H 311 -43.55 31.47 37.76
N GLU H 312 -44.14 31.73 36.59
CA GLU H 312 -45.56 32.00 36.50
C GLU H 312 -46.22 31.05 35.49
N PRO H 313 -47.47 30.67 35.72
CA PRO H 313 -48.18 29.85 34.74
C PRO H 313 -48.48 30.62 33.47
N SER H 314 -48.59 29.89 32.36
CA SER H 314 -48.83 30.50 31.07
C SER H 314 -50.31 30.58 30.72
N GLY H 315 -51.08 29.55 31.10
CA GLY H 315 -52.50 29.51 30.78
C GLY H 315 -52.83 28.95 29.41
N LEU H 316 -51.83 28.58 28.62
CA LEU H 316 -52.04 27.99 27.30
C LEU H 316 -51.46 26.58 27.28
N ARG H 317 -51.48 25.96 26.11
CA ARG H 317 -50.92 24.63 25.94
C ARG H 317 -49.40 24.69 26.00
N PHE H 318 -48.79 23.51 26.18
CA PHE H 318 -47.34 23.45 26.26
C PHE H 318 -46.69 23.59 24.89
N ASN H 319 -47.44 23.41 23.80
CA ASN H 319 -46.91 23.58 22.46
C ASN H 319 -47.01 25.02 21.96
N LYS H 320 -47.66 25.90 22.71
CA LYS H 320 -47.83 27.28 22.26
C LYS H 320 -46.50 28.02 22.29
N LEU H 321 -46.26 28.82 21.27
CA LEU H 321 -44.96 29.48 21.05
C LEU H 321 -45.15 30.96 21.39
N PHE H 322 -44.92 31.31 22.64
CA PHE H 322 -44.96 32.70 23.09
C PHE H 322 -44.22 32.81 24.41
N LEU H 323 -43.82 34.03 24.74
CA LEU H 323 -43.09 34.32 25.97
C LEU H 323 -43.85 35.35 26.79
N ASN H 324 -43.25 35.78 27.90
CA ASN H 324 -43.86 36.77 28.77
C ASN H 324 -43.48 38.17 28.30
N GLU H 325 -43.72 39.17 29.15
CA GLU H 325 -43.37 40.54 28.82
C GLU H 325 -41.87 40.74 28.75
N ASP H 326 -41.09 39.95 29.50
CA ASP H 326 -39.65 40.10 29.57
C ASP H 326 -38.92 39.19 28.59
N ASP H 327 -39.64 38.61 27.61
CA ASP H 327 -39.07 37.73 26.59
C ASP H 327 -38.37 36.53 27.21
N LYS H 328 -39.06 35.89 28.14
CA LYS H 328 -38.56 34.71 28.84
C LYS H 328 -39.63 33.63 28.85
N PRO H 329 -39.26 32.36 28.97
CA PRO H 329 -40.25 31.32 29.17
C PRO H 329 -40.99 31.51 30.50
N HIS H 330 -42.27 31.14 30.50
CA HIS H 330 -43.13 31.44 31.64
C HIS H 330 -42.77 30.60 32.86
N ASN H 331 -42.47 29.32 32.65
CA ASN H 331 -42.19 28.40 33.75
C ASN H 331 -41.42 27.21 33.20
N PRO H 332 -40.69 26.47 34.04
CA PRO H 332 -39.93 25.32 33.54
C PRO H 332 -40.81 24.16 33.08
N MET H 333 -42.10 24.16 33.40
CA MET H 333 -42.95 23.02 33.04
C MET H 333 -43.21 22.97 31.54
N VAL H 334 -43.43 24.13 30.90
CA VAL H 334 -43.69 24.16 29.47
C VAL H 334 -42.40 23.90 28.70
N ASN H 335 -42.54 23.71 27.38
CA ASN H 335 -41.42 23.26 26.56
C ASN H 335 -40.26 24.25 26.55
N ALA H 336 -40.57 25.55 26.46
CA ALA H 336 -39.51 26.55 26.40
C ALA H 336 -38.71 26.59 27.70
N GLY H 337 -39.40 26.54 28.84
CA GLY H 337 -38.71 26.49 30.12
C GLY H 337 -37.87 25.24 30.27
N ALA H 338 -38.37 24.10 29.79
CA ALA H 338 -37.61 22.86 29.84
C ALA H 338 -36.35 22.96 28.99
N ILE H 339 -36.46 23.57 27.81
CA ILE H 339 -35.28 23.74 26.94
C ILE H 339 -34.26 24.64 27.61
N VAL H 340 -34.70 25.74 28.21
CA VAL H 340 -33.77 26.66 28.85
C VAL H 340 -33.09 26.01 30.06
N VAL H 341 -33.84 25.25 30.87
CA VAL H 341 -33.21 24.62 32.01
C VAL H 341 -32.34 23.43 31.61
N THR H 342 -32.58 22.80 30.45
CA THR H 342 -31.60 21.84 29.95
C THR H 342 -30.35 22.55 29.46
N SER H 343 -30.49 23.79 29.00
CA SER H 343 -29.32 24.55 28.55
C SER H 343 -28.40 24.93 29.71
N LEU H 344 -28.88 24.86 30.95
CA LEU H 344 -28.11 25.34 32.10
C LEU H 344 -27.32 24.25 32.81
N ILE H 345 -27.61 22.98 32.57
CA ILE H 345 -26.99 21.89 33.30
C ILE H 345 -25.66 21.56 32.65
N LYS H 346 -24.56 21.90 33.34
CA LYS H 346 -23.19 21.56 32.95
C LYS H 346 -22.86 22.08 31.55
N GLN H 347 -22.86 23.41 31.45
CA GLN H 347 -22.76 24.08 30.15
C GLN H 347 -21.41 23.85 29.48
N GLY H 348 -20.36 23.62 30.25
CA GLY H 348 -19.03 23.44 29.70
C GLY H 348 -18.67 22.02 29.33
N VAL H 349 -19.59 21.08 29.43
CA VAL H 349 -19.32 19.67 29.22
C VAL H 349 -20.22 19.16 28.10
N ASN H 350 -19.68 18.28 27.26
CA ASN H 350 -20.41 17.72 26.15
C ASN H 350 -21.53 16.79 26.64
N ASN H 351 -22.36 16.35 25.69
CA ASN H 351 -23.58 15.60 26.03
C ASN H 351 -23.27 14.23 26.60
N ALA H 352 -22.12 13.64 26.22
CA ALA H 352 -21.80 12.28 26.62
C ALA H 352 -21.66 12.16 28.14
N GLU H 353 -21.02 13.14 28.77
CA GLU H 353 -20.91 13.12 30.22
C GLU H 353 -22.10 13.78 30.91
N LYS H 354 -22.80 14.69 30.22
CA LYS H 354 -24.00 15.29 30.79
C LYS H 354 -25.09 14.24 31.00
N PHE H 355 -25.27 13.36 30.01
CA PHE H 355 -26.26 12.30 30.16
C PHE H 355 -25.86 11.32 31.25
N ASP H 356 -24.57 11.03 31.38
CA ASP H 356 -24.10 10.17 32.47
C ASP H 356 -24.35 10.81 33.82
N TYR H 357 -24.14 12.12 33.92
CA TYR H 357 -24.37 12.85 35.17
C TYR H 357 -25.85 12.82 35.56
N VAL H 358 -26.74 13.14 34.63
CA VAL H 358 -28.16 13.16 34.95
C VAL H 358 -28.68 11.75 35.19
N MET H 359 -28.11 10.74 34.51
CA MET H 359 -28.53 9.36 34.77
C MET H 359 -28.01 8.87 36.11
N GLN H 360 -26.84 9.32 36.54
CA GLN H 360 -26.35 8.98 37.88
C GLN H 360 -27.26 9.58 38.94
N PHE H 361 -27.67 10.84 38.77
CA PHE H 361 -28.61 11.44 39.71
C PHE H 361 -29.96 10.74 39.70
N LEU H 362 -30.45 10.37 38.51
CA LEU H 362 -31.72 9.65 38.43
C LEU H 362 -31.64 8.27 39.07
N ASN H 363 -30.50 7.59 38.91
CA ASN H 363 -30.34 6.26 39.52
C ASN H 363 -30.21 6.37 41.02
N LYS H 364 -29.53 7.40 41.52
CA LYS H 364 -29.46 7.62 42.96
C LYS H 364 -30.84 7.95 43.53
N MET H 365 -31.64 8.71 42.78
CA MET H 365 -33.01 9.01 43.22
C MET H 365 -33.87 7.75 43.20
N ALA H 366 -33.68 6.89 42.21
CA ALA H 366 -34.50 5.70 42.02
C ALA H 366 -34.04 4.51 42.83
N GLY H 367 -32.96 4.64 43.60
CA GLY H 367 -32.45 3.52 44.37
C GLY H 367 -31.95 2.36 43.53
N ASN H 368 -31.26 2.66 42.42
CA ASN H 368 -30.71 1.67 41.49
C ASN H 368 -31.80 0.74 40.95
N GLU H 369 -32.98 1.31 40.67
CA GLU H 369 -34.05 0.57 40.04
C GLU H 369 -33.90 0.61 38.52
N TYR H 370 -34.92 0.18 37.80
CA TYR H 370 -34.84 0.12 36.34
C TYR H 370 -35.10 1.50 35.76
N VAL H 371 -34.06 2.14 35.26
CA VAL H 371 -34.16 3.41 34.54
C VAL H 371 -33.53 3.16 33.17
N GLY H 372 -34.36 2.81 32.19
CA GLY H 372 -33.89 2.46 30.87
C GLY H 372 -33.84 3.65 29.93
N PHE H 373 -33.79 3.34 28.63
CA PHE H 373 -33.76 4.36 27.59
C PHE H 373 -34.37 3.77 26.35
N SER H 374 -35.54 4.29 25.95
CA SER H 374 -36.25 3.79 24.78
C SER H 374 -35.73 4.54 23.56
N ASN H 375 -34.79 3.92 22.84
CA ASN H 375 -34.23 4.54 21.65
C ASN H 375 -35.24 4.59 20.51
N ALA H 376 -36.23 3.70 20.53
CA ALA H 376 -37.26 3.71 19.50
C ALA H 376 -38.08 5.00 19.54
N THR H 377 -38.40 5.49 20.74
CA THR H 377 -39.11 6.75 20.89
C THR H 377 -38.17 7.95 20.87
N PHE H 378 -36.86 7.73 20.77
CA PHE H 378 -35.93 8.83 20.56
C PHE H 378 -35.64 9.06 19.09
N GLN H 379 -35.59 8.00 18.29
CA GLN H 379 -35.49 8.19 16.85
C GLN H 379 -36.75 8.84 16.28
N SER H 380 -37.92 8.37 16.72
CA SER H 380 -39.13 9.15 16.52
C SER H 380 -39.10 10.34 17.47
N GLU H 381 -39.92 11.35 17.17
CA GLU H 381 -40.04 12.65 17.83
C GLU H 381 -38.83 13.53 17.55
N ARG H 382 -37.78 13.00 16.93
CA ARG H 382 -36.67 13.78 16.40
C ARG H 382 -36.82 14.03 14.92
N GLU H 383 -37.34 13.06 14.17
CA GLU H 383 -37.70 13.24 12.77
C GLU H 383 -39.10 13.79 12.59
N SER H 384 -39.89 13.87 13.66
CA SER H 384 -41.27 14.33 13.56
C SER H 384 -41.64 15.44 14.54
N GLY H 385 -40.79 15.73 15.52
CA GLY H 385 -41.08 16.81 16.44
C GLY H 385 -40.66 18.15 15.88
N ASP H 386 -41.63 18.93 15.41
CA ASP H 386 -41.34 20.20 14.75
C ASP H 386 -41.64 21.41 15.61
N ARG H 387 -42.60 21.31 16.54
CA ARG H 387 -42.90 22.43 17.43
C ARG H 387 -41.71 22.72 18.35
N ASN H 388 -41.02 21.68 18.81
CA ASN H 388 -39.87 21.88 19.68
C ASN H 388 -38.74 22.59 18.94
N PHE H 389 -38.52 22.25 17.66
CA PHE H 389 -37.49 22.91 16.88
C PHE H 389 -37.82 24.39 16.67
N ALA H 390 -39.09 24.69 16.37
CA ALA H 390 -39.49 26.09 16.19
C ALA H 390 -39.36 26.86 17.50
N ILE H 391 -39.73 26.24 18.62
CA ILE H 391 -39.59 26.88 19.92
C ILE H 391 -38.13 27.16 20.24
N GLY H 392 -37.25 26.18 19.96
CA GLY H 392 -35.83 26.38 20.20
C GLY H 392 -35.22 27.47 19.35
N TYR H 393 -35.61 27.53 18.07
CA TYR H 393 -35.11 28.58 17.21
C TYR H 393 -35.64 29.95 17.62
N TYR H 394 -36.89 30.00 18.09
CA TYR H 394 -37.45 31.25 18.61
C TYR H 394 -36.69 31.71 19.85
N LEU H 395 -36.35 30.79 20.74
CA LEU H 395 -35.60 31.13 21.94
C LEU H 395 -34.19 31.58 21.58
N LYS H 396 -33.58 30.95 20.57
CA LYS H 396 -32.27 31.38 20.11
C LYS H 396 -32.32 32.79 19.51
N GLU H 397 -33.39 33.09 18.78
CA GLU H 397 -33.56 34.43 18.23
C GLU H 397 -33.77 35.46 19.33
N LYS H 398 -34.51 35.10 20.38
CA LYS H 398 -34.75 36.03 21.48
C LYS H 398 -33.55 36.19 22.40
N LYS H 399 -32.50 35.39 22.21
CA LYS H 399 -31.25 35.48 22.96
C LYS H 399 -31.47 35.29 24.45
N CYS H 400 -32.35 34.37 24.81
CA CYS H 400 -32.58 34.01 26.20
C CYS H 400 -31.68 32.88 26.67
N PHE H 401 -30.90 32.29 25.77
CA PHE H 401 -30.00 31.20 26.11
C PHE H 401 -28.75 31.74 26.81
N PRO H 402 -28.07 30.90 27.58
CA PRO H 402 -26.76 31.29 28.12
C PRO H 402 -25.74 31.44 27.01
N GLU H 403 -24.72 32.25 27.28
CA GLU H 403 -23.70 32.56 26.28
C GLU H 403 -22.87 31.32 25.95
N GLY H 404 -22.49 31.21 24.68
CA GLY H 404 -21.69 30.08 24.22
C GLY H 404 -22.41 28.74 24.27
N THR H 405 -23.67 28.71 23.84
CA THR H 405 -24.48 27.51 23.89
C THR H 405 -25.04 27.21 22.51
N ASP H 406 -24.90 25.95 22.08
CA ASP H 406 -25.43 25.54 20.78
C ASP H 406 -26.88 25.09 20.93
N MET H 407 -27.75 25.64 20.07
CA MET H 407 -29.17 25.34 20.17
C MET H 407 -29.49 23.89 19.80
N VAL H 408 -28.85 23.38 18.74
CA VAL H 408 -29.19 22.06 18.23
C VAL H 408 -28.77 20.97 19.21
N GLY H 409 -27.57 21.10 19.78
CA GLY H 409 -27.10 20.11 20.75
C GLY H 409 -27.94 20.08 22.01
N ILE H 410 -28.33 21.26 22.49
CA ILE H 410 -29.17 21.33 23.69
C ILE H 410 -30.56 20.78 23.41
N LEU H 411 -31.08 21.03 22.21
CA LEU H 411 -32.38 20.46 21.84
C LEU H 411 -32.31 18.94 21.75
N ASP H 412 -31.22 18.41 21.19
CA ASP H 412 -31.04 16.97 21.14
C ASP H 412 -30.90 16.37 22.55
N PHE H 413 -30.20 17.08 23.43
CA PHE H 413 -30.09 16.63 24.81
C PHE H 413 -31.45 16.65 25.52
N TYR H 414 -32.27 17.64 25.20
CA TYR H 414 -33.62 17.70 25.76
C TYR H 414 -34.47 16.53 25.26
N PHE H 415 -34.34 16.20 23.97
CA PHE H 415 -35.03 15.02 23.44
C PHE H 415 -34.56 13.75 24.12
N GLN H 416 -33.26 13.64 24.37
CA GLN H 416 -32.72 12.47 25.06
C GLN H 416 -33.25 12.39 26.49
N LEU H 417 -33.35 13.53 27.17
CA LEU H 417 -33.87 13.54 28.54
C LEU H 417 -35.34 13.16 28.56
N CYS H 418 -36.11 13.60 27.57
CA CYS H 418 -37.50 13.18 27.48
C CYS H 418 -37.64 11.72 27.07
N SER H 419 -36.63 11.15 26.43
CA SER H 419 -36.71 9.78 25.92
C SER H 419 -36.37 8.73 26.98
N ILE H 420 -36.06 9.14 28.21
CA ILE H 420 -35.77 8.18 29.28
C ILE H 420 -37.05 7.43 29.63
N GLU H 421 -36.96 6.11 29.71
CA GLU H 421 -38.11 5.27 30.01
C GLU H 421 -37.93 4.58 31.36
N VAL H 422 -39.04 4.45 32.09
CA VAL H 422 -39.09 3.76 33.38
C VAL H 422 -40.37 2.94 33.45
N THR H 423 -40.48 2.14 34.49
CA THR H 423 -41.70 1.40 34.78
C THR H 423 -42.52 2.15 35.82
N CYS H 424 -43.71 1.64 36.12
CA CYS H 424 -44.56 2.27 37.12
C CYS H 424 -43.94 2.16 38.51
N GLU H 425 -43.32 1.02 38.82
CA GLU H 425 -42.68 0.86 40.12
C GLU H 425 -41.47 1.78 40.25
N SER H 426 -40.65 1.87 39.21
CA SER H 426 -39.47 2.72 39.26
C SER H 426 -39.86 4.19 39.35
N ALA H 427 -40.91 4.60 38.64
CA ALA H 427 -41.43 5.95 38.80
C ALA H 427 -42.09 6.16 40.15
N SER H 428 -42.59 5.09 40.78
CA SER H 428 -43.13 5.20 42.12
C SER H 428 -42.04 5.37 43.16
N VAL H 429 -40.84 4.86 42.89
CA VAL H 429 -39.69 5.20 43.72
C VAL H 429 -39.40 6.69 43.62
N MET H 430 -39.50 7.25 42.41
CA MET H 430 -39.52 8.69 42.26
C MET H 430 -40.84 9.25 42.82
N ALA H 431 -40.86 10.58 42.99
CA ALA H 431 -41.96 11.33 43.60
C ALA H 431 -42.20 10.95 45.05
N ALA H 432 -41.29 10.14 45.61
CA ALA H 432 -41.24 9.89 47.05
C ALA H 432 -39.97 10.44 47.67
N THR H 433 -38.89 10.52 46.90
CA THR H 433 -37.72 11.26 47.34
C THR H 433 -38.04 12.74 47.51
N LEU H 434 -38.79 13.30 46.55
CA LEU H 434 -39.24 14.69 46.66
C LEU H 434 -40.53 14.83 47.47
N ALA H 435 -41.22 13.74 47.76
CA ALA H 435 -42.24 13.79 48.81
C ALA H 435 -41.58 13.93 50.18
N ASN H 436 -40.45 13.27 50.37
CA ASN H 436 -39.60 13.47 51.53
C ASN H 436 -38.77 14.74 51.34
N GLY H 437 -37.90 15.03 52.31
CA GLY H 437 -37.04 16.18 52.20
C GLY H 437 -35.78 15.92 51.38
N GLY H 438 -35.96 15.44 50.15
CA GLY H 438 -34.85 15.10 49.30
C GLY H 438 -34.17 13.80 49.62
N PHE H 439 -34.69 13.02 50.56
CA PHE H 439 -34.10 11.75 50.95
C PHE H 439 -34.81 10.62 50.24
N CYS H 440 -34.04 9.71 49.66
CA CYS H 440 -34.62 8.56 48.97
C CYS H 440 -35.28 7.63 49.97
N PRO H 441 -36.54 7.24 49.75
CA PRO H 441 -37.20 6.32 50.69
C PRO H 441 -36.53 4.96 50.80
N ILE H 442 -35.91 4.49 49.72
CA ILE H 442 -35.35 3.15 49.69
C ILE H 442 -33.92 3.13 50.23
N THR H 443 -33.03 3.96 49.69
CA THR H 443 -31.66 3.97 50.15
C THR H 443 -31.50 4.68 51.48
N GLY H 444 -32.26 5.75 51.70
CA GLY H 444 -32.07 6.58 52.87
C GLY H 444 -30.99 7.64 52.71
N GLU H 445 -30.37 7.74 51.55
CA GLU H 445 -29.32 8.73 51.31
C GLU H 445 -29.95 10.10 51.04
N ARG H 446 -29.08 11.08 50.78
CA ARG H 446 -29.51 12.43 50.44
C ARG H 446 -29.24 12.69 48.96
N VAL H 447 -30.27 13.10 48.23
CA VAL H 447 -30.18 13.35 46.80
C VAL H 447 -30.33 14.82 46.46
N LEU H 448 -31.39 15.45 46.96
CA LEU H 448 -31.72 16.82 46.60
C LEU H 448 -31.77 17.69 47.84
N SER H 449 -31.39 18.96 47.67
CA SER H 449 -31.52 19.93 48.75
C SER H 449 -32.99 20.22 49.01
N PRO H 450 -33.34 20.55 50.27
CA PRO H 450 -34.74 20.89 50.58
C PRO H 450 -35.26 22.09 49.81
N GLU H 451 -34.41 23.05 49.47
CA GLU H 451 -34.86 24.21 48.69
C GLU H 451 -35.33 23.78 47.30
N ALA H 452 -34.58 22.90 46.65
CA ALA H 452 -34.97 22.42 45.33
C ALA H 452 -36.27 21.63 45.39
N VAL H 453 -36.43 20.80 46.44
CA VAL H 453 -37.64 20.01 46.61
C VAL H 453 -38.84 20.92 46.81
N ARG H 454 -38.69 21.93 47.65
CA ARG H 454 -39.77 22.88 47.90
C ARG H 454 -40.14 23.65 46.63
N ASN H 455 -39.13 24.07 45.88
CA ASN H 455 -39.37 24.83 44.65
C ASN H 455 -40.10 23.99 43.61
N THR H 456 -39.65 22.74 43.40
CA THR H 456 -40.31 21.91 42.40
C THR H 456 -41.69 21.47 42.85
N LEU H 457 -41.91 21.30 44.16
CA LEU H 457 -43.24 20.99 44.66
C LEU H 457 -44.19 22.16 44.44
N SER H 458 -43.71 23.39 44.70
CA SER H 458 -44.53 24.57 44.47
C SER H 458 -44.85 24.74 42.99
N LEU H 459 -43.87 24.48 42.12
CA LEU H 459 -44.09 24.62 40.69
C LEU H 459 -45.08 23.57 40.17
N MET H 460 -44.96 22.33 40.65
CA MET H 460 -45.92 21.30 40.26
C MET H 460 -47.31 21.60 40.78
N HIS H 461 -47.41 22.17 41.99
CA HIS H 461 -48.70 22.54 42.53
C HIS H 461 -49.33 23.69 41.74
N SER H 462 -48.51 24.64 41.28
CA SER H 462 -49.03 25.81 40.60
C SER H 462 -49.42 25.49 39.16
N CYS H 463 -48.46 24.99 38.37
CA CYS H 463 -48.66 24.84 36.93
C CYS H 463 -48.12 23.51 36.45
N GLY H 464 -48.38 22.43 37.19
CA GLY H 464 -47.93 21.11 36.81
C GLY H 464 -48.89 20.32 35.95
N MET H 465 -50.03 20.89 35.58
CA MET H 465 -51.03 20.17 34.79
C MET H 465 -51.48 20.97 33.57
N TRP H 466 -50.62 21.83 33.04
CA TRP H 466 -50.87 22.69 31.87
C TRP H 466 -52.06 23.58 32.20
N ASP H 467 -52.99 23.79 31.26
CA ASP H 467 -54.15 24.62 31.49
C ASP H 467 -55.19 23.96 32.40
N PHE H 468 -55.03 22.68 32.71
CA PHE H 468 -55.90 21.98 33.65
C PHE H 468 -55.41 22.11 35.10
N SER H 469 -54.35 22.88 35.33
CA SER H 469 -53.77 22.99 36.67
C SER H 469 -54.73 23.65 37.65
N GLY H 470 -55.47 24.66 37.19
CA GLY H 470 -56.43 25.32 38.08
C GLY H 470 -57.54 24.39 38.53
N GLN H 471 -58.09 23.61 37.59
CA GLN H 471 -59.14 22.64 37.96
C GLN H 471 -58.58 21.53 38.83
N PHE H 472 -57.34 21.11 38.57
CA PHE H 472 -56.72 20.07 39.37
C PHE H 472 -56.49 20.54 40.81
N ALA H 473 -56.05 21.78 40.98
CA ALA H 473 -55.90 22.32 42.32
C ALA H 473 -57.25 22.58 42.98
N PHE H 474 -58.27 22.89 42.19
CA PHE H 474 -59.61 23.11 42.72
C PHE H 474 -60.21 21.82 43.27
N HIS H 475 -60.05 20.71 42.54
CA HIS H 475 -60.66 19.45 42.94
C HIS H 475 -59.72 18.60 43.79
N VAL H 476 -58.55 18.27 43.27
CA VAL H 476 -57.61 17.41 43.98
C VAL H 476 -56.75 18.20 44.96
N GLY H 477 -56.13 19.27 44.49
CA GLY H 477 -55.27 20.08 45.33
C GLY H 477 -53.99 19.39 45.77
N LEU H 478 -53.37 18.63 44.87
CA LEU H 478 -52.12 17.97 45.16
C LEU H 478 -51.12 18.24 44.04
N PRO H 479 -49.83 18.32 44.36
CA PRO H 479 -48.84 18.58 43.31
C PRO H 479 -48.61 17.37 42.42
N ALA H 480 -49.08 17.45 41.17
CA ALA H 480 -48.95 16.35 40.22
C ALA H 480 -48.45 16.89 38.89
N LYS H 481 -47.71 16.05 38.16
CA LYS H 481 -47.18 16.39 36.85
C LYS H 481 -47.74 15.43 35.81
N SER H 482 -48.24 15.97 34.71
CA SER H 482 -48.82 15.17 33.65
C SER H 482 -47.75 14.78 32.64
N GLY H 483 -48.16 14.16 31.54
CA GLY H 483 -47.24 13.74 30.50
C GLY H 483 -47.96 13.19 29.29
N VAL H 484 -47.43 13.46 28.09
CA VAL H 484 -48.05 12.98 26.87
C VAL H 484 -47.90 11.47 26.72
N ALA H 485 -46.92 10.88 27.40
CA ALA H 485 -46.80 9.42 27.40
C ALA H 485 -47.99 8.78 28.08
N GLY H 486 -48.45 9.35 29.19
CA GLY H 486 -49.59 8.82 29.91
C GLY H 486 -49.37 8.76 31.41
N GLY H 487 -48.14 9.07 31.83
CA GLY H 487 -47.82 9.03 33.24
C GLY H 487 -48.32 10.25 33.99
N ILE H 488 -48.65 10.03 35.26
CA ILE H 488 -49.05 11.10 36.17
C ILE H 488 -48.20 10.98 37.42
N LEU H 489 -47.46 12.04 37.76
CA LEU H 489 -46.56 12.03 38.90
C LEU H 489 -47.24 12.67 40.11
N LEU H 490 -48.23 11.96 40.64
CA LEU H 490 -48.98 12.46 41.79
C LEU H 490 -48.14 12.36 43.05
N VAL H 491 -48.00 13.48 43.76
CA VAL H 491 -47.15 13.57 44.95
C VAL H 491 -48.00 14.06 46.11
N VAL H 492 -47.90 13.36 47.24
CA VAL H 492 -48.44 13.83 48.52
C VAL H 492 -47.25 14.18 49.40
N PRO H 493 -47.11 15.43 49.85
CA PRO H 493 -45.89 15.84 50.55
C PRO H 493 -45.79 15.20 51.92
N ASN H 494 -44.60 14.69 52.24
CA ASN H 494 -44.23 14.07 53.51
C ASN H 494 -45.04 12.83 53.84
N VAL H 495 -45.76 12.25 52.87
CA VAL H 495 -46.55 11.05 53.14
C VAL H 495 -46.17 9.92 52.19
N MET H 496 -46.43 10.09 50.90
CA MET H 496 -46.38 8.98 49.96
C MET H 496 -46.45 9.50 48.53
N GLY H 497 -45.78 8.78 47.63
CA GLY H 497 -45.73 9.12 46.23
C GLY H 497 -46.47 8.10 45.38
N MET H 498 -46.82 8.52 44.17
CA MET H 498 -47.67 7.70 43.31
C MET H 498 -47.22 7.79 41.86
N MET H 499 -47.86 6.97 41.03
CA MET H 499 -47.67 6.97 39.58
C MET H 499 -48.87 6.28 38.95
N CYS H 500 -49.49 6.94 37.98
CA CYS H 500 -50.61 6.38 37.23
C CYS H 500 -50.27 6.44 35.74
N TRP H 501 -50.44 5.32 35.05
CA TRP H 501 -49.98 5.16 33.68
C TRP H 501 -51.14 4.72 32.81
N SER H 502 -51.49 5.56 31.83
CA SER H 502 -52.62 5.29 30.94
C SER H 502 -52.39 5.94 29.58
N PRO H 503 -52.19 5.16 28.52
CA PRO H 503 -51.89 5.73 27.19
C PRO H 503 -52.99 6.62 26.62
N PRO H 504 -54.29 6.37 26.82
CA PRO H 504 -55.28 7.34 26.33
C PRO H 504 -55.15 8.69 27.02
N LEU H 505 -55.45 9.75 26.26
CA LEU H 505 -55.26 11.12 26.72
C LEU H 505 -56.48 11.96 26.41
N ASP H 506 -56.73 12.95 27.29
CA ASP H 506 -57.71 13.97 27.00
C ASP H 506 -57.15 14.96 25.98
N LYS H 507 -58.05 15.79 25.45
CA LYS H 507 -57.62 16.80 24.48
C LYS H 507 -56.74 17.87 25.10
N MET H 508 -56.76 18.03 26.42
CA MET H 508 -55.89 18.99 27.08
C MET H 508 -54.46 18.49 27.19
N GLY H 509 -54.24 17.18 27.11
CA GLY H 509 -52.91 16.62 27.19
C GLY H 509 -52.67 15.80 28.45
N ASN H 510 -53.75 15.28 29.03
CA ASN H 510 -53.66 14.49 30.26
C ASN H 510 -54.45 13.21 30.10
N SER H 511 -54.08 12.19 30.86
CA SER H 511 -54.77 10.91 30.80
C SER H 511 -56.11 11.01 31.51
N VAL H 512 -57.17 10.52 30.84
CA VAL H 512 -58.51 10.58 31.41
C VAL H 512 -58.63 9.65 32.61
N LYS H 513 -58.09 8.43 32.48
CA LYS H 513 -58.18 7.45 33.55
C LYS H 513 -57.41 7.91 34.78
N GLY H 514 -56.24 8.53 34.59
CA GLY H 514 -55.49 9.04 35.71
C GLY H 514 -56.19 10.17 36.43
N ILE H 515 -56.81 11.08 35.67
CA ILE H 515 -57.55 12.19 36.28
C ILE H 515 -58.74 11.67 37.06
N HIS H 516 -59.49 10.72 36.49
CA HIS H 516 -60.63 10.14 37.19
C HIS H 516 -60.19 9.40 38.44
N PHE H 517 -59.05 8.69 38.37
CA PHE H 517 -58.52 7.99 39.53
C PHE H 517 -58.12 8.96 40.62
N CYS H 518 -57.47 10.07 40.25
CA CYS H 518 -57.10 11.08 41.23
C CYS H 518 -58.31 11.72 41.88
N HIS H 519 -59.36 12.00 41.09
CA HIS H 519 -60.58 12.56 41.65
C HIS H 519 -61.24 11.59 42.63
N ASP H 520 -61.30 10.30 42.26
CA ASP H 520 -61.90 9.31 43.14
C ASP H 520 -61.07 9.14 44.42
N LEU H 521 -59.74 9.19 44.29
CA LEU H 521 -58.88 9.05 45.46
C LEU H 521 -59.04 10.22 46.42
N VAL H 522 -59.07 11.45 45.89
CA VAL H 522 -59.22 12.61 46.76
C VAL H 522 -60.65 12.71 47.31
N SER H 523 -61.62 12.10 46.64
CA SER H 523 -62.97 12.06 47.19
C SER H 523 -63.11 11.02 48.28
N LEU H 524 -62.41 9.89 48.16
CA LEU H 524 -62.57 8.81 49.13
C LEU H 524 -61.78 9.09 50.40
N CYS H 525 -60.47 9.17 50.30
CA CYS H 525 -59.62 9.40 51.47
C CYS H 525 -59.38 10.88 51.71
N LEU I 139 77.53 19.66 15.18
CA LEU I 139 78.28 18.99 14.13
C LEU I 139 77.72 19.34 12.76
N GLU I 140 76.47 19.84 12.74
CA GLU I 140 75.82 20.19 11.49
C GLU I 140 76.37 21.48 10.88
N ASP I 141 77.13 22.28 11.65
CA ASP I 141 77.69 23.50 11.11
C ASP I 141 78.75 23.22 10.04
N LEU I 142 79.66 22.28 10.32
CA LEU I 142 80.68 21.93 9.34
C LEU I 142 80.09 21.21 8.13
N LEU I 143 79.05 20.40 8.35
CA LEU I 143 78.37 19.76 7.23
C LEU I 143 77.65 20.78 6.37
N PHE I 144 77.05 21.79 6.99
CA PHE I 144 76.40 22.86 6.23
C PHE I 144 77.43 23.72 5.49
N TYR I 145 78.61 23.89 6.09
CA TYR I 145 79.72 24.55 5.39
C TYR I 145 80.16 23.74 4.18
N THR I 146 80.21 22.41 4.32
CA THR I 146 80.52 21.55 3.18
C THR I 146 79.44 21.65 2.10
N ILE I 147 78.17 21.75 2.50
CA ILE I 147 77.09 21.95 1.54
C ILE I 147 77.23 23.31 0.87
N ALA I 148 77.52 24.35 1.64
CA ALA I 148 77.68 25.68 1.10
C ALA I 148 79.03 25.82 0.38
N GLU I 149 79.29 27.01 -0.14
CA GLU I 149 80.50 27.29 -0.89
C GLU I 149 81.46 28.21 -0.13
N GLY I 150 81.57 28.00 1.18
CA GLY I 150 82.43 28.81 2.02
C GLY I 150 81.73 29.97 2.69
N GLN I 151 80.48 30.25 2.34
CA GLN I 151 79.74 31.33 2.96
C GLN I 151 79.04 30.85 4.22
N GLU I 152 78.86 31.79 5.16
CA GLU I 152 78.16 31.47 6.40
C GLU I 152 76.69 31.15 6.15
N LYS I 153 76.04 31.92 5.27
CA LYS I 153 74.62 31.76 4.98
C LYS I 153 74.44 31.54 3.48
N ILE I 154 73.58 30.60 3.12
CA ILE I 154 73.29 30.27 1.72
C ILE I 154 71.78 30.26 1.53
N PRO I 155 71.27 30.69 0.37
CA PRO I 155 69.83 30.60 0.13
C PRO I 155 69.34 29.16 0.03
N VAL I 156 68.07 28.98 0.38
CA VAL I 156 67.44 27.66 0.28
C VAL I 156 67.27 27.24 -1.17
N HIS I 157 67.03 28.19 -2.08
CA HIS I 157 66.85 27.88 -3.49
C HIS I 157 68.11 27.30 -4.12
N LYS I 158 69.29 27.58 -3.56
CA LYS I 158 70.50 26.90 -3.96
C LYS I 158 70.82 25.69 -3.10
N PHE I 159 70.22 25.59 -1.91
CA PHE I 159 70.39 24.40 -1.09
C PHE I 159 69.62 23.21 -1.66
N ILE I 160 68.45 23.46 -2.25
CA ILE I 160 67.70 22.37 -2.87
C ILE I 160 68.43 21.86 -4.12
N THR I 161 69.17 22.73 -4.80
CA THR I 161 70.09 22.27 -5.82
C THR I 161 71.24 21.52 -5.15
N ALA I 162 71.70 20.46 -5.82
CA ALA I 162 72.70 19.52 -5.31
C ALA I 162 72.27 18.83 -4.01
N LEU I 163 70.96 18.85 -3.71
CA LEU I 163 70.39 18.04 -2.65
C LEU I 163 69.92 16.70 -3.17
N LYS I 164 69.47 16.66 -4.43
CA LYS I 164 69.11 15.42 -5.10
C LYS I 164 70.32 14.70 -5.68
N SER I 165 71.52 15.28 -5.55
CA SER I 165 72.73 14.60 -5.98
C SER I 165 73.00 13.35 -5.15
N THR I 166 72.59 13.37 -3.88
CA THR I 166 72.63 12.15 -3.06
C THR I 166 71.45 11.23 -3.34
N GLY I 167 70.51 11.66 -4.18
CA GLY I 167 69.42 10.81 -4.63
C GLY I 167 68.18 10.82 -3.75
N LEU I 168 68.23 11.49 -2.60
CA LEU I 168 67.07 11.55 -1.71
C LEU I 168 66.07 12.55 -2.26
N ARG I 169 64.86 12.10 -2.55
CA ARG I 169 63.84 12.97 -3.10
C ARG I 169 63.20 13.81 -1.99
N THR I 170 62.47 14.84 -2.41
CA THR I 170 61.82 15.77 -1.49
C THR I 170 60.42 15.33 -1.10
N SER I 171 60.12 14.02 -1.17
CA SER I 171 58.83 13.49 -0.79
C SER I 171 58.95 12.35 0.21
N ASP I 172 59.97 12.40 1.07
CA ASP I 172 60.21 11.33 2.03
C ASP I 172 59.50 11.61 3.34
N PRO I 173 58.61 10.74 3.80
CA PRO I 173 57.97 10.93 5.12
C PRO I 173 58.94 10.88 6.29
N ARG I 174 60.16 10.36 6.12
CA ARG I 174 61.16 10.47 7.17
C ARG I 174 61.50 11.94 7.43
N LEU I 175 61.64 12.73 6.36
CA LEU I 175 61.88 14.16 6.45
C LEU I 175 60.60 14.97 6.20
N LYS I 176 59.44 14.36 6.51
CA LYS I 176 58.17 15.07 6.37
C LYS I 176 58.08 16.28 7.28
N GLU I 177 58.55 16.15 8.52
CA GLU I 177 58.60 17.31 9.40
C GLU I 177 59.56 18.36 8.86
N CYS I 178 60.67 17.91 8.27
CA CYS I 178 61.59 18.84 7.62
C CYS I 178 60.92 19.57 6.45
N MET I 179 60.16 18.85 5.63
CA MET I 179 59.58 19.49 4.45
C MET I 179 58.44 20.43 4.84
N ASP I 180 57.63 20.08 5.85
CA ASP I 180 56.57 21.00 6.23
C ASP I 180 57.12 22.21 6.98
N MET I 181 58.19 22.01 7.76
CA MET I 181 58.86 23.14 8.40
C MET I 181 59.49 24.06 7.36
N LEU I 182 60.07 23.49 6.30
CA LEU I 182 60.64 24.31 5.23
C LEU I 182 59.54 25.06 4.47
N ARG I 183 58.42 24.39 4.19
CA ARG I 183 57.31 25.08 3.53
C ARG I 183 56.73 26.18 4.40
N LEU I 184 56.76 26.01 5.73
CA LEU I 184 56.31 27.08 6.62
C LEU I 184 57.31 28.23 6.66
N THR I 185 58.61 27.94 6.69
CA THR I 185 59.63 28.95 6.93
C THR I 185 60.18 29.59 5.66
N LEU I 186 59.79 29.11 4.48
CA LEU I 186 60.23 29.77 3.25
C LEU I 186 59.62 31.15 3.11
N GLN I 187 58.30 31.26 3.33
CA GLN I 187 57.62 32.54 3.26
C GLN I 187 57.59 33.26 4.60
N THR I 188 58.03 32.61 5.69
CA THR I 188 58.09 33.22 7.01
C THR I 188 59.53 33.06 7.50
N THR I 189 60.40 33.99 7.12
CA THR I 189 61.77 34.01 7.58
C THR I 189 62.25 35.39 7.99
N SER I 190 61.48 36.45 7.69
CA SER I 190 61.74 37.84 8.07
C SER I 190 63.03 38.40 7.50
N ASP I 191 63.66 37.69 6.58
CA ASP I 191 64.88 38.17 5.94
C ASP I 191 64.81 38.11 4.42
N GLY I 192 64.19 37.08 3.85
CA GLY I 192 64.12 36.92 2.41
C GLY I 192 65.40 36.34 1.84
N VAL I 193 65.24 35.36 0.93
CA VAL I 193 66.29 34.55 0.29
C VAL I 193 67.41 34.21 1.29
N MET I 194 67.02 33.69 2.45
CA MET I 194 67.91 33.50 3.58
C MET I 194 67.53 32.25 4.34
N LEU I 195 68.54 31.49 4.77
CA LEU I 195 68.34 30.28 5.56
C LEU I 195 68.97 30.37 6.95
N ASP I 196 70.22 30.85 7.02
CA ASP I 196 71.01 31.09 8.23
C ASP I 196 71.42 29.79 8.92
N LYS I 197 72.60 29.79 9.54
CA LYS I 197 73.12 28.57 10.17
C LYS I 197 72.38 28.22 11.45
N ASP I 198 72.01 29.22 12.26
CA ASP I 198 71.44 28.97 13.57
C ASP I 198 70.06 28.31 13.46
N LEU I 199 69.24 28.78 12.52
CA LEU I 199 67.92 28.19 12.32
C LEU I 199 68.03 26.75 11.85
N PHE I 200 68.98 26.47 10.95
CA PHE I 200 69.22 25.10 10.49
C PHE I 200 69.74 24.22 11.63
N LYS I 201 70.52 24.79 12.54
CA LYS I 201 70.99 24.05 13.70
C LYS I 201 69.84 23.68 14.63
N LYS I 202 69.00 24.66 14.96
CA LYS I 202 67.95 24.43 15.95
C LYS I 202 66.73 23.73 15.38
N CYS I 203 66.59 23.67 14.06
CA CYS I 203 65.34 23.21 13.47
C CYS I 203 65.24 21.69 13.44
N VAL I 204 66.16 21.03 12.73
CA VAL I 204 66.11 19.58 12.58
C VAL I 204 66.72 18.93 13.82
N GLN I 205 65.97 18.03 14.44
CA GLN I 205 66.40 17.35 15.66
C GLN I 205 66.50 15.85 15.52
N SER I 206 65.53 15.20 14.88
CA SER I 206 65.51 13.75 14.76
C SER I 206 65.96 13.24 13.40
N ASN I 207 66.08 14.11 12.40
CA ASN I 207 66.50 13.71 11.06
C ASN I 207 67.96 14.03 10.78
N ILE I 208 68.74 14.33 11.82
CA ILE I 208 70.15 14.66 11.63
C ILE I 208 70.93 13.45 11.13
N VAL I 209 70.56 12.26 11.58
CA VAL I 209 71.28 11.04 11.18
C VAL I 209 71.11 10.78 9.69
N LEU I 210 69.91 11.02 9.15
CA LEU I 210 69.68 10.82 7.72
C LEU I 210 70.49 11.81 6.89
N LEU I 211 70.55 13.08 7.32
CA LEU I 211 71.32 14.07 6.59
C LEU I 211 72.82 13.78 6.66
N THR I 212 73.31 13.30 7.81
CA THR I 212 74.72 12.93 7.90
C THR I 212 75.03 11.73 7.01
N GLN I 213 74.13 10.75 6.96
CA GLN I 213 74.37 9.59 6.11
C GLN I 213 74.23 9.94 4.63
N ALA I 214 73.47 10.99 4.31
CA ALA I 214 73.28 11.35 2.91
C ALA I 214 74.41 12.24 2.39
N PHE I 215 74.74 13.31 3.12
CA PHE I 215 75.67 14.31 2.60
C PHE I 215 77.13 13.92 2.78
N ARG I 216 77.43 12.87 3.54
CA ARG I 216 78.80 12.39 3.69
C ARG I 216 79.10 11.22 2.76
N ARG I 217 78.21 10.95 1.80
CA ARG I 217 78.31 9.80 0.88
C ARG I 217 78.43 8.49 1.64
N LYS I 218 77.67 8.37 2.73
CA LYS I 218 77.63 7.16 3.54
C LYS I 218 76.60 6.16 3.04
N PHE I 219 75.90 6.48 1.95
CA PHE I 219 74.91 5.57 1.39
C PHE I 219 75.60 4.41 0.67
N VAL I 220 74.80 3.41 0.32
CA VAL I 220 75.34 2.20 -0.29
C VAL I 220 75.84 2.47 -1.71
N ILE I 221 75.21 3.43 -2.40
CA ILE I 221 75.55 3.73 -3.79
C ILE I 221 76.11 5.15 -3.84
N PRO I 222 77.42 5.32 -3.97
CA PRO I 222 77.98 6.66 -4.23
C PRO I 222 77.87 6.98 -5.72
N ASP I 223 78.40 8.15 -6.08
CA ASP I 223 78.43 8.73 -7.43
C ASP I 223 77.14 8.47 -8.21
N PHE I 224 76.03 8.92 -7.61
CA PHE I 224 74.70 8.62 -8.13
C PHE I 224 74.44 9.23 -9.49
N MET I 225 75.12 10.32 -9.83
CA MET I 225 75.02 10.86 -11.19
C MET I 225 75.57 9.87 -12.21
N SER I 226 76.71 9.25 -11.90
CA SER I 226 77.29 8.25 -12.78
C SER I 226 76.39 7.01 -12.85
N PHE I 227 75.77 6.64 -11.72
CA PHE I 227 74.85 5.50 -11.72
C PHE I 227 73.62 5.78 -12.59
N THR I 228 73.07 6.99 -12.50
CA THR I 228 71.94 7.34 -13.37
C THR I 228 72.36 7.42 -14.83
N SER I 229 73.59 7.86 -15.10
CA SER I 229 74.08 7.86 -16.47
C SER I 229 74.21 6.45 -17.01
N HIS I 230 74.70 5.52 -16.19
CA HIS I 230 74.76 4.12 -16.59
C HIS I 230 73.38 3.55 -16.84
N ILE I 231 72.43 3.87 -15.96
CA ILE I 231 71.05 3.39 -16.11
C ILE I 231 70.42 3.94 -17.39
N ASP I 232 70.65 5.22 -17.69
CA ASP I 232 70.12 5.81 -18.92
C ASP I 232 70.77 5.20 -20.16
N GLU I 233 72.07 4.91 -20.09
CA GLU I 233 72.75 4.28 -21.22
C GLU I 233 72.20 2.89 -21.48
N LEU I 234 71.98 2.11 -20.42
CA LEU I 234 71.37 0.79 -20.60
C LEU I 234 69.93 0.88 -21.07
N TYR I 235 69.21 1.92 -20.63
CA TYR I 235 67.85 2.18 -21.10
C TYR I 235 67.83 2.42 -22.60
N GLU I 236 68.72 3.29 -23.07
CA GLU I 236 68.79 3.58 -24.50
C GLU I 236 69.26 2.37 -25.30
N SER I 237 70.16 1.57 -24.74
CA SER I 237 70.59 0.35 -25.42
C SER I 237 69.46 -0.67 -25.53
N ALA I 238 68.68 -0.84 -24.46
CA ALA I 238 67.58 -1.78 -24.48
C ALA I 238 66.38 -1.26 -25.29
N LYS I 239 66.34 0.04 -25.56
CA LYS I 239 65.28 0.58 -26.41
C LYS I 239 65.36 0.10 -27.86
N LYS I 240 66.50 -0.45 -28.28
CA LYS I 240 66.65 -0.89 -29.66
C LYS I 240 65.82 -2.13 -29.96
N GLN I 241 65.69 -3.04 -28.98
CA GLN I 241 64.96 -4.28 -29.20
C GLN I 241 63.46 -4.01 -29.35
N SER I 242 62.79 -4.90 -30.08
CA SER I 242 61.38 -4.75 -30.38
C SER I 242 60.50 -5.80 -29.72
N GLY I 243 60.78 -7.08 -29.96
CA GLY I 243 59.93 -8.12 -29.40
C GLY I 243 58.59 -8.19 -30.12
N GLY I 244 57.55 -8.43 -29.35
CA GLY I 244 56.20 -8.50 -29.89
C GLY I 244 55.33 -9.39 -29.03
N LYS I 245 54.11 -9.63 -29.51
CA LYS I 245 53.13 -10.53 -28.90
C LYS I 245 52.83 -10.11 -27.45
N VAL I 246 52.21 -8.93 -27.34
CA VAL I 246 51.97 -8.34 -26.03
C VAL I 246 51.00 -9.19 -25.20
N ALA I 247 49.88 -9.62 -25.80
CA ALA I 247 48.86 -10.39 -25.08
C ALA I 247 47.89 -11.04 -26.05
N ASP I 248 47.70 -12.36 -25.94
CA ASP I 248 46.67 -13.04 -26.71
C ASP I 248 45.38 -13.16 -25.89
N TYR I 249 45.46 -13.81 -24.73
CA TYR I 249 44.36 -13.84 -23.79
C TYR I 249 44.41 -12.61 -22.90
N ILE I 250 43.38 -12.44 -22.07
CA ILE I 250 43.08 -11.20 -21.35
C ILE I 250 43.04 -10.05 -22.35
N PRO I 251 41.96 -9.92 -23.13
CA PRO I 251 41.93 -8.88 -24.17
C PRO I 251 41.99 -7.45 -23.64
N GLN I 252 41.69 -7.25 -22.35
CA GLN I 252 41.88 -5.93 -21.76
C GLN I 252 43.36 -5.57 -21.66
N LEU I 253 44.23 -6.58 -21.51
CA LEU I 253 45.66 -6.34 -21.44
C LEU I 253 46.30 -6.13 -22.82
N ALA I 254 45.58 -6.42 -23.89
CA ALA I 254 46.12 -6.28 -25.24
C ALA I 254 45.99 -4.87 -25.79
N LYS I 255 45.38 -3.95 -25.04
CA LYS I 255 45.18 -2.59 -25.52
C LYS I 255 46.39 -1.69 -25.32
N PHE I 256 47.44 -2.19 -24.67
CA PHE I 256 48.64 -1.39 -24.46
C PHE I 256 49.51 -1.39 -25.71
N SER I 257 50.03 -0.22 -26.05
CA SER I 257 50.90 -0.10 -27.21
C SER I 257 52.26 -0.76 -26.93
N PRO I 258 52.87 -1.38 -27.93
CA PRO I 258 54.12 -2.12 -27.70
C PRO I 258 55.33 -1.26 -27.40
N ASP I 259 55.28 0.05 -27.67
CA ASP I 259 56.45 0.91 -27.49
C ASP I 259 56.60 1.42 -26.06
N LEU I 260 55.69 1.07 -25.16
CA LEU I 260 55.80 1.51 -23.79
C LEU I 260 56.97 0.81 -23.10
N TRP I 261 57.77 1.58 -22.37
CA TRP I 261 59.00 1.06 -21.78
C TRP I 261 59.45 2.01 -20.68
N GLY I 262 59.59 1.49 -19.46
CA GLY I 262 59.98 2.31 -18.34
C GLY I 262 60.76 1.51 -17.31
N VAL I 263 61.67 2.18 -16.62
CA VAL I 263 62.55 1.55 -15.63
C VAL I 263 62.56 2.44 -14.39
N SER I 264 62.35 1.82 -13.22
CA SER I 264 62.38 2.53 -11.95
C SER I 264 63.40 1.89 -11.02
N VAL I 265 64.02 2.73 -10.20
CA VAL I 265 65.12 2.34 -9.31
C VAL I 265 64.83 2.89 -7.92
N CYS I 266 64.99 2.04 -6.90
CA CYS I 266 64.92 2.47 -5.51
C CYS I 266 65.85 1.60 -4.67
N THR I 267 66.60 2.24 -3.78
CA THR I 267 67.59 1.54 -2.98
C THR I 267 67.09 1.34 -1.55
N VAL I 268 67.96 0.76 -0.71
CA VAL I 268 67.60 0.45 0.67
C VAL I 268 67.49 1.73 1.49
N ASP I 269 68.44 2.66 1.32
CA ASP I 269 68.48 3.85 2.16
C ASP I 269 67.34 4.81 1.84
N GLY I 270 66.92 4.88 0.57
CA GLY I 270 65.89 5.81 0.18
C GLY I 270 66.19 6.50 -1.13
N GLN I 271 67.40 6.25 -1.64
CA GLN I 271 67.81 6.75 -2.94
C GLN I 271 66.94 6.15 -4.03
N ARG I 272 66.42 6.99 -4.92
CA ARG I 272 65.52 6.51 -5.95
C ARG I 272 65.61 7.40 -7.18
N HIS I 273 65.21 6.82 -8.32
CA HIS I 273 65.31 7.45 -9.63
C HIS I 273 64.50 6.62 -10.62
N SER I 274 63.90 7.28 -11.62
CA SER I 274 63.09 6.57 -12.59
C SER I 274 63.09 7.33 -13.91
N THR I 275 63.04 6.57 -15.01
CA THR I 275 62.94 7.13 -16.35
C THR I 275 61.77 6.47 -17.08
N GLY I 276 61.62 6.83 -18.35
CA GLY I 276 60.64 6.15 -19.19
C GLY I 276 59.21 6.52 -18.86
N ASP I 277 58.33 5.52 -18.93
CA ASP I 277 56.89 5.68 -18.72
C ASP I 277 56.48 5.27 -17.32
N THR I 278 57.33 5.59 -16.32
CA THR I 278 57.18 5.10 -14.95
C THR I 278 55.92 5.60 -14.26
N LYS I 279 55.25 6.63 -14.79
CA LYS I 279 54.04 7.15 -14.17
C LYS I 279 52.77 6.46 -14.66
N VAL I 280 52.87 5.60 -15.67
CA VAL I 280 51.70 4.93 -16.22
C VAL I 280 51.37 3.70 -15.37
N PRO I 281 50.15 3.61 -14.83
CA PRO I 281 49.78 2.43 -14.05
C PRO I 281 49.67 1.18 -14.92
N PHE I 282 49.99 0.04 -14.31
CA PHE I 282 49.89 -1.24 -15.01
C PHE I 282 49.65 -2.33 -13.96
N CYS I 283 49.09 -3.44 -14.43
CA CYS I 283 48.67 -4.51 -13.54
C CYS I 283 49.87 -5.23 -12.92
N LEU I 284 49.65 -5.82 -11.75
CA LEU I 284 50.68 -6.52 -11.01
C LEU I 284 50.51 -8.04 -11.14
N GLN I 285 50.19 -8.49 -12.36
CA GLN I 285 49.96 -9.90 -12.65
C GLN I 285 51.18 -10.75 -12.36
N SER I 286 51.04 -11.63 -11.37
CA SER I 286 52.02 -12.63 -10.92
C SER I 286 53.27 -12.03 -10.27
N CYS I 287 53.40 -10.71 -10.27
CA CYS I 287 54.45 -10.07 -9.47
C CYS I 287 54.03 -9.88 -8.02
N VAL I 288 52.76 -10.15 -7.70
CA VAL I 288 52.26 -10.11 -6.33
C VAL I 288 52.35 -11.49 -5.68
N LYS I 289 52.60 -12.54 -6.46
CA LYS I 289 52.68 -13.90 -5.89
C LYS I 289 53.79 -14.06 -4.86
N PRO I 290 55.04 -13.59 -5.07
CA PRO I 290 55.99 -13.60 -3.94
C PRO I 290 55.54 -12.73 -2.78
N LEU I 291 54.88 -11.61 -3.06
CA LEU I 291 54.40 -10.74 -1.99
C LEU I 291 53.34 -11.44 -1.15
N LYS I 292 52.34 -12.05 -1.81
CA LYS I 292 51.29 -12.74 -1.06
C LYS I 292 51.82 -14.00 -0.38
N TYR I 293 52.85 -14.64 -0.95
CA TYR I 293 53.50 -15.75 -0.26
C TYR I 293 54.18 -15.27 1.01
N ALA I 294 54.83 -14.10 0.95
CA ALA I 294 55.42 -13.51 2.14
C ALA I 294 54.35 -13.16 3.17
N ILE I 295 53.19 -12.68 2.70
CA ILE I 295 52.07 -12.37 3.60
C ILE I 295 51.63 -13.62 4.34
N ALA I 296 51.43 -14.71 3.59
CA ALA I 296 50.97 -15.96 4.18
C ALA I 296 52.00 -16.52 5.16
N VAL I 297 53.29 -16.44 4.81
CA VAL I 297 54.33 -16.95 5.70
C VAL I 297 54.39 -16.13 6.99
N ASN I 298 54.43 -14.80 6.85
CA ASN I 298 54.52 -13.93 8.02
C ASN I 298 53.27 -14.03 8.89
N ASP I 299 52.13 -14.43 8.31
CA ASP I 299 50.93 -14.56 9.11
C ASP I 299 50.83 -15.91 9.79
N LEU I 300 51.26 -16.99 9.14
CA LEU I 300 50.91 -18.33 9.62
C LEU I 300 52.09 -19.27 9.82
N GLY I 301 53.34 -18.81 9.76
CA GLY I 301 54.44 -19.73 9.96
C GLY I 301 54.78 -20.52 8.71
N THR I 302 56.09 -20.67 8.45
CA THR I 302 56.52 -21.30 7.21
C THR I 302 56.19 -22.79 7.17
N GLU I 303 56.19 -23.46 8.33
CA GLU I 303 55.83 -24.88 8.35
C GLU I 303 54.37 -25.09 8.00
N TYR I 304 53.48 -24.27 8.57
CA TYR I 304 52.06 -24.37 8.24
C TYR I 304 51.78 -23.93 6.82
N VAL I 305 52.57 -22.99 6.29
CA VAL I 305 52.40 -22.59 4.90
C VAL I 305 52.81 -23.72 3.96
N HIS I 306 53.96 -24.33 4.22
CA HIS I 306 54.46 -25.40 3.36
C HIS I 306 53.85 -26.76 3.68
N ARG I 307 52.91 -26.82 4.64
CA ARG I 307 52.14 -28.05 4.83
C ARG I 307 51.30 -28.38 3.61
N TYR I 308 50.93 -27.37 2.81
CA TYR I 308 50.06 -27.58 1.66
C TYR I 308 50.74 -27.32 0.33
N VAL I 309 51.93 -26.71 0.31
CA VAL I 309 52.63 -26.43 -0.93
C VAL I 309 54.07 -26.93 -0.83
N GLY I 310 54.65 -27.22 -1.99
CA GLY I 310 56.05 -27.57 -2.08
C GLY I 310 56.93 -26.35 -2.29
N LYS I 311 58.23 -26.61 -2.46
CA LYS I 311 59.21 -25.56 -2.68
C LYS I 311 60.20 -25.97 -3.75
N GLU I 312 59.71 -26.57 -4.83
CA GLU I 312 60.56 -27.04 -5.92
C GLU I 312 60.05 -26.49 -7.24
N PRO I 313 60.95 -26.25 -8.19
CA PRO I 313 60.51 -25.79 -9.52
C PRO I 313 59.74 -26.87 -10.26
N SER I 314 58.73 -26.44 -11.01
CA SER I 314 57.91 -27.36 -11.76
C SER I 314 58.61 -27.85 -13.02
N GLY I 315 59.40 -26.98 -13.66
CA GLY I 315 60.03 -27.32 -14.91
C GLY I 315 59.17 -27.15 -16.14
N LEU I 316 57.93 -26.67 -15.98
CA LEU I 316 57.04 -26.46 -17.11
C LEU I 316 56.40 -25.07 -17.04
N ARG I 317 55.46 -24.80 -17.93
CA ARG I 317 54.77 -23.51 -17.94
C ARG I 317 53.90 -23.36 -16.70
N PHE I 318 53.61 -22.10 -16.35
CA PHE I 318 52.75 -21.82 -15.20
C PHE I 318 51.30 -22.21 -15.45
N ASN I 319 50.88 -22.26 -16.72
CA ASN I 319 49.51 -22.67 -17.04
C ASN I 319 49.32 -24.18 -17.01
N LYS I 320 50.39 -24.96 -16.96
CA LYS I 320 50.26 -26.41 -16.99
C LYS I 320 49.68 -26.91 -15.68
N LEU I 321 48.64 -27.74 -15.80
CA LEU I 321 47.95 -28.29 -14.63
C LEU I 321 48.40 -29.71 -14.30
N PHE I 322 49.31 -29.81 -13.34
CA PHE I 322 49.83 -31.08 -12.88
C PHE I 322 50.49 -30.87 -11.52
N LEU I 323 50.47 -31.90 -10.70
CA LEU I 323 51.00 -31.84 -9.34
C LEU I 323 52.20 -32.78 -9.20
N ASN I 324 52.80 -32.76 -8.02
CA ASN I 324 53.97 -33.59 -7.74
C ASN I 324 53.53 -34.99 -7.36
N GLU I 325 54.46 -35.78 -6.82
CA GLU I 325 54.13 -37.13 -6.38
C GLU I 325 53.21 -37.16 -5.17
N ASP I 326 53.14 -36.05 -4.42
CA ASP I 326 52.30 -35.96 -3.24
C ASP I 326 50.98 -35.25 -3.52
N ASP I 327 50.65 -35.02 -4.79
CA ASP I 327 49.43 -34.33 -5.22
C ASP I 327 49.33 -32.93 -4.60
N LYS I 328 50.42 -32.19 -4.69
CA LYS I 328 50.51 -30.82 -4.20
C LYS I 328 51.11 -29.94 -5.28
N PRO I 329 50.81 -28.63 -5.24
CA PRO I 329 51.49 -27.71 -6.16
C PRO I 329 52.98 -27.67 -5.89
N HIS I 330 53.75 -27.48 -6.97
CA HIS I 330 55.20 -27.59 -6.89
C HIS I 330 55.80 -26.42 -6.11
N ASN I 331 55.28 -25.22 -6.31
CA ASN I 331 55.81 -24.03 -5.66
C ASN I 331 54.72 -22.98 -5.62
N PRO I 332 54.81 -22.00 -4.71
CA PRO I 332 53.82 -20.91 -4.70
C PRO I 332 53.86 -20.01 -5.93
N MET I 333 54.93 -20.07 -6.73
CA MET I 333 55.04 -19.14 -7.86
C MET I 333 54.10 -19.51 -9.00
N VAL I 334 53.87 -20.81 -9.22
CA VAL I 334 52.95 -21.24 -10.28
C VAL I 334 51.51 -21.00 -9.82
N ASN I 335 50.57 -21.16 -10.76
CA ASN I 335 49.18 -20.78 -10.51
C ASN I 335 48.55 -21.60 -9.39
N ALA I 336 48.84 -22.91 -9.35
CA ALA I 336 48.25 -23.76 -8.32
C ALA I 336 48.74 -23.37 -6.93
N GLY I 337 50.05 -23.11 -6.80
CA GLY I 337 50.57 -22.66 -5.52
C GLY I 337 50.03 -21.31 -5.11
N ALA I 338 49.83 -20.42 -6.08
CA ALA I 338 49.23 -19.12 -5.79
C ALA I 338 47.80 -19.28 -5.30
N ILE I 339 47.04 -20.19 -5.91
CA ILE I 339 45.67 -20.44 -5.47
C ILE I 339 45.66 -20.98 -4.04
N VAL I 340 46.56 -21.94 -3.74
CA VAL I 340 46.60 -22.52 -2.41
C VAL I 340 47.00 -21.48 -1.36
N VAL I 341 47.99 -20.63 -1.67
CA VAL I 341 48.39 -19.63 -0.69
C VAL I 341 47.39 -18.49 -0.57
N THR I 342 46.56 -18.25 -1.59
CA THR I 342 45.43 -17.34 -1.39
C THR I 342 44.37 -17.97 -0.50
N SER I 343 44.25 -19.30 -0.55
CA SER I 343 43.31 -19.98 0.33
C SER I 343 43.73 -19.89 1.80
N LEU I 344 45.03 -19.73 2.06
CA LEU I 344 45.53 -19.75 3.43
C LEU I 344 45.26 -18.46 4.19
N ILE I 345 45.25 -17.32 3.51
CA ILE I 345 45.25 -16.03 4.18
C ILE I 345 43.85 -15.75 4.74
N LYS I 346 43.73 -15.71 6.07
CA LYS I 346 42.52 -15.29 6.78
C LYS I 346 41.31 -16.14 6.38
N GLN I 347 41.39 -17.43 6.72
CA GLN I 347 40.39 -18.40 6.28
C GLN I 347 39.02 -18.18 6.89
N GLY I 348 38.94 -17.52 8.04
CA GLY I 348 37.70 -17.37 8.78
C GLY I 348 36.93 -16.09 8.58
N VAL I 349 37.26 -15.29 7.56
CA VAL I 349 36.60 -14.01 7.34
C VAL I 349 36.29 -13.89 5.85
N ASN I 350 35.35 -13.03 5.51
CA ASN I 350 34.84 -12.91 4.15
C ASN I 350 35.88 -12.27 3.23
N ASN I 351 35.52 -12.14 1.95
CA ASN I 351 36.46 -11.67 0.94
C ASN I 351 36.75 -10.17 1.10
N ALA I 352 35.75 -9.39 1.51
CA ALA I 352 35.94 -7.94 1.60
C ALA I 352 36.96 -7.57 2.67
N GLU I 353 36.84 -8.18 3.85
CA GLU I 353 37.80 -7.89 4.91
C GLU I 353 39.18 -8.46 4.58
N LYS I 354 39.24 -9.59 3.87
CA LYS I 354 40.51 -10.14 3.42
C LYS I 354 41.22 -9.18 2.48
N PHE I 355 40.49 -8.64 1.51
CA PHE I 355 41.08 -7.69 0.58
C PHE I 355 41.46 -6.40 1.28
N ASP I 356 40.65 -5.96 2.25
CA ASP I 356 40.99 -4.77 3.01
C ASP I 356 42.28 -4.96 3.80
N TYR I 357 42.43 -6.13 4.45
CA TYR I 357 43.63 -6.41 5.21
C TYR I 357 44.86 -6.48 4.33
N VAL I 358 44.77 -7.19 3.20
CA VAL I 358 45.94 -7.32 2.34
C VAL I 358 46.26 -5.98 1.67
N MET I 359 45.26 -5.16 1.37
CA MET I 359 45.52 -3.85 0.79
C MET I 359 46.14 -2.90 1.79
N GLN I 360 45.68 -2.94 3.04
CA GLN I 360 46.28 -2.11 4.09
C GLN I 360 47.73 -2.51 4.33
N PHE I 361 48.00 -3.83 4.37
CA PHE I 361 49.36 -4.27 4.63
C PHE I 361 50.28 -3.97 3.44
N LEU I 362 49.75 -4.08 2.22
CA LEU I 362 50.54 -3.76 1.03
C LEU I 362 50.80 -2.27 0.94
N ASN I 363 49.85 -1.43 1.38
CA ASN I 363 50.08 0.01 1.44
C ASN I 363 51.11 0.35 2.50
N LYS I 364 51.10 -0.36 3.63
CA LYS I 364 52.15 -0.18 4.62
C LYS I 364 53.52 -0.57 4.08
N MET I 365 53.56 -1.64 3.29
CA MET I 365 54.82 -2.04 2.65
C MET I 365 55.25 -1.02 1.59
N ALA I 366 54.31 -0.40 0.90
CA ALA I 366 54.60 0.52 -0.18
C ALA I 366 54.93 1.94 0.30
N GLY I 367 54.84 2.19 1.60
CA GLY I 367 55.05 3.54 2.11
C GLY I 367 53.99 4.52 1.68
N ASN I 368 52.72 4.07 1.61
CA ASN I 368 51.57 4.90 1.25
C ASN I 368 51.74 5.57 -0.11
N GLU I 369 52.27 4.82 -1.07
CA GLU I 369 52.36 5.28 -2.45
C GLU I 369 51.06 4.94 -3.18
N TYR I 370 51.05 5.10 -4.49
CA TYR I 370 49.85 4.86 -5.27
C TYR I 370 49.69 3.37 -5.55
N VAL I 371 48.63 2.77 -5.03
CA VAL I 371 48.26 1.40 -5.31
C VAL I 371 46.78 1.39 -5.66
N GLY I 372 46.46 1.08 -6.92
CA GLY I 372 45.10 1.09 -7.40
C GLY I 372 44.53 -0.29 -7.61
N PHE I 373 43.44 -0.35 -8.36
CA PHE I 373 42.78 -1.62 -8.68
C PHE I 373 42.09 -1.45 -10.03
N SER I 374 42.70 -2.00 -11.08
CA SER I 374 42.17 -1.86 -12.43
C SER I 374 41.02 -2.84 -12.60
N ASN I 375 39.80 -2.34 -12.37
CA ASN I 375 38.60 -3.17 -12.52
C ASN I 375 38.34 -3.56 -13.96
N ALA I 376 38.85 -2.80 -14.93
CA ALA I 376 38.71 -3.16 -16.34
C ALA I 376 39.41 -4.47 -16.64
N THR I 377 40.60 -4.66 -16.07
CA THR I 377 41.31 -5.93 -16.21
C THR I 377 40.84 -6.99 -15.23
N PHE I 378 39.95 -6.63 -14.30
CA PHE I 378 39.31 -7.62 -13.44
C PHE I 378 38.05 -8.19 -14.05
N GLN I 379 37.34 -7.40 -14.86
CA GLN I 379 36.24 -7.95 -15.65
C GLN I 379 36.76 -8.95 -16.67
N SER I 380 37.87 -8.62 -17.33
CA SER I 380 38.62 -9.65 -18.05
C SER I 380 39.33 -10.56 -17.06
N GLU I 381 39.75 -11.74 -17.55
CA GLU I 381 40.41 -12.80 -16.80
C GLU I 381 39.42 -13.47 -15.82
N ARG I 382 38.22 -12.93 -15.72
CA ARG I 382 37.12 -13.56 -15.01
C ARG I 382 36.08 -14.16 -15.95
N GLU I 383 35.73 -13.43 -17.01
CA GLU I 383 34.87 -13.94 -18.06
C GLU I 383 35.64 -14.61 -19.18
N SER I 384 36.98 -14.54 -19.17
CA SER I 384 37.79 -15.10 -20.23
C SER I 384 38.89 -16.04 -19.74
N GLY I 385 39.25 -16.00 -18.46
CA GLY I 385 40.26 -16.90 -17.94
C GLY I 385 39.69 -18.25 -17.58
N ASP I 386 39.92 -19.25 -18.45
CA ASP I 386 39.34 -20.58 -18.27
C ASP I 386 40.32 -21.59 -17.71
N ARG I 387 41.63 -21.42 -17.96
CA ARG I 387 42.61 -22.38 -17.47
C ARG I 387 42.72 -22.34 -15.95
N ASN I 388 42.60 -21.15 -15.37
CA ASN I 388 42.66 -21.01 -13.92
C ASN I 388 41.48 -21.69 -13.24
N PHE I 389 40.30 -21.64 -13.86
CA PHE I 389 39.14 -22.35 -13.33
C PHE I 389 39.36 -23.86 -13.34
N ALA I 390 39.95 -24.37 -14.44
CA ALA I 390 40.26 -25.80 -14.51
C ALA I 390 41.28 -26.20 -13.46
N ILE I 391 42.30 -25.35 -13.25
CA ILE I 391 43.31 -25.64 -12.23
C ILE I 391 42.69 -25.65 -10.84
N GLY I 392 41.81 -24.69 -10.56
CA GLY I 392 41.14 -24.65 -9.27
C GLY I 392 40.24 -25.84 -9.03
N TYR I 393 39.51 -26.25 -10.06
CA TYR I 393 38.65 -27.42 -9.92
C TYR I 393 39.47 -28.70 -9.76
N TYR I 394 40.61 -28.79 -10.44
CA TYR I 394 41.51 -29.93 -10.26
C TYR I 394 42.07 -29.98 -8.84
N LEU I 395 42.44 -28.81 -8.30
CA LEU I 395 42.93 -28.75 -6.93
C LEU I 395 41.84 -29.14 -5.93
N LYS I 396 40.60 -28.69 -6.18
CA LYS I 396 39.48 -29.09 -5.32
C LYS I 396 39.23 -30.59 -5.40
N GLU I 397 39.34 -31.17 -6.60
CA GLU I 397 39.16 -32.61 -6.76
C GLU I 397 40.25 -33.39 -6.03
N LYS I 398 41.49 -32.89 -6.07
CA LYS I 398 42.59 -33.54 -5.37
C LYS I 398 42.55 -33.34 -3.86
N LYS I 399 41.65 -32.48 -3.37
CA LYS I 399 41.45 -32.23 -1.94
C LYS I 399 42.72 -31.71 -1.27
N CYS I 400 43.44 -30.85 -1.97
CA CYS I 400 44.62 -30.19 -1.40
C CYS I 400 44.26 -28.88 -0.70
N PHE I 401 43.00 -28.45 -0.78
CA PHE I 401 42.58 -27.23 -0.11
C PHE I 401 42.46 -27.44 1.39
N PRO I 402 42.58 -26.38 2.18
CA PRO I 402 42.25 -26.47 3.61
C PRO I 402 40.77 -26.72 3.80
N GLU I 403 40.45 -27.29 4.97
CA GLU I 403 39.07 -27.66 5.27
C GLU I 403 38.19 -26.42 5.43
N GLY I 404 36.94 -26.54 5.00
CA GLY I 404 35.99 -25.45 5.07
C GLY I 404 36.33 -24.26 4.20
N THR I 405 36.72 -24.51 2.95
CA THR I 405 37.12 -23.45 2.03
C THR I 405 36.31 -23.55 0.74
N ASP I 406 35.76 -22.42 0.31
CA ASP I 406 35.02 -22.36 -0.93
C ASP I 406 35.96 -22.05 -2.09
N MET I 407 35.93 -22.89 -3.13
CA MET I 407 36.88 -22.75 -4.22
C MET I 407 36.61 -21.52 -5.07
N VAL I 408 35.33 -21.23 -5.33
CA VAL I 408 34.99 -20.14 -6.25
C VAL I 408 35.37 -18.79 -5.64
N GLY I 409 35.08 -18.60 -4.35
CA GLY I 409 35.45 -17.35 -3.70
C GLY I 409 36.95 -17.16 -3.61
N ILE I 410 37.68 -18.24 -3.37
CA ILE I 410 39.14 -18.15 -3.30
C ILE I 410 39.73 -17.84 -4.67
N LEU I 411 39.17 -18.44 -5.72
CA LEU I 411 39.64 -18.12 -7.07
C LEU I 411 39.33 -16.69 -7.46
N ASP I 412 38.16 -16.18 -7.06
CA ASP I 412 37.83 -14.78 -7.30
C ASP I 412 38.77 -13.86 -6.54
N PHE I 413 39.11 -14.23 -5.31
CA PHE I 413 40.08 -13.46 -4.52
C PHE I 413 41.45 -13.47 -5.19
N TYR I 414 41.86 -14.60 -5.75
CA TYR I 414 43.12 -14.67 -6.48
C TYR I 414 43.11 -13.77 -7.70
N PHE I 415 41.98 -13.74 -8.42
CA PHE I 415 41.83 -12.83 -9.54
C PHE I 415 41.93 -11.37 -9.09
N GLN I 416 41.33 -11.05 -7.94
CA GLN I 416 41.40 -9.69 -7.42
C GLN I 416 42.82 -9.31 -7.03
N LEU I 417 43.57 -10.24 -6.43
CA LEU I 417 44.97 -9.99 -6.13
C LEU I 417 45.79 -9.79 -7.39
N CYS I 418 45.51 -10.57 -8.43
CA CYS I 418 46.20 -10.39 -9.71
C CYS I 418 45.78 -9.10 -10.42
N SER I 419 44.63 -8.54 -10.07
CA SER I 419 44.12 -7.36 -10.75
C SER I 419 44.57 -6.04 -10.12
N ILE I 420 45.46 -6.09 -9.11
CA ILE I 420 45.97 -4.88 -8.50
C ILE I 420 46.90 -4.18 -9.49
N GLU I 421 46.74 -2.87 -9.64
CA GLU I 421 47.55 -2.08 -10.54
C GLU I 421 48.42 -1.10 -9.76
N VAL I 422 49.68 -0.96 -10.19
CA VAL I 422 50.62 -0.02 -9.61
C VAL I 422 51.41 0.64 -10.73
N THR I 423 52.08 1.73 -10.41
CA THR I 423 53.02 2.37 -11.31
C THR I 423 54.42 1.83 -11.06
N CYS I 424 55.32 2.08 -12.02
CA CYS I 424 56.71 1.64 -11.87
C CYS I 424 57.39 2.34 -10.70
N GLU I 425 57.11 3.63 -10.51
CA GLU I 425 57.65 4.35 -9.35
C GLU I 425 57.13 3.76 -8.05
N SER I 426 55.84 3.41 -8.00
CA SER I 426 55.30 2.78 -6.81
C SER I 426 55.84 1.37 -6.63
N ALA I 427 56.06 0.64 -7.72
CA ALA I 427 56.62 -0.70 -7.63
C ALA I 427 58.10 -0.70 -7.32
N SER I 428 58.78 0.44 -7.46
CA SER I 428 60.17 0.53 -7.05
C SER I 428 60.32 0.44 -5.54
N VAL I 429 59.31 0.90 -4.79
CA VAL I 429 59.29 0.71 -3.35
C VAL I 429 59.17 -0.77 -3.03
N MET I 430 58.36 -1.49 -3.79
CA MET I 430 58.38 -2.95 -3.75
C MET I 430 59.72 -3.45 -4.27
N ALA I 431 60.08 -4.67 -3.85
CA ALA I 431 61.39 -5.28 -4.06
C ALA I 431 62.52 -4.44 -3.45
N ALA I 432 62.19 -3.57 -2.49
CA ALA I 432 63.18 -2.81 -1.76
C ALA I 432 62.92 -3.01 -0.27
N THR I 433 61.64 -3.14 0.09
CA THR I 433 61.30 -3.57 1.44
C THR I 433 61.80 -4.99 1.70
N LEU I 434 61.63 -5.88 0.72
CA LEU I 434 62.17 -7.22 0.83
C LEU I 434 63.62 -7.32 0.38
N ALA I 435 64.16 -6.27 -0.25
CA ALA I 435 65.61 -6.19 -0.40
C ALA I 435 66.27 -5.81 0.91
N ASN I 436 65.56 -5.10 1.78
CA ASN I 436 66.01 -4.81 3.12
C ASN I 436 65.68 -5.99 4.03
N GLY I 437 65.85 -5.81 5.33
CA GLY I 437 65.50 -6.86 6.29
C GLY I 437 64.05 -6.80 6.71
N GLY I 438 63.14 -6.71 5.74
CA GLY I 438 61.73 -6.59 6.02
C GLY I 438 61.25 -5.20 6.37
N PHE I 439 62.13 -4.21 6.34
CA PHE I 439 61.77 -2.84 6.67
C PHE I 439 61.60 -2.04 5.39
N CYS I 440 60.63 -1.13 5.40
CA CYS I 440 60.37 -0.28 4.26
C CYS I 440 61.54 0.68 4.05
N PRO I 441 62.05 0.82 2.82
CA PRO I 441 63.18 1.74 2.59
C PRO I 441 62.81 3.20 2.79
N ILE I 442 61.54 3.55 2.73
CA ILE I 442 61.09 4.93 2.84
C ILE I 442 60.66 5.28 4.26
N THR I 443 59.80 4.46 4.86
CA THR I 443 59.29 4.74 6.19
C THR I 443 60.13 4.14 7.30
N GLY I 444 60.88 3.06 7.03
CA GLY I 444 61.67 2.43 8.06
C GLY I 444 60.87 1.68 9.10
N GLU I 445 59.63 1.29 8.76
CA GLU I 445 58.75 0.61 9.70
C GLU I 445 58.90 -0.90 9.58
N ARG I 446 58.54 -1.59 10.66
CA ARG I 446 58.53 -3.05 10.65
C ARG I 446 57.36 -3.55 9.83
N VAL I 447 57.64 -4.28 8.76
CA VAL I 447 56.59 -4.80 7.89
C VAL I 447 56.62 -6.32 7.90
N LEU I 448 57.70 -6.92 7.42
CA LEU I 448 57.80 -8.34 7.25
C LEU I 448 58.87 -8.93 8.15
N SER I 449 58.62 -10.15 8.62
CA SER I 449 59.63 -10.88 9.38
C SER I 449 60.81 -11.23 8.48
N PRO I 450 62.03 -11.22 9.03
CA PRO I 450 63.20 -11.59 8.22
C PRO I 450 63.15 -13.02 7.69
N GLU I 451 62.52 -13.94 8.41
CA GLU I 451 62.37 -15.31 7.92
C GLU I 451 61.51 -15.35 6.67
N ALA I 452 60.40 -14.61 6.65
CA ALA I 452 59.53 -14.57 5.48
C ALA I 452 60.25 -13.95 4.29
N VAL I 453 61.00 -12.88 4.53
CA VAL I 453 61.75 -12.23 3.47
C VAL I 453 62.80 -13.18 2.88
N ARG I 454 63.53 -13.88 3.75
CA ARG I 454 64.53 -14.83 3.28
C ARG I 454 63.90 -15.97 2.50
N ASN I 455 62.75 -16.47 2.98
CA ASN I 455 62.08 -17.57 2.28
C ASN I 455 61.57 -17.15 0.91
N THR I 456 60.95 -15.98 0.81
CA THR I 456 60.43 -15.56 -0.48
C THR I 456 61.56 -15.17 -1.44
N LEU I 457 62.67 -14.64 -0.91
CA LEU I 457 63.82 -14.36 -1.75
C LEU I 457 64.43 -15.64 -2.31
N SER I 458 64.55 -16.67 -1.47
CA SER I 458 65.09 -17.95 -1.93
C SER I 458 64.17 -18.60 -2.95
N LEU I 459 62.86 -18.55 -2.72
CA LEU I 459 61.91 -19.16 -3.66
C LEU I 459 61.90 -18.41 -4.99
N MET I 460 61.96 -17.08 -4.96
CA MET I 460 61.97 -16.30 -6.19
C MET I 460 63.29 -16.47 -6.94
N HIS I 461 64.38 -16.66 -6.21
CA HIS I 461 65.65 -16.96 -6.86
C HIS I 461 65.63 -18.34 -7.50
N SER I 462 64.94 -19.29 -6.86
CA SER I 462 64.92 -20.66 -7.37
C SER I 462 64.02 -20.79 -8.60
N CYS I 463 62.74 -20.45 -8.45
CA CYS I 463 61.76 -20.69 -9.51
C CYS I 463 60.85 -19.48 -9.71
N GLY I 464 61.44 -18.29 -9.73
CA GLY I 464 60.64 -17.09 -9.92
C GLY I 464 60.60 -16.59 -11.34
N MET I 465 61.05 -17.42 -12.29
CA MET I 465 61.07 -16.99 -13.69
C MET I 465 60.58 -18.07 -14.63
N TRP I 466 59.74 -18.98 -14.15
CA TRP I 466 59.16 -20.12 -14.91
C TRP I 466 60.33 -20.96 -15.46
N ASP I 467 60.28 -21.38 -16.72
CA ASP I 467 61.36 -22.18 -17.29
C ASP I 467 62.62 -21.38 -17.56
N PHE I 468 62.56 -20.05 -17.49
CA PHE I 468 63.74 -19.23 -17.68
C PHE I 468 64.51 -18.99 -16.39
N SER I 469 64.10 -19.64 -15.29
CA SER I 469 64.77 -19.43 -14.00
C SER I 469 66.20 -19.92 -14.02
N GLY I 470 66.43 -21.08 -14.66
CA GLY I 470 67.79 -21.61 -14.74
C GLY I 470 68.70 -20.71 -15.56
N GLN I 471 68.22 -20.21 -16.70
CA GLN I 471 69.02 -19.31 -17.52
C GLN I 471 69.26 -17.98 -16.82
N PHE I 472 68.26 -17.49 -16.07
CA PHE I 472 68.43 -16.25 -15.33
C PHE I 472 69.45 -16.40 -14.22
N ALA I 473 69.43 -17.54 -13.51
CA ALA I 473 70.44 -17.78 -12.49
C ALA I 473 71.82 -18.01 -13.11
N PHE I 474 71.86 -18.56 -14.32
CA PHE I 474 73.15 -18.80 -14.99
C PHE I 474 73.77 -17.48 -15.44
N HIS I 475 72.99 -16.60 -16.05
CA HIS I 475 73.54 -15.35 -16.59
C HIS I 475 73.47 -14.21 -15.58
N VAL I 476 72.27 -13.87 -15.12
CA VAL I 476 72.12 -12.75 -14.20
C VAL I 476 72.43 -13.17 -12.77
N GLY I 477 71.82 -14.26 -12.31
CA GLY I 477 72.02 -14.72 -10.95
C GLY I 477 71.44 -13.80 -9.89
N LEU I 478 70.27 -13.24 -10.14
CA LEU I 478 69.59 -12.38 -9.17
C LEU I 478 68.12 -12.78 -9.08
N PRO I 479 67.52 -12.63 -7.90
CA PRO I 479 66.10 -12.97 -7.76
C PRO I 479 65.21 -11.98 -8.49
N ALA I 480 64.26 -12.51 -9.25
CA ALA I 480 63.35 -11.67 -10.03
C ALA I 480 62.05 -12.44 -10.28
N LYS I 481 60.97 -11.69 -10.47
CA LYS I 481 59.65 -12.25 -10.73
C LYS I 481 59.05 -11.56 -11.94
N SER I 482 58.41 -12.33 -12.80
CA SER I 482 57.86 -11.82 -14.06
C SER I 482 56.34 -12.02 -14.09
N GLY I 483 55.74 -11.61 -15.20
CA GLY I 483 54.30 -11.74 -15.37
C GLY I 483 53.93 -11.31 -16.77
N VAL I 484 52.65 -11.56 -17.11
CA VAL I 484 52.15 -11.20 -18.44
C VAL I 484 51.98 -9.71 -18.63
N ALA I 485 51.98 -8.92 -17.55
CA ALA I 485 51.87 -7.48 -17.67
C ALA I 485 53.17 -6.81 -18.05
N GLY I 486 54.27 -7.57 -18.14
CA GLY I 486 55.56 -7.02 -18.49
C GLY I 486 56.39 -6.53 -17.34
N GLY I 487 55.86 -6.57 -16.11
CA GLY I 487 56.63 -6.12 -14.97
C GLY I 487 57.64 -7.17 -14.52
N ILE I 488 58.83 -6.70 -14.17
CA ILE I 488 59.90 -7.55 -13.65
C ILE I 488 60.29 -7.02 -12.28
N LEU I 489 60.19 -7.88 -11.28
CA LEU I 489 60.49 -7.49 -9.90
C LEU I 489 61.91 -7.93 -9.55
N LEU I 490 62.88 -7.25 -10.18
CA LEU I 490 64.27 -7.58 -9.98
C LEU I 490 64.74 -7.08 -8.61
N VAL I 491 65.36 -7.97 -7.84
CA VAL I 491 65.81 -7.68 -6.48
C VAL I 491 67.30 -7.91 -6.39
N VAL I 492 68.02 -6.95 -5.84
CA VAL I 492 69.40 -7.11 -5.40
C VAL I 492 69.40 -7.11 -3.88
N PRO I 493 69.85 -8.17 -3.22
CA PRO I 493 69.69 -8.26 -1.76
C PRO I 493 70.60 -7.28 -1.03
N ASN I 494 70.02 -6.56 -0.07
CA ASN I 494 70.70 -5.61 0.81
C ASN I 494 71.34 -4.44 0.05
N VAL I 495 70.98 -4.23 -1.21
CA VAL I 495 71.56 -3.11 -1.96
C VAL I 495 70.47 -2.18 -2.48
N MET I 496 69.62 -2.69 -3.37
CA MET I 496 68.69 -1.85 -4.11
C MET I 496 67.68 -2.73 -4.85
N GLY I 497 66.56 -2.11 -5.24
CA GLY I 497 65.52 -2.82 -5.96
C GLY I 497 65.13 -2.07 -7.21
N MET I 498 64.51 -2.80 -8.14
CA MET I 498 64.19 -2.27 -9.46
C MET I 498 62.80 -2.71 -9.90
N MET I 499 62.38 -2.20 -11.04
CA MET I 499 61.13 -2.59 -11.69
C MET I 499 61.22 -2.18 -13.15
N CYS I 500 61.06 -3.16 -14.05
CA CYS I 500 61.11 -2.92 -15.49
C CYS I 500 59.78 -3.32 -16.10
N TRP I 501 59.23 -2.46 -16.95
CA TRP I 501 57.91 -2.68 -17.55
C TRP I 501 58.04 -2.66 -19.06
N SER I 502 57.59 -3.73 -19.70
CA SER I 502 57.64 -3.85 -21.16
C SER I 502 56.50 -4.76 -21.60
N PRO I 503 55.43 -4.20 -22.16
CA PRO I 503 54.27 -5.02 -22.57
C PRO I 503 54.58 -6.06 -23.63
N PRO I 504 55.55 -5.85 -24.55
CA PRO I 504 55.98 -6.99 -25.37
C PRO I 504 56.56 -8.12 -24.53
N LEU I 505 56.30 -9.34 -24.96
CA LEU I 505 56.62 -10.54 -24.19
C LEU I 505 57.32 -11.56 -25.06
N ASP I 506 57.95 -12.53 -24.40
CA ASP I 506 58.50 -13.68 -25.11
C ASP I 506 57.39 -14.70 -25.36
N LYS I 507 57.76 -15.78 -26.07
CA LYS I 507 56.82 -16.87 -26.30
C LYS I 507 56.55 -17.68 -25.03
N MET I 508 57.36 -17.49 -23.99
CA MET I 508 57.27 -18.27 -22.77
C MET I 508 56.60 -17.51 -21.63
N GLY I 509 56.54 -16.18 -21.70
CA GLY I 509 55.84 -15.41 -20.70
C GLY I 509 56.69 -14.41 -19.94
N ASN I 510 57.73 -13.90 -20.59
CA ASN I 510 58.62 -12.92 -20.00
C ASN I 510 58.85 -11.78 -20.98
N SER I 511 59.11 -10.59 -20.44
CA SER I 511 59.39 -9.43 -21.28
C SER I 511 60.81 -9.50 -21.82
N VAL I 512 60.93 -9.36 -23.15
CA VAL I 512 62.24 -9.46 -23.79
C VAL I 512 63.11 -8.27 -23.42
N LYS I 513 62.51 -7.07 -23.40
CA LYS I 513 63.27 -5.86 -23.08
C LYS I 513 63.81 -5.91 -21.66
N GLY I 514 63.01 -6.41 -20.71
CA GLY I 514 63.48 -6.52 -19.34
C GLY I 514 64.61 -7.53 -19.19
N ILE I 515 64.53 -8.64 -19.92
CA ILE I 515 65.59 -9.65 -19.86
C ILE I 515 66.88 -9.09 -20.44
N HIS I 516 66.79 -8.40 -21.59
CA HIS I 516 67.99 -7.80 -22.18
C HIS I 516 68.55 -6.71 -21.28
N PHE I 517 67.69 -5.95 -20.62
CA PHE I 517 68.15 -4.92 -19.69
C PHE I 517 68.86 -5.54 -18.49
N CYS I 518 68.33 -6.66 -17.97
CA CYS I 518 68.99 -7.35 -16.87
C CYS I 518 70.34 -7.91 -17.29
N HIS I 519 70.43 -8.45 -18.51
CA HIS I 519 71.71 -8.93 -19.01
C HIS I 519 72.73 -7.81 -19.13
N ASP I 520 72.29 -6.66 -19.66
CA ASP I 520 73.20 -5.52 -19.77
C ASP I 520 73.62 -5.00 -18.40
N LEU I 521 72.69 -5.01 -17.43
CA LEU I 521 73.00 -4.54 -16.09
C LEU I 521 74.01 -5.45 -15.39
N VAL I 522 73.83 -6.77 -15.51
CA VAL I 522 74.79 -7.68 -14.88
C VAL I 522 76.12 -7.68 -15.63
N SER I 523 76.11 -7.34 -16.93
CA SER I 523 77.36 -7.21 -17.65
C SER I 523 78.11 -5.93 -17.28
N LEU I 524 77.38 -4.86 -16.95
CA LEU I 524 78.05 -3.59 -16.63
C LEU I 524 78.69 -3.64 -15.25
N CYS I 525 77.89 -3.88 -14.22
CA CYS I 525 78.43 -4.04 -12.87
C CYS I 525 78.30 -5.49 -12.39
N LEU J 139 112.43 -9.81 8.45
CA LEU J 139 111.62 -9.55 9.64
C LEU J 139 110.92 -10.82 10.10
N GLU J 140 111.20 -11.93 9.41
CA GLU J 140 110.56 -13.19 9.77
C GLU J 140 111.10 -13.75 11.07
N ASP J 141 112.31 -13.34 11.48
CA ASP J 141 112.88 -13.82 12.73
C ASP J 141 112.12 -13.28 13.94
N LEU J 142 111.73 -11.99 13.89
CA LEU J 142 110.97 -11.41 14.99
C LEU J 142 109.57 -12.03 15.06
N LEU J 143 108.96 -12.29 13.90
CA LEU J 143 107.65 -12.96 13.88
C LEU J 143 107.77 -14.38 14.42
N PHE J 144 108.86 -15.08 14.10
CA PHE J 144 109.07 -16.42 14.64
C PHE J 144 109.28 -16.39 16.15
N TYR J 145 110.00 -15.37 16.64
CA TYR J 145 110.17 -15.20 18.08
C TYR J 145 108.84 -14.92 18.76
N THR J 146 107.96 -14.17 18.08
CA THR J 146 106.59 -13.99 18.57
C THR J 146 105.84 -15.31 18.60
N ILE J 147 106.03 -16.14 17.57
CA ILE J 147 105.45 -17.49 17.56
C ILE J 147 106.04 -18.33 18.68
N ALA J 148 107.36 -18.28 18.86
CA ALA J 148 108.03 -19.06 19.87
C ALA J 148 107.71 -18.54 21.26
N GLU J 149 108.08 -19.31 22.27
CA GLU J 149 107.77 -18.99 23.66
C GLU J 149 108.72 -17.98 24.27
N GLY J 150 109.77 -17.58 23.55
CA GLY J 150 110.68 -16.56 24.01
C GLY J 150 112.09 -17.03 24.32
N GLN J 151 112.39 -18.29 24.10
CA GLN J 151 113.73 -18.81 24.37
C GLN J 151 114.47 -19.07 23.06
N GLU J 152 115.80 -19.09 23.17
CA GLU J 152 116.64 -19.31 21.99
C GLU J 152 116.56 -20.75 21.51
N LYS J 153 116.57 -21.71 22.42
CA LYS J 153 116.56 -23.13 22.09
C LYS J 153 115.12 -23.60 21.93
N ILE J 154 114.70 -23.79 20.69
CA ILE J 154 113.34 -24.22 20.36
C ILE J 154 113.39 -25.69 19.98
N PRO J 155 112.75 -26.58 20.73
CA PRO J 155 112.71 -27.99 20.33
C PRO J 155 111.77 -28.20 19.16
N VAL J 156 112.03 -29.30 18.42
CA VAL J 156 111.20 -29.65 17.28
C VAL J 156 109.80 -30.09 17.73
N HIS J 157 109.69 -30.64 18.94
CA HIS J 157 108.39 -31.07 19.45
C HIS J 157 107.45 -29.89 19.65
N LYS J 158 107.97 -28.76 20.13
CA LYS J 158 107.15 -27.57 20.23
C LYS J 158 106.91 -26.93 18.87
N PHE J 159 107.81 -27.15 17.92
CA PHE J 159 107.61 -26.62 16.57
C PHE J 159 106.47 -27.32 15.85
N ILE J 160 106.44 -28.66 15.93
CA ILE J 160 105.33 -29.40 15.32
C ILE J 160 104.05 -29.22 16.14
N THR J 161 104.17 -28.83 17.40
CA THR J 161 103.00 -28.44 18.18
C THR J 161 102.42 -27.15 17.61
N ALA J 162 101.09 -27.05 17.61
CA ALA J 162 100.27 -25.94 17.12
C ALA J 162 100.33 -25.78 15.59
N LEU J 163 101.09 -26.61 14.87
CA LEU J 163 100.98 -26.63 13.42
C LEU J 163 99.66 -27.27 13.00
N LYS J 164 99.26 -28.34 13.67
CA LYS J 164 97.95 -28.93 13.44
C LYS J 164 96.83 -28.06 13.97
N SER J 165 97.12 -27.18 14.95
CA SER J 165 96.13 -26.21 15.38
C SER J 165 95.86 -25.18 14.29
N THR J 166 96.88 -24.85 13.49
CA THR J 166 96.66 -24.01 12.31
C THR J 166 96.05 -24.78 11.16
N GLY J 167 96.01 -26.11 11.23
CA GLY J 167 95.39 -26.93 10.22
C GLY J 167 96.19 -27.15 8.97
N LEU J 168 97.45 -26.72 8.94
CA LEU J 168 98.32 -26.93 7.78
C LEU J 168 99.06 -28.24 7.96
N ARG J 169 98.78 -29.20 7.10
CA ARG J 169 99.40 -30.52 7.20
C ARG J 169 100.82 -30.49 6.64
N THR J 170 101.61 -31.49 7.04
CA THR J 170 102.99 -31.59 6.62
C THR J 170 103.16 -32.21 5.24
N SER J 171 102.08 -32.67 4.62
CA SER J 171 102.14 -33.33 3.32
C SER J 171 101.97 -32.34 2.17
N ASP J 172 101.95 -31.05 2.44
CA ASP J 172 101.80 -30.04 1.39
C ASP J 172 103.08 -29.97 0.56
N PRO J 173 102.99 -30.16 -0.76
CA PRO J 173 104.20 -30.04 -1.60
C PRO J 173 104.76 -28.62 -1.66
N ARG J 174 103.96 -27.61 -1.30
CA ARG J 174 104.48 -26.24 -1.26
C ARG J 174 105.55 -26.09 -0.19
N LEU J 175 105.37 -26.76 0.95
CA LEU J 175 106.33 -26.70 2.05
C LEU J 175 107.36 -27.84 1.95
N LYS J 176 107.95 -27.95 0.75
CA LYS J 176 109.09 -28.83 0.54
C LYS J 176 110.28 -28.42 1.39
N GLU J 177 110.40 -27.12 1.69
CA GLU J 177 111.41 -26.62 2.60
C GLU J 177 111.32 -27.24 3.99
N CYS J 178 110.11 -27.60 4.44
CA CYS J 178 109.98 -28.28 5.73
C CYS J 178 110.66 -29.64 5.72
N MET J 179 110.46 -30.41 4.63
CA MET J 179 111.15 -31.69 4.51
C MET J 179 112.65 -31.50 4.34
N ASP J 180 113.07 -30.44 3.63
CA ASP J 180 114.50 -30.15 3.51
C ASP J 180 115.12 -29.84 4.87
N MET J 181 114.42 -29.06 5.69
CA MET J 181 114.89 -28.77 7.05
C MET J 181 114.90 -30.04 7.91
N LEU J 182 113.91 -30.92 7.72
CA LEU J 182 113.89 -32.18 8.45
C LEU J 182 115.11 -33.03 8.12
N ARG J 183 115.42 -33.17 6.83
CA ARG J 183 116.61 -33.93 6.45
C ARG J 183 117.89 -33.24 6.88
N LEU J 184 117.89 -31.91 6.96
CA LEU J 184 119.10 -31.20 7.38
C LEU J 184 119.33 -31.31 8.88
N THR J 185 118.26 -31.37 9.67
CA THR J 185 118.40 -31.30 11.13
C THR J 185 118.29 -32.65 11.83
N LEU J 186 117.73 -33.67 11.18
CA LEU J 186 117.62 -34.98 11.84
C LEU J 186 118.97 -35.68 11.88
N GLN J 187 119.86 -35.37 10.94
CA GLN J 187 121.16 -36.04 10.87
C GLN J 187 122.26 -35.25 11.57
N THR J 188 122.34 -33.93 11.33
CA THR J 188 123.40 -33.09 11.87
C THR J 188 122.78 -31.89 12.57
N THR J 189 122.64 -31.98 13.89
CA THR J 189 122.20 -30.84 14.69
C THR J 189 123.13 -30.64 15.89
N SER J 190 123.79 -31.71 16.32
CA SER J 190 124.82 -31.72 17.37
C SER J 190 124.34 -31.19 18.72
N ASP J 191 123.04 -31.03 18.92
CA ASP J 191 122.53 -30.53 20.19
C ASP J 191 121.41 -31.39 20.75
N GLY J 192 120.60 -31.98 19.89
CA GLY J 192 119.50 -32.81 20.31
C GLY J 192 118.14 -32.14 20.16
N VAL J 193 117.52 -32.34 18.99
CA VAL J 193 116.19 -31.81 18.65
C VAL J 193 115.99 -30.29 18.81
N MET J 194 116.98 -29.52 18.41
CA MET J 194 116.90 -28.06 18.50
C MET J 194 116.65 -27.42 17.13
N LEU J 195 115.79 -26.41 17.10
CA LEU J 195 115.48 -25.72 15.86
C LEU J 195 116.34 -24.48 15.63
N ASP J 196 116.54 -23.66 16.67
CA ASP J 196 117.41 -22.49 16.72
C ASP J 196 116.90 -21.34 15.86
N LYS J 197 117.13 -20.10 16.31
CA LYS J 197 116.62 -18.94 15.60
C LYS J 197 117.38 -18.69 14.30
N ASP J 198 118.70 -18.89 14.31
CA ASP J 198 119.50 -18.61 13.12
C ASP J 198 119.21 -19.61 12.00
N LEU J 199 118.93 -20.87 12.36
CA LEU J 199 118.57 -21.85 11.35
C LEU J 199 117.24 -21.51 10.70
N PHE J 200 116.29 -20.96 11.48
CA PHE J 200 115.05 -20.51 10.89
C PHE J 200 115.25 -19.24 10.06
N LYS J 201 116.23 -18.42 10.43
CA LYS J 201 116.58 -17.26 9.61
C LYS J 201 117.10 -17.70 8.24
N LYS J 202 117.98 -18.70 8.21
CA LYS J 202 118.64 -19.08 6.97
C LYS J 202 117.86 -20.13 6.18
N CYS J 203 116.85 -20.77 6.78
CA CYS J 203 116.24 -21.93 6.13
C CYS J 203 115.14 -21.52 5.15
N VAL J 204 114.14 -20.77 5.61
CA VAL J 204 113.04 -20.38 4.75
C VAL J 204 113.50 -19.26 3.83
N GLN J 205 113.36 -19.46 2.52
CA GLN J 205 113.76 -18.48 1.53
C GLN J 205 112.65 -18.06 0.58
N SER J 206 111.64 -18.90 0.35
CA SER J 206 110.54 -18.55 -0.52
C SER J 206 109.17 -18.86 0.09
N ASN J 207 109.10 -19.46 1.28
CA ASN J 207 107.85 -19.77 1.93
C ASN J 207 107.55 -18.83 3.09
N ILE J 208 108.07 -17.59 3.04
CA ILE J 208 107.80 -16.61 4.08
C ILE J 208 106.32 -16.24 4.10
N VAL J 209 105.75 -16.01 2.91
CA VAL J 209 104.39 -15.47 2.81
C VAL J 209 103.38 -16.46 3.37
N LEU J 210 103.47 -17.73 2.98
CA LEU J 210 102.51 -18.73 3.44
C LEU J 210 102.61 -18.96 4.94
N LEU J 211 103.84 -19.02 5.47
CA LEU J 211 104.02 -19.23 6.90
C LEU J 211 103.52 -18.04 7.71
N THR J 212 103.76 -16.82 7.22
CA THR J 212 103.27 -15.64 7.94
C THR J 212 101.76 -15.51 7.85
N GLN J 213 101.15 -15.92 6.73
CA GLN J 213 99.70 -15.94 6.65
C GLN J 213 99.11 -17.00 7.57
N ALA J 214 99.80 -18.13 7.73
CA ALA J 214 99.30 -19.19 8.60
C ALA J 214 99.41 -18.81 10.08
N PHE J 215 100.55 -18.24 10.48
CA PHE J 215 100.82 -18.05 11.89
C PHE J 215 100.26 -16.75 12.47
N ARG J 216 99.93 -15.77 11.62
CA ARG J 216 99.31 -14.54 12.09
C ARG J 216 97.79 -14.59 12.00
N ARG J 217 97.23 -15.79 11.83
CA ARG J 217 95.78 -16.01 11.72
C ARG J 217 95.17 -15.21 10.57
N LYS J 218 95.90 -15.13 9.46
CA LYS J 218 95.40 -14.46 8.27
C LYS J 218 94.58 -15.38 7.37
N PHE J 219 94.41 -16.64 7.74
CA PHE J 219 93.57 -17.55 6.99
C PHE J 219 92.10 -17.18 7.16
N VAL J 220 91.27 -17.75 6.28
CA VAL J 220 89.84 -17.43 6.27
C VAL J 220 89.14 -17.98 7.51
N ILE J 221 89.65 -19.07 8.07
CA ILE J 221 89.01 -19.69 9.23
C ILE J 221 89.96 -19.63 10.43
N PRO J 222 89.77 -18.70 11.35
CA PRO J 222 90.50 -18.72 12.62
C PRO J 222 89.83 -19.70 13.59
N ASP J 223 90.35 -19.72 14.82
CA ASP J 223 89.93 -20.57 15.95
C ASP J 223 89.55 -21.99 15.49
N PHE J 224 90.53 -22.63 14.86
CA PHE J 224 90.34 -23.92 14.21
C PHE J 224 89.98 -25.04 15.18
N MET J 225 90.39 -24.93 16.44
CA MET J 225 89.98 -25.91 17.44
C MET J 225 88.48 -25.88 17.68
N SER J 226 87.90 -24.67 17.74
CA SER J 226 86.45 -24.56 17.88
C SER J 226 85.74 -25.08 16.64
N PHE J 227 86.33 -24.88 15.46
CA PHE J 227 85.75 -25.41 14.23
C PHE J 227 85.74 -26.93 14.23
N THR J 228 86.84 -27.54 14.69
CA THR J 228 86.88 -29.00 14.78
C THR J 228 85.92 -29.52 15.85
N SER J 229 85.76 -28.77 16.95
CA SER J 229 84.78 -29.16 17.97
C SER J 229 83.36 -29.11 17.42
N HIS J 230 83.05 -28.07 16.63
CA HIS J 230 81.74 -27.99 15.99
C HIS J 230 81.53 -29.14 15.01
N ILE J 231 82.58 -29.49 14.25
CA ILE J 231 82.50 -30.61 13.31
C ILE J 231 82.25 -31.91 14.04
N ASP J 232 82.95 -32.13 15.16
CA ASP J 232 82.75 -33.34 15.95
C ASP J 232 81.36 -33.41 16.55
N GLU J 233 80.85 -32.27 17.03
CA GLU J 233 79.49 -32.23 17.57
C GLU J 233 78.45 -32.55 16.50
N LEU J 234 78.64 -32.00 15.30
CA LEU J 234 77.72 -32.31 14.20
C LEU J 234 77.83 -33.76 13.77
N TYR J 235 79.04 -34.32 13.82
CA TYR J 235 79.23 -35.74 13.52
C TYR J 235 78.48 -36.61 14.51
N GLU J 236 78.58 -36.28 15.81
CA GLU J 236 77.87 -37.04 16.83
C GLU J 236 76.36 -36.89 16.68
N SER J 237 75.89 -35.69 16.32
CA SER J 237 74.46 -35.49 16.10
C SER J 237 73.96 -36.27 14.89
N ALA J 238 74.73 -36.29 13.82
CA ALA J 238 74.32 -36.99 12.60
C ALA J 238 74.45 -38.50 12.72
N LYS J 239 75.28 -39.00 13.64
CA LYS J 239 75.39 -40.44 13.83
C LYS J 239 74.13 -41.05 14.45
N LYS J 240 73.22 -40.25 15.01
CA LYS J 240 72.01 -40.78 15.61
C LYS J 240 71.01 -41.27 14.57
N GLN J 241 70.97 -40.63 13.40
CA GLN J 241 70.01 -41.01 12.38
C GLN J 241 70.41 -42.34 11.74
N SER J 242 69.41 -43.02 11.17
CA SER J 242 69.60 -44.34 10.57
C SER J 242 69.41 -44.32 9.06
N GLY J 243 68.26 -43.85 8.58
CA GLY J 243 68.03 -43.84 7.14
C GLY J 243 67.73 -45.24 6.63
N GLY J 244 68.32 -45.58 5.49
CA GLY J 244 68.13 -46.89 4.89
C GLY J 244 68.32 -46.81 3.40
N LYS J 245 68.00 -47.93 2.73
CA LYS J 245 68.00 -48.07 1.28
C LYS J 245 69.38 -47.75 0.70
N VAL J 246 70.34 -48.62 1.03
CA VAL J 246 71.73 -48.36 0.69
C VAL J 246 71.96 -48.42 -0.82
N ALA J 247 71.38 -49.43 -1.50
CA ALA J 247 71.58 -49.60 -2.94
C ALA J 247 70.57 -50.61 -3.45
N ASP J 248 69.86 -50.25 -4.52
CA ASP J 248 68.96 -51.20 -5.17
C ASP J 248 69.64 -51.88 -6.36
N TYR J 249 70.09 -51.09 -7.33
CA TYR J 249 70.83 -51.60 -8.47
C TYR J 249 72.33 -51.39 -8.24
N ILE J 250 73.13 -51.75 -9.24
CA ILE J 250 74.59 -51.86 -9.14
C ILE J 250 74.94 -52.73 -7.94
N PRO J 251 74.81 -54.05 -8.05
CA PRO J 251 75.01 -54.92 -6.87
C PRO J 251 76.42 -54.88 -6.28
N GLN J 252 77.41 -54.40 -7.04
CA GLN J 252 78.73 -54.15 -6.46
C GLN J 252 78.66 -53.05 -5.41
N LEU J 253 77.84 -52.02 -5.65
CA LEU J 253 77.69 -50.94 -4.69
C LEU J 253 76.93 -51.35 -3.44
N ALA J 254 76.18 -52.45 -3.49
CA ALA J 254 75.41 -52.91 -2.34
C ALA J 254 76.26 -53.55 -1.27
N LYS J 255 77.54 -53.81 -1.53
CA LYS J 255 78.40 -54.47 -0.56
C LYS J 255 78.87 -53.55 0.55
N PHE J 256 78.64 -52.25 0.44
CA PHE J 256 79.08 -51.32 1.47
C PHE J 256 78.20 -51.43 2.71
N SER J 257 78.81 -51.23 3.87
CA SER J 257 78.09 -51.35 5.13
C SER J 257 77.16 -50.15 5.32
N PRO J 258 75.96 -50.37 5.86
CA PRO J 258 75.02 -49.25 6.04
C PRO J 258 75.42 -48.27 7.13
N ASP J 259 76.22 -48.69 8.11
CA ASP J 259 76.64 -47.82 9.19
C ASP J 259 77.92 -47.05 8.87
N LEU J 260 78.43 -47.18 7.65
CA LEU J 260 79.62 -46.44 7.24
C LEU J 260 79.29 -44.95 7.15
N TRP J 261 80.13 -44.11 7.74
CA TRP J 261 79.83 -42.67 7.81
C TRP J 261 81.10 -41.90 8.11
N GLY J 262 81.31 -40.79 7.39
CA GLY J 262 82.45 -39.93 7.61
C GLY J 262 82.30 -38.64 6.85
N VAL J 263 83.25 -37.72 7.11
CA VAL J 263 83.22 -36.39 6.52
C VAL J 263 84.64 -35.85 6.47
N SER J 264 84.94 -35.05 5.45
CA SER J 264 86.24 -34.42 5.29
C SER J 264 86.05 -32.95 4.93
N VAL J 265 86.98 -32.11 5.40
CA VAL J 265 86.90 -30.67 5.25
C VAL J 265 88.24 -30.16 4.73
N CYS J 266 88.22 -29.33 3.69
CA CYS J 266 89.40 -28.62 3.22
C CYS J 266 89.01 -27.22 2.79
N THR J 267 89.84 -26.24 3.14
CA THR J 267 89.55 -24.84 2.86
C THR J 267 90.31 -24.36 1.63
N VAL J 268 90.08 -23.09 1.29
CA VAL J 268 90.72 -22.50 0.12
C VAL J 268 92.22 -22.29 0.37
N ASP J 269 92.58 -21.86 1.58
CA ASP J 269 93.99 -21.59 1.89
C ASP J 269 94.81 -22.87 1.95
N GLY J 270 94.21 -23.99 2.34
CA GLY J 270 94.94 -25.23 2.48
C GLY J 270 94.71 -25.89 3.81
N GLN J 271 93.97 -25.20 4.69
CA GLN J 271 93.59 -25.78 5.97
C GLN J 271 92.64 -26.94 5.76
N ARG J 272 92.86 -28.04 6.48
CA ARG J 272 92.07 -29.23 6.26
C ARG J 272 91.93 -30.02 7.55
N HIS J 273 90.88 -30.84 7.60
CA HIS J 273 90.55 -31.66 8.76
C HIS J 273 89.54 -32.71 8.34
N SER J 274 89.69 -33.93 8.85
CA SER J 274 88.79 -35.02 8.52
C SER J 274 88.58 -35.89 9.76
N THR J 275 87.42 -36.54 9.80
CA THR J 275 87.06 -37.43 10.89
C THR J 275 86.46 -38.72 10.34
N GLY J 276 86.57 -39.79 11.12
CA GLY J 276 85.93 -41.04 10.79
C GLY J 276 86.69 -41.92 9.83
N ASP J 277 86.01 -42.40 8.79
CA ASP J 277 86.51 -43.40 7.85
C ASP J 277 86.91 -42.77 6.52
N THR J 278 87.53 -41.59 6.56
CA THR J 278 87.87 -40.85 5.34
C THR J 278 88.88 -41.56 4.46
N LYS J 279 89.63 -42.52 5.00
CA LYS J 279 90.63 -43.23 4.22
C LYS J 279 90.04 -44.29 3.30
N VAL J 280 88.75 -44.62 3.46
CA VAL J 280 88.11 -45.65 2.64
C VAL J 280 87.75 -45.08 1.28
N PRO J 281 88.24 -45.66 0.18
CA PRO J 281 87.87 -45.17 -1.14
C PRO J 281 86.42 -45.47 -1.47
N PHE J 282 85.83 -44.62 -2.30
CA PHE J 282 84.46 -44.80 -2.76
C PHE J 282 84.32 -44.17 -4.15
N CYS J 283 83.36 -44.66 -4.92
CA CYS J 283 83.20 -44.22 -6.29
C CYS J 283 82.61 -42.81 -6.35
N LEU J 284 82.91 -42.13 -7.46
CA LEU J 284 82.49 -40.75 -7.68
C LEU J 284 81.31 -40.68 -8.65
N GLN J 285 80.35 -41.60 -8.51
CA GLN J 285 79.18 -41.62 -9.36
C GLN J 285 78.35 -40.35 -9.17
N SER J 286 78.13 -39.63 -10.26
CA SER J 286 77.36 -38.38 -10.38
C SER J 286 77.99 -37.20 -9.64
N CYS J 287 79.09 -37.39 -8.93
CA CYS J 287 79.82 -36.27 -8.36
C CYS J 287 80.92 -35.77 -9.29
N VAL J 288 81.12 -36.43 -10.42
CA VAL J 288 82.11 -36.02 -11.42
C VAL J 288 81.48 -35.21 -12.55
N LYS J 289 80.15 -35.21 -12.66
CA LYS J 289 79.48 -34.47 -13.72
C LYS J 289 79.74 -32.97 -13.68
N PRO J 290 79.70 -32.26 -12.54
CA PRO J 290 80.18 -30.86 -12.56
C PRO J 290 81.64 -30.72 -12.96
N LEU J 291 82.49 -31.67 -12.56
CA LEU J 291 83.90 -31.60 -12.93
C LEU J 291 84.09 -31.78 -14.43
N LYS J 292 83.41 -32.76 -15.02
CA LYS J 292 83.54 -32.96 -16.46
C LYS J 292 82.88 -31.82 -17.24
N TYR J 293 81.82 -31.22 -16.69
CA TYR J 293 81.25 -30.03 -17.32
C TYR J 293 82.22 -28.86 -17.29
N ALA J 294 82.93 -28.69 -16.17
CA ALA J 294 83.93 -27.64 -16.08
C ALA J 294 85.07 -27.88 -17.06
N ILE J 295 85.50 -29.14 -17.19
CA ILE J 295 86.56 -29.48 -18.15
C ILE J 295 86.12 -29.16 -19.57
N ALA J 296 84.88 -29.56 -19.91
CA ALA J 296 84.36 -29.32 -21.26
C ALA J 296 84.24 -27.83 -21.55
N VAL J 297 83.76 -27.05 -20.58
CA VAL J 297 83.64 -25.62 -20.78
C VAL J 297 85.02 -24.98 -20.94
N ASN J 298 85.95 -25.33 -20.05
CA ASN J 298 87.30 -24.78 -20.10
C ASN J 298 88.03 -25.14 -21.39
N ASP J 299 87.67 -26.26 -22.02
CA ASP J 299 88.32 -26.64 -23.25
C ASP J 299 87.60 -26.17 -24.51
N LEU J 300 86.30 -25.88 -24.45
CA LEU J 300 85.55 -25.62 -25.66
C LEU J 300 84.76 -24.31 -25.69
N GLY J 301 84.77 -23.50 -24.64
CA GLY J 301 83.95 -22.30 -24.65
C GLY J 301 82.52 -22.59 -24.25
N THR J 302 81.94 -21.70 -23.44
CA THR J 302 80.62 -21.97 -22.88
C THR J 302 79.52 -21.92 -23.95
N GLU J 303 79.69 -21.08 -24.98
CA GLU J 303 78.69 -21.02 -26.04
C GLU J 303 78.67 -22.31 -26.85
N TYR J 304 79.85 -22.84 -27.18
CA TYR J 304 79.91 -24.11 -27.91
C TYR J 304 79.46 -25.27 -27.03
N VAL J 305 79.71 -25.19 -25.72
CA VAL J 305 79.26 -26.26 -24.83
C VAL J 305 77.73 -26.27 -24.72
N HIS J 306 77.13 -25.09 -24.55
CA HIS J 306 75.68 -24.98 -24.42
C HIS J 306 74.96 -24.89 -25.75
N ARG J 307 75.69 -25.01 -26.87
CA ARG J 307 75.04 -25.17 -28.16
C ARG J 307 74.19 -26.43 -28.22
N TYR J 308 74.62 -27.48 -27.50
CA TYR J 308 73.91 -28.75 -27.52
C TYR J 308 73.16 -29.06 -26.22
N VAL J 309 73.55 -28.44 -25.11
CA VAL J 309 72.98 -28.73 -23.80
C VAL J 309 72.29 -27.48 -23.27
N GLY J 310 71.08 -27.64 -22.75
CA GLY J 310 70.38 -26.54 -22.11
C GLY J 310 70.93 -26.26 -20.73
N LYS J 311 70.35 -25.25 -20.09
CA LYS J 311 70.76 -24.80 -18.77
C LYS J 311 69.56 -24.61 -17.86
N GLU J 312 68.66 -25.57 -17.85
CA GLU J 312 67.42 -25.48 -17.08
C GLU J 312 67.24 -26.74 -16.22
N PRO J 313 66.61 -26.60 -15.06
CA PRO J 313 66.28 -27.79 -14.27
C PRO J 313 65.19 -28.61 -14.94
N SER J 314 65.21 -29.91 -14.68
CA SER J 314 64.25 -30.82 -15.30
C SER J 314 62.99 -31.00 -14.47
N GLY J 315 63.11 -31.01 -13.15
CA GLY J 315 61.96 -31.20 -12.30
C GLY J 315 61.54 -32.65 -12.11
N LEU J 316 62.29 -33.60 -12.64
CA LEU J 316 61.99 -35.02 -12.52
C LEU J 316 63.27 -35.76 -12.15
N ARG J 317 63.16 -37.08 -12.02
CA ARG J 317 64.29 -37.91 -11.66
C ARG J 317 65.31 -37.96 -12.78
N PHE J 318 66.56 -38.28 -12.41
CA PHE J 318 67.63 -38.37 -13.41
C PHE J 318 67.44 -39.55 -14.34
N ASN J 319 66.78 -40.61 -13.90
CA ASN J 319 66.52 -41.76 -14.76
C ASN J 319 65.40 -41.52 -15.75
N LYS J 320 64.66 -40.42 -15.63
CA LYS J 320 63.55 -40.16 -16.52
C LYS J 320 64.05 -39.85 -17.92
N LEU J 321 63.34 -40.36 -18.91
CA LEU J 321 63.74 -40.28 -20.31
C LEU J 321 62.84 -39.25 -21.00
N PHE J 322 63.26 -37.99 -20.96
CA PHE J 322 62.53 -36.91 -21.62
C PHE J 322 63.47 -35.75 -21.84
N LEU J 323 63.14 -34.92 -22.83
CA LEU J 323 63.94 -33.77 -23.21
C LEU J 323 63.10 -32.51 -23.09
N ASN J 324 63.70 -31.38 -23.47
CA ASN J 324 63.02 -30.09 -23.41
C ASN J 324 62.17 -29.91 -24.68
N GLU J 325 61.71 -28.68 -24.89
CA GLU J 325 60.95 -28.37 -26.09
C GLU J 325 61.80 -28.40 -27.36
N ASP J 326 63.12 -28.28 -27.22
CA ASP J 326 64.03 -28.24 -28.36
C ASP J 326 64.75 -29.56 -28.57
N ASP J 327 64.27 -30.65 -27.97
CA ASP J 327 64.85 -31.99 -28.08
C ASP J 327 66.31 -32.00 -27.64
N LYS J 328 66.58 -31.39 -26.50
CA LYS J 328 67.90 -31.34 -25.90
C LYS J 328 67.81 -31.72 -24.43
N PRO J 329 68.89 -32.22 -23.84
CA PRO J 329 68.90 -32.44 -22.39
C PRO J 329 68.75 -31.12 -21.64
N HIS J 330 68.07 -31.20 -20.49
CA HIS J 330 67.75 -30.00 -19.74
C HIS J 330 68.98 -29.36 -19.12
N ASN J 331 69.90 -30.16 -18.61
CA ASN J 331 71.08 -29.66 -17.92
C ASN J 331 72.14 -30.75 -17.93
N PRO J 332 73.42 -30.39 -17.79
CA PRO J 332 74.47 -31.42 -17.73
C PRO J 332 74.43 -32.27 -16.47
N MET J 333 73.65 -31.89 -15.45
CA MET J 333 73.64 -32.65 -14.21
C MET J 333 72.92 -33.99 -14.37
N VAL J 334 71.88 -34.05 -15.20
CA VAL J 334 71.16 -35.30 -15.42
C VAL J 334 71.97 -36.19 -16.36
N ASN J 335 71.54 -37.45 -16.49
CA ASN J 335 72.33 -38.44 -17.22
C ASN J 335 72.45 -38.10 -18.70
N ALA J 336 71.37 -37.59 -19.31
CA ALA J 336 71.42 -37.23 -20.72
C ALA J 336 72.41 -36.10 -20.97
N GLY J 337 72.38 -35.07 -20.13
CA GLY J 337 73.34 -33.99 -20.27
C GLY J 337 74.76 -34.44 -20.02
N ALA J 338 74.95 -35.35 -19.06
CA ALA J 338 76.28 -35.91 -18.81
C ALA J 338 76.79 -36.68 -20.02
N ILE J 339 75.93 -37.45 -20.67
CA ILE J 339 76.33 -38.19 -21.87
C ILE J 339 76.70 -37.22 -22.99
N VAL J 340 75.90 -36.17 -23.18
CA VAL J 340 76.17 -35.22 -24.26
C VAL J 340 77.47 -34.45 -24.00
N VAL J 341 77.74 -34.08 -22.74
CA VAL J 341 78.99 -33.37 -22.47
C VAL J 341 80.20 -34.30 -22.47
N THR J 342 80.00 -35.61 -22.24
CA THR J 342 81.11 -36.53 -22.47
C THR J 342 81.37 -36.73 -23.95
N SER J 343 80.35 -36.54 -24.79
CA SER J 343 80.54 -36.62 -26.23
C SER J 343 81.46 -35.51 -26.74
N LEU J 344 81.36 -34.32 -26.13
CA LEU J 344 82.09 -33.16 -26.64
C LEU J 344 83.57 -33.16 -26.28
N ILE J 345 83.97 -33.83 -25.20
CA ILE J 345 85.33 -33.73 -24.69
C ILE J 345 86.26 -34.52 -25.61
N LYS J 346 87.07 -33.81 -26.39
CA LYS J 346 88.13 -34.37 -27.24
C LYS J 346 87.58 -35.40 -28.22
N GLN J 347 86.65 -34.94 -29.06
CA GLN J 347 85.92 -35.83 -29.96
C GLN J 347 86.77 -36.39 -31.09
N GLY J 348 87.94 -35.83 -31.34
CA GLY J 348 88.79 -36.29 -32.42
C GLY J 348 89.80 -37.36 -32.08
N VAL J 349 89.79 -37.88 -30.86
CA VAL J 349 90.81 -38.83 -30.42
C VAL J 349 90.09 -39.97 -29.69
N ASN J 350 90.77 -41.12 -29.61
CA ASN J 350 90.18 -42.34 -29.07
C ASN J 350 90.00 -42.22 -27.55
N ASN J 351 89.46 -43.30 -26.96
CA ASN J 351 89.04 -43.24 -25.55
C ASN J 351 90.21 -43.29 -24.59
N ALA J 352 91.32 -43.94 -24.96
CA ALA J 352 92.46 -44.05 -24.06
C ALA J 352 93.10 -42.70 -23.80
N GLU J 353 93.35 -41.93 -24.85
CA GLU J 353 93.92 -40.60 -24.67
C GLU J 353 92.94 -39.66 -23.98
N LYS J 354 91.64 -39.80 -24.25
CA LYS J 354 90.64 -38.99 -23.55
C LYS J 354 90.65 -39.27 -22.06
N PHE J 355 90.72 -40.55 -21.68
CA PHE J 355 90.76 -40.91 -20.27
C PHE J 355 92.05 -40.45 -19.62
N ASP J 356 93.18 -40.56 -20.31
CA ASP J 356 94.43 -40.05 -19.77
C ASP J 356 94.40 -38.54 -19.59
N TYR J 357 93.77 -37.84 -20.54
CA TYR J 357 93.65 -36.38 -20.48
C TYR J 357 92.81 -35.94 -19.29
N VAL J 358 91.63 -36.55 -19.13
CA VAL J 358 90.77 -36.17 -18.02
C VAL J 358 91.36 -36.62 -16.69
N MET J 359 92.12 -37.73 -16.67
CA MET J 359 92.78 -38.15 -15.45
C MET J 359 93.91 -37.20 -15.07
N GLN J 360 94.63 -36.68 -16.07
CA GLN J 360 95.65 -35.69 -15.80
C GLN J 360 95.06 -34.41 -15.23
N PHE J 361 93.93 -33.95 -15.80
CA PHE J 361 93.27 -32.79 -15.22
C PHE J 361 92.74 -33.05 -13.82
N LEU J 362 92.21 -34.26 -13.57
CA LEU J 362 91.74 -34.58 -12.23
C LEU J 362 92.89 -34.64 -11.22
N ASN J 363 94.04 -35.17 -11.63
CA ASN J 363 95.20 -35.20 -10.76
C ASN J 363 95.73 -33.80 -10.49
N LYS J 364 95.73 -32.93 -11.51
CA LYS J 364 96.15 -31.55 -11.30
C LYS J 364 95.20 -30.80 -10.38
N MET J 365 93.89 -31.05 -10.52
CA MET J 365 92.91 -30.44 -9.63
C MET J 365 93.04 -30.96 -8.20
N ALA J 366 93.37 -32.25 -8.05
CA ALA J 366 93.50 -32.87 -6.74
C ALA J 366 94.88 -32.65 -6.13
N GLY J 367 95.81 -32.04 -6.85
CA GLY J 367 97.15 -31.85 -6.34
C GLY J 367 97.93 -33.14 -6.15
N ASN J 368 97.80 -34.08 -7.10
CA ASN J 368 98.49 -35.37 -7.08
C ASN J 368 98.20 -36.17 -5.82
N GLU J 369 96.94 -36.14 -5.38
CA GLU J 369 96.47 -37.01 -4.30
C GLU J 369 95.98 -38.33 -4.88
N TYR J 370 95.32 -39.14 -4.06
CA TYR J 370 94.87 -40.46 -4.48
C TYR J 370 93.61 -40.33 -5.30
N VAL J 371 93.70 -40.60 -6.60
CA VAL J 371 92.55 -40.66 -7.50
C VAL J 371 92.60 -42.03 -8.16
N GLY J 372 91.89 -43.00 -7.58
CA GLY J 372 91.92 -44.37 -8.05
C GLY J 372 90.89 -44.64 -9.13
N PHE J 373 90.71 -45.93 -9.41
CA PHE J 373 89.75 -46.38 -10.41
C PHE J 373 89.26 -47.76 -9.99
N SER J 374 88.01 -47.84 -9.53
CA SER J 374 87.44 -49.10 -9.06
C SER J 374 86.97 -49.88 -10.28
N ASN J 375 87.71 -50.93 -10.64
CA ASN J 375 87.34 -51.76 -11.77
C ASN J 375 86.12 -52.62 -11.46
N ALA J 376 85.86 -52.88 -10.18
CA ALA J 376 84.71 -53.69 -9.79
C ALA J 376 83.40 -53.01 -10.15
N THR J 377 83.32 -51.70 -9.98
CA THR J 377 82.12 -50.95 -10.33
C THR J 377 82.09 -50.53 -11.79
N PHE J 378 83.12 -50.82 -12.57
CA PHE J 378 83.10 -50.59 -14.01
C PHE J 378 82.78 -51.85 -14.80
N GLN J 379 83.32 -53.00 -14.39
CA GLN J 379 82.89 -54.26 -15.00
C GLN J 379 81.41 -54.55 -14.66
N SER J 380 81.02 -54.30 -13.41
CA SER J 380 79.61 -54.20 -13.09
C SER J 380 79.10 -52.82 -13.50
N GLU J 381 77.76 -52.68 -13.51
CA GLU J 381 77.02 -51.48 -13.90
C GLU J 381 77.10 -51.24 -15.41
N ARG J 382 77.91 -52.03 -16.10
CA ARG J 382 77.93 -52.06 -17.56
C ARG J 382 77.08 -53.18 -18.11
N GLU J 383 76.99 -54.31 -17.41
CA GLU J 383 76.09 -55.39 -17.75
C GLU J 383 74.72 -55.23 -17.10
N SER J 384 74.56 -54.27 -16.18
CA SER J 384 73.30 -54.05 -15.50
C SER J 384 72.71 -52.66 -15.72
N GLY J 385 73.51 -51.69 -16.14
CA GLY J 385 72.99 -50.37 -16.43
C GLY J 385 72.18 -50.36 -17.71
N ASP J 386 70.88 -50.14 -17.60
CA ASP J 386 69.98 -50.20 -18.75
C ASP J 386 69.28 -48.89 -19.06
N ARG J 387 69.00 -48.07 -18.04
CA ARG J 387 68.37 -46.77 -18.29
C ARG J 387 69.31 -45.85 -19.07
N ASN J 388 70.61 -45.93 -18.79
CA ASN J 388 71.59 -45.11 -19.50
C ASN J 388 71.67 -45.49 -20.97
N PHE J 389 71.60 -46.79 -21.26
CA PHE J 389 71.62 -47.24 -22.66
C PHE J 389 70.41 -46.74 -23.42
N ALA J 390 69.22 -46.84 -22.81
CA ALA J 390 68.01 -46.36 -23.47
C ALA J 390 68.04 -44.85 -23.66
N ILE J 391 68.54 -44.12 -22.66
CA ILE J 391 68.66 -42.66 -22.76
C ILE J 391 69.60 -42.29 -23.88
N GLY J 392 70.75 -42.97 -23.97
CA GLY J 392 71.71 -42.67 -25.02
C GLY J 392 71.19 -43.01 -26.41
N TYR J 393 70.47 -44.11 -26.54
CA TYR J 393 69.89 -44.46 -27.84
C TYR J 393 68.79 -43.47 -28.22
N TYR J 394 68.03 -42.99 -27.25
CA TYR J 394 67.03 -41.94 -27.52
C TYR J 394 67.71 -40.66 -27.98
N LEU J 395 68.83 -40.29 -27.35
CA LEU J 395 69.56 -39.10 -27.75
C LEU J 395 70.15 -39.27 -29.16
N LYS J 396 70.62 -40.47 -29.48
CA LYS J 396 71.12 -40.75 -30.82
C LYS J 396 69.99 -40.65 -31.86
N GLU J 397 68.80 -41.12 -31.49
CA GLU J 397 67.65 -40.99 -32.39
C GLU J 397 67.26 -39.53 -32.58
N LYS J 398 67.38 -38.72 -31.53
CA LYS J 398 67.03 -37.31 -31.63
C LYS J 398 68.10 -36.48 -32.33
N LYS J 399 69.24 -37.08 -32.68
CA LYS J 399 70.33 -36.44 -33.42
C LYS J 399 70.87 -35.21 -32.67
N CYS J 400 70.97 -35.32 -31.36
CA CYS J 400 71.56 -34.26 -30.54
C CYS J 400 73.06 -34.42 -30.39
N PHE J 401 73.63 -35.52 -30.86
CA PHE J 401 75.06 -35.76 -30.76
C PHE J 401 75.81 -34.99 -31.85
N PRO J 402 77.08 -34.69 -31.62
CA PRO J 402 77.90 -34.12 -32.71
C PRO J 402 78.13 -35.14 -33.81
N GLU J 403 78.47 -34.63 -34.98
CA GLU J 403 78.68 -35.47 -36.14
C GLU J 403 79.94 -36.34 -35.98
N GLY J 404 79.87 -37.55 -36.52
CA GLY J 404 81.00 -38.46 -36.47
C GLY J 404 81.34 -38.97 -35.07
N THR J 405 80.34 -39.31 -34.28
CA THR J 405 80.56 -39.78 -32.91
C THR J 405 79.93 -41.15 -32.73
N ASP J 406 80.65 -42.04 -32.04
CA ASP J 406 80.19 -43.39 -31.78
C ASP J 406 79.41 -43.42 -30.47
N MET J 407 78.19 -43.97 -30.54
CA MET J 407 77.32 -43.98 -29.36
C MET J 407 77.85 -44.91 -28.27
N VAL J 408 78.22 -46.14 -28.64
CA VAL J 408 78.62 -47.14 -27.67
C VAL J 408 79.93 -46.76 -26.99
N GLY J 409 80.88 -46.24 -27.76
CA GLY J 409 82.14 -45.80 -27.17
C GLY J 409 81.96 -44.62 -26.24
N ILE J 410 81.05 -43.70 -26.59
CA ILE J 410 80.78 -42.55 -25.73
C ILE J 410 80.14 -43.01 -24.42
N LEU J 411 79.21 -43.96 -24.50
CA LEU J 411 78.59 -44.47 -23.27
C LEU J 411 79.61 -45.21 -22.41
N ASP J 412 80.51 -45.97 -23.05
CA ASP J 412 81.56 -46.65 -22.29
C ASP J 412 82.50 -45.66 -21.63
N PHE J 413 82.81 -44.56 -22.32
CA PHE J 413 83.63 -43.50 -21.72
C PHE J 413 82.91 -42.84 -20.56
N TYR J 414 81.59 -42.65 -20.67
CA TYR J 414 80.81 -42.11 -19.57
C TYR J 414 80.83 -43.03 -18.36
N PHE J 415 80.71 -44.34 -18.60
CA PHE J 415 80.81 -45.31 -17.51
C PHE J 415 82.20 -45.30 -16.88
N GLN J 416 83.24 -45.15 -17.69
CA GLN J 416 84.60 -45.04 -17.18
C GLN J 416 84.76 -43.80 -16.31
N LEU J 417 84.19 -42.68 -16.74
CA LEU J 417 84.26 -41.45 -15.96
C LEU J 417 83.50 -41.59 -14.64
N CYS J 418 82.33 -42.23 -14.67
CA CYS J 418 81.58 -42.44 -13.43
C CYS J 418 82.21 -43.49 -12.53
N SER J 419 83.09 -44.34 -13.06
CA SER J 419 83.69 -45.41 -12.28
C SER J 419 84.92 -44.96 -11.50
N ILE J 420 85.31 -43.69 -11.57
CA ILE J 420 86.48 -43.21 -10.85
C ILE J 420 86.19 -43.18 -9.36
N GLU J 421 87.11 -43.71 -8.56
CA GLU J 421 86.97 -43.75 -7.12
C GLU J 421 88.01 -42.87 -6.45
N VAL J 422 87.59 -42.18 -5.39
CA VAL J 422 88.46 -41.34 -4.56
C VAL J 422 88.12 -41.58 -3.10
N THR J 423 88.98 -41.08 -2.22
CA THR J 423 88.71 -41.07 -0.80
C THR J 423 87.99 -39.78 -0.42
N CYS J 424 87.53 -39.73 0.83
CA CYS J 424 86.81 -38.54 1.30
C CYS J 424 87.74 -37.35 1.41
N GLU J 425 88.99 -37.56 1.85
CA GLU J 425 89.95 -36.47 1.88
C GLU J 425 90.32 -36.00 0.48
N SER J 426 90.54 -36.93 -0.44
CA SER J 426 90.88 -36.58 -1.81
C SER J 426 89.73 -35.87 -2.50
N ALA J 427 88.50 -36.28 -2.20
CA ALA J 427 87.33 -35.55 -2.68
C ALA J 427 87.20 -34.20 -2.01
N SER J 428 87.67 -34.06 -0.77
CA SER J 428 87.68 -32.76 -0.11
C SER J 428 88.73 -31.82 -0.69
N VAL J 429 89.78 -32.36 -1.30
CA VAL J 429 90.68 -31.52 -2.10
C VAL J 429 89.91 -30.92 -3.27
N MET J 430 89.08 -31.72 -3.92
CA MET J 430 88.12 -31.18 -4.87
C MET J 430 87.04 -30.39 -4.11
N ALA J 431 86.29 -29.59 -4.88
CA ALA J 431 85.29 -28.64 -4.40
C ALA J 431 85.91 -27.53 -3.55
N ALA J 432 87.24 -27.51 -3.45
CA ALA J 432 87.99 -26.39 -2.93
C ALA J 432 88.82 -25.70 -4.00
N THR J 433 89.22 -26.43 -5.04
CA THR J 433 89.80 -25.81 -6.22
C THR J 433 88.78 -24.92 -6.91
N LEU J 434 87.55 -25.40 -7.04
CA LEU J 434 86.47 -24.60 -7.62
C LEU J 434 85.78 -23.70 -6.61
N ALA J 435 86.06 -23.88 -5.30
CA ALA J 435 85.68 -22.85 -4.34
C ALA J 435 86.50 -21.59 -4.56
N ASN J 436 87.77 -21.76 -4.93
CA ASN J 436 88.61 -20.65 -5.37
C ASN J 436 88.31 -20.36 -6.84
N GLY J 437 89.13 -19.51 -7.46
CA GLY J 437 88.95 -19.21 -8.87
C GLY J 437 89.66 -20.20 -9.77
N GLY J 438 89.42 -21.49 -9.55
CA GLY J 438 90.07 -22.54 -10.31
C GLY J 438 91.48 -22.88 -9.85
N PHE J 439 91.96 -22.25 -8.78
CA PHE J 439 93.31 -22.50 -8.28
C PHE J 439 93.30 -23.61 -7.25
N CYS J 440 94.33 -24.44 -7.29
CA CYS J 440 94.44 -25.56 -6.35
C CYS J 440 94.70 -25.02 -4.95
N PRO J 441 93.93 -25.48 -3.94
CA PRO J 441 94.14 -24.95 -2.58
C PRO J 441 95.44 -25.40 -1.95
N ILE J 442 96.04 -26.50 -2.42
CA ILE J 442 97.23 -27.05 -1.79
C ILE J 442 98.46 -26.64 -2.57
N THR J 443 98.54 -27.02 -3.84
CA THR J 443 99.71 -26.74 -4.66
C THR J 443 99.76 -25.31 -5.17
N GLY J 444 98.64 -24.59 -5.15
CA GLY J 444 98.62 -23.22 -5.64
C GLY J 444 98.75 -23.08 -7.14
N GLU J 445 98.43 -24.13 -7.89
CA GLU J 445 98.51 -24.09 -9.35
C GLU J 445 97.25 -23.46 -9.92
N ARG J 446 97.09 -23.52 -11.24
CA ARG J 446 95.90 -23.06 -11.92
C ARG J 446 95.35 -24.20 -12.77
N VAL J 447 94.04 -24.47 -12.64
CA VAL J 447 93.40 -25.59 -13.31
C VAL J 447 92.33 -25.11 -14.29
N LEU J 448 91.39 -24.31 -13.81
CA LEU J 448 90.22 -23.92 -14.59
C LEU J 448 90.09 -22.41 -14.66
N SER J 449 89.53 -21.94 -15.78
CA SER J 449 89.23 -20.53 -15.92
C SER J 449 88.10 -20.13 -14.98
N PRO J 450 88.07 -18.87 -14.52
CA PRO J 450 86.97 -18.43 -13.65
C PRO J 450 85.59 -18.51 -14.30
N GLU J 451 85.51 -18.41 -15.63
CA GLU J 451 84.22 -18.53 -16.30
C GLU J 451 83.63 -19.93 -16.12
N ALA J 452 84.46 -20.96 -16.30
CA ALA J 452 84.01 -22.33 -16.12
C ALA J 452 83.62 -22.60 -14.68
N VAL J 453 84.40 -22.08 -13.73
CA VAL J 453 84.10 -22.26 -12.31
C VAL J 453 82.77 -21.61 -11.96
N ARG J 454 82.54 -20.38 -12.44
CA ARG J 454 81.29 -19.68 -12.19
C ARG J 454 80.11 -20.42 -12.82
N ASN J 455 80.29 -20.93 -14.03
CA ASN J 455 79.22 -21.65 -14.71
C ASN J 455 78.85 -22.93 -13.96
N THR J 456 79.85 -23.72 -13.57
CA THR J 456 79.54 -24.96 -12.87
C THR J 456 79.01 -24.72 -11.47
N LEU J 457 79.44 -23.64 -10.81
CA LEU J 457 78.88 -23.29 -9.50
C LEU J 457 77.43 -22.88 -9.62
N SER J 458 77.10 -22.09 -10.65
CA SER J 458 75.71 -21.68 -10.86
C SER J 458 74.83 -22.88 -11.20
N LEU J 459 75.34 -23.80 -12.03
CA LEU J 459 74.55 -24.98 -12.37
C LEU J 459 74.36 -25.90 -11.18
N MET J 460 75.40 -26.07 -10.36
CA MET J 460 75.27 -26.88 -9.14
C MET J 460 74.30 -26.26 -8.15
N HIS J 461 74.33 -24.93 -8.03
CA HIS J 461 73.40 -24.26 -7.14
C HIS J 461 71.97 -24.34 -7.66
N SER J 462 71.77 -24.31 -8.98
CA SER J 462 70.43 -24.33 -9.54
C SER J 462 69.82 -25.73 -9.50
N CYS J 463 70.45 -26.69 -10.18
CA CYS J 463 69.87 -28.01 -10.33
C CYS J 463 70.90 -29.10 -10.07
N GLY J 464 71.65 -28.96 -8.98
CA GLY J 464 72.66 -29.95 -8.65
C GLY J 464 72.23 -30.92 -7.57
N MET J 465 70.92 -30.99 -7.30
CA MET J 465 70.43 -31.89 -6.26
C MET J 465 69.15 -32.60 -6.68
N TRP J 466 68.92 -32.77 -7.98
CA TRP J 466 67.75 -33.45 -8.59
C TRP J 466 66.49 -32.71 -8.14
N ASP J 467 65.43 -33.43 -7.78
CA ASP J 467 64.19 -32.79 -7.32
C ASP J 467 64.33 -32.20 -5.93
N PHE J 468 65.41 -32.50 -5.21
CA PHE J 468 65.65 -31.95 -3.88
C PHE J 468 66.38 -30.62 -3.96
N SER J 469 66.64 -30.10 -5.17
CA SER J 469 67.39 -28.86 -5.33
C SER J 469 66.64 -27.67 -4.74
N GLY J 470 65.33 -27.60 -4.94
CA GLY J 470 64.57 -26.50 -4.36
C GLY J 470 64.57 -26.53 -2.85
N GLN J 471 64.41 -27.72 -2.26
CA GLN J 471 64.47 -27.87 -0.81
C GLN J 471 65.84 -27.50 -0.27
N PHE J 472 66.91 -27.91 -0.97
CA PHE J 472 68.26 -27.62 -0.51
C PHE J 472 68.56 -26.13 -0.60
N ALA J 473 68.12 -25.47 -1.67
CA ALA J 473 68.29 -24.02 -1.78
C ALA J 473 67.44 -23.29 -0.75
N PHE J 474 66.29 -23.85 -0.38
CA PHE J 474 65.42 -23.21 0.60
C PHE J 474 66.02 -23.30 2.01
N HIS J 475 66.52 -24.47 2.39
CA HIS J 475 66.98 -24.67 3.76
C HIS J 475 68.48 -24.46 3.95
N VAL J 476 69.30 -24.74 2.94
CA VAL J 476 70.74 -24.60 3.04
C VAL J 476 71.24 -23.45 2.17
N GLY J 477 70.84 -23.42 0.91
CA GLY J 477 71.28 -22.37 0.00
C GLY J 477 72.76 -22.41 -0.34
N LEU J 478 73.31 -23.60 -0.57
CA LEU J 478 74.69 -23.75 -0.93
C LEU J 478 74.80 -24.67 -2.14
N PRO J 479 75.79 -24.43 -3.02
CA PRO J 479 75.96 -25.32 -4.17
C PRO J 479 76.54 -26.67 -3.78
N ALA J 480 75.72 -27.71 -3.85
CA ALA J 480 76.14 -29.06 -3.49
C ALA J 480 75.68 -30.05 -4.55
N LYS J 481 76.52 -31.05 -4.82
CA LYS J 481 76.23 -32.08 -5.80
C LYS J 481 76.21 -33.44 -5.10
N SER J 482 75.15 -34.20 -5.33
CA SER J 482 74.99 -35.52 -4.73
C SER J 482 75.38 -36.61 -5.73
N GLY J 483 75.14 -37.85 -5.35
CA GLY J 483 75.44 -38.97 -6.22
C GLY J 483 74.84 -40.24 -5.67
N VAL J 484 74.72 -41.24 -6.56
CA VAL J 484 74.10 -42.50 -6.16
C VAL J 484 75.01 -43.30 -5.24
N ALA J 485 76.33 -43.06 -5.30
CA ALA J 485 77.25 -43.74 -4.40
C ALA J 485 77.03 -43.32 -2.95
N GLY J 486 76.80 -42.03 -2.72
CA GLY J 486 76.55 -41.54 -1.38
C GLY J 486 77.33 -40.29 -1.05
N GLY J 487 78.07 -39.76 -2.03
CA GLY J 487 78.86 -38.58 -1.79
C GLY J 487 78.06 -37.30 -1.95
N ILE J 488 78.49 -36.27 -1.22
CA ILE J 488 77.90 -34.94 -1.31
C ILE J 488 79.03 -33.94 -1.52
N LEU J 489 78.96 -33.19 -2.62
CA LEU J 489 80.01 -32.23 -2.97
C LEU J 489 79.59 -30.83 -2.51
N LEU J 490 79.61 -30.64 -1.20
CA LEU J 490 79.20 -29.37 -0.61
C LEU J 490 80.29 -28.33 -0.84
N VAL J 491 79.91 -27.21 -1.47
CA VAL J 491 80.85 -26.15 -1.80
C VAL J 491 80.37 -24.86 -1.14
N VAL J 492 81.27 -24.20 -0.43
CA VAL J 492 81.07 -22.84 0.07
C VAL J 492 81.97 -21.92 -0.77
N PRO J 493 81.42 -20.95 -1.50
CA PRO J 493 82.24 -20.18 -2.44
C PRO J 493 83.23 -19.27 -1.71
N ASN J 494 84.50 -19.37 -2.13
CA ASN J 494 85.61 -18.56 -1.64
C ASN J 494 85.86 -18.71 -0.14
N VAL J 495 85.37 -19.78 0.48
CA VAL J 495 85.60 -20.00 1.90
C VAL J 495 86.28 -21.35 2.11
N MET J 496 85.58 -22.43 1.76
CA MET J 496 86.06 -23.78 2.05
C MET J 496 85.24 -24.78 1.24
N GLY J 497 85.76 -26.01 1.16
CA GLY J 497 85.07 -27.11 0.53
C GLY J 497 84.80 -28.23 1.52
N MET J 498 84.01 -29.21 1.07
CA MET J 498 83.59 -30.28 1.96
C MET J 498 83.20 -31.51 1.14
N MET J 499 83.10 -32.64 1.84
CA MET J 499 82.64 -33.89 1.24
C MET J 499 82.02 -34.75 2.33
N CYS J 500 80.77 -35.15 2.12
CA CYS J 500 80.06 -36.04 3.04
C CYS J 500 79.77 -37.36 2.35
N TRP J 501 80.09 -38.46 3.03
CA TRP J 501 80.03 -39.79 2.45
C TRP J 501 79.15 -40.68 3.30
N SER J 502 78.07 -41.21 2.69
CA SER J 502 77.12 -42.04 3.40
C SER J 502 76.45 -43.02 2.44
N PRO J 503 76.74 -44.32 2.57
CA PRO J 503 76.20 -45.33 1.64
C PRO J 503 74.67 -45.44 1.66
N PRO J 504 73.96 -45.20 2.77
CA PRO J 504 72.50 -45.09 2.65
C PRO J 504 72.08 -43.87 1.85
N LEU J 505 70.97 -44.02 1.11
CA LEU J 505 70.38 -42.94 0.34
C LEU J 505 68.88 -42.91 0.53
N ASP J 506 68.29 -41.73 0.37
CA ASP J 506 66.85 -41.58 0.38
C ASP J 506 66.26 -42.06 -0.95
N LYS J 507 64.93 -42.02 -1.03
CA LYS J 507 64.26 -42.44 -2.26
C LYS J 507 64.48 -41.48 -3.41
N MET J 508 64.89 -40.24 -3.13
CA MET J 508 65.20 -39.26 -4.16
C MET J 508 66.57 -39.46 -4.76
N GLY J 509 67.44 -40.22 -4.11
CA GLY J 509 68.80 -40.42 -4.60
C GLY J 509 69.86 -39.65 -3.85
N ASN J 510 69.58 -39.23 -2.62
CA ASN J 510 70.54 -38.48 -1.82
C ASN J 510 70.67 -39.12 -0.44
N SER J 511 71.85 -39.00 0.15
CA SER J 511 72.10 -39.57 1.46
C SER J 511 71.34 -38.81 2.54
N VAL J 512 70.63 -39.55 3.39
CA VAL J 512 69.84 -38.92 4.45
C VAL J 512 70.77 -38.32 5.51
N LYS J 513 71.84 -39.03 5.86
CA LYS J 513 72.76 -38.54 6.87
C LYS J 513 73.46 -37.26 6.42
N GLY J 514 73.86 -37.21 5.14
CA GLY J 514 74.48 -36.00 4.62
C GLY J 514 73.55 -34.81 4.60
N ILE J 515 72.29 -35.04 4.24
CA ILE J 515 71.29 -33.97 4.23
C ILE J 515 71.04 -33.45 5.64
N HIS J 516 70.91 -34.36 6.61
CA HIS J 516 70.71 -33.95 8.00
C HIS J 516 71.93 -33.20 8.54
N PHE J 517 73.14 -33.66 8.16
CA PHE J 517 74.36 -32.97 8.57
C PHE J 517 74.43 -31.57 7.97
N CYS J 518 74.05 -31.42 6.71
CA CYS J 518 74.05 -30.09 6.08
C CYS J 518 73.03 -29.17 6.74
N HIS J 519 71.84 -29.70 7.07
CA HIS J 519 70.83 -28.90 7.74
C HIS J 519 71.31 -28.46 9.12
N ASP J 520 71.94 -29.37 9.87
CA ASP J 520 72.48 -29.01 11.18
C ASP J 520 73.63 -28.01 11.07
N LEU J 521 74.45 -28.12 10.01
CA LEU J 521 75.52 -27.17 9.79
C LEU J 521 74.99 -25.77 9.51
N VAL J 522 74.01 -25.66 8.60
CA VAL J 522 73.50 -24.32 8.27
C VAL J 522 72.66 -23.77 9.41
N SER J 523 72.11 -24.64 10.28
CA SER J 523 71.42 -24.15 11.46
C SER J 523 72.39 -23.66 12.53
N LEU J 524 73.52 -24.34 12.70
CA LEU J 524 74.46 -23.97 13.76
C LEU J 524 75.34 -22.80 13.34
N CYS J 525 76.15 -22.99 12.31
CA CYS J 525 77.07 -21.94 11.86
C CYS J 525 76.43 -21.08 10.76
N LEU K 139 -4.83 -68.67 -42.73
CA LEU K 139 -6.00 -69.17 -42.00
C LEU K 139 -5.70 -69.28 -40.51
N GLU K 140 -6.23 -68.34 -39.73
CA GLU K 140 -5.98 -68.33 -38.30
C GLU K 140 -6.65 -69.49 -37.57
N ASP K 141 -7.74 -70.03 -38.12
CA ASP K 141 -8.46 -71.11 -37.45
C ASP K 141 -7.65 -72.39 -37.44
N LEU K 142 -7.03 -72.75 -38.58
CA LEU K 142 -6.24 -73.97 -38.63
C LEU K 142 -4.97 -73.86 -37.79
N LEU K 143 -4.36 -72.67 -37.77
CA LEU K 143 -3.16 -72.48 -36.96
C LEU K 143 -3.50 -72.47 -35.47
N PHE K 144 -4.68 -71.94 -35.11
CA PHE K 144 -5.12 -72.04 -33.71
C PHE K 144 -5.48 -73.47 -33.35
N TYR K 145 -5.99 -74.24 -34.31
CA TYR K 145 -6.21 -75.66 -34.11
C TYR K 145 -4.88 -76.39 -33.86
N THR K 146 -3.84 -75.98 -34.58
CA THR K 146 -2.49 -76.48 -34.30
C THR K 146 -2.04 -76.09 -32.89
N ILE K 147 -2.35 -74.85 -32.47
CA ILE K 147 -2.10 -74.44 -31.09
C ILE K 147 -2.93 -75.28 -30.12
N ALA K 148 -4.20 -75.51 -30.46
CA ALA K 148 -5.09 -76.28 -29.61
C ALA K 148 -4.75 -77.78 -29.73
N GLU K 149 -5.52 -78.60 -29.02
CA GLU K 149 -5.30 -80.04 -28.98
C GLU K 149 -6.43 -80.82 -29.62
N GLY K 150 -7.02 -80.27 -30.68
CA GLY K 150 -8.08 -80.93 -31.42
C GLY K 150 -9.48 -80.50 -31.02
N GLN K 151 -9.64 -79.84 -29.88
CA GLN K 151 -10.96 -79.43 -29.43
C GLN K 151 -11.33 -78.08 -30.00
N GLU K 152 -12.64 -77.90 -30.24
CA GLU K 152 -13.13 -76.61 -30.73
C GLU K 152 -13.02 -75.54 -29.65
N LYS K 153 -13.37 -75.88 -28.41
CA LYS K 153 -13.37 -74.93 -27.30
C LYS K 153 -12.37 -75.38 -26.24
N ILE K 154 -11.55 -74.44 -25.79
CA ILE K 154 -10.57 -74.68 -24.73
C ILE K 154 -10.74 -73.56 -23.71
N PRO K 155 -10.48 -73.80 -22.42
CA PRO K 155 -10.48 -72.70 -21.46
C PRO K 155 -9.43 -71.65 -21.77
N VAL K 156 -9.81 -70.39 -21.54
CA VAL K 156 -8.89 -69.26 -21.76
C VAL K 156 -7.77 -69.29 -20.73
N HIS K 157 -8.05 -69.77 -19.52
CA HIS K 157 -7.02 -69.89 -18.49
C HIS K 157 -5.93 -70.87 -18.89
N LYS K 158 -6.25 -71.87 -19.71
CA LYS K 158 -5.22 -72.73 -20.28
C LYS K 158 -4.62 -72.16 -21.56
N PHE K 159 -5.30 -71.20 -22.19
CA PHE K 159 -4.73 -70.56 -23.37
C PHE K 159 -3.65 -69.56 -22.99
N ILE K 160 -3.85 -68.82 -21.89
CA ILE K 160 -2.84 -67.85 -21.46
C ILE K 160 -1.61 -68.58 -20.95
N THR K 161 -1.77 -69.76 -20.35
CA THR K 161 -0.62 -70.63 -20.11
C THR K 161 -0.09 -71.14 -21.44
N ALA K 162 1.24 -71.27 -21.53
CA ALA K 162 2.01 -71.60 -22.72
C ALA K 162 1.90 -70.54 -23.82
N LEU K 163 1.18 -69.45 -23.57
CA LEU K 163 1.30 -68.27 -24.43
C LEU K 163 2.58 -67.51 -24.12
N LYS K 164 2.97 -67.50 -22.85
CA LYS K 164 4.25 -66.93 -22.44
C LYS K 164 5.41 -67.89 -22.64
N SER K 165 5.14 -69.14 -23.07
CA SER K 165 6.21 -70.07 -23.38
C SER K 165 7.02 -69.62 -24.59
N THR K 166 6.39 -68.87 -25.51
CA THR K 166 7.13 -68.27 -26.60
C THR K 166 7.78 -66.95 -26.20
N GLY K 167 7.57 -66.49 -24.96
CA GLY K 167 8.24 -65.33 -24.43
C GLY K 167 7.53 -64.02 -24.62
N LEU K 168 6.45 -63.99 -25.40
CA LEU K 168 5.72 -62.75 -25.62
C LEU K 168 4.86 -62.44 -24.39
N ARG K 169 5.08 -61.28 -23.79
CA ARG K 169 4.30 -60.89 -22.62
C ARG K 169 2.98 -60.26 -23.03
N THR K 170 2.08 -60.13 -22.06
CA THR K 170 0.74 -59.60 -22.27
C THR K 170 0.68 -58.08 -22.23
N SER K 171 1.80 -57.40 -21.98
CA SER K 171 1.84 -55.96 -21.91
C SER K 171 2.27 -55.31 -23.21
N ASP K 172 2.32 -56.07 -24.31
CA ASP K 172 2.76 -55.53 -25.59
C ASP K 172 1.67 -54.67 -26.20
N PRO K 173 1.96 -53.41 -26.54
CA PRO K 173 0.96 -52.59 -27.24
C PRO K 173 0.67 -53.04 -28.68
N ARG K 174 1.47 -53.96 -29.23
CA ARG K 174 1.11 -54.55 -30.52
C ARG K 174 -0.19 -55.35 -30.39
N LEU K 175 -0.36 -56.06 -29.28
CA LEU K 175 -1.58 -56.81 -28.99
C LEU K 175 -2.52 -56.05 -28.06
N LYS K 176 -2.44 -54.71 -28.08
CA LYS K 176 -3.29 -53.89 -27.21
C LYS K 176 -4.76 -54.07 -27.56
N GLU K 177 -5.09 -54.12 -28.85
CA GLU K 177 -6.46 -54.47 -29.26
C GLU K 177 -6.82 -55.87 -28.79
N CYS K 178 -5.90 -56.82 -28.94
CA CYS K 178 -6.11 -58.16 -28.40
C CYS K 178 -6.17 -58.13 -26.88
N MET K 179 -5.45 -57.20 -26.24
CA MET K 179 -5.49 -57.11 -24.79
C MET K 179 -6.86 -56.66 -24.30
N ASP K 180 -7.44 -55.61 -24.90
CA ASP K 180 -8.77 -55.19 -24.47
C ASP K 180 -9.84 -56.17 -24.89
N MET K 181 -9.62 -56.89 -26.01
CA MET K 181 -10.52 -58.00 -26.34
C MET K 181 -10.47 -59.08 -25.29
N LEU K 182 -9.28 -59.41 -24.79
CA LEU K 182 -9.14 -60.40 -23.73
C LEU K 182 -9.82 -59.93 -22.46
N ARG K 183 -9.70 -58.64 -22.14
CA ARG K 183 -10.38 -58.09 -20.97
C ARG K 183 -11.90 -58.21 -21.10
N LEU K 184 -12.45 -57.81 -22.25
CA LEU K 184 -13.90 -57.86 -22.39
C LEU K 184 -14.41 -59.29 -22.50
N THR K 185 -13.58 -60.22 -22.97
CA THR K 185 -14.02 -61.61 -23.03
C THR K 185 -13.81 -62.34 -21.71
N LEU K 186 -12.95 -61.80 -20.84
CA LEU K 186 -12.75 -62.43 -19.54
C LEU K 186 -13.69 -61.88 -18.48
N GLN K 187 -14.15 -60.64 -18.62
CA GLN K 187 -15.02 -60.03 -17.62
C GLN K 187 -16.48 -59.93 -18.08
N THR K 188 -16.73 -59.46 -19.30
CA THR K 188 -18.09 -59.16 -19.74
C THR K 188 -18.50 -60.02 -20.93
N THR K 189 -18.97 -61.23 -20.64
CA THR K 189 -19.63 -62.09 -21.64
C THR K 189 -20.94 -62.69 -21.18
N SER K 190 -21.14 -62.89 -19.87
CA SER K 190 -22.28 -63.61 -19.30
C SER K 190 -22.40 -65.03 -19.84
N ASP K 191 -21.28 -65.65 -20.20
CA ASP K 191 -21.25 -67.02 -20.69
C ASP K 191 -20.46 -67.95 -19.80
N GLY K 192 -19.21 -67.59 -19.48
CA GLY K 192 -18.37 -68.40 -18.62
C GLY K 192 -17.60 -69.46 -19.38
N VAL K 193 -16.27 -69.43 -19.21
CA VAL K 193 -15.26 -70.28 -19.86
C VAL K 193 -15.63 -70.57 -21.32
N MET K 194 -15.70 -69.52 -22.13
CA MET K 194 -16.06 -69.62 -23.54
C MET K 194 -14.93 -69.08 -24.40
N LEU K 195 -14.51 -69.86 -25.39
CA LEU K 195 -13.43 -69.48 -26.28
C LEU K 195 -13.94 -68.97 -27.62
N ASP K 196 -14.69 -69.81 -28.35
CA ASP K 196 -15.29 -69.55 -29.67
C ASP K 196 -14.24 -69.38 -30.77
N LYS K 197 -14.59 -69.76 -31.99
CA LYS K 197 -13.68 -69.61 -33.13
C LYS K 197 -14.01 -68.41 -33.99
N ASP K 198 -15.30 -68.09 -34.17
CA ASP K 198 -15.70 -67.01 -35.06
C ASP K 198 -15.25 -65.65 -34.52
N LEU K 199 -15.35 -65.45 -33.21
CA LEU K 199 -14.86 -64.22 -32.59
C LEU K 199 -13.35 -64.06 -32.79
N PHE K 200 -12.61 -65.16 -32.63
CA PHE K 200 -11.17 -65.13 -32.86
C PHE K 200 -10.84 -64.87 -34.32
N LYS K 201 -11.67 -65.33 -35.24
CA LYS K 201 -11.47 -65.03 -36.66
C LYS K 201 -11.70 -63.55 -36.95
N LYS K 202 -12.82 -63.01 -36.47
CA LYS K 202 -13.19 -61.64 -36.84
C LYS K 202 -12.44 -60.57 -36.06
N CYS K 203 -11.86 -60.92 -34.90
CA CYS K 203 -11.29 -59.90 -34.03
C CYS K 203 -9.92 -59.43 -34.52
N VAL K 204 -8.95 -60.34 -34.60
CA VAL K 204 -7.58 -59.97 -34.95
C VAL K 204 -7.51 -59.70 -36.45
N GLN K 205 -7.02 -58.52 -36.81
CA GLN K 205 -6.88 -58.13 -38.20
C GLN K 205 -5.45 -57.89 -38.63
N SER K 206 -4.65 -57.19 -37.80
CA SER K 206 -3.26 -56.91 -38.12
C SER K 206 -2.27 -57.66 -37.25
N ASN K 207 -2.73 -58.39 -36.23
CA ASN K 207 -1.85 -59.15 -35.35
C ASN K 207 -1.80 -60.63 -35.72
N ILE K 208 -2.31 -61.00 -36.90
CA ILE K 208 -2.23 -62.38 -37.36
C ILE K 208 -0.78 -62.80 -37.54
N VAL K 209 0.03 -61.93 -38.15
CA VAL K 209 1.43 -62.26 -38.42
C VAL K 209 2.21 -62.42 -37.13
N LEU K 210 1.89 -61.61 -36.11
CA LEU K 210 2.60 -61.72 -34.83
C LEU K 210 2.30 -63.04 -34.13
N LEU K 211 1.02 -63.42 -34.09
CA LEU K 211 0.65 -64.68 -33.44
C LEU K 211 1.19 -65.88 -34.22
N THR K 212 1.21 -65.80 -35.54
CA THR K 212 1.76 -66.92 -36.32
C THR K 212 3.27 -67.03 -36.14
N GLN K 213 3.98 -65.89 -36.06
CA GLN K 213 5.41 -65.95 -35.83
C GLN K 213 5.73 -66.38 -34.41
N ALA K 214 4.84 -66.13 -33.45
CA ALA K 214 5.10 -66.51 -32.07
C ALA K 214 4.79 -67.97 -31.81
N PHE K 215 3.60 -68.43 -32.21
CA PHE K 215 3.15 -69.76 -31.83
C PHE K 215 3.70 -70.88 -32.70
N ARG K 216 4.30 -70.57 -33.85
CA ARG K 216 4.89 -71.58 -34.72
C ARG K 216 6.40 -71.69 -34.54
N ARG K 217 6.94 -71.09 -33.47
CA ARG K 217 8.38 -71.06 -33.17
C ARG K 217 9.17 -70.46 -34.33
N LYS K 218 8.62 -69.41 -34.92
CA LYS K 218 9.27 -68.69 -36.02
C LYS K 218 10.15 -67.55 -35.54
N PHE K 219 10.29 -67.37 -34.23
CA PHE K 219 11.12 -66.32 -33.69
C PHE K 219 12.60 -66.68 -33.80
N VAL K 220 13.44 -65.71 -33.48
CA VAL K 220 14.89 -65.91 -33.62
C VAL K 220 15.41 -66.89 -32.58
N ILE K 221 14.78 -66.94 -31.41
CA ILE K 221 15.23 -67.81 -30.32
C ILE K 221 14.12 -68.83 -30.05
N PRO K 222 14.28 -70.07 -30.51
CA PRO K 222 13.35 -71.13 -30.08
C PRO K 222 13.72 -71.66 -28.71
N ASP K 223 13.01 -72.70 -28.26
CA ASP K 223 13.17 -73.39 -26.97
C ASP K 223 13.46 -72.42 -25.81
N PHE K 224 12.52 -71.47 -25.63
CA PHE K 224 12.70 -70.37 -24.70
C PHE K 224 12.83 -70.84 -23.25
N MET K 225 12.20 -71.96 -22.90
CA MET K 225 12.38 -72.52 -21.56
C MET K 225 13.82 -72.94 -21.33
N SER K 226 14.45 -73.56 -22.33
CA SER K 226 15.86 -73.91 -22.24
C SER K 226 16.74 -72.68 -22.15
N PHE K 227 16.39 -71.62 -22.91
CA PHE K 227 17.17 -70.39 -22.87
C PHE K 227 17.08 -69.74 -21.48
N THR K 228 15.89 -69.72 -20.89
CA THR K 228 15.75 -69.20 -19.53
C THR K 228 16.47 -70.08 -18.52
N SER K 229 16.52 -71.40 -18.76
CA SER K 229 17.27 -72.28 -17.90
C SER K 229 18.77 -71.97 -17.94
N HIS K 230 19.30 -71.75 -19.15
CA HIS K 230 20.70 -71.34 -19.29
C HIS K 230 20.95 -70.00 -18.61
N ILE K 231 20.04 -69.05 -18.79
CA ILE K 231 20.19 -67.73 -18.19
C ILE K 231 20.18 -67.83 -16.67
N ASP K 232 19.28 -68.63 -16.10
CA ASP K 232 19.22 -68.81 -14.66
C ASP K 232 20.45 -69.52 -14.13
N GLU K 233 20.96 -70.50 -14.88
CA GLU K 233 22.19 -71.18 -14.46
C GLU K 233 23.38 -70.23 -14.42
N LEU K 234 23.52 -69.39 -15.45
CA LEU K 234 24.59 -68.40 -15.45
C LEU K 234 24.39 -67.35 -14.37
N TYR K 235 23.13 -67.00 -14.08
CA TYR K 235 22.81 -66.06 -13.01
C TYR K 235 23.25 -66.61 -11.66
N GLU K 236 22.92 -67.88 -11.39
CA GLU K 236 23.31 -68.50 -10.12
C GLU K 236 24.82 -68.69 -10.04
N SER K 237 25.48 -68.99 -11.17
CA SER K 237 26.93 -69.11 -11.16
C SER K 237 27.61 -67.77 -10.88
N ALA K 238 27.10 -66.70 -11.49
CA ALA K 238 27.67 -65.38 -11.26
C ALA K 238 27.32 -64.82 -9.89
N LYS K 239 26.29 -65.36 -9.24
CA LYS K 239 25.97 -64.93 -7.87
C LYS K 239 27.04 -65.28 -6.86
N LYS K 240 27.95 -66.22 -7.19
CA LYS K 240 28.98 -66.63 -6.24
C LYS K 240 30.03 -65.55 -6.03
N GLN K 241 30.33 -64.76 -7.07
CA GLN K 241 31.34 -63.73 -6.96
C GLN K 241 30.88 -62.60 -6.04
N SER K 242 31.84 -61.91 -5.43
CA SER K 242 31.56 -60.87 -4.45
C SER K 242 31.95 -59.49 -4.93
N GLY K 243 33.22 -59.28 -5.29
CA GLY K 243 33.66 -57.96 -5.71
C GLY K 243 33.75 -57.01 -4.52
N GLY K 244 33.35 -55.77 -4.75
CA GLY K 244 33.36 -54.76 -3.71
C GLY K 244 33.57 -53.39 -4.31
N LYS K 245 33.72 -52.40 -3.42
CA LYS K 245 34.03 -51.01 -3.76
C LYS K 245 32.96 -50.43 -4.70
N VAL K 246 31.75 -50.30 -4.14
CA VAL K 246 30.59 -49.92 -4.95
C VAL K 246 30.72 -48.49 -5.48
N ALA K 247 31.06 -47.53 -4.62
CA ALA K 247 31.17 -46.13 -5.02
C ALA K 247 31.93 -45.36 -3.96
N ASP K 248 33.08 -44.79 -4.35
CA ASP K 248 33.78 -43.90 -3.44
C ASP K 248 33.20 -42.49 -3.51
N TYR K 249 33.24 -41.88 -4.69
CA TYR K 249 32.60 -40.60 -4.95
C TYR K 249 31.15 -40.82 -5.37
N ILE K 250 30.43 -39.72 -5.53
CA ILE K 250 28.96 -39.69 -5.62
C ILE K 250 28.39 -40.41 -4.41
N PRO K 251 28.39 -39.79 -3.23
CA PRO K 251 27.93 -40.50 -2.01
C PRO K 251 26.48 -40.94 -2.06
N GLN K 252 25.66 -40.33 -2.91
CA GLN K 252 24.30 -40.82 -3.10
C GLN K 252 24.29 -42.19 -3.78
N LEU K 253 25.28 -42.46 -4.63
CA LEU K 253 25.39 -43.77 -5.29
C LEU K 253 25.99 -44.83 -4.39
N ALA K 254 26.57 -44.47 -3.26
CA ALA K 254 27.20 -45.43 -2.36
C ALA K 254 26.23 -46.04 -1.36
N LYS K 255 24.95 -45.63 -1.39
CA LYS K 255 23.98 -46.14 -0.44
C LYS K 255 23.37 -47.48 -0.85
N PHE K 256 23.69 -47.99 -2.04
CA PHE K 256 23.17 -49.26 -2.48
C PHE K 256 23.93 -50.41 -1.82
N SER K 257 23.20 -51.45 -1.41
CA SER K 257 23.83 -52.60 -0.81
C SER K 257 24.57 -53.41 -1.87
N PRO K 258 25.71 -54.02 -1.52
CA PRO K 258 26.53 -54.71 -2.53
C PRO K 258 25.92 -56.01 -3.04
N ASP K 259 24.92 -56.57 -2.37
CA ASP K 259 24.36 -57.86 -2.78
C ASP K 259 23.30 -57.74 -3.86
N LEU K 260 22.98 -56.53 -4.31
CA LEU K 260 22.00 -56.36 -5.36
C LEU K 260 22.53 -56.88 -6.69
N TRP K 261 21.67 -57.60 -7.41
CA TRP K 261 22.08 -58.29 -8.64
C TRP K 261 20.87 -58.68 -9.47
N GLY K 262 20.82 -58.26 -10.72
CA GLY K 262 19.69 -58.55 -11.57
C GLY K 262 20.08 -58.54 -13.02
N VAL K 263 19.38 -59.37 -13.81
CA VAL K 263 19.67 -59.53 -15.24
C VAL K 263 18.34 -59.48 -16.00
N SER K 264 18.29 -58.66 -17.04
CA SER K 264 17.11 -58.56 -17.89
C SER K 264 17.48 -58.87 -19.34
N VAL K 265 16.56 -59.51 -20.05
CA VAL K 265 16.78 -59.97 -21.42
C VAL K 265 15.58 -59.57 -22.25
N CYS K 266 15.83 -58.95 -23.41
CA CYS K 266 14.79 -58.67 -24.40
C CYS K 266 15.36 -58.85 -25.79
N THR K 267 14.60 -59.48 -26.67
CA THR K 267 15.05 -59.78 -28.02
C THR K 267 14.47 -58.79 -29.02
N VAL K 268 14.73 -59.06 -30.30
CA VAL K 268 14.26 -58.19 -31.38
C VAL K 268 12.75 -58.31 -31.54
N ASP K 269 12.23 -59.54 -31.53
CA ASP K 269 10.81 -59.74 -31.81
C ASP K 269 9.93 -59.28 -30.65
N GLY K 270 10.40 -59.43 -29.42
CA GLY K 270 9.60 -59.06 -28.27
C GLY K 270 9.68 -60.08 -27.15
N GLN K 271 10.37 -61.19 -27.42
CA GLN K 271 10.62 -62.23 -26.44
C GLN K 271 11.48 -61.68 -25.31
N ARG K 272 10.92 -61.56 -24.10
CA ARG K 272 11.63 -60.92 -23.01
C ARG K 272 11.49 -61.71 -21.72
N HIS K 273 12.47 -61.55 -20.83
CA HIS K 273 12.56 -62.30 -19.59
C HIS K 273 13.52 -61.58 -18.67
N SER K 274 13.25 -61.64 -17.37
CA SER K 274 14.08 -60.96 -16.39
C SER K 274 14.05 -61.71 -15.07
N THR K 275 15.17 -61.64 -14.33
CA THR K 275 15.28 -62.25 -13.01
C THR K 275 15.98 -61.26 -12.08
N GLY K 276 16.21 -61.69 -10.84
CA GLY K 276 16.97 -60.87 -9.91
C GLY K 276 16.20 -59.67 -9.41
N ASP K 277 16.91 -58.55 -9.28
CA ASP K 277 16.36 -57.30 -8.76
C ASP K 277 15.98 -56.34 -9.87
N THR K 278 15.43 -56.87 -10.97
CA THR K 278 15.16 -56.11 -12.18
C THR K 278 14.14 -55.00 -12.01
N LYS K 279 13.36 -55.00 -10.93
CA LYS K 279 12.35 -53.98 -10.72
C LYS K 279 12.88 -52.77 -9.95
N VAL K 280 14.09 -52.82 -9.44
CA VAL K 280 14.66 -51.72 -8.66
C VAL K 280 15.24 -50.68 -9.61
N PRO K 281 14.80 -49.43 -9.54
CA PRO K 281 15.37 -48.39 -10.41
C PRO K 281 16.81 -48.07 -10.04
N PHE K 282 17.59 -47.72 -11.06
CA PHE K 282 18.98 -47.34 -10.87
C PHE K 282 19.37 -46.36 -11.97
N CYS K 283 20.37 -45.54 -11.69
CA CYS K 283 20.74 -44.47 -12.59
C CYS K 283 21.44 -45.01 -13.84
N LEU K 284 21.42 -44.19 -14.89
CA LEU K 284 22.01 -44.52 -16.18
C LEU K 284 23.33 -43.80 -16.39
N GLN K 285 24.14 -43.70 -15.33
CA GLN K 285 25.44 -43.03 -15.42
C GLN K 285 26.34 -43.72 -16.43
N SER K 286 26.75 -42.96 -17.44
CA SER K 286 27.67 -43.33 -18.53
C SER K 286 27.08 -44.37 -19.49
N CYS K 287 25.90 -44.90 -19.22
CA CYS K 287 25.25 -45.82 -20.14
C CYS K 287 24.33 -45.12 -21.13
N VAL K 288 24.12 -43.81 -20.96
CA VAL K 288 23.29 -43.03 -21.89
C VAL K 288 24.14 -42.38 -22.97
N LYS K 289 25.47 -42.40 -22.83
CA LYS K 289 26.36 -41.75 -23.79
C LYS K 289 26.24 -42.31 -25.21
N PRO K 290 26.21 -43.64 -25.46
CA PRO K 290 25.91 -44.09 -26.83
C PRO K 290 24.53 -43.67 -27.30
N LEU K 291 23.54 -43.63 -26.40
CA LEU K 291 22.19 -43.21 -26.78
C LEU K 291 22.17 -41.76 -27.21
N LYS K 292 22.77 -40.87 -26.42
CA LYS K 292 22.79 -39.45 -26.78
C LYS K 292 23.68 -39.19 -28.00
N TYR K 293 24.72 -40.01 -28.20
CA TYR K 293 25.48 -39.92 -29.44
C TYR K 293 24.63 -40.28 -30.64
N ALA K 294 23.80 -41.32 -30.51
CA ALA K 294 22.87 -41.67 -31.57
C ALA K 294 21.86 -40.55 -31.81
N ILE K 295 21.43 -39.88 -30.73
CA ILE K 295 20.50 -38.76 -30.87
C ILE K 295 21.15 -37.65 -31.69
N ALA K 296 22.38 -37.29 -31.34
CA ALA K 296 23.10 -36.22 -32.02
C ALA K 296 23.34 -36.57 -33.49
N VAL K 297 23.71 -37.82 -33.77
CA VAL K 297 23.97 -38.23 -35.14
C VAL K 297 22.67 -38.19 -35.96
N ASN K 298 21.61 -38.81 -35.44
CA ASN K 298 20.34 -38.84 -36.15
C ASN K 298 19.73 -37.45 -36.31
N ASP K 299 20.10 -36.50 -35.47
CA ASP K 299 19.59 -35.14 -35.63
C ASP K 299 20.43 -34.28 -36.57
N LEU K 300 21.76 -34.46 -36.59
CA LEU K 300 22.62 -33.47 -37.23
C LEU K 300 23.59 -34.04 -38.26
N GLY K 301 23.50 -35.32 -38.61
CA GLY K 301 24.45 -35.84 -39.59
C GLY K 301 25.77 -36.23 -38.98
N THR K 302 26.32 -37.36 -39.41
CA THR K 302 27.54 -37.90 -38.78
C THR K 302 28.76 -37.03 -39.09
N GLU K 303 28.80 -36.38 -40.25
CA GLU K 303 29.93 -35.49 -40.55
C GLU K 303 29.94 -34.28 -39.64
N TYR K 304 28.78 -33.65 -39.44
CA TYR K 304 28.71 -32.51 -38.54
C TYR K 304 28.92 -32.93 -37.09
N VAL K 305 28.53 -34.15 -36.73
CA VAL K 305 28.78 -34.63 -35.38
C VAL K 305 30.27 -34.84 -35.15
N HIS K 306 30.95 -35.50 -36.09
CA HIS K 306 32.37 -35.79 -35.96
C HIS K 306 33.26 -34.63 -36.38
N ARG K 307 32.67 -33.48 -36.75
CA ARG K 307 33.48 -32.27 -36.95
C ARG K 307 34.13 -31.83 -35.66
N TYR K 308 33.54 -32.15 -34.50
CA TYR K 308 34.04 -31.70 -33.22
C TYR K 308 34.59 -32.82 -32.34
N VAL K 309 34.33 -34.09 -32.68
CA VAL K 309 34.82 -35.21 -31.88
C VAL K 309 35.52 -36.21 -32.79
N GLY K 310 36.42 -36.99 -32.19
CA GLY K 310 37.07 -38.07 -32.89
C GLY K 310 36.32 -39.38 -32.73
N LYS K 311 36.91 -40.44 -33.25
CA LYS K 311 36.33 -41.78 -33.19
C LYS K 311 37.39 -42.82 -32.88
N GLU K 312 38.28 -42.50 -31.95
CA GLU K 312 39.38 -43.39 -31.59
C GLU K 312 39.41 -43.60 -30.09
N PRO K 313 39.85 -44.77 -29.62
CA PRO K 313 39.95 -44.99 -28.18
C PRO K 313 41.05 -44.14 -27.56
N SER K 314 40.79 -43.71 -26.33
CA SER K 314 41.76 -42.87 -25.62
C SER K 314 42.91 -43.70 -25.07
N GLY K 315 42.63 -44.92 -24.63
CA GLY K 315 43.64 -45.75 -24.00
C GLY K 315 43.88 -45.48 -22.53
N LEU K 316 43.12 -44.56 -21.93
CA LEU K 316 43.25 -44.25 -20.51
C LEU K 316 41.90 -44.25 -19.83
N ARG K 317 41.86 -43.83 -18.56
CA ARG K 317 40.61 -43.73 -17.83
C ARG K 317 39.74 -42.63 -18.43
N PHE K 318 38.43 -42.77 -18.22
CA PHE K 318 37.49 -41.76 -18.72
C PHE K 318 37.61 -40.44 -17.97
N ASN K 319 38.03 -40.47 -16.71
CA ASN K 319 38.21 -39.25 -15.94
C ASN K 319 39.45 -38.46 -16.33
N LYS K 320 40.36 -39.05 -17.09
CA LYS K 320 41.59 -38.37 -17.47
C LYS K 320 41.29 -37.25 -18.47
N LEU K 321 41.84 -36.08 -18.20
CA LEU K 321 41.64 -34.91 -19.05
C LEU K 321 42.83 -34.61 -19.96
N PHE K 322 42.68 -34.98 -21.23
CA PHE K 322 43.69 -34.78 -22.26
C PHE K 322 43.03 -35.00 -23.62
N LEU K 323 43.54 -34.31 -24.63
CA LEU K 323 42.99 -34.36 -25.97
C LEU K 323 43.99 -34.99 -26.94
N ASN K 324 43.58 -35.11 -28.19
CA ASN K 324 44.41 -35.73 -29.22
C ASN K 324 45.37 -34.67 -29.78
N GLU K 325 46.00 -35.00 -30.91
CA GLU K 325 46.90 -34.05 -31.57
C GLU K 325 46.15 -32.86 -32.16
N ASP K 326 44.85 -33.00 -32.42
CA ASP K 326 44.04 -31.93 -32.99
C ASP K 326 43.27 -31.16 -31.93
N ASP K 327 43.58 -31.37 -30.64
CA ASP K 327 42.92 -30.71 -29.51
C ASP K 327 41.41 -30.96 -29.53
N LYS K 328 41.03 -32.23 -29.70
CA LYS K 328 39.65 -32.67 -29.70
C LYS K 328 39.50 -33.88 -28.79
N PRO K 329 38.31 -34.12 -28.25
CA PRO K 329 38.07 -35.35 -27.49
C PRO K 329 38.24 -36.58 -28.37
N HIS K 330 38.73 -37.66 -27.76
CA HIS K 330 39.11 -38.84 -28.51
C HIS K 330 37.90 -39.58 -29.07
N ASN K 331 36.83 -39.68 -28.28
CA ASN K 331 35.64 -40.42 -28.67
C ASN K 331 34.46 -39.89 -27.87
N PRO K 332 33.23 -40.08 -28.36
CA PRO K 332 32.06 -39.66 -27.57
C PRO K 332 31.88 -40.43 -26.27
N MET K 333 32.53 -41.57 -26.09
CA MET K 333 32.28 -42.39 -24.90
C MET K 333 32.92 -41.79 -23.66
N VAL K 334 34.08 -41.15 -23.79
CA VAL K 334 34.74 -40.53 -22.65
C VAL K 334 34.01 -39.24 -22.27
N ASN K 335 34.36 -38.68 -21.12
CA ASN K 335 33.61 -37.55 -20.56
C ASN K 335 33.67 -36.32 -21.46
N ALA K 336 34.84 -36.04 -22.05
CA ALA K 336 34.97 -34.88 -22.92
C ALA K 336 34.10 -35.00 -24.16
N GLY K 337 34.10 -36.18 -24.79
CA GLY K 337 33.25 -36.40 -25.94
C GLY K 337 31.78 -36.34 -25.59
N ALA K 338 31.42 -36.85 -24.40
CA ALA K 338 30.04 -36.75 -23.94
C ALA K 338 29.62 -35.30 -23.75
N ILE K 339 30.51 -34.48 -23.20
CA ILE K 339 30.22 -33.06 -23.01
C ILE K 339 30.02 -32.38 -24.36
N VAL K 340 30.90 -32.68 -25.32
CA VAL K 340 30.79 -32.05 -26.64
C VAL K 340 29.51 -32.47 -27.36
N VAL K 341 29.15 -33.76 -27.28
CA VAL K 341 27.92 -34.18 -27.95
C VAL K 341 26.66 -33.73 -27.20
N THR K 342 26.74 -33.44 -25.90
CA THR K 342 25.63 -32.75 -25.25
C THR K 342 25.53 -31.32 -25.73
N SER K 343 26.67 -30.70 -26.07
CA SER K 343 26.63 -29.33 -26.59
C SER K 343 25.96 -29.26 -27.96
N LEU K 344 25.98 -30.35 -28.73
CA LEU K 344 25.49 -30.31 -30.10
C LEU K 344 23.97 -30.33 -30.19
N ILE K 345 23.29 -30.99 -29.26
CA ILE K 345 21.87 -31.26 -29.38
C ILE K 345 21.08 -29.98 -29.10
N LYS K 346 20.42 -29.44 -30.14
CA LYS K 346 19.48 -28.32 -30.04
C LYS K 346 20.14 -27.09 -29.41
N GLN K 347 21.11 -26.56 -30.15
CA GLN K 347 21.96 -25.50 -29.62
C GLN K 347 21.20 -24.20 -29.37
N GLY K 348 20.19 -23.91 -30.17
CA GLY K 348 19.45 -22.67 -30.05
C GLY K 348 18.28 -22.69 -29.10
N VAL K 349 18.10 -23.76 -28.34
CA VAL K 349 16.94 -23.94 -27.48
C VAL K 349 17.43 -24.10 -26.05
N ASN K 350 16.65 -23.59 -25.10
CA ASN K 350 17.02 -23.62 -23.69
C ASN K 350 17.02 -25.05 -23.14
N ASN K 351 17.43 -25.18 -21.88
CA ASN K 351 17.66 -26.50 -21.29
C ASN K 351 16.37 -27.29 -21.06
N ALA K 352 15.29 -26.61 -20.68
CA ALA K 352 14.06 -27.31 -20.33
C ALA K 352 13.45 -28.02 -21.54
N GLU K 353 13.33 -27.32 -22.67
CA GLU K 353 12.78 -27.95 -23.86
C GLU K 353 13.75 -28.97 -24.45
N LYS K 354 15.05 -28.78 -24.27
CA LYS K 354 16.02 -29.78 -24.69
C LYS K 354 15.82 -31.08 -23.92
N PHE K 355 15.68 -30.99 -22.60
CA PHE K 355 15.44 -32.18 -21.79
C PHE K 355 14.10 -32.80 -22.12
N ASP K 356 13.08 -31.98 -22.39
CA ASP K 356 11.78 -32.50 -22.79
C ASP K 356 11.87 -33.27 -24.11
N TYR K 357 12.60 -32.73 -25.09
CA TYR K 357 12.75 -33.40 -26.37
C TYR K 357 13.50 -34.72 -26.23
N VAL K 358 14.62 -34.72 -25.49
CA VAL K 358 15.39 -35.96 -25.36
C VAL K 358 14.62 -36.98 -24.52
N MET K 359 13.83 -36.54 -23.54
CA MET K 359 13.03 -37.46 -22.74
C MET K 359 11.90 -38.06 -23.55
N GLN K 360 11.24 -37.24 -24.38
CA GLN K 360 10.19 -37.75 -25.26
C GLN K 360 10.75 -38.76 -26.25
N PHE K 361 11.91 -38.46 -26.83
CA PHE K 361 12.48 -39.37 -27.82
C PHE K 361 12.96 -40.66 -27.17
N LEU K 362 13.52 -40.56 -25.95
CA LEU K 362 13.97 -41.75 -25.25
C LEU K 362 12.78 -42.60 -24.78
N ASN K 363 11.66 -41.96 -24.42
CA ASN K 363 10.45 -42.71 -24.10
C ASN K 363 9.89 -43.40 -25.32
N LYS K 364 9.98 -42.75 -26.49
CA LYS K 364 9.60 -43.40 -27.74
C LYS K 364 10.49 -44.61 -28.02
N MET K 365 11.80 -44.48 -27.74
CA MET K 365 12.72 -45.59 -27.94
C MET K 365 12.46 -46.72 -26.95
N ALA K 366 12.03 -46.40 -25.74
CA ALA K 366 11.81 -47.40 -24.70
C ALA K 366 10.43 -48.05 -24.78
N GLY K 367 9.61 -47.66 -25.75
CA GLY K 367 8.26 -48.19 -25.84
C GLY K 367 7.36 -47.77 -24.70
N ASN K 368 7.48 -46.52 -24.25
CA ASN K 368 6.67 -45.95 -23.18
C ASN K 368 6.78 -46.75 -21.88
N GLU K 369 7.98 -47.22 -21.58
CA GLU K 369 8.24 -47.94 -20.35
C GLU K 369 8.55 -46.95 -19.23
N TYR K 370 9.00 -47.44 -18.09
CA TYR K 370 9.29 -46.58 -16.95
C TYR K 370 10.65 -45.93 -17.12
N VAL K 371 10.68 -44.61 -17.25
CA VAL K 371 11.91 -43.84 -17.30
C VAL K 371 11.74 -42.69 -16.32
N GLY K 372 12.50 -42.72 -15.23
CA GLY K 372 12.42 -41.72 -14.19
C GLY K 372 13.58 -40.75 -14.21
N PHE K 373 13.75 -40.04 -13.10
CA PHE K 373 14.84 -39.07 -12.95
C PHE K 373 15.16 -38.98 -11.46
N SER K 374 16.26 -39.61 -11.05
CA SER K 374 16.66 -39.64 -9.65
C SER K 374 17.30 -38.31 -9.30
N ASN K 375 16.51 -37.39 -8.75
CA ASN K 375 17.00 -36.08 -8.35
C ASN K 375 17.98 -36.16 -7.19
N ALA K 376 17.90 -37.22 -6.37
CA ALA K 376 18.84 -37.39 -5.28
C ALA K 376 20.26 -37.57 -5.79
N THR K 377 20.44 -38.32 -6.88
CA THR K 377 21.75 -38.47 -7.50
C THR K 377 22.10 -37.32 -8.43
N PHE K 378 21.18 -36.38 -8.65
CA PHE K 378 21.50 -35.18 -9.40
C PHE K 378 21.96 -34.05 -8.50
N GLN K 379 21.41 -33.97 -7.28
CA GLN K 379 21.94 -33.04 -6.29
C GLN K 379 23.36 -33.43 -5.88
N SER K 380 23.58 -34.71 -5.66
CA SER K 380 24.94 -35.22 -5.61
C SER K 380 25.53 -35.24 -7.02
N GLU K 381 26.86 -35.30 -7.08
CA GLU K 381 27.67 -35.32 -8.31
C GLU K 381 27.65 -33.97 -9.00
N ARG K 382 26.82 -33.04 -8.52
CA ARG K 382 26.84 -31.64 -8.95
C ARG K 382 27.55 -30.75 -7.93
N GLU K 383 27.31 -30.97 -6.65
CA GLU K 383 28.05 -30.30 -5.59
C GLU K 383 29.32 -31.05 -5.21
N SER K 384 29.52 -32.26 -5.74
CA SER K 384 30.69 -33.07 -5.42
C SER K 384 31.47 -33.53 -6.63
N GLY K 385 30.93 -33.42 -7.84
CA GLY K 385 31.65 -33.81 -9.03
C GLY K 385 32.55 -32.69 -9.53
N ASP K 386 33.85 -32.80 -9.24
CA ASP K 386 34.78 -31.73 -9.54
C ASP K 386 35.61 -31.98 -10.80
N ARG K 387 35.87 -33.25 -11.13
CA ARG K 387 36.67 -33.55 -12.31
C ARG K 387 35.94 -33.17 -13.60
N ASN K 388 34.61 -33.33 -13.62
CA ASN K 388 33.83 -32.96 -14.79
C ASN K 388 33.88 -31.46 -15.04
N PHE K 389 33.87 -30.66 -13.97
CA PHE K 389 33.98 -29.21 -14.13
C PHE K 389 35.35 -28.82 -14.69
N ALA K 390 36.41 -29.49 -14.24
CA ALA K 390 37.74 -29.23 -14.77
C ALA K 390 37.84 -29.61 -16.23
N ILE K 391 37.23 -30.75 -16.60
CA ILE K 391 37.22 -31.18 -18.00
C ILE K 391 36.47 -30.18 -18.87
N GLY K 392 35.32 -29.71 -18.39
CA GLY K 392 34.55 -28.73 -19.15
C GLY K 392 35.27 -27.41 -19.31
N TYR K 393 35.94 -26.94 -18.26
CA TYR K 393 36.70 -25.70 -18.35
C TYR K 393 37.90 -25.87 -19.28
N TYR K 394 38.54 -27.04 -19.27
CA TYR K 394 39.64 -27.29 -20.19
C TYR K 394 39.15 -27.30 -21.63
N LEU K 395 37.99 -27.90 -21.88
CA LEU K 395 37.43 -27.90 -23.24
C LEU K 395 37.05 -26.49 -23.67
N LYS K 396 36.52 -25.68 -22.76
CA LYS K 396 36.22 -24.28 -23.09
C LYS K 396 37.49 -23.50 -23.39
N GLU K 397 38.56 -23.77 -22.63
CA GLU K 397 39.83 -23.09 -22.87
C GLU K 397 40.43 -23.49 -24.21
N LYS K 398 40.28 -24.75 -24.60
CA LYS K 398 40.79 -25.21 -25.88
C LYS K 398 39.91 -24.77 -27.06
N LYS K 399 38.75 -24.17 -26.79
CA LYS K 399 37.84 -23.63 -27.80
C LYS K 399 37.38 -24.70 -28.80
N CYS K 400 37.08 -25.89 -28.28
CA CYS K 400 36.52 -26.96 -29.09
C CYS K 400 35.01 -26.97 -29.08
N PHE K 401 34.38 -26.08 -28.32
CA PHE K 401 32.94 -25.99 -28.26
C PHE K 401 32.37 -25.35 -29.53
N PRO K 402 31.10 -25.62 -29.85
CA PRO K 402 30.46 -24.89 -30.94
C PRO K 402 30.25 -23.42 -30.59
N GLU K 403 30.00 -22.62 -31.62
CA GLU K 403 29.86 -21.19 -31.45
C GLU K 403 28.59 -20.85 -30.67
N GLY K 404 28.71 -19.90 -29.75
CA GLY K 404 27.58 -19.46 -28.95
C GLY K 404 27.05 -20.49 -27.99
N THR K 405 27.93 -21.18 -27.27
CA THR K 405 27.54 -22.23 -26.34
C THR K 405 28.03 -21.88 -24.94
N ASP K 406 27.12 -21.96 -23.97
CA ASP K 406 27.47 -21.71 -22.57
C ASP K 406 27.93 -23.01 -21.92
N MET K 407 29.10 -22.97 -21.28
CA MET K 407 29.70 -24.19 -20.76
C MET K 407 28.95 -24.70 -19.54
N VAL K 408 28.54 -23.80 -18.63
CA VAL K 408 27.95 -24.22 -17.36
C VAL K 408 26.59 -24.88 -17.60
N GLY K 409 25.75 -24.28 -18.45
CA GLY K 409 24.46 -24.87 -18.74
C GLY K 409 24.57 -26.20 -19.45
N ILE K 410 25.55 -26.34 -20.35
CA ILE K 410 25.76 -27.59 -21.06
C ILE K 410 26.25 -28.67 -20.10
N LEU K 411 27.13 -28.30 -19.16
CA LEU K 411 27.59 -29.27 -18.17
C LEU K 411 26.46 -29.70 -17.25
N ASP K 412 25.58 -28.76 -16.86
CA ASP K 412 24.42 -29.12 -16.05
C ASP K 412 23.47 -30.03 -16.83
N PHE K 413 23.31 -29.77 -18.13
CA PHE K 413 22.51 -30.64 -18.98
C PHE K 413 23.10 -32.04 -19.06
N TYR K 414 24.43 -32.13 -19.15
CA TYR K 414 25.10 -33.42 -19.16
C TYR K 414 24.89 -34.17 -17.85
N PHE K 415 24.94 -33.46 -16.73
CA PHE K 415 24.63 -34.06 -15.44
C PHE K 415 23.21 -34.58 -15.38
N GLN K 416 22.26 -33.80 -15.95
CA GLN K 416 20.86 -34.21 -15.96
C GLN K 416 20.66 -35.46 -16.84
N LEU K 417 21.35 -35.52 -17.98
CA LEU K 417 21.29 -36.73 -18.81
C LEU K 417 21.88 -37.92 -18.09
N CYS K 418 22.97 -37.72 -17.34
CA CYS K 418 23.55 -38.82 -16.58
C CYS K 418 22.70 -39.22 -15.38
N SER K 419 21.81 -38.34 -14.92
CA SER K 419 21.01 -38.61 -13.74
C SER K 419 19.70 -39.34 -14.04
N ILE K 420 19.47 -39.73 -15.29
CA ILE K 420 18.26 -40.46 -15.64
C ILE K 420 18.31 -41.86 -15.02
N GLU K 421 17.23 -42.28 -14.39
CA GLU K 421 17.14 -43.59 -13.77
C GLU K 421 16.12 -44.46 -14.49
N VAL K 422 16.48 -45.72 -14.72
CA VAL K 422 15.61 -46.71 -15.33
C VAL K 422 15.75 -48.02 -14.55
N THR K 423 14.77 -48.90 -14.72
CA THR K 423 14.87 -50.25 -14.20
C THR K 423 15.54 -51.15 -15.23
N CYS K 424 15.94 -52.35 -14.78
CA CYS K 424 16.56 -53.31 -15.68
C CYS K 424 15.57 -53.79 -16.73
N GLU K 425 14.32 -54.01 -16.34
CA GLU K 425 13.29 -54.40 -17.31
C GLU K 425 13.04 -53.30 -18.33
N SER K 426 13.01 -52.04 -17.89
CA SER K 426 12.82 -50.93 -18.81
C SER K 426 14.05 -50.75 -19.71
N ALA K 427 15.24 -50.97 -19.17
CA ALA K 427 16.45 -50.86 -19.97
C ALA K 427 16.70 -52.09 -20.83
N SER K 428 15.91 -53.15 -20.66
CA SER K 428 15.99 -54.26 -21.60
C SER K 428 15.41 -53.89 -22.96
N VAL K 429 14.43 -52.98 -22.98
CA VAL K 429 13.97 -52.43 -24.25
C VAL K 429 15.08 -51.60 -24.89
N MET K 430 15.84 -50.88 -24.07
CA MET K 430 17.09 -50.30 -24.54
C MET K 430 18.08 -51.39 -24.90
N ALA K 431 19.01 -51.05 -25.79
CA ALA K 431 19.97 -51.98 -26.41
C ALA K 431 19.26 -53.09 -27.17
N ALA K 432 18.01 -52.89 -27.54
CA ALA K 432 17.26 -53.82 -28.36
C ALA K 432 16.69 -53.06 -29.55
N THR K 433 16.36 -51.78 -29.34
CA THR K 433 16.03 -50.90 -30.44
C THR K 433 17.24 -50.71 -31.36
N LEU K 434 18.41 -50.52 -30.78
CA LEU K 434 19.64 -50.44 -31.55
C LEU K 434 20.25 -51.80 -31.84
N ALA K 435 19.75 -52.87 -31.21
CA ALA K 435 20.07 -54.20 -31.70
C ALA K 435 19.29 -54.53 -32.96
N ASN K 436 18.12 -53.90 -33.13
CA ASN K 436 17.35 -53.99 -34.35
C ASN K 436 17.89 -52.98 -35.35
N GLY K 437 17.17 -52.76 -36.45
CA GLY K 437 17.57 -51.77 -37.43
C GLY K 437 17.02 -50.39 -37.11
N GLY K 438 17.17 -49.96 -35.86
CA GLY K 438 16.65 -48.68 -35.41
C GLY K 438 15.19 -48.69 -35.03
N PHE K 439 14.51 -49.82 -35.13
CA PHE K 439 13.09 -49.92 -34.78
C PHE K 439 12.93 -50.48 -33.37
N CYS K 440 11.89 -50.02 -32.69
CA CYS K 440 11.62 -50.48 -31.34
C CYS K 440 11.18 -51.94 -31.36
N PRO K 441 11.76 -52.79 -30.52
CA PRO K 441 11.35 -54.20 -30.51
C PRO K 441 9.94 -54.44 -30.01
N ILE K 442 9.35 -53.48 -29.29
CA ILE K 442 8.03 -53.64 -28.70
C ILE K 442 6.95 -52.99 -29.57
N THR K 443 7.17 -51.76 -30.00
CA THR K 443 6.18 -51.03 -30.77
C THR K 443 6.39 -51.12 -32.28
N GLY K 444 7.61 -51.40 -32.73
CA GLY K 444 7.88 -51.47 -34.15
C GLY K 444 7.87 -50.14 -34.86
N GLU K 445 8.07 -49.05 -34.13
CA GLU K 445 8.05 -47.71 -34.71
C GLU K 445 9.43 -47.30 -35.20
N ARG K 446 9.44 -46.36 -36.14
CA ARG K 446 10.68 -45.78 -36.64
C ARG K 446 11.25 -44.83 -35.60
N VAL K 447 12.42 -45.16 -35.07
CA VAL K 447 13.04 -44.33 -34.03
C VAL K 447 14.34 -43.73 -34.56
N LEU K 448 15.31 -44.59 -34.86
CA LEU K 448 16.65 -44.14 -35.22
C LEU K 448 16.99 -44.56 -36.65
N SER K 449 17.77 -43.71 -37.31
CA SER K 449 18.28 -44.06 -38.62
C SER K 449 19.27 -45.22 -38.51
N PRO K 450 19.30 -46.11 -39.51
CA PRO K 450 20.26 -47.22 -39.47
C PRO K 450 21.72 -46.78 -39.45
N GLU K 451 22.04 -45.64 -40.07
CA GLU K 451 23.41 -45.14 -40.04
C GLU K 451 23.84 -44.78 -38.62
N ALA K 452 22.95 -44.11 -37.87
CA ALA K 452 23.26 -43.75 -36.49
C ALA K 452 23.44 -44.98 -35.62
N VAL K 453 22.57 -45.99 -35.82
CA VAL K 453 22.65 -47.22 -35.06
C VAL K 453 23.97 -47.95 -35.35
N ARG K 454 24.33 -48.02 -36.63
CA ARG K 454 25.59 -48.66 -37.01
C ARG K 454 26.79 -47.92 -36.44
N ASN K 455 26.76 -46.59 -36.47
CA ASN K 455 27.88 -45.80 -35.95
C ASN K 455 28.03 -45.97 -34.44
N THR K 456 26.92 -45.91 -33.69
CA THR K 456 27.04 -46.05 -32.25
C THR K 456 27.38 -47.48 -31.85
N LEU K 457 26.94 -48.47 -32.63
CA LEU K 457 27.33 -49.85 -32.36
C LEU K 457 28.83 -50.04 -32.59
N SER K 458 29.36 -49.47 -33.67
CA SER K 458 30.79 -49.57 -33.94
C SER K 458 31.61 -48.87 -32.86
N LEU K 459 31.17 -47.70 -32.41
CA LEU K 459 31.93 -46.99 -31.39
C LEU K 459 31.87 -47.69 -30.04
N MET K 460 30.71 -48.23 -29.67
CA MET K 460 30.64 -48.95 -28.40
C MET K 460 31.32 -50.31 -28.47
N HIS K 461 31.49 -50.86 -29.68
CA HIS K 461 32.31 -52.06 -29.82
C HIS K 461 33.79 -51.73 -29.72
N SER K 462 34.18 -50.57 -30.25
CA SER K 462 35.59 -50.19 -30.26
C SER K 462 36.08 -49.73 -28.88
N CYS K 463 35.42 -48.73 -28.31
CA CYS K 463 35.89 -48.12 -27.07
C CYS K 463 34.73 -47.91 -26.10
N GLY K 464 33.83 -48.88 -26.02
CA GLY K 464 32.68 -48.75 -25.14
C GLY K 464 32.87 -49.38 -23.78
N MET K 465 34.11 -49.72 -23.43
CA MET K 465 34.37 -50.36 -22.15
C MET K 465 35.61 -49.80 -21.45
N TRP K 466 35.97 -48.56 -21.76
CA TRP K 466 37.15 -47.85 -21.22
C TRP K 466 38.39 -48.67 -21.56
N ASP K 467 39.31 -48.87 -20.61
CA ASP K 467 40.53 -49.64 -20.87
C ASP K 467 40.28 -51.13 -20.98
N PHE K 468 39.09 -51.61 -20.63
CA PHE K 468 38.75 -53.01 -20.74
C PHE K 468 38.15 -53.36 -22.11
N SER K 469 38.11 -52.40 -23.03
CA SER K 469 37.49 -52.63 -24.34
C SER K 469 38.25 -53.68 -25.14
N GLY K 470 39.59 -53.63 -25.10
CA GLY K 470 40.37 -54.61 -25.82
C GLY K 470 40.18 -56.03 -25.28
N GLN K 471 40.15 -56.17 -23.96
CA GLN K 471 39.95 -57.48 -23.36
C GLN K 471 38.53 -57.98 -23.60
N PHE K 472 37.55 -57.07 -23.61
CA PHE K 472 36.17 -57.46 -23.90
C PHE K 472 36.01 -57.92 -25.34
N ALA K 473 36.67 -57.23 -26.28
CA ALA K 473 36.63 -57.67 -27.67
C ALA K 473 37.41 -58.96 -27.87
N PHE K 474 38.45 -59.18 -27.05
CA PHE K 474 39.24 -60.40 -27.17
C PHE K 474 38.47 -61.62 -26.66
N HIS K 475 37.82 -61.49 -25.51
CA HIS K 475 37.12 -62.62 -24.91
C HIS K 475 35.66 -62.70 -25.35
N VAL K 476 34.88 -61.65 -25.07
CA VAL K 476 33.46 -61.67 -25.40
C VAL K 476 33.25 -61.33 -26.86
N GLY K 477 33.83 -60.23 -27.32
CA GLY K 477 33.66 -59.80 -28.71
C GLY K 477 32.26 -59.35 -29.05
N LEU K 478 31.61 -58.62 -28.15
CA LEU K 478 30.27 -58.09 -28.38
C LEU K 478 30.23 -56.63 -27.97
N PRO K 479 29.41 -55.82 -28.65
CA PRO K 479 29.29 -54.40 -28.27
C PRO K 479 28.59 -54.26 -26.93
N ALA K 480 29.17 -53.45 -26.06
CA ALA K 480 28.61 -53.23 -24.73
C ALA K 480 29.05 -51.86 -24.22
N LYS K 481 28.31 -51.35 -23.25
CA LYS K 481 28.62 -50.08 -22.61
C LYS K 481 28.46 -50.23 -21.11
N SER K 482 29.42 -49.70 -20.36
CA SER K 482 29.42 -49.80 -18.90
C SER K 482 29.17 -48.42 -18.29
N GLY K 483 29.22 -48.39 -16.96
CA GLY K 483 29.04 -47.15 -16.24
C GLY K 483 29.36 -47.35 -14.77
N VAL K 484 29.43 -46.21 -14.06
CA VAL K 484 29.75 -46.26 -12.64
C VAL K 484 28.57 -46.68 -11.77
N ALA K 485 27.38 -46.79 -12.36
CA ALA K 485 26.21 -47.26 -11.64
C ALA K 485 26.10 -48.78 -11.63
N GLY K 486 27.05 -49.48 -12.23
CA GLY K 486 27.05 -50.92 -12.28
C GLY K 486 26.23 -51.52 -13.39
N GLY K 487 25.78 -50.72 -14.35
CA GLY K 487 24.99 -51.21 -15.47
C GLY K 487 25.87 -51.55 -16.67
N ILE K 488 25.52 -52.64 -17.34
CA ILE K 488 26.20 -53.07 -18.56
C ILE K 488 25.15 -53.17 -19.66
N LEU K 489 25.35 -52.40 -20.73
CA LEU K 489 24.41 -52.39 -21.86
C LEU K 489 24.94 -53.31 -22.96
N LEU K 490 24.89 -54.60 -22.67
CA LEU K 490 25.37 -55.61 -23.63
C LEU K 490 24.42 -55.71 -24.81
N VAL K 491 24.98 -55.66 -26.01
CA VAL K 491 24.21 -55.66 -27.26
C VAL K 491 24.66 -56.83 -28.11
N VAL K 492 23.70 -57.61 -28.60
CA VAL K 492 23.92 -58.62 -29.62
C VAL K 492 23.24 -58.15 -30.90
N PRO K 493 23.96 -57.93 -32.00
CA PRO K 493 23.35 -57.32 -33.18
C PRO K 493 22.39 -58.27 -33.87
N ASN K 494 21.19 -57.78 -34.18
CA ASN K 494 20.13 -58.47 -34.91
C ASN K 494 19.62 -59.71 -34.19
N VAL K 495 19.94 -59.89 -32.91
CA VAL K 495 19.47 -61.07 -32.19
C VAL K 495 18.67 -60.65 -30.95
N MET K 496 19.33 -59.98 -30.00
CA MET K 496 18.71 -59.71 -28.71
C MET K 496 19.51 -58.63 -27.99
N GLY K 497 18.90 -58.09 -26.93
CA GLY K 497 19.57 -57.14 -26.06
C GLY K 497 19.55 -57.62 -24.62
N MET K 498 20.40 -57.04 -23.77
CA MET K 498 20.53 -57.50 -22.39
C MET K 498 20.77 -56.32 -21.47
N MET K 499 20.75 -56.59 -20.17
CA MET K 499 20.90 -55.55 -19.16
C MET K 499 21.35 -56.22 -17.86
N CYS K 500 22.55 -55.90 -17.40
CA CYS K 500 23.11 -56.45 -16.17
C CYS K 500 23.40 -55.32 -15.20
N TRP K 501 22.95 -55.48 -13.96
CA TRP K 501 23.13 -54.47 -12.93
C TRP K 501 23.83 -55.09 -11.73
N SER K 502 24.95 -54.49 -11.32
CA SER K 502 25.71 -54.97 -10.17
C SER K 502 26.45 -53.78 -9.56
N PRO K 503 25.97 -53.27 -8.43
CA PRO K 503 26.58 -52.08 -7.80
C PRO K 503 28.04 -52.25 -7.40
N PRO K 504 28.51 -53.46 -7.02
CA PRO K 504 29.97 -53.63 -6.91
C PRO K 504 30.67 -53.39 -8.24
N LEU K 505 31.85 -52.77 -8.15
CA LEU K 505 32.59 -52.33 -9.32
C LEU K 505 34.03 -52.77 -9.23
N ASP K 506 34.67 -52.87 -10.39
CA ASP K 506 36.11 -53.09 -10.43
C ASP K 506 36.84 -51.79 -10.10
N LYS K 507 38.16 -51.89 -9.93
CA LYS K 507 38.98 -50.71 -9.67
C LYS K 507 39.08 -49.81 -10.90
N MET K 508 38.70 -50.31 -12.08
CA MET K 508 38.83 -49.55 -13.32
C MET K 508 37.53 -48.90 -13.75
N GLY K 509 36.38 -49.37 -13.26
CA GLY K 509 35.12 -48.74 -13.55
C GLY K 509 34.08 -49.62 -14.21
N ASN K 510 34.16 -50.92 -13.97
CA ASN K 510 33.22 -51.88 -14.54
C ASN K 510 32.73 -52.82 -13.45
N SER K 511 31.55 -53.39 -13.66
CA SER K 511 30.98 -54.33 -12.71
C SER K 511 31.61 -55.71 -12.91
N VAL K 512 32.14 -56.28 -11.82
CA VAL K 512 32.81 -57.57 -11.89
C VAL K 512 31.81 -58.67 -12.21
N LYS K 513 30.64 -58.63 -11.58
CA LYS K 513 29.62 -59.65 -11.81
C LYS K 513 29.12 -59.63 -13.24
N GLY K 514 28.93 -58.43 -13.81
CA GLY K 514 28.51 -58.34 -15.20
C GLY K 514 29.56 -58.87 -16.16
N ILE K 515 30.84 -58.60 -15.88
CA ILE K 515 31.92 -59.09 -16.73
C ILE K 515 31.99 -60.62 -16.67
N HIS K 516 31.88 -61.19 -15.47
CA HIS K 516 31.89 -62.64 -15.34
C HIS K 516 30.67 -63.27 -16.01
N PHE K 517 29.51 -62.60 -15.92
CA PHE K 517 28.31 -63.08 -16.58
C PHE K 517 28.48 -63.07 -18.10
N CYS K 518 29.09 -62.01 -18.63
CA CYS K 518 29.32 -61.93 -20.07
C CYS K 518 30.31 -63.00 -20.53
N HIS K 519 31.35 -63.26 -19.74
CA HIS K 519 32.30 -64.32 -20.06
C HIS K 519 31.62 -65.69 -20.07
N ASP K 520 30.77 -65.95 -19.07
CA ASP K 520 30.06 -67.22 -19.02
C ASP K 520 29.08 -67.35 -20.18
N LEU K 521 28.43 -66.24 -20.56
CA LEU K 521 27.46 -66.27 -21.66
C LEU K 521 28.16 -66.54 -22.99
N VAL K 522 29.30 -65.89 -23.24
CA VAL K 522 30.00 -66.14 -24.50
C VAL K 522 30.66 -67.51 -24.50
N SER K 523 30.97 -68.06 -23.31
CA SER K 523 31.48 -69.42 -23.25
C SER K 523 30.39 -70.45 -23.49
N LEU K 524 29.15 -70.17 -23.08
CA LEU K 524 28.07 -71.14 -23.24
C LEU K 524 27.60 -71.20 -24.69
N CYS K 525 27.12 -70.09 -25.23
CA CYS K 525 26.68 -70.05 -26.62
C CYS K 525 27.81 -69.65 -27.56
N LEU L 139 29.59 -89.14 -62.22
CA LEU L 139 29.07 -87.79 -62.08
C LEU L 139 29.91 -86.81 -62.88
N GLU L 140 31.15 -87.21 -63.18
CA GLU L 140 32.02 -86.36 -63.99
C GLU L 140 31.56 -86.32 -65.44
N ASP L 141 30.85 -87.35 -65.90
CA ASP L 141 30.22 -87.28 -67.21
C ASP L 141 29.12 -86.22 -67.23
N LEU L 142 28.38 -86.09 -66.12
CA LEU L 142 27.40 -85.02 -66.01
C LEU L 142 28.07 -83.66 -65.96
N LEU L 143 29.25 -83.57 -65.33
CA LEU L 143 30.02 -82.34 -65.35
C LEU L 143 30.46 -81.99 -66.77
N PHE L 144 30.89 -82.98 -67.54
CA PHE L 144 31.27 -82.75 -68.92
C PHE L 144 30.08 -82.31 -69.76
N TYR L 145 28.91 -82.93 -69.52
CA TYR L 145 27.69 -82.54 -70.22
C TYR L 145 27.24 -81.14 -69.83
N THR L 146 27.53 -80.70 -68.61
CA THR L 146 27.20 -79.35 -68.20
C THR L 146 28.16 -78.33 -68.82
N ILE L 147 29.45 -78.65 -68.85
CA ILE L 147 30.44 -77.74 -69.43
C ILE L 147 30.27 -77.66 -70.95
N ALA L 148 30.21 -78.81 -71.61
CA ALA L 148 30.02 -78.89 -73.05
C ALA L 148 28.52 -78.91 -73.35
N GLU L 149 28.16 -79.23 -74.59
CA GLU L 149 26.77 -79.38 -74.98
C GLU L 149 26.46 -80.78 -75.49
N GLY L 150 27.24 -81.78 -75.07
CA GLY L 150 27.03 -83.15 -75.48
C GLY L 150 27.99 -83.67 -76.53
N GLN L 151 29.04 -82.93 -76.87
CA GLN L 151 29.99 -83.36 -77.88
C GLN L 151 31.13 -84.16 -77.24
N GLU L 152 31.57 -85.20 -77.96
CA GLU L 152 32.62 -86.08 -77.45
C GLU L 152 33.99 -85.38 -77.48
N LYS L 153 34.25 -84.55 -78.48
CA LYS L 153 35.56 -83.97 -78.69
C LYS L 153 35.58 -82.52 -78.26
N ILE L 154 36.55 -82.17 -77.42
CA ILE L 154 36.76 -80.82 -76.90
C ILE L 154 38.22 -80.44 -77.11
N PRO L 155 38.52 -79.26 -77.65
CA PRO L 155 39.92 -78.85 -77.82
C PRO L 155 40.59 -78.56 -76.48
N VAL L 156 41.92 -78.49 -76.54
CA VAL L 156 42.71 -78.28 -75.34
C VAL L 156 42.46 -76.89 -74.77
N HIS L 157 42.37 -75.87 -75.64
CA HIS L 157 42.17 -74.50 -75.18
C HIS L 157 40.81 -74.29 -74.53
N LYS L 158 39.81 -75.11 -74.88
CA LYS L 158 38.50 -74.98 -74.24
C LYS L 158 38.56 -75.44 -72.79
N PHE L 159 39.36 -76.47 -72.49
CA PHE L 159 39.60 -76.83 -71.10
C PHE L 159 40.55 -75.85 -70.43
N ILE L 160 41.46 -75.25 -71.20
CA ILE L 160 42.36 -74.23 -70.66
C ILE L 160 41.56 -72.99 -70.26
N THR L 161 40.66 -72.54 -71.15
CA THR L 161 39.78 -71.45 -70.79
C THR L 161 38.68 -71.95 -69.86
N ALA L 162 37.98 -71.01 -69.23
CA ALA L 162 36.93 -71.16 -68.23
C ALA L 162 37.44 -71.72 -66.90
N LEU L 163 38.73 -72.11 -66.82
CA LEU L 163 39.34 -72.34 -65.52
C LEU L 163 39.73 -71.02 -64.87
N LYS L 164 40.18 -70.06 -65.69
CA LYS L 164 40.43 -68.70 -65.20
C LYS L 164 39.12 -67.97 -64.90
N SER L 165 38.03 -68.35 -65.56
CA SER L 165 36.72 -67.81 -65.21
C SER L 165 36.29 -68.27 -63.82
N THR L 166 36.65 -69.51 -63.46
CA THR L 166 36.46 -69.99 -62.09
C THR L 166 37.55 -69.50 -61.15
N GLY L 167 38.57 -68.82 -61.67
CA GLY L 167 39.60 -68.23 -60.83
C GLY L 167 40.59 -69.19 -60.23
N LEU L 168 40.63 -70.43 -60.69
CA LEU L 168 41.55 -71.43 -60.17
C LEU L 168 42.72 -71.57 -61.14
N ARG L 169 43.93 -71.32 -60.63
CA ARG L 169 45.11 -71.38 -61.48
C ARG L 169 45.57 -72.83 -61.66
N THR L 170 46.46 -73.02 -62.63
CA THR L 170 46.96 -74.35 -62.97
C THR L 170 48.10 -74.79 -62.08
N SER L 171 48.57 -73.94 -61.16
CA SER L 171 49.68 -74.27 -60.28
C SER L 171 49.24 -74.63 -58.87
N ASP L 172 48.03 -75.15 -58.71
CA ASP L 172 47.53 -75.51 -57.39
C ASP L 172 48.11 -76.86 -56.96
N PRO L 173 48.78 -76.92 -55.80
CA PRO L 173 49.29 -78.22 -55.32
C PRO L 173 48.22 -79.24 -55.01
N ARG L 174 46.98 -78.83 -54.73
CA ARG L 174 45.90 -79.78 -54.53
C ARG L 174 45.62 -80.58 -55.80
N LEU L 175 45.59 -79.91 -56.94
CA LEU L 175 45.39 -80.53 -58.25
C LEU L 175 46.68 -80.55 -59.08
N LYS L 176 47.84 -80.53 -58.40
CA LYS L 176 49.12 -80.61 -59.09
C LYS L 176 49.29 -81.95 -59.80
N GLU L 177 48.89 -83.04 -59.15
CA GLU L 177 49.00 -84.34 -59.80
C GLU L 177 48.01 -84.46 -60.95
N CYS L 178 46.84 -83.83 -60.83
CA CYS L 178 45.91 -83.77 -61.96
C CYS L 178 46.51 -83.02 -63.14
N MET L 179 47.16 -81.88 -62.88
CA MET L 179 47.79 -81.12 -63.96
C MET L 179 48.95 -81.89 -64.57
N ASP L 180 49.77 -82.56 -63.75
CA ASP L 180 50.88 -83.34 -64.28
C ASP L 180 50.39 -84.48 -65.16
N MET L 181 49.33 -85.18 -64.71
CA MET L 181 48.74 -86.25 -65.50
C MET L 181 48.15 -85.71 -66.81
N LEU L 182 47.48 -84.56 -66.76
CA LEU L 182 46.91 -83.98 -67.97
C LEU L 182 48.01 -83.54 -68.94
N ARG L 183 49.08 -82.94 -68.43
CA ARG L 183 50.17 -82.52 -69.30
C ARG L 183 50.87 -83.72 -69.93
N LEU L 184 51.06 -84.81 -69.18
CA LEU L 184 51.71 -85.97 -69.75
C LEU L 184 50.80 -86.70 -70.73
N THR L 185 49.48 -86.67 -70.52
CA THR L 185 48.58 -87.33 -71.46
C THR L 185 48.20 -86.45 -72.65
N LEU L 186 48.52 -85.15 -72.62
CA LEU L 186 48.28 -84.28 -73.76
C LEU L 186 49.52 -84.01 -74.58
N GLN L 187 50.66 -83.75 -73.95
CA GLN L 187 51.89 -83.45 -74.68
C GLN L 187 52.66 -84.70 -75.08
N THR L 188 52.50 -85.80 -74.35
CA THR L 188 53.16 -87.08 -74.69
C THR L 188 52.06 -88.13 -74.86
N THR L 189 51.44 -88.15 -76.04
CA THR L 189 50.44 -89.15 -76.35
C THR L 189 50.57 -89.72 -77.76
N SER L 190 51.36 -89.10 -78.64
CA SER L 190 51.58 -89.53 -80.03
C SER L 190 50.28 -89.59 -80.83
N ASP L 191 49.25 -88.84 -80.43
CA ASP L 191 47.99 -88.80 -81.14
C ASP L 191 47.66 -87.41 -81.67
N GLY L 192 47.66 -86.40 -80.80
CA GLY L 192 47.36 -85.04 -81.21
C GLY L 192 45.89 -84.76 -81.38
N VAL L 193 45.50 -83.50 -81.14
CA VAL L 193 44.15 -82.92 -81.23
C VAL L 193 43.09 -83.87 -80.66
N MET L 194 43.40 -84.47 -79.51
CA MET L 194 42.49 -85.42 -78.88
C MET L 194 42.51 -85.22 -77.37
N LEU L 195 41.31 -85.07 -76.79
CA LEU L 195 41.15 -84.97 -75.35
C LEU L 195 40.29 -86.08 -74.78
N ASP L 196 39.16 -86.38 -75.44
CA ASP L 196 38.29 -87.53 -75.21
C ASP L 196 37.48 -87.43 -73.91
N LYS L 197 36.22 -87.87 -73.96
CA LYS L 197 35.38 -87.87 -72.77
C LYS L 197 35.85 -88.89 -71.74
N ASP L 198 36.21 -90.09 -72.20
CA ASP L 198 36.53 -91.17 -71.28
C ASP L 198 37.84 -90.92 -70.55
N LEU L 199 38.80 -90.25 -71.20
CA LEU L 199 40.05 -89.90 -70.53
C LEU L 199 39.81 -88.95 -69.37
N PHE L 200 38.95 -87.96 -69.55
CA PHE L 200 38.60 -87.08 -68.44
C PHE L 200 37.75 -87.81 -67.40
N LYS L 201 36.96 -88.80 -67.83
CA LYS L 201 36.15 -89.57 -66.89
C LYS L 201 37.01 -90.40 -65.94
N LYS L 202 37.99 -91.11 -66.48
CA LYS L 202 38.84 -91.97 -65.65
C LYS L 202 40.12 -91.29 -65.19
N CYS L 203 40.33 -90.01 -65.54
CA CYS L 203 41.60 -89.37 -65.24
C CYS L 203 41.69 -88.95 -63.77
N VAL L 204 40.77 -88.11 -63.32
CA VAL L 204 40.79 -87.64 -61.93
C VAL L 204 40.29 -88.77 -61.03
N GLN L 205 41.10 -89.13 -60.03
CA GLN L 205 40.77 -90.23 -59.13
C GLN L 205 40.66 -89.81 -57.67
N SER L 206 41.14 -88.63 -57.30
CA SER L 206 41.07 -88.17 -55.91
C SER L 206 40.60 -86.74 -55.75
N ASN L 207 40.49 -85.97 -56.84
CA ASN L 207 40.10 -84.58 -56.78
C ASN L 207 38.74 -84.33 -57.44
N ILE L 208 37.85 -85.33 -57.38
CA ILE L 208 36.51 -85.17 -57.93
C ILE L 208 35.72 -84.13 -57.15
N VAL L 209 35.91 -84.11 -55.82
CA VAL L 209 35.15 -83.21 -54.95
C VAL L 209 35.49 -81.75 -55.28
N LEU L 210 36.78 -81.46 -55.47
CA LEU L 210 37.20 -80.10 -55.78
C LEU L 210 36.68 -79.65 -57.14
N LEU L 211 36.70 -80.55 -58.12
CA LEU L 211 36.18 -80.22 -59.45
C LEU L 211 34.68 -79.98 -59.43
N THR L 212 33.95 -80.78 -58.63
CA THR L 212 32.52 -80.54 -58.48
C THR L 212 32.23 -79.23 -57.77
N GLN L 213 33.03 -78.88 -56.76
CA GLN L 213 32.85 -77.61 -56.08
C GLN L 213 33.23 -76.45 -56.99
N ALA L 214 34.11 -76.67 -57.97
CA ALA L 214 34.54 -75.59 -58.84
C ALA L 214 33.56 -75.35 -59.98
N PHE L 215 33.22 -76.40 -60.74
CA PHE L 215 32.54 -76.23 -62.01
C PHE L 215 31.02 -76.08 -61.90
N ARG L 216 30.44 -76.32 -60.72
CA ARG L 216 29.02 -76.07 -60.52
C ARG L 216 28.75 -74.83 -59.68
N ARG L 217 29.73 -73.90 -59.63
CA ARG L 217 29.63 -72.63 -58.91
C ARG L 217 29.31 -72.84 -57.42
N LYS L 218 29.93 -73.86 -56.83
CA LYS L 218 29.76 -74.12 -55.40
C LYS L 218 30.75 -73.35 -54.54
N PHE L 219 31.62 -72.56 -55.14
CA PHE L 219 32.55 -71.73 -54.39
C PHE L 219 31.81 -70.57 -53.72
N VAL L 220 32.51 -69.91 -52.79
CA VAL L 220 31.91 -68.84 -52.01
C VAL L 220 31.63 -67.62 -52.87
N ILE L 221 32.41 -67.40 -53.92
CA ILE L 221 32.25 -66.22 -54.76
C ILE L 221 31.84 -66.64 -56.17
N PRO L 222 30.58 -66.49 -56.55
CA PRO L 222 30.18 -66.70 -57.94
C PRO L 222 30.48 -65.44 -58.76
N ASP L 223 30.13 -65.50 -60.04
CA ASP L 223 30.29 -64.45 -61.07
C ASP L 223 31.60 -63.68 -60.92
N PHE L 224 32.70 -64.43 -61.00
CA PHE L 224 34.03 -63.88 -60.75
C PHE L 224 34.44 -62.82 -61.77
N MET L 225 33.85 -62.84 -62.97
CA MET L 225 34.14 -61.80 -63.95
C MET L 225 33.66 -60.43 -63.46
N SER L 226 32.47 -60.39 -62.87
CA SER L 226 31.96 -59.15 -62.29
C SER L 226 32.82 -58.70 -61.11
N PHE L 227 33.31 -59.65 -60.31
CA PHE L 227 34.19 -59.31 -59.20
C PHE L 227 35.51 -58.73 -59.70
N THR L 228 36.07 -59.30 -60.76
CA THR L 228 37.31 -58.76 -61.32
C THR L 228 37.09 -57.39 -61.96
N SER L 229 35.91 -57.18 -62.57
CA SER L 229 35.58 -55.87 -63.12
C SER L 229 35.45 -54.83 -62.00
N HIS L 230 34.83 -55.20 -60.89
CA HIS L 230 34.73 -54.30 -59.75
C HIS L 230 36.11 -53.99 -59.18
N ILE L 231 36.98 -55.00 -59.10
CA ILE L 231 38.34 -54.79 -58.59
C ILE L 231 39.12 -53.86 -59.51
N ASP L 232 38.97 -54.04 -60.82
CA ASP L 232 39.64 -53.16 -61.78
C ASP L 232 39.13 -51.73 -61.69
N GLU L 233 37.81 -51.57 -61.51
CA GLU L 233 37.25 -50.23 -61.36
C GLU L 233 37.76 -49.56 -60.09
N LEU L 234 37.85 -50.31 -58.99
CA LEU L 234 38.40 -49.77 -57.75
C LEU L 234 39.88 -49.42 -57.90
N TYR L 235 40.62 -50.24 -58.66
CA TYR L 235 42.03 -49.95 -58.93
C TYR L 235 42.17 -48.66 -59.71
N GLU L 236 41.35 -48.47 -60.74
CA GLU L 236 41.39 -47.24 -61.53
C GLU L 236 41.00 -46.03 -60.70
N SER L 237 40.01 -46.19 -59.81
CA SER L 237 39.61 -45.08 -58.93
C SER L 237 40.71 -44.74 -57.94
N ALA L 238 41.38 -45.74 -57.38
CA ALA L 238 42.44 -45.50 -56.41
C ALA L 238 43.71 -44.96 -57.06
N LYS L 239 43.91 -45.22 -58.35
CA LYS L 239 45.08 -44.69 -59.04
C LYS L 239 45.02 -43.17 -59.22
N LYS L 240 43.84 -42.57 -59.08
CA LYS L 240 43.72 -41.12 -59.23
C LYS L 240 44.36 -40.37 -58.08
N GLN L 241 44.34 -40.94 -56.88
CA GLN L 241 44.92 -40.27 -55.72
C GLN L 241 46.44 -40.27 -55.81
N SER L 242 47.05 -39.31 -55.11
CA SER L 242 48.50 -39.12 -55.16
C SER L 242 49.16 -39.45 -53.81
N GLY L 243 48.72 -38.81 -52.73
CA GLY L 243 49.35 -39.06 -51.44
C GLY L 243 50.72 -38.43 -51.36
N GLY L 244 51.65 -39.16 -50.77
CA GLY L 244 53.02 -38.70 -50.62
C GLY L 244 53.64 -39.31 -49.39
N LYS L 245 54.82 -38.79 -49.04
CA LYS L 245 55.55 -39.16 -47.82
C LYS L 245 55.85 -40.66 -47.78
N VAL L 246 56.72 -41.09 -48.70
CA VAL L 246 57.02 -42.52 -48.85
C VAL L 246 57.72 -43.06 -47.62
N ALA L 247 58.92 -42.56 -47.34
CA ALA L 247 59.69 -43.04 -46.20
C ALA L 247 60.74 -42.03 -45.76
N ASP L 248 60.86 -41.79 -44.45
CA ASP L 248 61.86 -40.88 -43.91
C ASP L 248 63.12 -41.64 -43.47
N TYR L 249 62.98 -42.59 -42.55
CA TYR L 249 64.07 -43.43 -42.11
C TYR L 249 64.05 -44.74 -42.89
N ILE L 250 64.99 -45.63 -42.55
CA ILE L 250 65.33 -46.82 -43.34
C ILE L 250 65.60 -46.40 -44.78
N PRO L 251 66.77 -45.80 -45.07
CA PRO L 251 67.02 -45.25 -46.41
C PRO L 251 66.99 -46.28 -47.53
N GLN L 252 67.16 -47.57 -47.21
CA GLN L 252 66.97 -48.60 -48.22
C GLN L 252 65.52 -48.65 -48.69
N LEU L 253 64.57 -48.45 -47.77
CA LEU L 253 63.16 -48.44 -48.14
C LEU L 253 62.77 -47.22 -48.96
N ALA L 254 63.56 -46.14 -48.90
CA ALA L 254 63.24 -44.93 -49.63
C ALA L 254 63.53 -45.04 -51.12
N LYS L 255 64.19 -46.11 -51.57
CA LYS L 255 64.53 -46.26 -52.98
C LYS L 255 63.35 -46.69 -53.83
N PHE L 256 62.23 -47.08 -53.23
CA PHE L 256 61.08 -47.51 -54.00
C PHE L 256 60.40 -46.32 -54.68
N SER L 257 59.85 -46.58 -55.86
CA SER L 257 59.19 -45.52 -56.62
C SER L 257 57.87 -45.14 -55.98
N PRO L 258 57.53 -43.85 -55.93
CA PRO L 258 56.27 -43.44 -55.29
C PRO L 258 55.02 -43.83 -56.05
N ASP L 259 55.11 -44.05 -57.36
CA ASP L 259 53.95 -44.40 -58.17
C ASP L 259 53.71 -45.91 -58.24
N LEU L 260 54.50 -46.70 -57.52
CA LEU L 260 54.31 -48.14 -57.51
C LEU L 260 53.04 -48.49 -56.75
N TRP L 261 52.17 -49.29 -57.38
CA TRP L 261 50.85 -49.54 -56.81
C TRP L 261 50.25 -50.81 -57.42
N GLY L 262 49.71 -51.67 -56.56
CA GLY L 262 49.07 -52.89 -57.03
C GLY L 262 48.47 -53.66 -55.87
N VAL L 263 47.53 -54.55 -56.20
CA VAL L 263 46.81 -55.34 -55.22
C VAL L 263 46.73 -56.79 -55.70
N SER L 264 46.46 -57.67 -54.74
CA SER L 264 46.26 -59.09 -55.02
C SER L 264 45.11 -59.61 -54.17
N VAL L 265 44.37 -60.56 -54.72
CA VAL L 265 43.18 -61.12 -54.09
C VAL L 265 43.27 -62.63 -54.12
N CYS L 266 43.05 -63.26 -52.96
CA CYS L 266 42.95 -64.71 -52.87
C CYS L 266 41.85 -65.06 -51.87
N THR L 267 41.03 -66.05 -52.22
CA THR L 267 39.89 -66.44 -51.41
C THR L 267 40.20 -67.67 -50.57
N VAL L 268 39.23 -68.07 -49.75
CA VAL L 268 39.41 -69.23 -48.88
C VAL L 268 39.41 -70.52 -49.69
N ASP L 269 38.55 -70.60 -50.71
CA ASP L 269 38.43 -71.84 -51.49
C ASP L 269 39.67 -72.10 -52.33
N GLY L 270 40.40 -71.06 -52.72
CA GLY L 270 41.55 -71.22 -53.57
C GLY L 270 41.50 -70.32 -54.78
N GLN L 271 40.37 -69.67 -54.98
CA GLN L 271 40.21 -68.69 -56.05
C GLN L 271 41.13 -67.51 -55.82
N ARG L 272 41.79 -67.05 -56.88
CA ARG L 272 42.74 -65.95 -56.74
C ARG L 272 42.75 -65.11 -58.01
N HIS L 273 43.13 -63.84 -57.85
CA HIS L 273 43.19 -62.89 -58.94
C HIS L 273 44.05 -61.71 -58.50
N SER L 274 44.93 -61.25 -59.38
CA SER L 274 45.84 -60.15 -59.06
C SER L 274 45.97 -59.23 -60.26
N THR L 275 46.20 -57.95 -59.97
CA THR L 275 46.39 -56.93 -61.00
C THR L 275 47.60 -56.07 -60.64
N GLY L 276 48.16 -55.44 -61.66
CA GLY L 276 49.24 -54.48 -61.47
C GLY L 276 50.62 -55.06 -61.35
N ASP L 277 51.38 -54.59 -60.37
CA ASP L 277 52.79 -54.91 -60.18
C ASP L 277 53.01 -55.91 -59.05
N THR L 278 52.14 -56.91 -58.94
CA THR L 278 52.18 -57.85 -57.83
C THR L 278 53.44 -58.71 -57.79
N LYS L 279 54.17 -58.79 -58.90
CA LYS L 279 55.37 -59.63 -58.94
C LYS L 279 56.56 -58.99 -58.24
N VAL L 280 56.48 -57.72 -57.89
CA VAL L 280 57.61 -57.01 -57.27
C VAL L 280 57.69 -57.38 -55.80
N PRO L 281 58.82 -57.91 -55.33
CA PRO L 281 58.96 -58.21 -53.90
C PRO L 281 59.03 -56.95 -53.05
N PHE L 282 58.56 -57.07 -51.81
CA PHE L 282 58.60 -55.98 -50.86
C PHE L 282 58.65 -56.56 -49.45
N CYS L 283 59.23 -55.80 -48.53
CA CYS L 283 59.41 -56.29 -47.18
C CYS L 283 58.09 -56.33 -46.42
N LEU L 284 58.06 -57.17 -45.39
CA LEU L 284 56.86 -57.42 -44.58
C LEU L 284 56.97 -56.70 -43.24
N GLN L 285 57.49 -55.47 -43.26
CA GLN L 285 57.68 -54.69 -42.04
C GLN L 285 56.33 -54.39 -41.37
N SER L 286 56.23 -54.74 -40.09
CA SER L 286 55.09 -54.53 -39.20
C SER L 286 53.85 -55.32 -39.60
N CYS L 287 53.88 -56.07 -40.70
CA CYS L 287 52.78 -56.93 -41.08
C CYS L 287 53.00 -58.39 -40.69
N VAL L 288 54.19 -58.72 -40.18
CA VAL L 288 54.49 -60.07 -39.74
C VAL L 288 54.14 -60.28 -38.27
N LYS L 289 53.87 -59.21 -37.54
CA LYS L 289 53.56 -59.31 -36.11
C LYS L 289 52.32 -60.16 -35.79
N PRO L 290 51.18 -60.04 -36.50
CA PRO L 290 50.09 -61.02 -36.25
C PRO L 290 50.50 -62.45 -36.54
N LEU L 291 51.33 -62.68 -37.57
CA LEU L 291 51.75 -64.04 -37.90
C LEU L 291 52.64 -64.63 -36.80
N LYS L 292 53.60 -63.84 -36.32
CA LYS L 292 54.46 -64.33 -35.25
C LYS L 292 53.69 -64.47 -33.93
N TYR L 293 52.67 -63.63 -33.72
CA TYR L 293 51.82 -63.79 -32.56
C TYR L 293 51.02 -65.09 -32.64
N ALA L 294 50.51 -65.42 -33.83
CA ALA L 294 49.80 -66.68 -34.02
C ALA L 294 50.72 -67.87 -33.80
N ILE L 295 51.96 -67.78 -34.30
CA ILE L 295 52.92 -68.86 -34.11
C ILE L 295 53.24 -69.04 -32.62
N ALA L 296 53.45 -67.93 -31.91
CA ALA L 296 53.75 -68.00 -30.48
C ALA L 296 52.58 -68.58 -29.69
N VAL L 297 51.35 -68.19 -30.04
CA VAL L 297 50.18 -68.74 -29.37
C VAL L 297 50.06 -70.24 -29.64
N ASN L 298 50.24 -70.65 -30.90
CA ASN L 298 50.17 -72.06 -31.27
C ASN L 298 51.21 -72.89 -30.53
N ASP L 299 52.39 -72.31 -30.29
CA ASP L 299 53.44 -73.05 -29.62
C ASP L 299 53.35 -73.02 -28.10
N LEU L 300 52.72 -72.00 -27.51
CA LEU L 300 52.83 -71.81 -26.07
C LEU L 300 51.52 -71.72 -25.30
N GLY L 301 50.36 -71.68 -25.95
CA GLY L 301 49.13 -71.46 -25.21
C GLY L 301 48.86 -69.99 -25.00
N THR L 302 47.59 -69.58 -25.13
CA THR L 302 47.25 -68.17 -25.08
C THR L 302 47.46 -67.58 -23.70
N GLU L 303 47.22 -68.37 -22.64
CA GLU L 303 47.43 -67.87 -21.28
C GLU L 303 48.91 -67.60 -21.02
N TYR L 304 49.79 -68.51 -21.45
CA TYR L 304 51.22 -68.29 -21.27
C TYR L 304 51.73 -67.17 -22.17
N VAL L 305 51.13 -67.00 -23.35
CA VAL L 305 51.55 -65.91 -24.23
C VAL L 305 51.16 -64.57 -23.63
N HIS L 306 49.93 -64.45 -23.12
CA HIS L 306 49.46 -63.20 -22.55
C HIS L 306 49.83 -63.04 -21.08
N ARG L 307 50.59 -63.97 -20.53
CA ARG L 307 51.17 -63.76 -19.21
C ARG L 307 52.11 -62.56 -19.19
N TYR L 308 52.80 -62.29 -20.30
CA TYR L 308 53.74 -61.19 -20.38
C TYR L 308 53.24 -60.02 -21.22
N VAL L 309 52.27 -60.23 -22.10
CA VAL L 309 51.79 -59.20 -23.02
C VAL L 309 50.32 -58.94 -22.73
N GLY L 310 49.95 -57.67 -22.65
CA GLY L 310 48.57 -57.29 -22.49
C GLY L 310 47.81 -57.43 -23.80
N LYS L 311 46.52 -57.12 -23.73
CA LYS L 311 45.61 -57.23 -24.88
C LYS L 311 44.77 -55.97 -25.02
N GLU L 312 45.40 -54.80 -24.92
CA GLU L 312 44.70 -53.53 -24.96
C GLU L 312 45.36 -52.61 -25.97
N PRO L 313 44.58 -51.76 -26.63
CA PRO L 313 45.18 -50.75 -27.52
C PRO L 313 45.92 -49.69 -26.73
N SER L 314 46.95 -49.13 -27.37
CA SER L 314 47.78 -48.12 -26.72
C SER L 314 47.25 -46.71 -26.91
N GLY L 315 46.73 -46.40 -28.09
CA GLY L 315 46.22 -45.08 -28.37
C GLY L 315 47.26 -44.08 -28.83
N LEU L 316 48.53 -44.49 -28.95
CA LEU L 316 49.61 -43.62 -29.40
C LEU L 316 50.39 -44.33 -30.49
N ARG L 317 51.43 -43.65 -30.99
CA ARG L 317 52.25 -44.20 -32.06
C ARG L 317 53.01 -45.44 -31.58
N PHE L 318 53.33 -46.31 -32.54
CA PHE L 318 54.07 -47.53 -32.22
C PHE L 318 55.50 -47.24 -31.81
N ASN L 319 56.05 -46.09 -32.20
CA ASN L 319 57.38 -45.70 -31.77
C ASN L 319 57.42 -45.13 -30.36
N LYS L 320 56.26 -44.87 -29.76
CA LYS L 320 56.23 -44.31 -28.42
C LYS L 320 56.73 -45.32 -27.40
N LEU L 321 57.41 -44.82 -26.38
CA LEU L 321 58.08 -45.65 -25.37
C LEU L 321 57.32 -45.48 -24.05
N PHE L 322 56.31 -46.32 -23.85
CA PHE L 322 55.55 -46.32 -22.61
C PHE L 322 54.84 -47.66 -22.48
N LEU L 323 54.52 -48.01 -21.23
CA LEU L 323 53.88 -49.28 -20.90
C LEU L 323 52.55 -49.02 -20.20
N ASN L 324 51.90 -50.09 -19.79
CA ASN L 324 50.62 -50.00 -19.10
C ASN L 324 50.86 -49.76 -17.61
N GLU L 325 49.81 -49.92 -16.80
CA GLU L 325 49.94 -49.77 -15.36
C GLU L 325 50.76 -50.88 -14.72
N ASP L 326 50.88 -52.04 -15.38
CA ASP L 326 51.59 -53.18 -14.84
C ASP L 326 52.96 -53.36 -15.47
N ASP L 327 53.51 -52.33 -16.10
CA ASP L 327 54.83 -52.33 -16.72
C ASP L 327 54.96 -53.44 -17.77
N LYS L 328 53.96 -53.54 -18.63
CA LYS L 328 53.92 -54.52 -19.71
C LYS L 328 53.54 -53.81 -21.00
N PRO L 329 53.94 -54.37 -22.16
CA PRO L 329 53.49 -53.82 -23.43
C PRO L 329 51.98 -53.96 -23.57
N HIS L 330 51.38 -52.98 -24.26
CA HIS L 330 49.92 -52.90 -24.33
C HIS L 330 49.35 -54.01 -25.20
N ASN L 331 49.99 -54.32 -26.32
CA ASN L 331 49.49 -55.31 -27.27
C ASN L 331 50.65 -55.78 -28.12
N PRO L 332 50.55 -56.98 -28.71
CA PRO L 332 51.63 -57.46 -29.60
C PRO L 332 51.75 -56.67 -30.89
N MET L 333 50.78 -55.81 -31.23
CA MET L 333 50.86 -55.07 -32.49
C MET L 333 51.94 -54.00 -32.46
N VAL L 334 52.14 -53.36 -31.31
CA VAL L 334 53.18 -52.33 -31.19
C VAL L 334 54.54 -52.99 -31.08
N ASN L 335 55.60 -52.19 -31.18
CA ASN L 335 56.95 -52.73 -31.28
C ASN L 335 57.38 -53.44 -30.00
N ALA L 336 56.99 -52.91 -28.84
CA ALA L 336 57.34 -53.54 -27.57
C ALA L 336 56.72 -54.93 -27.44
N GLY L 337 55.43 -55.04 -27.79
CA GLY L 337 54.78 -56.33 -27.75
C GLY L 337 55.37 -57.31 -28.75
N ALA L 338 55.75 -56.80 -29.94
CA ALA L 338 56.41 -57.65 -30.93
C ALA L 338 57.74 -58.17 -30.42
N ILE L 339 58.51 -57.31 -29.73
CA ILE L 339 59.78 -57.74 -29.17
C ILE L 339 59.57 -58.80 -28.09
N VAL L 340 58.57 -58.59 -27.23
CA VAL L 340 58.32 -59.55 -26.16
C VAL L 340 57.85 -60.89 -26.73
N VAL L 341 56.99 -60.88 -27.75
CA VAL L 341 56.53 -62.15 -28.31
C VAL L 341 57.61 -62.82 -29.17
N THR L 342 58.58 -62.06 -29.71
CA THR L 342 59.73 -62.72 -30.30
C THR L 342 60.63 -63.33 -29.23
N SER L 343 60.62 -62.76 -28.03
CA SER L 343 61.42 -63.32 -26.94
C SER L 343 60.87 -64.67 -26.47
N LEU L 344 59.61 -64.97 -26.78
CA LEU L 344 58.99 -66.20 -26.28
C LEU L 344 59.08 -67.37 -27.24
N ILE L 345 59.30 -67.13 -28.53
CA ILE L 345 59.29 -68.19 -29.53
C ILE L 345 60.58 -68.97 -29.44
N LYS L 346 60.51 -70.20 -28.93
CA LYS L 346 61.62 -71.16 -28.88
C LYS L 346 62.83 -70.57 -28.15
N GLN L 347 62.62 -70.24 -26.88
CA GLN L 347 63.62 -69.54 -26.09
C GLN L 347 64.82 -70.40 -25.73
N GLY L 348 64.74 -71.72 -25.88
CA GLY L 348 65.83 -72.60 -25.52
C GLY L 348 66.79 -72.97 -26.63
N VAL L 349 66.68 -72.36 -27.80
CA VAL L 349 67.49 -72.71 -28.95
C VAL L 349 68.00 -71.43 -29.60
N ASN L 350 69.09 -71.55 -30.35
CA ASN L 350 69.76 -70.40 -30.94
C ASN L 350 68.92 -69.79 -32.07
N ASN L 351 69.45 -68.71 -32.66
CA ASN L 351 68.69 -67.92 -33.61
C ASN L 351 68.54 -68.60 -34.96
N ALA L 352 69.51 -69.40 -35.37
CA ALA L 352 69.45 -70.04 -36.69
C ALA L 352 68.30 -71.05 -36.76
N GLU L 353 68.18 -71.89 -35.73
CA GLU L 353 67.08 -72.85 -35.70
C GLU L 353 65.73 -72.16 -35.54
N LYS L 354 65.69 -71.07 -34.77
CA LYS L 354 64.46 -70.29 -34.63
C LYS L 354 64.01 -69.72 -35.97
N PHE L 355 64.96 -69.17 -36.73
CA PHE L 355 64.63 -68.60 -38.04
C PHE L 355 64.22 -69.68 -39.02
N ASP L 356 64.87 -70.84 -38.98
CA ASP L 356 64.47 -71.95 -39.84
C ASP L 356 63.08 -72.45 -39.48
N TYR L 357 62.77 -72.49 -38.18
CA TYR L 357 61.46 -72.94 -37.71
C TYR L 357 60.35 -72.00 -38.16
N VAL L 358 60.54 -70.70 -37.96
CA VAL L 358 59.52 -69.74 -38.37
C VAL L 358 59.43 -69.65 -39.89
N MET L 359 60.54 -69.87 -40.61
CA MET L 359 60.49 -69.88 -42.06
C MET L 359 59.75 -71.12 -42.57
N GLN L 360 59.90 -72.26 -41.90
CA GLN L 360 59.15 -73.45 -42.26
C GLN L 360 57.66 -73.24 -42.04
N PHE L 361 57.28 -72.62 -40.92
CA PHE L 361 55.86 -72.31 -40.71
C PHE L 361 55.34 -71.30 -41.73
N LEU L 362 56.15 -70.30 -42.10
CA LEU L 362 55.72 -69.32 -43.10
C LEU L 362 55.58 -69.96 -44.47
N ASN L 363 56.46 -70.90 -44.81
CA ASN L 363 56.34 -71.61 -46.08
C ASN L 363 55.12 -72.52 -46.10
N LYS L 364 54.82 -73.17 -44.97
CA LYS L 364 53.61 -74.00 -44.89
C LYS L 364 52.36 -73.14 -44.99
N MET L 365 52.36 -71.96 -44.37
CA MET L 365 51.22 -71.07 -44.46
C MET L 365 51.06 -70.50 -45.87
N ALA L 366 52.18 -70.22 -46.53
CA ALA L 366 52.16 -69.67 -47.88
C ALA L 366 51.95 -70.72 -48.95
N GLY L 367 51.90 -72.00 -48.59
CA GLY L 367 51.77 -73.06 -49.57
C GLY L 367 52.98 -73.21 -50.47
N ASN L 368 54.19 -73.10 -49.91
CA ASN L 368 55.45 -73.21 -50.65
C ASN L 368 55.54 -72.20 -51.78
N GLU L 369 55.04 -70.99 -51.52
CA GLU L 369 55.13 -69.89 -52.48
C GLU L 369 56.45 -69.16 -52.28
N TYR L 370 56.60 -68.00 -52.92
CA TYR L 370 57.83 -67.22 -52.84
C TYR L 370 57.86 -66.45 -51.54
N VAL L 371 58.69 -66.89 -50.60
CA VAL L 371 58.92 -66.17 -49.34
C VAL L 371 60.43 -65.92 -49.27
N GLY L 372 60.86 -64.75 -49.73
CA GLY L 372 62.25 -64.41 -49.78
C GLY L 372 62.75 -63.73 -48.52
N PHE L 373 63.95 -63.16 -48.62
CA PHE L 373 64.57 -62.45 -47.51
C PHE L 373 65.43 -61.34 -48.08
N SER L 374 65.03 -60.09 -47.84
CA SER L 374 65.75 -58.93 -48.36
C SER L 374 66.89 -58.59 -47.41
N ASN L 375 68.12 -58.92 -47.81
CA ASN L 375 69.28 -58.62 -46.97
C ASN L 375 69.59 -57.13 -46.95
N ALA L 376 69.16 -56.40 -47.98
CA ALA L 376 69.45 -54.96 -48.05
C ALA L 376 68.73 -54.21 -46.93
N THR L 377 67.49 -54.59 -46.62
CA THR L 377 66.75 -53.95 -45.55
C THR L 377 67.03 -54.54 -44.18
N PHE L 378 67.86 -55.58 -44.11
CA PHE L 378 68.33 -56.12 -42.82
C PHE L 378 69.68 -55.57 -42.43
N GLN L 379 70.61 -55.41 -43.38
CA GLN L 379 71.86 -54.72 -43.09
C GLN L 379 71.60 -53.26 -42.78
N SER L 380 70.71 -52.62 -43.52
CA SER L 380 70.15 -51.35 -43.10
C SER L 380 69.07 -51.61 -42.05
N GLU L 381 68.65 -50.52 -41.39
CA GLU L 381 67.64 -50.50 -40.32
C GLU L 381 68.18 -51.13 -39.03
N ARG L 382 69.36 -51.73 -39.10
CA ARG L 382 70.08 -52.21 -37.92
C ARG L 382 71.10 -51.19 -37.43
N GLU L 383 71.71 -50.43 -38.34
CA GLU L 383 72.57 -49.33 -37.98
C GLU L 383 71.82 -48.02 -37.85
N SER L 384 70.54 -47.98 -38.23
CA SER L 384 69.74 -46.77 -38.16
C SER L 384 68.50 -46.91 -37.27
N GLY L 385 68.11 -48.13 -36.91
CA GLY L 385 66.98 -48.32 -36.01
C GLY L 385 67.37 -48.04 -34.57
N ASP L 386 66.89 -46.92 -34.03
CA ASP L 386 67.28 -46.48 -32.69
C ASP L 386 66.16 -46.52 -31.69
N ARG L 387 64.91 -46.28 -32.10
CA ARG L 387 63.79 -46.39 -31.18
C ARG L 387 63.58 -47.83 -30.72
N ASN L 388 63.85 -48.80 -31.60
CA ASN L 388 63.74 -50.20 -31.22
C ASN L 388 64.75 -50.57 -30.16
N PHE L 389 65.98 -50.06 -30.27
CA PHE L 389 67.01 -50.34 -29.28
C PHE L 389 66.65 -49.74 -27.92
N ALA L 390 66.14 -48.50 -27.93
CA ALA L 390 65.72 -47.87 -26.68
C ALA L 390 64.55 -48.60 -26.05
N ILE L 391 63.60 -49.05 -26.88
CA ILE L 391 62.46 -49.81 -26.39
C ILE L 391 62.91 -51.12 -25.77
N GLY L 392 63.84 -51.81 -26.44
CA GLY L 392 64.35 -53.06 -25.90
C GLY L 392 65.12 -52.89 -24.60
N TYR L 393 65.92 -51.83 -24.51
CA TYR L 393 66.62 -51.55 -23.25
C TYR L 393 65.66 -51.17 -22.14
N TYR L 394 64.60 -50.42 -22.46
CA TYR L 394 63.59 -50.09 -21.46
C TYR L 394 62.86 -51.33 -20.98
N LEU L 395 62.54 -52.25 -21.89
CA LEU L 395 61.87 -53.49 -21.49
C LEU L 395 62.79 -54.37 -20.67
N LYS L 396 64.09 -54.39 -20.99
CA LYS L 396 65.05 -55.12 -20.19
C LYS L 396 65.18 -54.52 -18.79
N GLU L 397 65.15 -53.19 -18.70
CA GLU L 397 65.20 -52.54 -17.40
C GLU L 397 63.94 -52.82 -16.58
N LYS L 398 62.79 -52.90 -17.24
CA LYS L 398 61.54 -53.18 -16.55
C LYS L 398 61.38 -54.65 -16.17
N LYS L 399 62.30 -55.51 -16.61
CA LYS L 399 62.32 -56.95 -16.28
C LYS L 399 61.03 -57.64 -16.72
N CYS L 400 60.53 -57.27 -17.89
CA CYS L 400 59.38 -57.93 -18.48
C CYS L 400 59.76 -59.10 -19.39
N PHE L 401 61.06 -59.29 -19.62
CA PHE L 401 61.53 -60.39 -20.46
C PHE L 401 61.49 -61.70 -19.69
N PRO L 402 61.42 -62.83 -20.40
CA PRO L 402 61.58 -64.13 -19.73
C PRO L 402 63.00 -64.30 -19.21
N GLU L 403 63.12 -65.17 -18.21
CA GLU L 403 64.41 -65.41 -17.57
C GLU L 403 65.38 -66.08 -18.53
N GLY L 404 66.65 -65.72 -18.41
CA GLY L 404 67.69 -66.27 -19.26
C GLY L 404 67.57 -65.88 -20.72
N THR L 405 67.29 -64.60 -21.00
CA THR L 405 67.11 -64.11 -22.36
C THR L 405 68.07 -62.97 -22.63
N ASP L 406 68.72 -63.03 -23.79
CA ASP L 406 69.62 -61.97 -24.24
C ASP L 406 68.85 -60.97 -25.08
N MET L 407 68.90 -59.69 -24.69
CA MET L 407 68.08 -58.68 -25.35
C MET L 407 68.62 -58.38 -26.75
N VAL L 408 69.94 -58.35 -26.91
CA VAL L 408 70.53 -57.98 -28.19
C VAL L 408 70.22 -59.04 -29.26
N GLY L 409 70.36 -60.31 -28.91
CA GLY L 409 70.04 -61.37 -29.86
C GLY L 409 68.56 -61.41 -30.20
N ILE L 410 67.70 -61.15 -29.21
CA ILE L 410 66.27 -61.12 -29.46
C ILE L 410 65.91 -59.94 -30.38
N LEU L 411 66.55 -58.79 -30.18
CA LEU L 411 66.33 -57.65 -31.05
C LEU L 411 66.80 -57.93 -32.47
N ASP L 412 67.94 -58.60 -32.60
CA ASP L 412 68.44 -58.97 -33.93
C ASP L 412 67.49 -59.97 -34.60
N PHE L 413 66.94 -60.90 -33.84
CA PHE L 413 65.96 -61.85 -34.37
C PHE L 413 64.69 -61.12 -34.79
N TYR L 414 64.28 -60.10 -34.04
CA TYR L 414 63.11 -59.31 -34.42
C TYR L 414 63.36 -58.55 -35.71
N PHE L 415 64.56 -58.00 -35.87
CA PHE L 415 64.92 -57.34 -37.13
C PHE L 415 64.93 -58.33 -38.29
N GLN L 416 65.42 -59.55 -38.04
CA GLN L 416 65.41 -60.59 -39.06
C GLN L 416 63.98 -60.96 -39.46
N LEU L 417 63.08 -61.06 -38.48
CA LEU L 417 61.69 -61.36 -38.77
C LEU L 417 61.03 -60.23 -39.55
N CYS L 418 61.32 -58.98 -39.20
CA CYS L 418 60.76 -57.85 -39.93
C CYS L 418 61.36 -57.69 -41.31
N SER L 419 62.54 -58.26 -41.55
CA SER L 419 63.23 -58.10 -42.82
C SER L 419 62.78 -59.10 -43.89
N ILE L 420 61.79 -59.94 -43.58
CA ILE L 420 61.31 -60.93 -44.55
C ILE L 420 60.55 -60.22 -45.66
N GLU L 421 60.85 -60.56 -46.90
CA GLU L 421 60.22 -59.95 -48.07
C GLU L 421 59.35 -60.97 -48.79
N VAL L 422 58.19 -60.50 -49.29
CA VAL L 422 57.26 -61.30 -50.07
C VAL L 422 56.76 -60.45 -51.23
N THR L 423 56.05 -61.10 -52.15
CA THR L 423 55.31 -60.41 -53.20
C THR L 423 53.84 -60.30 -52.81
N CYS L 424 53.12 -59.44 -53.53
CA CYS L 424 51.70 -59.26 -53.25
C CYS L 424 50.90 -60.53 -53.53
N GLU L 425 51.25 -61.25 -54.61
CA GLU L 425 50.60 -62.52 -54.89
C GLU L 425 50.91 -63.55 -53.82
N SER L 426 52.15 -63.61 -53.35
CA SER L 426 52.51 -64.54 -52.28
C SER L 426 51.87 -64.14 -50.96
N ALA L 427 51.79 -62.83 -50.69
CA ALA L 427 51.13 -62.36 -49.48
C ALA L 427 49.63 -62.50 -49.55
N SER L 428 49.06 -62.71 -50.74
CA SER L 428 47.62 -62.96 -50.85
C SER L 428 47.27 -64.33 -50.30
N VAL L 429 48.22 -65.28 -50.34
CA VAL L 429 48.00 -66.57 -49.69
C VAL L 429 47.89 -66.39 -48.18
N MET L 430 48.74 -65.55 -47.61
CA MET L 430 48.53 -65.09 -46.24
C MET L 430 47.30 -64.19 -46.18
N ALA L 431 46.75 -64.07 -44.98
CA ALA L 431 45.47 -63.43 -44.65
C ALA L 431 44.27 -64.18 -45.23
N ALA L 432 44.49 -65.26 -45.97
CA ALA L 432 43.46 -66.20 -46.36
C ALA L 432 43.58 -67.53 -45.63
N THR L 433 44.80 -67.89 -45.20
CA THR L 433 44.97 -69.02 -44.30
C THR L 433 44.30 -68.75 -42.97
N LEU L 434 44.47 -67.54 -42.44
CA LEU L 434 43.82 -67.14 -41.20
C LEU L 434 42.40 -66.61 -41.42
N ALA L 435 42.01 -66.35 -42.67
CA ALA L 435 40.59 -66.16 -42.96
C ALA L 435 39.82 -67.45 -42.76
N ASN L 436 40.43 -68.59 -43.08
CA ASN L 436 39.89 -69.89 -42.76
C ASN L 436 40.22 -70.22 -41.30
N GLY L 437 39.94 -71.46 -40.89
CA GLY L 437 40.26 -71.87 -39.54
C GLY L 437 41.68 -72.38 -39.40
N GLY L 438 42.64 -71.58 -39.87
CA GLY L 438 44.03 -71.98 -39.86
C GLY L 438 44.44 -72.90 -40.98
N PHE L 439 43.54 -73.22 -41.91
CA PHE L 439 43.84 -74.11 -43.02
C PHE L 439 44.34 -73.32 -44.22
N CYS L 440 45.27 -73.91 -44.94
CA CYS L 440 45.81 -73.26 -46.13
C CYS L 440 44.75 -73.21 -47.22
N PRO L 441 44.48 -72.03 -47.80
CA PRO L 441 43.42 -71.93 -48.81
C PRO L 441 43.76 -72.62 -50.12
N ILE L 442 45.03 -72.89 -50.38
CA ILE L 442 45.44 -73.43 -51.67
C ILE L 442 45.79 -74.91 -51.53
N THR L 443 46.71 -75.24 -50.63
CA THR L 443 47.14 -76.63 -50.47
C THR L 443 46.20 -77.43 -49.58
N GLY L 444 45.32 -76.79 -48.82
CA GLY L 444 44.39 -77.50 -47.99
C GLY L 444 44.99 -78.16 -46.77
N GLU L 445 46.16 -77.73 -46.34
CA GLU L 445 46.81 -78.31 -45.17
C GLU L 445 46.27 -77.65 -43.91
N ARG L 446 46.84 -78.00 -42.75
CA ARG L 446 46.50 -77.38 -41.48
C ARG L 446 47.76 -76.76 -40.91
N VAL L 447 47.69 -75.47 -40.54
CA VAL L 447 48.85 -74.71 -40.08
C VAL L 447 48.64 -74.18 -38.67
N LEU L 448 47.53 -73.49 -38.44
CA LEU L 448 47.27 -72.82 -37.17
C LEU L 448 46.01 -73.38 -36.52
N SER L 449 46.02 -73.43 -35.18
CA SER L 449 44.83 -73.82 -34.45
C SER L 449 43.77 -72.72 -34.54
N PRO L 450 42.49 -73.08 -34.48
CA PRO L 450 41.44 -72.04 -34.51
C PRO L 450 41.51 -71.03 -33.37
N GLU L 451 42.01 -71.43 -32.20
CA GLU L 451 42.13 -70.48 -31.09
C GLU L 451 43.11 -69.36 -31.42
N ALA L 452 44.27 -69.72 -31.99
CA ALA L 452 45.25 -68.71 -32.37
C ALA L 452 44.73 -67.80 -33.48
N VAL L 453 44.01 -68.39 -34.44
CA VAL L 453 43.44 -67.60 -35.53
C VAL L 453 42.41 -66.61 -35.01
N ARG L 454 41.54 -67.07 -34.09
CA ARG L 454 40.54 -66.18 -33.50
C ARG L 454 41.21 -65.07 -32.68
N ASN L 455 42.25 -65.41 -31.92
CA ASN L 455 42.94 -64.43 -31.11
C ASN L 455 43.61 -63.36 -31.97
N THR L 456 44.32 -63.78 -33.02
CA THR L 456 45.00 -62.80 -33.86
C THR L 456 44.03 -61.99 -34.69
N LEU L 457 42.89 -62.58 -35.09
CA LEU L 457 41.87 -61.81 -35.80
C LEU L 457 41.25 -60.76 -34.90
N SER L 458 40.97 -61.12 -33.64
CA SER L 458 40.42 -60.15 -32.69
C SER L 458 41.42 -59.03 -32.41
N LEU L 459 42.70 -59.37 -32.25
CA LEU L 459 43.71 -58.35 -31.99
C LEU L 459 43.90 -57.43 -33.20
N MET L 460 43.90 -57.99 -34.41
CA MET L 460 44.01 -57.18 -35.60
C MET L 460 42.80 -56.27 -35.78
N HIS L 461 41.61 -56.77 -35.46
CA HIS L 461 40.40 -55.95 -35.56
C HIS L 461 40.41 -54.84 -34.50
N SER L 462 40.96 -55.13 -33.32
CA SER L 462 40.94 -54.15 -32.24
C SER L 462 41.99 -53.06 -32.45
N CYS L 463 43.26 -53.43 -32.52
CA CYS L 463 44.34 -52.45 -32.56
C CYS L 463 45.38 -52.81 -33.61
N GLY L 464 44.92 -53.19 -34.80
CA GLY L 464 45.83 -53.55 -35.86
C GLY L 464 46.09 -52.43 -36.85
N MET L 465 45.71 -51.20 -36.48
CA MET L 465 45.92 -50.07 -37.37
C MET L 465 46.43 -48.83 -36.64
N TRP L 466 47.12 -49.01 -35.51
CA TRP L 466 47.69 -47.95 -34.66
C TRP L 466 46.54 -47.04 -34.21
N ASP L 467 46.74 -45.72 -34.20
CA ASP L 467 45.67 -44.80 -33.82
C ASP L 467 44.59 -44.69 -34.87
N PHE L 468 44.81 -45.23 -36.07
CA PHE L 468 43.80 -45.22 -37.12
C PHE L 468 42.84 -46.41 -36.98
N SER L 469 43.01 -47.23 -35.94
CA SER L 469 42.18 -48.42 -35.77
C SER L 469 40.71 -48.07 -35.54
N GLY L 470 40.45 -47.04 -34.72
CA GLY L 470 39.07 -46.62 -34.51
C GLY L 470 38.42 -46.10 -35.77
N GLN L 471 39.16 -45.31 -36.55
CA GLN L 471 38.64 -44.81 -37.81
C GLN L 471 38.36 -45.95 -38.79
N PHE L 472 39.28 -46.93 -38.85
CA PHE L 472 39.12 -48.05 -39.76
C PHE L 472 37.92 -48.93 -39.35
N ALA L 473 37.75 -49.16 -38.05
CA ALA L 473 36.58 -49.89 -37.58
C ALA L 473 35.29 -49.11 -37.81
N PHE L 474 35.38 -47.78 -37.80
CA PHE L 474 34.19 -46.96 -38.01
C PHE L 474 33.74 -46.99 -39.47
N HIS L 475 34.68 -46.85 -40.41
CA HIS L 475 34.30 -46.76 -41.82
C HIS L 475 34.42 -48.07 -42.59
N VAL L 476 35.30 -48.98 -42.18
CA VAL L 476 35.48 -50.27 -42.85
C VAL L 476 34.99 -51.42 -41.99
N GLY L 477 35.45 -51.49 -40.75
CA GLY L 477 35.06 -52.56 -39.86
C GLY L 477 35.56 -53.94 -40.26
N LEU L 478 36.81 -54.02 -40.72
CA LEU L 478 37.42 -55.28 -41.10
C LEU L 478 38.78 -55.41 -40.44
N PRO L 479 39.20 -56.62 -40.09
CA PRO L 479 40.54 -56.80 -39.50
C PRO L 479 41.64 -56.64 -40.52
N ALA L 480 42.39 -55.55 -40.42
CA ALA L 480 43.48 -55.27 -41.36
C ALA L 480 44.71 -54.81 -40.59
N LYS L 481 45.87 -55.26 -41.04
CA LYS L 481 47.15 -54.90 -40.44
C LYS L 481 48.00 -54.19 -41.49
N SER L 482 48.50 -53.02 -41.13
CA SER L 482 49.33 -52.22 -42.02
C SER L 482 50.79 -52.29 -41.60
N GLY L 483 51.64 -51.54 -42.29
CA GLY L 483 53.05 -51.53 -41.98
C GLY L 483 53.75 -50.38 -42.65
N VAL L 484 54.96 -50.09 -42.16
CA VAL L 484 55.76 -48.98 -42.70
C VAL L 484 56.31 -49.30 -44.08
N ALA L 485 56.36 -50.58 -44.47
CA ALA L 485 56.81 -50.92 -45.81
C ALA L 485 55.82 -50.43 -46.86
N GLY L 486 54.53 -50.53 -46.58
CA GLY L 486 53.51 -50.07 -47.50
C GLY L 486 52.45 -51.12 -47.77
N GLY L 487 52.46 -52.19 -46.98
CA GLY L 487 51.52 -53.28 -47.14
C GLY L 487 50.32 -53.17 -46.21
N ILE L 488 49.20 -53.71 -46.67
CA ILE L 488 47.97 -53.76 -45.88
C ILE L 488 47.46 -55.20 -45.91
N LEU L 489 47.31 -55.80 -44.73
CA LEU L 489 46.87 -57.19 -44.61
C LEU L 489 45.36 -57.22 -44.33
N LEU L 490 44.60 -56.88 -45.37
CA LEU L 490 43.14 -56.83 -45.25
C LEU L 490 42.58 -58.25 -45.22
N VAL L 491 41.80 -58.55 -44.19
CA VAL L 491 41.22 -59.88 -44.00
C VAL L 491 39.70 -59.74 -43.95
N VAL L 492 39.02 -60.55 -44.75
CA VAL L 492 37.58 -60.76 -44.64
C VAL L 492 37.35 -62.15 -44.08
N PRO L 493 36.71 -62.29 -42.92
CA PRO L 493 36.67 -63.60 -42.25
C PRO L 493 35.81 -64.60 -43.02
N ASN L 494 36.37 -65.78 -43.26
CA ASN L 494 35.71 -66.94 -43.88
C ASN L 494 35.23 -66.65 -45.31
N VAL L 495 35.72 -65.60 -45.95
CA VAL L 495 35.33 -65.31 -47.32
C VAL L 495 36.56 -65.25 -48.23
N MET L 496 37.45 -64.30 -47.97
CA MET L 496 38.58 -64.04 -48.86
C MET L 496 39.61 -63.19 -48.13
N GLY L 497 40.82 -63.16 -48.70
CA GLY L 497 41.89 -62.32 -48.21
C GLY L 497 42.34 -61.34 -49.29
N MET L 498 43.12 -60.35 -48.88
CA MET L 498 43.51 -59.30 -49.79
C MET L 498 44.83 -58.68 -49.33
N MET L 499 45.61 -58.18 -50.29
CA MET L 499 46.86 -57.48 -50.03
C MET L 499 46.87 -56.19 -50.84
N CYS L 500 47.22 -55.09 -50.18
CA CYS L 500 47.35 -53.78 -50.81
C CYS L 500 48.76 -53.27 -50.58
N TRP L 501 49.41 -52.77 -51.64
CA TRP L 501 50.82 -52.41 -51.60
C TRP L 501 51.00 -51.02 -52.17
N SER L 502 51.46 -50.08 -51.33
CA SER L 502 51.65 -48.69 -51.73
C SER L 502 52.75 -48.04 -50.89
N PRO L 503 53.91 -47.77 -51.47
CA PRO L 503 55.03 -47.18 -50.71
C PRO L 503 54.74 -45.81 -50.10
N PRO L 504 53.95 -44.92 -50.74
CA PRO L 504 53.58 -43.69 -50.03
C PRO L 504 52.76 -43.97 -48.77
N LEU L 505 53.01 -43.17 -47.74
CA LEU L 505 52.40 -43.37 -46.43
C LEU L 505 51.85 -42.07 -45.89
N ASP L 506 50.80 -42.18 -45.07
CA ASP L 506 50.28 -41.04 -44.35
C ASP L 506 51.20 -40.69 -43.18
N LYS L 507 50.92 -39.54 -42.55
CA LYS L 507 51.72 -39.12 -41.40
C LYS L 507 51.53 -40.04 -40.20
N MET L 508 50.44 -40.79 -40.14
CA MET L 508 50.24 -41.78 -39.10
C MET L 508 51.10 -43.02 -39.30
N GLY L 509 51.46 -43.34 -40.54
CA GLY L 509 52.20 -44.54 -40.84
C GLY L 509 51.45 -45.57 -41.65
N ASN L 510 50.48 -45.15 -42.46
CA ASN L 510 49.66 -46.06 -43.24
C ASN L 510 49.58 -45.56 -44.68
N SER L 511 49.43 -46.49 -45.62
CA SER L 511 49.38 -46.14 -47.03
C SER L 511 48.07 -45.42 -47.34
N VAL L 512 48.17 -44.24 -47.95
CA VAL L 512 46.98 -43.45 -48.26
C VAL L 512 46.18 -44.12 -49.37
N LYS L 513 46.87 -44.63 -50.40
CA LYS L 513 46.18 -45.28 -51.50
C LYS L 513 45.46 -46.54 -51.04
N GLY L 514 46.09 -47.32 -50.16
CA GLY L 514 45.43 -48.52 -49.64
C GLY L 514 44.22 -48.19 -48.79
N ILE L 515 44.31 -47.13 -47.98
CA ILE L 515 43.18 -46.71 -47.16
C ILE L 515 42.02 -46.25 -48.03
N HIS L 516 42.31 -45.43 -49.05
CA HIS L 516 41.26 -44.97 -49.96
C HIS L 516 40.65 -46.14 -50.73
N PHE L 517 41.48 -47.11 -51.14
CA PHE L 517 40.97 -48.29 -51.83
C PHE L 517 40.07 -49.12 -50.92
N CYS L 518 40.45 -49.27 -49.65
CA CYS L 518 39.61 -50.00 -48.71
C CYS L 518 38.28 -49.29 -48.47
N HIS L 519 38.32 -47.95 -48.35
CA HIS L 519 37.08 -47.20 -48.18
C HIS L 519 36.18 -47.33 -49.39
N ASP L 520 36.74 -47.24 -50.60
CA ASP L 520 35.93 -47.40 -51.80
C ASP L 520 35.39 -48.82 -51.94
N LEU L 521 36.17 -49.82 -51.53
CA LEU L 521 35.71 -51.21 -51.59
C LEU L 521 34.55 -51.45 -50.63
N VAL L 522 34.67 -50.97 -49.38
CA VAL L 522 33.58 -51.17 -48.43
C VAL L 522 32.38 -50.29 -48.77
N SER L 523 32.58 -49.21 -49.53
CA SER L 523 31.45 -48.42 -49.99
C SER L 523 30.73 -49.10 -51.15
N LEU L 524 31.48 -49.74 -52.05
CA LEU L 524 30.86 -50.33 -53.24
C LEU L 524 30.23 -51.68 -52.93
N CYS L 525 31.04 -52.64 -52.51
CA CYS L 525 30.54 -53.98 -52.22
C CYS L 525 30.17 -54.14 -50.75
P PO4 M . -8.94 6.08 -5.77
O1 PO4 M . -9.98 7.05 -5.10
O2 PO4 M . -9.55 5.47 -7.06
O3 PO4 M . -7.65 6.87 -6.12
O4 PO4 M . -8.59 4.93 -4.77
N GLN N . -12.72 21.01 -4.47
CA GLN N . -12.29 20.44 -5.72
C GLN N . -12.37 18.92 -5.66
O GLN N . -12.93 18.27 -6.58
CB GLN N . -10.87 20.88 -6.05
CG GLN N . -10.51 20.38 -7.45
CD GLN N . -9.38 19.37 -7.35
OE1 GLN N . -8.51 19.37 -8.15
NE2 GLN N . -9.37 18.41 -6.26
OXT GLN N . -11.86 18.30 -4.68
P PO4 O . 10.58 -1.45 3.59
O1 PO4 O . 9.23 -1.25 2.85
O2 PO4 O . 10.43 -2.53 4.71
O3 PO4 O . 11.02 -0.09 4.24
O4 PO4 O . 11.68 -1.91 2.57
N GLN P . 24.35 1.00 -4.76
CA GLN P . 24.07 1.82 -3.59
C GLN P . 22.89 1.24 -2.82
O GLN P . 22.84 1.36 -1.56
CB GLN P . 23.77 3.26 -4.01
CG GLN P . 23.92 4.18 -2.80
CD GLN P . 22.55 4.68 -2.38
OE1 GLN P . 21.58 4.03 -2.61
NE2 GLN P . 22.41 5.96 -1.71
OXT GLN P . 21.96 0.64 -3.42
P PO4 Q . -4.57 3.61 10.63
O1 PO4 Q . -6.00 4.20 10.85
O2 PO4 Q . -3.53 4.43 11.45
O3 PO4 Q . -4.54 2.12 11.11
O4 PO4 Q . -4.21 3.66 9.11
N GLN R . -15.11 1.60 18.27
CA GLN R . -15.58 0.80 17.15
C GLN R . -16.07 1.71 16.02
O GLN R . -17.24 2.16 16.04
CB GLN R . -16.69 -0.13 17.59
CG GLN R . -17.06 -1.03 16.40
CD GLN R . -15.77 -1.61 15.82
OE1 GLN R . -15.41 -1.29 14.74
NE2 GLN R . -15.01 -2.58 16.60
OXT GLN R . -15.29 2.02 15.07
P PO4 S . 2.21 -7.81 -8.45
O1 PO4 S . 0.81 -8.50 -8.54
O2 PO4 S . 2.33 -6.74 -9.58
O3 PO4 S . 2.36 -7.12 -7.06
O4 PO4 S . 3.33 -8.89 -8.62
N GLN T . 6.62 -22.97 -7.73
CA GLN T . 5.98 -21.70 -8.05
C GLN T . 6.04 -20.77 -6.85
O GLN T . 5.95 -19.52 -7.02
CB GLN T . 4.53 -21.92 -8.48
CG GLN T . 3.81 -22.73 -7.41
CD GLN T . 2.76 -21.86 -6.74
OE1 GLN T . 3.08 -20.90 -6.14
NE2 GLN T . 1.35 -22.21 -6.83
OXT GLN T . 6.17 -21.24 -5.68
P PO4 U . -64.27 38.04 17.59
O1 PO4 U . -64.86 39.49 17.56
O2 PO4 U . -63.99 37.57 16.12
O3 PO4 U . -62.94 38.03 18.40
O4 PO4 U . -65.29 37.07 18.26
N GLN V . -73.66 49.07 11.74
CA GLN V . -73.49 47.81 11.05
C GLN V . -73.02 46.72 12.02
O GLN V . -73.53 45.58 11.98
CB GLN V . -72.50 47.96 9.90
CG GLN V . -72.49 46.69 9.06
CD GLN V . -71.13 46.01 9.18
OE1 GLN V . -70.61 45.56 8.22
NE2 GLN V . -70.47 45.93 10.47
OXT GLN V . -72.12 46.98 12.85
P PO4 W . -41.82 39.34 16.94
O1 PO4 W . -43.15 38.78 17.56
O2 PO4 W . -40.78 39.56 18.09
O3 PO4 W . -42.11 40.70 16.24
O4 PO4 W . -41.26 38.31 15.91
N GLN X . -34.40 35.99 4.04
CA GLN X . -34.49 37.42 4.28
C GLN X . -34.69 37.68 5.77
O GLN X . -34.22 38.73 6.28
CB GLN X . -35.64 38.02 3.48
CG GLN X . -35.44 39.51 3.36
CD GLN X . -36.48 40.23 4.24
OE1 GLN X . -36.91 39.69 5.20
NE2 GLN X . -36.92 41.57 3.90
OXT GLN X . -35.32 36.86 6.49
P PO4 Y . -54.01 46.44 27.08
O1 PO4 Y . -55.47 46.56 27.64
O2 PO4 Y . -53.16 45.54 28.03
O3 PO4 Y . -53.37 47.87 27.00
O4 PO4 Y . -54.06 45.81 25.65
N GLN Z . -60.52 49.54 39.03
CA GLN Z . -60.95 48.16 38.93
C GLN Z . -62.15 48.05 37.99
O GLN Z . -63.30 48.35 38.41
CB GLN Z . -61.29 47.61 40.30
CG GLN Z . -61.69 46.14 40.15
CD GLN Z . -60.62 45.43 39.33
OE1 GLN Z . -60.88 45.06 38.23
NE2 GLN Z . -59.31 45.22 39.89
OXT GLN Z . -61.98 47.64 36.82
P PO4 AA . -51.17 26.11 17.59
O1 PO4 AA . -51.39 27.60 17.99
O2 PO4 AA . -51.39 25.95 16.04
O3 PO4 AA . -52.21 25.22 18.34
O4 PO4 AA . -49.72 25.67 17.96
N GLN BA . -40.86 15.68 24.34
CA GLN BA . -41.99 16.14 23.54
C GLN BA . -41.99 17.67 23.48
O GLN BA . -42.76 18.26 22.68
CB GLN BA . -43.29 15.63 24.12
CG GLN BA . -43.35 16.03 25.59
CD GLN BA . -44.46 17.06 25.79
OE1 GLN BA . -44.39 18.12 25.26
NE2 GLN BA . -45.60 16.74 26.63
OXT GLN BA . -41.22 18.33 24.23
P PO4 CA . 48.57 -26.21 -22.51
O1 PO4 CA . 47.35 -25.59 -21.75
O2 PO4 CA . 48.62 -27.75 -22.23
O3 PO4 CA . 48.42 -25.97 -24.04
O4 PO4 CA . 49.88 -25.55 -22.00
N GLN DA . 45.83 -14.09 -13.24
CA GLN DA . 46.89 -14.00 -14.24
C GLN DA . 46.71 -15.10 -15.29
O GLN DA . 46.36 -16.26 -14.94
CB GLN DA . 48.26 -14.13 -13.58
CG GLN DA . 49.35 -13.78 -14.58
CD GLN DA . 50.18 -15.02 -14.89
OE1 GLN DA . 51.36 -14.93 -14.98
NE2 GLN DA . 49.54 -16.31 -15.06
OXT GLN DA . 46.92 -14.85 -16.51
P PO4 EA . 60.50 -44.45 -14.66
O1 PO4 EA . 60.40 -43.39 -13.51
O2 PO4 EA . 59.48 -44.09 -15.79
O3 PO4 EA . 60.16 -45.86 -14.10
O4 PO4 EA . 61.95 -44.46 -15.24
N GLN FA . 76.73 -43.02 -13.94
CA GLN FA . 75.82 -43.02 -12.79
C GLN FA . 74.43 -43.44 -13.23
O GLN FA . 73.70 -44.10 -12.45
CB GLN FA . 75.78 -41.63 -12.16
CG GLN FA . 75.23 -41.75 -10.73
CD GLN FA . 73.84 -41.11 -10.68
OE1 GLN FA . 73.18 -41.07 -11.65
NE2 GLN FA . 73.35 -40.55 -9.43
OXT GLN FA . 74.00 -43.13 -14.38
P PO4 GA . 43.69 -38.59 -11.76
O1 PO4 GA . 42.44 -37.67 -11.88
O2 PO4 GA . 43.52 -39.57 -10.56
O3 PO4 GA . 43.85 -39.43 -13.08
O4 PO4 GA . 44.97 -37.72 -11.55
N GLN HA . 30.99 -40.23 -11.99
CA GLN HA . 31.10 -39.91 -13.40
C GLN HA . 31.25 -38.41 -13.60
O GLN HA . 30.24 -37.67 -13.68
CB GLN HA . 29.87 -40.42 -14.16
CG GLN HA . 30.07 -40.17 -15.64
CD GLN HA . 31.46 -40.68 -16.04
OE1 GLN HA . 32.29 -39.91 -16.38
NE2 GLN HA . 31.74 -42.10 -16.01
OXT GLN HA . 32.40 -37.90 -13.69
P PO4 IA . 58.34 -39.45 -29.83
O1 PO4 IA . 57.84 -39.28 -28.36
O2 PO4 IA . 57.15 -39.25 -30.82
O3 PO4 IA . 59.46 -38.39 -30.13
O4 PO4 IA . 58.94 -40.89 -30.00
N GLN JA . 61.10 -52.51 -38.21
CA GLN JA . 60.94 -51.12 -37.83
C GLN JA . 60.55 -51.02 -36.36
O GLN JA . 60.75 -49.95 -35.72
CB GLN JA . 59.89 -50.44 -38.70
CG GLN JA . 58.60 -51.27 -38.68
CD GLN JA . 57.50 -50.48 -37.96
OE1 GLN JA . 57.62 -50.21 -36.82
NE2 GLN JA . 56.31 -50.06 -38.69
OXT GLN JA . 60.02 -52.00 -35.78
#